data_2C52
#
_entry.id   2C52
#
_cell.length_a   1.000
_cell.length_b   1.000
_cell.length_c   1.000
_cell.angle_alpha   90.00
_cell.angle_beta   90.00
_cell.angle_gamma   90.00
#
_symmetry.space_group_name_H-M   'P 1'
#
loop_
_entity.id
_entity.type
_entity.pdbx_description
1 polymer 'CREB-BINDING PROTEIN'
2 polymer 'NUCLEAR RECEPTOR COACTIVATOR 1'
#
loop_
_entity_poly.entity_id
_entity_poly.type
_entity_poly.pdbx_seq_one_letter_code
_entity_poly.pdbx_strand_id
1 'polypeptide(L)' PNRSISPSALQDLLRTLKSPSSPQQQQQVLNILKSNPQLMAAFIKQRTAKYVANQPGMQ A
2 'polypeptide(L)' PTTVEGRNDEKALLEQLVSFLSGKDETELAELDRALGIDKLVQGGGLDVLSKLVPRGSL B
#
# COMPACT_ATOMS: atom_id res chain seq x y z
N PRO A 1 6.09 -18.29 12.17
CA PRO A 1 6.75 -17.87 10.94
C PRO A 1 7.09 -19.08 10.06
N ASN A 2 6.10 -19.96 9.92
CA ASN A 2 6.28 -21.16 9.11
C ASN A 2 5.60 -20.95 7.75
N ARG A 3 4.33 -20.57 7.82
CA ARG A 3 3.56 -20.35 6.61
C ARG A 3 3.82 -18.94 6.06
N SER A 4 3.94 -18.87 4.75
CA SER A 4 4.19 -17.60 4.09
C SER A 4 3.06 -16.61 4.42
N ILE A 5 2.07 -16.60 3.54
CA ILE A 5 0.93 -15.71 3.72
C ILE A 5 -0.23 -16.19 2.84
N SER A 6 -1.44 -16.04 3.37
CA SER A 6 -2.62 -16.45 2.66
C SER A 6 -2.64 -15.84 1.26
N PRO A 7 -2.83 -16.72 0.24
CA PRO A 7 -2.87 -16.28 -1.15
C PRO A 7 -4.19 -15.57 -1.46
N SER A 8 -5.02 -15.45 -0.43
CA SER A 8 -6.31 -14.79 -0.59
C SER A 8 -6.25 -13.37 0.01
N ALA A 9 -5.31 -13.20 0.93
CA ALA A 9 -5.14 -11.91 1.57
C ALA A 9 -4.52 -10.92 0.58
N LEU A 10 -3.39 -11.32 0.02
CA LEU A 10 -2.69 -10.48 -0.94
C LEU A 10 -3.70 -9.94 -1.96
N GLN A 11 -4.63 -10.79 -2.33
CA GLN A 11 -5.66 -10.40 -3.29
C GLN A 11 -6.54 -9.29 -2.72
N ASP A 12 -6.72 -9.34 -1.40
CA ASP A 12 -7.52 -8.34 -0.73
C ASP A 12 -6.74 -7.03 -0.65
N LEU A 13 -5.43 -7.16 -0.54
CA LEU A 13 -4.57 -5.99 -0.46
C LEU A 13 -4.67 -5.19 -1.75
N LEU A 14 -4.28 -5.84 -2.84
CA LEU A 14 -4.32 -5.20 -4.15
C LEU A 14 -5.75 -4.78 -4.45
N ARG A 15 -6.69 -5.57 -3.95
CA ARG A 15 -8.10 -5.29 -4.17
C ARG A 15 -8.56 -4.14 -3.27
N THR A 16 -7.79 -3.91 -2.21
CA THR A 16 -8.10 -2.85 -1.28
C THR A 16 -7.74 -1.48 -1.88
N LEU A 17 -6.51 -1.39 -2.37
CA LEU A 17 -6.04 -0.15 -2.97
C LEU A 17 -7.08 0.36 -3.97
N LYS A 18 -7.80 -0.58 -4.57
CA LYS A 18 -8.81 -0.25 -5.53
C LYS A 18 -9.77 0.78 -4.93
N SER A 19 -9.99 0.65 -3.63
CA SER A 19 -10.88 1.55 -2.92
C SER A 19 -10.47 3.00 -3.20
N PRO A 20 -11.15 3.93 -2.48
CA PRO A 20 -10.87 5.35 -2.64
C PRO A 20 -9.56 5.73 -1.95
N SER A 21 -9.31 5.07 -0.82
CA SER A 21 -8.09 5.34 -0.07
C SER A 21 -8.32 6.50 0.90
N SER A 22 -8.86 6.17 2.05
CA SER A 22 -9.13 7.19 3.06
C SER A 22 -10.16 6.65 4.07
N PRO A 23 -11.38 6.37 3.55
CA PRO A 23 -12.45 5.86 4.39
C PRO A 23 -12.22 4.39 4.74
N GLN A 24 -12.86 3.52 3.98
CA GLN A 24 -12.73 2.09 4.20
C GLN A 24 -11.27 1.66 4.04
N GLN A 25 -10.69 2.05 2.91
CA GLN A 25 -9.30 1.70 2.63
C GLN A 25 -8.51 1.59 3.93
N GLN A 26 -8.45 2.70 4.65
CA GLN A 26 -7.73 2.73 5.92
C GLN A 26 -7.99 1.46 6.71
N GLN A 27 -9.27 1.12 6.82
CA GLN A 27 -9.67 -0.07 7.55
C GLN A 27 -9.33 -1.32 6.76
N GLN A 28 -9.36 -1.17 5.44
CA GLN A 28 -9.07 -2.28 4.55
C GLN A 28 -7.60 -2.68 4.67
N VAL A 29 -6.74 -1.69 4.52
CA VAL A 29 -5.30 -1.91 4.61
C VAL A 29 -4.97 -2.48 5.99
N LEU A 30 -5.40 -1.76 7.01
CA LEU A 30 -5.16 -2.19 8.39
C LEU A 30 -5.81 -3.55 8.62
N ASN A 31 -6.96 -3.74 7.98
CA ASN A 31 -7.69 -4.98 8.12
C ASN A 31 -6.80 -6.14 7.68
N ILE A 32 -6.51 -6.17 6.38
CA ILE A 32 -5.68 -7.22 5.82
C ILE A 32 -4.31 -7.21 6.53
N LEU A 33 -3.68 -6.05 6.50
CA LEU A 33 -2.38 -5.90 7.14
C LEU A 33 -2.40 -6.57 8.51
N LYS A 34 -3.59 -6.60 9.10
CA LYS A 34 -3.76 -7.21 10.41
C LYS A 34 -3.94 -8.72 10.24
N SER A 35 -4.81 -9.09 9.32
CA SER A 35 -5.08 -10.49 9.05
C SER A 35 -3.93 -11.10 8.24
N ASN A 36 -2.94 -10.26 7.97
CA ASN A 36 -1.78 -10.71 7.21
C ASN A 36 -0.60 -9.77 7.50
N PRO A 37 0.38 -10.31 8.26
CA PRO A 37 1.57 -9.54 8.61
C PRO A 37 2.52 -9.41 7.43
N GLN A 38 2.88 -10.56 6.88
CA GLN A 38 3.77 -10.60 5.73
C GLN A 38 3.37 -9.55 4.70
N LEU A 39 2.05 -9.39 4.56
CA LEU A 39 1.51 -8.44 3.62
C LEU A 39 1.85 -7.02 4.08
N MET A 40 1.47 -6.73 5.32
CA MET A 40 1.73 -5.42 5.89
C MET A 40 3.18 -4.99 5.66
N ALA A 41 4.09 -5.90 6.00
CA ALA A 41 5.51 -5.64 5.83
C ALA A 41 5.77 -5.16 4.40
N ALA A 42 5.11 -5.81 3.46
CA ALA A 42 5.26 -5.46 2.06
C ALA A 42 4.62 -4.09 1.80
N PHE A 43 3.33 -4.02 2.06
CA PHE A 43 2.59 -2.78 1.87
C PHE A 43 3.24 -1.64 2.64
N ILE A 44 3.41 -1.86 3.93
CA ILE A 44 4.02 -0.85 4.79
C ILE A 44 5.31 -0.35 4.14
N LYS A 45 6.08 -1.29 3.61
CA LYS A 45 7.33 -0.95 2.97
C LYS A 45 7.07 -0.03 1.79
N GLN A 46 6.00 -0.33 1.06
CA GLN A 46 5.62 0.46 -0.10
C GLN A 46 5.20 1.86 0.34
N ARG A 47 4.38 1.90 1.38
CA ARG A 47 3.90 3.17 1.91
C ARG A 47 5.07 4.02 2.39
N THR A 48 5.94 3.39 3.15
CA THR A 48 7.11 4.08 3.68
C THR A 48 8.12 4.35 2.56
N ALA A 49 7.99 3.58 1.50
CA ALA A 49 8.89 3.73 0.35
C ALA A 49 8.73 5.12 -0.24
N LYS A 50 7.71 5.82 0.24
CA LYS A 50 7.43 7.17 -0.23
C LYS A 50 8.13 8.18 0.67
N TYR A 51 8.36 7.76 1.91
CA TYR A 51 9.02 8.61 2.88
C TYR A 51 10.46 8.16 3.13
N VAL A 52 10.60 6.86 3.38
CA VAL A 52 11.90 6.29 3.64
C VAL A 52 12.93 6.92 2.70
N ALA A 53 12.46 7.26 1.51
CA ALA A 53 13.32 7.88 0.51
C ALA A 53 13.65 9.31 0.94
N ASN A 54 12.61 10.09 1.15
CA ASN A 54 12.78 11.47 1.56
C ASN A 54 13.50 11.52 2.90
N GLN A 55 13.05 10.67 3.82
CA GLN A 55 13.64 10.60 5.14
C GLN A 55 14.39 9.28 5.32
N PRO A 56 15.74 9.34 5.10
CA PRO A 56 16.57 8.16 5.24
C PRO A 56 16.79 7.81 6.71
N GLY A 57 16.70 6.52 7.00
CA GLY A 57 16.89 6.04 8.36
C GLY A 57 16.39 4.60 8.50
N MET A 58 15.09 4.43 8.33
CA MET A 58 14.47 3.12 8.44
C MET A 58 14.22 2.52 7.06
N PRO B 1 0.30 -3.21 -14.47
CA PRO B 1 0.02 -4.64 -14.41
C PRO B 1 1.09 -5.38 -13.63
N THR B 2 0.88 -6.68 -13.50
CA THR B 2 1.83 -7.53 -12.77
C THR B 2 3.11 -7.69 -13.58
N THR B 3 4.14 -8.16 -12.89
CA THR B 3 5.44 -8.37 -13.52
C THR B 3 6.09 -9.66 -13.01
N VAL B 4 5.24 -10.65 -12.76
CA VAL B 4 5.72 -11.93 -12.28
C VAL B 4 4.83 -13.05 -12.82
N GLU B 5 4.32 -12.82 -14.03
CA GLU B 5 3.45 -13.79 -14.67
C GLU B 5 4.28 -14.95 -15.24
N GLY B 6 5.59 -14.85 -15.04
CA GLY B 6 6.50 -15.87 -15.53
C GLY B 6 7.24 -16.55 -14.37
N ARG B 7 6.75 -16.28 -13.16
CA ARG B 7 7.35 -16.85 -11.97
C ARG B 7 6.26 -17.33 -11.01
N ASN B 8 5.48 -16.38 -10.52
CA ASN B 8 4.40 -16.69 -9.60
C ASN B 8 4.99 -17.32 -8.34
N ASP B 9 4.52 -16.84 -7.20
CA ASP B 9 4.98 -17.35 -5.91
C ASP B 9 4.75 -16.28 -4.84
N GLU B 10 4.90 -16.71 -3.59
CA GLU B 10 4.72 -15.81 -2.47
C GLU B 10 5.29 -14.43 -2.79
N LYS B 11 6.58 -14.42 -3.07
CA LYS B 11 7.27 -13.18 -3.39
C LYS B 11 6.63 -12.55 -4.62
N ALA B 12 6.18 -13.41 -5.52
CA ALA B 12 5.54 -12.94 -6.74
C ALA B 12 4.19 -12.30 -6.39
N LEU B 13 3.56 -12.85 -5.36
CA LEU B 13 2.28 -12.34 -4.91
C LEU B 13 2.44 -10.91 -4.40
N LEU B 14 3.27 -10.77 -3.37
CA LEU B 14 3.52 -9.47 -2.79
C LEU B 14 4.17 -8.56 -3.83
N GLU B 15 4.88 -9.18 -4.77
CA GLU B 15 5.54 -8.44 -5.82
C GLU B 15 4.51 -7.90 -6.82
N GLN B 16 3.39 -8.61 -6.91
CA GLN B 16 2.33 -8.20 -7.81
C GLN B 16 1.60 -6.98 -7.26
N LEU B 17 1.24 -7.08 -5.98
CA LEU B 17 0.54 -5.99 -5.33
C LEU B 17 1.47 -4.79 -5.19
N VAL B 18 2.66 -5.06 -4.69
CA VAL B 18 3.66 -4.02 -4.51
C VAL B 18 3.95 -3.35 -5.85
N SER B 19 4.05 -4.18 -6.88
CA SER B 19 4.32 -3.68 -8.22
C SER B 19 3.23 -2.71 -8.65
N PHE B 20 1.98 -3.12 -8.44
CA PHE B 20 0.84 -2.29 -8.79
C PHE B 20 0.81 -1.01 -7.96
N LEU B 21 1.33 -1.12 -6.74
CA LEU B 21 1.37 0.02 -5.84
C LEU B 21 2.28 1.10 -6.44
N SER B 22 3.47 0.68 -6.84
CA SER B 22 4.43 1.59 -7.43
C SER B 22 3.79 2.37 -8.57
N GLY B 23 3.03 1.65 -9.40
CA GLY B 23 2.36 2.26 -10.52
C GLY B 23 0.89 2.55 -10.19
N LYS B 24 0.69 3.21 -9.06
CA LYS B 24 -0.65 3.55 -8.62
C LYS B 24 -1.47 4.03 -9.82
N ASP B 25 -2.50 3.26 -10.13
CA ASP B 25 -3.37 3.59 -11.25
C ASP B 25 -4.43 4.60 -10.79
N GLU B 26 -4.70 4.56 -9.50
CA GLU B 26 -5.69 5.45 -8.92
C GLU B 26 -5.38 6.90 -9.29
N THR B 27 -4.13 7.13 -9.67
CA THR B 27 -3.69 8.46 -10.05
C THR B 27 -4.63 9.05 -11.09
N GLU B 28 -5.20 8.17 -11.91
CA GLU B 28 -6.12 8.59 -12.95
C GLU B 28 -7.36 9.25 -12.32
N LEU B 29 -7.80 8.68 -11.21
CA LEU B 29 -8.97 9.19 -10.51
C LEU B 29 -8.52 10.24 -9.49
N ALA B 30 -7.50 9.86 -8.72
CA ALA B 30 -6.97 10.75 -7.70
C ALA B 30 -6.03 11.77 -8.35
N GLU B 31 -6.54 12.41 -9.40
CA GLU B 31 -5.77 13.41 -10.12
C GLU B 31 -5.20 14.44 -9.14
N LEU B 32 -5.85 14.54 -7.99
CA LEU B 32 -5.42 15.48 -6.97
C LEU B 32 -4.24 14.89 -6.20
N ASP B 33 -4.44 13.67 -5.71
CA ASP B 33 -3.40 12.99 -4.95
C ASP B 33 -2.23 12.65 -5.89
N ARG B 34 -2.52 12.71 -7.18
CA ARG B 34 -1.51 12.41 -8.19
C ARG B 34 -0.18 13.05 -7.81
N ALA B 35 -0.28 14.15 -7.07
CA ALA B 35 0.91 14.87 -6.64
C ALA B 35 1.99 13.87 -6.23
N LEU B 36 1.68 13.09 -5.20
CA LEU B 36 2.61 12.10 -4.71
C LEU B 36 2.29 10.75 -5.35
N GLY B 37 1.08 10.65 -5.87
CA GLY B 37 0.64 9.41 -6.51
C GLY B 37 0.09 8.42 -5.49
N ILE B 38 0.70 8.44 -4.31
CA ILE B 38 0.28 7.55 -3.24
C ILE B 38 0.02 8.37 -1.97
N ASP B 39 -0.10 9.68 -2.16
CA ASP B 39 -0.34 10.59 -1.05
C ASP B 39 -1.59 10.13 -0.31
N LYS B 40 -2.41 9.34 -1.00
CA LYS B 40 -3.63 8.84 -0.42
C LYS B 40 -3.31 7.71 0.57
N LEU B 41 -2.08 7.22 0.47
CA LEU B 41 -1.63 6.15 1.33
C LEU B 41 -1.02 6.75 2.61
N VAL B 42 -0.16 7.73 2.41
CA VAL B 42 0.49 8.39 3.52
C VAL B 42 -0.54 9.18 4.31
N GLN B 43 -1.73 9.29 3.74
CA GLN B 43 -2.82 10.01 4.39
C GLN B 43 -2.66 9.96 5.90
N GLY B 44 -2.37 8.76 6.40
CA GLY B 44 -2.21 8.57 7.83
C GLY B 44 -2.68 7.17 8.25
N GLY B 45 -3.99 7.06 8.44
CA GLY B 45 -4.58 5.81 8.84
C GLY B 45 -4.55 5.64 10.36
N GLY B 46 -3.42 6.01 10.93
CA GLY B 46 -3.24 5.91 12.38
C GLY B 46 -3.46 7.27 13.05
N LEU B 47 -2.38 8.03 13.14
CA LEU B 47 -2.44 9.33 13.76
C LEU B 47 -1.15 10.11 13.44
N ASP B 48 -0.61 9.82 12.26
CA ASP B 48 0.61 10.48 11.82
C ASP B 48 1.22 9.68 10.67
N VAL B 49 2.23 10.28 10.05
CA VAL B 49 2.92 9.63 8.93
C VAL B 49 4.33 10.19 8.82
N LEU B 50 4.42 11.38 8.22
CA LEU B 50 5.70 12.03 8.04
C LEU B 50 5.52 13.54 8.19
N SER B 51 5.30 14.20 7.05
CA SER B 51 5.11 15.64 7.05
C SER B 51 5.49 16.21 5.68
N LYS B 52 4.97 15.57 4.65
CA LYS B 52 5.24 16.00 3.28
C LYS B 52 3.93 16.06 2.49
N LEU B 53 3.51 17.29 2.20
CA LEU B 53 2.28 17.49 1.46
C LEU B 53 1.12 16.79 2.18
N VAL B 54 0.44 17.55 3.01
CA VAL B 54 -0.68 17.01 3.77
C VAL B 54 -1.41 15.97 2.91
N PRO B 55 -1.03 14.68 3.14
CA PRO B 55 -1.64 13.58 2.39
C PRO B 55 -3.05 13.29 2.90
N ARG B 56 -3.47 14.10 3.87
CA ARG B 56 -4.80 13.94 4.45
C ARG B 56 -5.51 15.29 4.54
N GLY B 57 -4.75 16.30 4.92
CA GLY B 57 -5.28 17.65 5.06
C GLY B 57 -4.60 18.41 6.19
N SER B 58 -4.60 17.79 7.36
CA SER B 58 -3.99 18.39 8.53
C SER B 58 -3.40 17.31 9.43
N LEU B 59 -2.16 16.94 9.13
CA LEU B 59 -1.47 15.92 9.90
C LEU B 59 -0.48 16.59 10.85
N PRO A 1 -1.38 -16.31 8.13
CA PRO A 1 -0.54 -16.24 9.31
C PRO A 1 -0.25 -17.64 9.87
N ASN A 2 0.36 -18.47 9.03
CA ASN A 2 0.69 -19.83 9.42
C ASN A 2 1.81 -20.36 8.52
N ARG A 3 1.56 -20.29 7.22
CA ARG A 3 2.53 -20.76 6.24
C ARG A 3 2.85 -19.66 5.24
N SER A 4 3.88 -18.89 5.56
CA SER A 4 4.31 -17.80 4.70
C SER A 4 3.24 -16.70 4.69
N ILE A 5 2.12 -17.01 4.04
CA ILE A 5 1.02 -16.07 3.96
C ILE A 5 -0.09 -16.66 3.09
N SER A 6 -1.32 -16.36 3.46
CA SER A 6 -2.47 -16.84 2.73
C SER A 6 -2.55 -16.16 1.36
N PRO A 7 -2.83 -16.99 0.32
CA PRO A 7 -2.94 -16.47 -1.03
C PRO A 7 -4.27 -15.73 -1.24
N SER A 8 -5.01 -15.61 -0.14
CA SER A 8 -6.29 -14.93 -0.18
C SER A 8 -6.15 -13.52 0.40
N ALA A 9 -5.12 -13.35 1.23
CA ALA A 9 -4.87 -12.07 1.84
C ALA A 9 -4.32 -11.09 0.79
N LEU A 10 -3.23 -11.50 0.16
CA LEU A 10 -2.61 -10.69 -0.86
C LEU A 10 -3.68 -10.16 -1.81
N GLN A 11 -4.63 -11.03 -2.13
CA GLN A 11 -5.72 -10.66 -3.03
C GLN A 11 -6.57 -9.56 -2.40
N ASP A 12 -6.70 -9.63 -1.08
CA ASP A 12 -7.49 -8.65 -0.35
C ASP A 12 -6.71 -7.33 -0.29
N LEU A 13 -5.40 -7.45 -0.34
CA LEU A 13 -4.53 -6.29 -0.29
C LEU A 13 -4.75 -5.45 -1.56
N LEU A 14 -4.31 -6.00 -2.67
CA LEU A 14 -4.44 -5.31 -3.95
C LEU A 14 -5.90 -4.87 -4.13
N ARG A 15 -6.80 -5.73 -3.71
CA ARG A 15 -8.22 -5.43 -3.82
C ARG A 15 -8.60 -4.30 -2.86
N THR A 16 -7.96 -4.31 -1.70
CA THR A 16 -8.22 -3.30 -0.69
C THR A 16 -7.86 -1.91 -1.23
N LEU A 17 -6.86 -1.88 -2.09
CA LEU A 17 -6.40 -0.64 -2.68
C LEU A 17 -7.44 -0.15 -3.70
N LYS A 18 -8.14 -1.11 -4.29
CA LYS A 18 -9.16 -0.79 -5.27
C LYS A 18 -10.13 0.23 -4.68
N SER A 19 -10.22 0.22 -3.35
CA SER A 19 -11.11 1.13 -2.66
C SER A 19 -10.76 2.58 -3.02
N PRO A 20 -11.45 3.52 -2.31
CA PRO A 20 -11.21 4.94 -2.55
C PRO A 20 -9.89 5.39 -1.93
N SER A 21 -9.59 4.80 -0.77
CA SER A 21 -8.35 5.13 -0.08
C SER A 21 -8.59 6.34 0.84
N SER A 22 -9.00 6.04 2.06
CA SER A 22 -9.26 7.09 3.04
C SER A 22 -10.23 6.57 4.11
N PRO A 23 -11.45 6.20 3.65
CA PRO A 23 -12.47 5.69 4.55
C PRO A 23 -12.16 4.26 4.99
N GLN A 24 -12.81 3.31 4.32
CA GLN A 24 -12.61 1.91 4.63
C GLN A 24 -11.16 1.51 4.37
N GLN A 25 -10.68 1.87 3.19
CA GLN A 25 -9.32 1.56 2.80
C GLN A 25 -8.42 1.52 4.03
N GLN A 26 -8.34 2.67 4.71
CA GLN A 26 -7.53 2.78 5.90
C GLN A 26 -7.67 1.53 6.77
N GLN A 27 -8.92 1.18 7.04
CA GLN A 27 -9.20 0.00 7.85
C GLN A 27 -8.91 -1.27 7.05
N GLN A 28 -9.00 -1.15 5.73
CA GLN A 28 -8.75 -2.28 4.86
C GLN A 28 -7.27 -2.68 4.91
N VAL A 29 -6.41 -1.70 4.69
CA VAL A 29 -4.97 -1.93 4.73
C VAL A 29 -4.58 -2.49 6.09
N LEU A 30 -5.01 -1.80 7.13
CA LEU A 30 -4.71 -2.23 8.49
C LEU A 30 -5.33 -3.60 8.74
N ASN A 31 -6.55 -3.77 8.23
CA ASN A 31 -7.27 -5.02 8.39
C ASN A 31 -6.38 -6.17 7.89
N ILE A 32 -6.16 -6.19 6.59
CA ILE A 32 -5.35 -7.22 5.98
C ILE A 32 -3.97 -7.25 6.66
N LEU A 33 -3.35 -6.08 6.70
CA LEU A 33 -2.04 -5.96 7.32
C LEU A 33 -2.03 -6.74 8.63
N LYS A 34 -3.19 -6.84 9.24
CA LYS A 34 -3.32 -7.55 10.50
C LYS A 34 -3.59 -9.03 10.22
N SER A 35 -4.33 -9.28 9.15
CA SER A 35 -4.67 -10.64 8.77
C SER A 35 -3.56 -11.21 7.89
N ASN A 36 -2.52 -10.40 7.69
CA ASN A 36 -1.39 -10.83 6.88
C ASN A 36 -0.20 -9.90 7.15
N PRO A 37 0.78 -10.45 7.92
CA PRO A 37 1.97 -9.69 8.27
C PRO A 37 2.92 -9.57 7.06
N GLN A 38 3.25 -10.73 6.50
CA GLN A 38 4.13 -10.78 5.36
C GLN A 38 3.72 -9.74 4.32
N LEU A 39 2.42 -9.49 4.26
CA LEU A 39 1.88 -8.53 3.32
C LEU A 39 2.13 -7.11 3.85
N MET A 40 1.77 -6.91 5.10
CA MET A 40 1.95 -5.62 5.74
C MET A 40 3.37 -5.09 5.52
N ALA A 41 4.34 -5.93 5.86
CA ALA A 41 5.73 -5.56 5.70
C ALA A 41 5.98 -5.10 4.27
N ALA A 42 5.38 -5.84 3.33
CA ALA A 42 5.53 -5.51 1.92
C ALA A 42 4.84 -4.18 1.64
N PHE A 43 3.54 -4.16 1.88
CA PHE A 43 2.75 -2.95 1.65
C PHE A 43 3.32 -1.77 2.46
N ILE A 44 3.43 -1.98 3.76
CA ILE A 44 3.96 -0.94 4.63
C ILE A 44 5.23 -0.36 4.03
N LYS A 45 5.98 -1.22 3.35
CA LYS A 45 7.22 -0.80 2.72
C LYS A 45 6.90 0.01 1.47
N GLN A 46 5.82 -0.39 0.80
CA GLN A 46 5.39 0.28 -0.41
C GLN A 46 4.84 1.68 -0.08
N ARG A 47 4.01 1.71 0.95
CA ARG A 47 3.41 2.96 1.38
C ARG A 47 4.46 3.87 2.01
N THR A 48 5.36 3.24 2.78
CA THR A 48 6.42 3.98 3.44
C THR A 48 7.51 4.36 2.45
N ALA A 49 7.54 3.64 1.34
CA ALA A 49 8.52 3.88 0.30
C ALA A 49 8.33 5.30 -0.25
N LYS A 50 7.22 5.91 0.15
CA LYS A 50 6.90 7.26 -0.29
C LYS A 50 7.52 8.26 0.67
N TYR A 51 7.72 7.81 1.90
CA TYR A 51 8.30 8.67 2.92
C TYR A 51 9.73 8.24 3.26
N VAL A 52 9.87 6.95 3.53
CA VAL A 52 11.17 6.41 3.86
C VAL A 52 12.23 6.97 2.91
N ALA A 53 11.79 7.22 1.68
CA ALA A 53 12.67 7.76 0.67
C ALA A 53 13.01 9.22 1.02
N ASN A 54 11.96 10.00 1.23
CA ASN A 54 12.13 11.40 1.57
C ASN A 54 12.86 11.52 2.91
N GLN A 55 12.41 10.70 3.86
CA GLN A 55 13.01 10.70 5.18
C GLN A 55 13.74 9.38 5.43
N PRO A 56 15.08 9.39 5.16
CA PRO A 56 15.90 8.22 5.35
C PRO A 56 16.17 7.97 6.84
N GLY A 57 16.49 6.72 7.14
CA GLY A 57 16.77 6.34 8.52
C GLY A 57 16.58 4.84 8.73
N MET A 58 15.39 4.36 8.38
CA MET A 58 15.08 2.96 8.52
C MET A 58 14.20 2.48 7.37
N PRO B 1 -0.41 -5.25 -15.99
CA PRO B 1 -0.87 -6.53 -15.47
C PRO B 1 0.24 -7.26 -14.73
N THR B 2 0.32 -7.01 -13.43
CA THR B 2 1.33 -7.64 -12.60
C THR B 2 2.69 -7.58 -13.28
N THR B 3 3.59 -8.45 -12.84
CA THR B 3 4.93 -8.51 -13.40
C THR B 3 5.65 -9.77 -12.92
N VAL B 4 4.87 -10.80 -12.69
CA VAL B 4 5.42 -12.07 -12.23
C VAL B 4 4.50 -13.21 -12.66
N GLU B 5 3.92 -13.06 -13.84
CA GLU B 5 3.02 -14.07 -14.37
C GLU B 5 3.81 -15.25 -14.92
N GLY B 6 5.12 -15.14 -14.83
CA GLY B 6 6.01 -16.20 -15.31
C GLY B 6 6.82 -16.80 -14.17
N ARG B 7 6.39 -16.48 -12.95
CA ARG B 7 7.07 -16.98 -11.76
C ARG B 7 6.05 -17.41 -10.71
N ASN B 8 5.29 -16.44 -10.23
CA ASN B 8 4.28 -16.71 -9.22
C ASN B 8 4.95 -17.26 -7.96
N ASP B 9 4.49 -16.76 -6.82
CA ASP B 9 5.04 -17.18 -5.55
C ASP B 9 4.81 -16.09 -4.50
N GLU B 10 5.02 -16.46 -3.25
CA GLU B 10 4.83 -15.51 -2.15
C GLU B 10 5.35 -14.13 -2.55
N LYS B 11 6.63 -14.11 -2.94
CA LYS B 11 7.25 -12.86 -3.34
C LYS B 11 6.54 -12.31 -4.57
N ALA B 12 6.10 -13.23 -5.42
CA ALA B 12 5.40 -12.84 -6.64
C ALA B 12 4.05 -12.21 -6.27
N LEU B 13 3.47 -12.72 -5.20
CA LEU B 13 2.19 -12.22 -4.73
C LEU B 13 2.35 -10.77 -4.28
N LEU B 14 3.19 -10.58 -3.27
CA LEU B 14 3.45 -9.25 -2.74
C LEU B 14 3.99 -8.35 -3.86
N GLU B 15 4.72 -8.98 -4.77
CA GLU B 15 5.29 -8.26 -5.89
C GLU B 15 4.19 -7.75 -6.82
N GLN B 16 3.13 -8.53 -6.92
CA GLN B 16 2.00 -8.18 -7.76
C GLN B 16 1.30 -6.93 -7.21
N LEU B 17 1.06 -6.95 -5.91
CA LEU B 17 0.40 -5.84 -5.26
C LEU B 17 1.37 -4.67 -5.12
N VAL B 18 2.64 -5.01 -4.90
CA VAL B 18 3.67 -4.01 -4.76
C VAL B 18 3.79 -3.22 -6.07
N SER B 19 3.98 -3.95 -7.16
CA SER B 19 4.11 -3.32 -8.46
C SER B 19 2.85 -2.52 -8.78
N PHE B 20 1.71 -3.15 -8.53
CA PHE B 20 0.44 -2.50 -8.78
C PHE B 20 0.31 -1.18 -8.00
N LEU B 21 0.94 -1.16 -6.84
CA LEU B 21 0.92 0.03 -6.00
C LEU B 21 1.81 1.11 -6.62
N SER B 22 2.98 0.68 -7.07
CA SER B 22 3.92 1.60 -7.69
C SER B 22 3.23 2.38 -8.81
N GLY B 23 2.41 1.66 -9.56
CA GLY B 23 1.69 2.27 -10.67
C GLY B 23 0.23 2.54 -10.29
N LYS B 24 0.05 3.07 -9.08
CA LYS B 24 -1.27 3.39 -8.60
C LYS B 24 -2.10 4.01 -9.73
N ASP B 25 -3.21 3.36 -10.03
CA ASP B 25 -4.09 3.84 -11.08
C ASP B 25 -4.84 5.08 -10.59
N GLU B 26 -5.32 4.98 -9.35
CA GLU B 26 -6.07 6.08 -8.75
C GLU B 26 -5.33 7.41 -8.98
N THR B 27 -4.02 7.29 -9.18
CA THR B 27 -3.20 8.47 -9.42
C THR B 27 -3.76 9.28 -10.58
N GLU B 28 -4.06 8.58 -11.67
CA GLU B 28 -4.59 9.24 -12.85
C GLU B 28 -5.83 10.05 -12.50
N LEU B 29 -6.54 9.59 -11.47
CA LEU B 29 -7.74 10.25 -11.02
C LEU B 29 -7.35 11.40 -10.08
N ALA B 30 -6.55 11.07 -9.09
CA ALA B 30 -6.10 12.05 -8.12
C ALA B 30 -4.95 12.86 -8.71
N GLU B 31 -5.21 13.41 -9.89
CA GLU B 31 -4.20 14.21 -10.57
C GLU B 31 -3.58 15.22 -9.61
N LEU B 32 -4.32 15.51 -8.54
CA LEU B 32 -3.84 16.45 -7.54
C LEU B 32 -2.83 15.76 -6.63
N ASP B 33 -3.24 14.62 -6.11
CA ASP B 33 -2.38 13.84 -5.22
C ASP B 33 -1.25 13.22 -6.04
N ARG B 34 -1.44 13.21 -7.36
CA ARG B 34 -0.45 12.65 -8.26
C ARG B 34 0.96 12.98 -7.76
N ALA B 35 1.08 14.12 -7.10
CA ALA B 35 2.35 14.56 -6.57
C ALA B 35 3.09 13.36 -5.96
N LEU B 36 2.38 12.65 -5.09
CA LEU B 36 2.95 11.49 -4.44
C LEU B 36 2.31 10.23 -5.02
N GLY B 37 1.22 10.42 -5.74
CA GLY B 37 0.52 9.31 -6.36
C GLY B 37 -0.24 8.50 -5.31
N ILE B 38 0.49 8.06 -4.30
CA ILE B 38 -0.12 7.28 -3.23
C ILE B 38 -0.45 8.20 -2.05
N ASP B 39 -0.54 9.49 -2.36
CA ASP B 39 -0.85 10.48 -1.35
C ASP B 39 -2.13 10.06 -0.61
N LYS B 40 -2.96 9.31 -1.31
CA LYS B 40 -4.22 8.84 -0.74
C LYS B 40 -3.92 7.78 0.32
N LEU B 41 -2.78 7.13 0.15
CA LEU B 41 -2.37 6.08 1.08
C LEU B 41 -1.81 6.74 2.35
N VAL B 42 -0.88 7.65 2.15
CA VAL B 42 -0.26 8.35 3.26
C VAL B 42 -1.30 9.25 3.94
N GLN B 43 -2.43 9.41 3.24
CA GLN B 43 -3.50 10.26 3.76
C GLN B 43 -3.58 10.14 5.28
N GLY B 44 -3.45 8.92 5.76
CA GLY B 44 -3.51 8.67 7.19
C GLY B 44 -3.84 7.21 7.48
N GLY B 45 -3.10 6.63 8.43
CA GLY B 45 -3.30 5.25 8.80
C GLY B 45 -3.85 5.14 10.22
N GLY B 46 -2.93 5.17 11.18
CA GLY B 46 -3.31 5.07 12.59
C GLY B 46 -3.00 6.38 13.32
N LEU B 47 -1.71 6.63 13.50
CA LEU B 47 -1.27 7.83 14.18
C LEU B 47 -1.33 9.02 13.22
N ASP B 48 -0.23 9.22 12.51
CA ASP B 48 -0.14 10.31 11.55
C ASP B 48 0.55 9.81 10.28
N VAL B 49 1.13 10.76 9.56
CA VAL B 49 1.82 10.43 8.32
C VAL B 49 2.83 11.53 7.99
N LEU B 50 4.10 11.19 8.20
CA LEU B 50 5.17 12.14 7.95
C LEU B 50 4.74 13.53 8.40
N SER B 51 4.32 14.32 7.42
CA SER B 51 3.87 15.68 7.71
C SER B 51 4.02 16.55 6.46
N LYS B 52 5.19 16.45 5.84
CA LYS B 52 5.47 17.21 4.64
C LYS B 52 4.46 16.84 3.56
N LEU B 53 3.81 17.88 3.02
CA LEU B 53 2.82 17.67 1.98
C LEU B 53 1.61 16.93 2.56
N VAL B 54 0.81 17.66 3.33
CA VAL B 54 -0.37 17.08 3.94
C VAL B 54 -1.08 16.19 2.93
N PRO B 55 -0.88 14.86 3.10
CA PRO B 55 -1.50 13.89 2.21
C PRO B 55 -2.99 13.74 2.51
N ARG B 56 -3.45 14.54 3.46
CA ARG B 56 -4.85 14.51 3.85
C ARG B 56 -5.46 15.91 3.74
N GLY B 57 -4.74 16.89 4.25
CA GLY B 57 -5.20 18.27 4.22
C GLY B 57 -4.41 19.13 5.19
N SER B 58 -4.53 18.80 6.47
CA SER B 58 -3.84 19.54 7.51
C SER B 58 -3.12 18.58 8.45
N LEU B 59 -3.88 17.63 8.96
CA LEU B 59 -3.33 16.63 9.87
C LEU B 59 -2.81 17.34 11.13
N PRO A 1 5.84 -24.74 11.47
CA PRO A 1 6.42 -23.78 10.56
C PRO A 1 5.36 -22.81 10.02
N ASN A 2 4.31 -23.40 9.46
CA ASN A 2 3.22 -22.61 8.90
C ASN A 2 3.75 -21.76 7.74
N ARG A 3 2.96 -21.72 6.67
CA ARG A 3 3.34 -20.95 5.51
C ARG A 3 3.83 -19.56 5.91
N SER A 4 4.50 -18.90 4.97
CA SER A 4 5.03 -17.58 5.23
C SER A 4 3.88 -16.60 5.50
N ILE A 5 2.88 -16.66 4.63
CA ILE A 5 1.73 -15.79 4.76
C ILE A 5 0.64 -16.24 3.78
N SER A 6 -0.58 -15.83 4.06
CA SER A 6 -1.71 -16.18 3.22
C SER A 6 -1.53 -15.55 1.83
N PRO A 7 -1.86 -16.36 0.79
CA PRO A 7 -1.74 -15.90 -0.58
C PRO A 7 -2.87 -14.94 -0.94
N SER A 8 -4.08 -15.46 -0.94
CA SER A 8 -5.25 -14.66 -1.26
C SER A 8 -5.09 -13.25 -0.68
N ALA A 9 -4.53 -13.19 0.52
CA ALA A 9 -4.31 -11.92 1.19
C ALA A 9 -3.82 -10.90 0.18
N LEU A 10 -3.13 -11.40 -0.84
CA LEU A 10 -2.59 -10.54 -1.87
C LEU A 10 -3.74 -9.92 -2.66
N GLN A 11 -4.66 -10.78 -3.10
CA GLN A 11 -5.81 -10.32 -3.86
C GLN A 11 -6.64 -9.34 -3.03
N ASP A 12 -6.60 -9.55 -1.72
CA ASP A 12 -7.35 -8.69 -0.81
C ASP A 12 -6.66 -7.32 -0.71
N LEU A 13 -5.33 -7.38 -0.60
CA LEU A 13 -4.54 -6.16 -0.50
C LEU A 13 -4.77 -5.31 -1.76
N LEU A 14 -4.43 -5.90 -2.90
CA LEU A 14 -4.59 -5.21 -4.17
C LEU A 14 -6.07 -4.84 -4.36
N ARG A 15 -6.94 -5.67 -3.79
CA ARG A 15 -8.36 -5.44 -3.89
C ARG A 15 -8.79 -4.30 -2.97
N THR A 16 -7.95 -4.05 -1.98
CA THR A 16 -8.22 -2.98 -1.02
C THR A 16 -7.92 -1.61 -1.63
N LEU A 17 -6.71 -1.49 -2.16
CA LEU A 17 -6.29 -0.25 -2.78
C LEU A 17 -7.38 0.24 -3.73
N LYS A 18 -8.15 -0.72 -4.24
CA LYS A 18 -9.23 -0.41 -5.16
C LYS A 18 -10.16 0.62 -4.52
N SER A 19 -10.35 0.47 -3.22
CA SER A 19 -11.22 1.38 -2.47
C SER A 19 -10.82 2.83 -2.76
N PRO A 20 -11.53 3.76 -2.07
CA PRO A 20 -11.26 5.17 -2.24
C PRO A 20 -9.96 5.57 -1.53
N SER A 21 -9.76 4.99 -0.36
CA SER A 21 -8.57 5.27 0.43
C SER A 21 -8.85 6.41 1.40
N SER A 22 -9.43 6.05 2.54
CA SER A 22 -9.76 7.04 3.56
C SER A 22 -10.77 6.45 4.54
N PRO A 23 -11.96 6.08 3.99
CA PRO A 23 -13.02 5.52 4.81
C PRO A 23 -12.70 4.06 5.18
N GLN A 24 -13.36 3.16 4.49
CA GLN A 24 -13.16 1.73 4.74
C GLN A 24 -11.71 1.35 4.44
N GLN A 25 -11.25 1.76 3.28
CA GLN A 25 -9.88 1.46 2.87
C GLN A 25 -8.96 1.43 4.08
N GLN A 26 -8.89 2.57 4.76
CA GLN A 26 -8.05 2.68 5.94
C GLN A 26 -8.15 1.41 6.79
N GLN A 27 -9.39 1.00 7.03
CA GLN A 27 -9.63 -0.19 7.84
C GLN A 27 -9.30 -1.45 7.03
N GLN A 28 -9.42 -1.32 5.71
CA GLN A 28 -9.14 -2.43 4.82
C GLN A 28 -7.64 -2.74 4.81
N VAL A 29 -6.86 -1.69 4.58
CA VAL A 29 -5.42 -1.83 4.55
C VAL A 29 -4.93 -2.39 5.89
N LEU A 30 -5.34 -1.70 6.95
CA LEU A 30 -4.95 -2.11 8.29
C LEU A 30 -5.53 -3.50 8.59
N ASN A 31 -6.70 -3.75 8.01
CA ASN A 31 -7.37 -5.02 8.20
C ASN A 31 -6.46 -6.16 7.72
N ILE A 32 -6.23 -6.17 6.42
CA ILE A 32 -5.38 -7.18 5.81
C ILE A 32 -3.99 -7.11 6.44
N LEU A 33 -3.52 -5.88 6.61
CA LEU A 33 -2.20 -5.66 7.19
C LEU A 33 -2.14 -6.32 8.57
N LYS A 34 -3.31 -6.44 9.19
CA LYS A 34 -3.39 -7.04 10.51
C LYS A 34 -3.65 -8.55 10.35
N SER A 35 -4.44 -8.89 9.33
CA SER A 35 -4.76 -10.28 9.07
C SER A 35 -3.55 -10.99 8.46
N ASN A 36 -2.58 -10.19 8.06
CA ASN A 36 -1.36 -10.73 7.46
C ASN A 36 -0.21 -9.75 7.69
N PRO A 37 0.69 -10.15 8.63
CA PRO A 37 1.84 -9.32 8.96
C PRO A 37 2.91 -9.40 7.85
N GLN A 38 3.24 -10.63 7.49
CA GLN A 38 4.23 -10.85 6.45
C GLN A 38 3.80 -10.18 5.14
N LEU A 39 2.50 -10.17 4.92
CA LEU A 39 1.95 -9.55 3.73
C LEU A 39 2.06 -8.03 3.84
N MET A 40 1.62 -7.53 4.98
CA MET A 40 1.66 -6.09 5.21
C MET A 40 3.09 -5.55 5.06
N ALA A 41 4.05 -6.45 5.22
CA ALA A 41 5.45 -6.08 5.11
C ALA A 41 5.67 -5.39 3.75
N ALA A 42 5.03 -5.94 2.74
CA ALA A 42 5.14 -5.40 1.39
C ALA A 42 4.49 -4.02 1.34
N PHE A 43 3.23 -3.98 1.75
CA PHE A 43 2.48 -2.73 1.76
C PHE A 43 3.21 -1.67 2.58
N ILE A 44 3.47 -2.01 3.83
CA ILE A 44 4.15 -1.10 4.73
C ILE A 44 5.40 -0.54 4.04
N LYS A 45 6.02 -1.40 3.25
CA LYS A 45 7.22 -1.00 2.53
C LYS A 45 6.83 -0.12 1.34
N GLN A 46 5.67 -0.42 0.78
CA GLN A 46 5.16 0.34 -0.36
C GLN A 46 4.71 1.73 0.09
N ARG A 47 3.95 1.75 1.17
CA ARG A 47 3.45 2.99 1.71
C ARG A 47 4.59 3.83 2.28
N THR A 48 5.53 3.14 2.91
CA THR A 48 6.68 3.79 3.50
C THR A 48 7.71 4.15 2.42
N ALA A 49 7.62 3.45 1.30
CA ALA A 49 8.52 3.67 0.20
C ALA A 49 8.36 5.10 -0.31
N LYS A 50 7.32 5.75 0.19
CA LYS A 50 7.02 7.12 -0.20
C LYS A 50 7.76 8.08 0.72
N TYR A 51 8.02 7.62 1.93
CA TYR A 51 8.72 8.42 2.92
C TYR A 51 10.14 7.90 3.13
N VAL A 52 10.24 6.61 3.43
CA VAL A 52 11.53 5.99 3.66
C VAL A 52 12.55 6.56 2.68
N ALA A 53 12.05 6.93 1.50
CA ALA A 53 12.92 7.48 0.46
C ALA A 53 13.27 8.93 0.83
N ASN A 54 12.23 9.72 1.01
CA ASN A 54 12.42 11.13 1.35
C ASN A 54 13.19 11.23 2.66
N GLN A 55 12.76 10.42 3.63
CA GLN A 55 13.40 10.40 4.93
C GLN A 55 14.09 9.06 5.17
N PRO A 56 15.40 9.02 4.81
CA PRO A 56 16.18 7.81 4.98
C PRO A 56 16.55 7.59 6.45
N GLY A 57 16.62 6.32 6.82
CA GLY A 57 16.96 5.96 8.19
C GLY A 57 18.46 6.12 8.45
N MET A 58 19.25 5.51 7.58
CA MET A 58 20.69 5.57 7.71
C MET A 58 21.15 5.11 9.09
N PRO B 1 0.23 -5.55 -16.26
CA PRO B 1 -0.12 -6.79 -15.59
C PRO B 1 1.05 -7.28 -14.73
N THR B 2 1.12 -6.76 -13.52
CA THR B 2 2.18 -7.14 -12.60
C THR B 2 3.50 -7.35 -13.35
N THR B 3 4.35 -8.18 -12.77
CA THR B 3 5.63 -8.48 -13.38
C THR B 3 6.24 -9.73 -12.75
N VAL B 4 5.39 -10.72 -12.52
CA VAL B 4 5.82 -11.96 -11.93
C VAL B 4 4.82 -13.06 -12.29
N GLU B 5 4.33 -13.00 -13.51
CA GLU B 5 3.36 -13.99 -13.99
C GLU B 5 4.09 -15.23 -14.53
N GLY B 6 5.40 -15.08 -14.67
CA GLY B 6 6.22 -16.17 -15.18
C GLY B 6 7.00 -16.84 -14.05
N ARG B 7 6.53 -16.61 -12.83
CA ARG B 7 7.18 -17.17 -11.66
C ARG B 7 6.13 -17.58 -10.62
N ASN B 8 5.38 -16.58 -10.16
CA ASN B 8 4.35 -16.81 -9.17
C ASN B 8 5.00 -17.36 -7.90
N ASP B 9 4.50 -16.87 -6.76
CA ASP B 9 5.02 -17.30 -5.48
C ASP B 9 4.79 -16.19 -4.44
N GLU B 10 4.95 -16.57 -3.18
CA GLU B 10 4.76 -15.63 -2.09
C GLU B 10 5.30 -14.25 -2.48
N LYS B 11 6.57 -14.23 -2.86
CA LYS B 11 7.21 -13.00 -3.26
C LYS B 11 6.49 -12.43 -4.49
N ALA B 12 6.05 -13.33 -5.35
CA ALA B 12 5.35 -12.93 -6.56
C ALA B 12 4.01 -12.31 -6.18
N LEU B 13 3.44 -12.81 -5.09
CA LEU B 13 2.17 -12.31 -4.61
C LEU B 13 2.32 -10.85 -4.17
N LEU B 14 3.16 -10.66 -3.17
CA LEU B 14 3.41 -9.33 -2.65
C LEU B 14 3.94 -8.43 -3.77
N GLU B 15 4.63 -9.06 -4.71
CA GLU B 15 5.19 -8.33 -5.84
C GLU B 15 4.07 -7.85 -6.76
N GLN B 16 3.02 -8.66 -6.86
CA GLN B 16 1.89 -8.32 -7.70
C GLN B 16 1.24 -7.02 -7.21
N LEU B 17 0.97 -6.98 -5.90
CA LEU B 17 0.34 -5.83 -5.30
C LEU B 17 1.37 -4.69 -5.22
N VAL B 18 2.58 -5.05 -4.84
CA VAL B 18 3.65 -4.08 -4.73
C VAL B 18 3.78 -3.30 -6.04
N SER B 19 3.93 -4.06 -7.12
CA SER B 19 4.06 -3.45 -8.44
C SER B 19 2.85 -2.57 -8.74
N PHE B 20 1.67 -3.15 -8.51
CA PHE B 20 0.43 -2.43 -8.74
C PHE B 20 0.36 -1.15 -7.91
N LEU B 21 0.99 -1.21 -6.75
CA LEU B 21 1.02 -0.06 -5.86
C LEU B 21 1.88 1.05 -6.47
N SER B 22 3.03 0.64 -6.97
CA SER B 22 3.95 1.58 -7.59
C SER B 22 3.23 2.40 -8.65
N GLY B 23 2.58 1.69 -9.57
CA GLY B 23 1.84 2.34 -10.63
C GLY B 23 0.40 2.60 -10.22
N LYS B 24 0.24 3.19 -9.05
CA LYS B 24 -1.07 3.51 -8.53
C LYS B 24 -1.95 4.05 -9.66
N ASP B 25 -3.11 3.43 -9.82
CA ASP B 25 -4.03 3.84 -10.86
C ASP B 25 -4.80 5.08 -10.40
N GLU B 26 -5.07 5.12 -9.10
CA GLU B 26 -5.79 6.24 -8.52
C GLU B 26 -5.18 7.57 -9.00
N THR B 27 -3.89 7.51 -9.31
CA THR B 27 -3.19 8.70 -9.77
C THR B 27 -3.95 9.35 -10.92
N GLU B 28 -4.61 8.50 -11.71
CA GLU B 28 -5.38 8.98 -12.84
C GLU B 28 -6.45 9.98 -12.38
N LEU B 29 -7.25 9.54 -11.42
CA LEU B 29 -8.31 10.38 -10.89
C LEU B 29 -7.71 11.38 -9.91
N ALA B 30 -6.80 10.88 -9.08
CA ALA B 30 -6.14 11.71 -8.09
C ALA B 30 -5.04 12.53 -8.76
N GLU B 31 -5.41 13.20 -9.84
CA GLU B 31 -4.46 14.01 -10.59
C GLU B 31 -3.82 15.05 -9.67
N LEU B 32 -4.52 15.33 -8.57
CA LEU B 32 -4.02 16.31 -7.61
C LEU B 32 -3.04 15.63 -6.66
N ASP B 33 -3.42 14.45 -6.19
CA ASP B 33 -2.59 13.69 -5.29
C ASP B 33 -1.40 13.12 -6.05
N ARG B 34 -1.52 13.14 -7.38
CA ARG B 34 -0.46 12.62 -8.23
C ARG B 34 0.91 13.05 -7.69
N ALA B 35 0.91 14.18 -6.99
CA ALA B 35 2.14 14.70 -6.43
C ALA B 35 3.00 13.54 -5.92
N LEU B 36 2.44 12.81 -4.97
CA LEU B 36 3.14 11.67 -4.40
C LEU B 36 2.68 10.39 -5.08
N GLY B 37 1.52 10.48 -5.72
CA GLY B 37 0.95 9.34 -6.43
C GLY B 37 0.19 8.43 -5.46
N ILE B 38 0.82 8.16 -4.32
CA ILE B 38 0.22 7.31 -3.32
C ILE B 38 -0.17 8.16 -2.11
N ASP B 39 -0.34 9.45 -2.36
CA ASP B 39 -0.71 10.37 -1.30
C ASP B 39 -1.95 9.84 -0.57
N LYS B 40 -2.80 9.17 -1.32
CA LYS B 40 -4.02 8.60 -0.76
C LYS B 40 -3.65 7.53 0.26
N LEU B 41 -2.43 7.02 0.13
CA LEU B 41 -1.95 5.99 1.03
C LEU B 41 -1.45 6.65 2.32
N VAL B 42 -0.68 7.70 2.15
CA VAL B 42 -0.14 8.42 3.30
C VAL B 42 -1.22 9.35 3.87
N GLN B 43 -2.36 9.37 3.18
CA GLN B 43 -3.46 10.20 3.61
C GLN B 43 -3.53 10.26 5.15
N GLY B 44 -3.41 9.08 5.75
CA GLY B 44 -3.45 8.98 7.19
C GLY B 44 -3.87 7.58 7.63
N GLY B 45 -2.86 6.78 8.00
CA GLY B 45 -3.11 5.42 8.43
C GLY B 45 -2.95 5.30 9.96
N GLY B 46 -3.13 6.42 10.63
CA GLY B 46 -3.00 6.46 12.07
C GLY B 46 -1.54 6.64 12.50
N LEU B 47 -1.14 7.90 12.56
CA LEU B 47 0.23 8.23 12.94
C LEU B 47 1.20 7.55 11.99
N ASP B 48 1.22 8.05 10.76
CA ASP B 48 2.10 7.50 9.74
C ASP B 48 2.01 8.36 8.48
N VAL B 49 2.57 9.56 8.57
CA VAL B 49 2.57 10.49 7.44
C VAL B 49 3.52 11.65 7.74
N LEU B 50 4.58 11.71 6.93
CA LEU B 50 5.57 12.76 7.09
C LEU B 50 4.87 14.11 7.20
N SER B 51 3.65 14.15 6.67
CA SER B 51 2.87 15.38 6.69
C SER B 51 3.66 16.52 6.08
N LYS B 52 3.92 16.39 4.78
CA LYS B 52 4.67 17.41 4.06
C LYS B 52 3.70 18.28 3.27
N LEU B 53 2.87 17.62 2.47
CA LEU B 53 1.89 18.32 1.66
C LEU B 53 0.49 17.78 1.96
N VAL B 54 0.21 17.67 3.25
CA VAL B 54 -1.08 17.17 3.69
C VAL B 54 -1.63 16.20 2.65
N PRO B 55 -1.32 14.89 2.87
CA PRO B 55 -1.77 13.85 1.96
C PRO B 55 -3.27 13.57 2.14
N ARG B 56 -3.88 14.35 3.01
CA ARG B 56 -5.30 14.20 3.29
C ARG B 56 -6.01 15.54 3.14
N GLY B 57 -5.71 16.45 4.06
CA GLY B 57 -6.31 17.77 4.04
C GLY B 57 -6.37 18.36 5.45
N SER B 58 -5.20 18.72 5.95
CA SER B 58 -5.11 19.30 7.29
C SER B 58 -5.03 18.19 8.34
N LEU B 59 -3.83 17.63 8.46
CA LEU B 59 -3.60 16.56 9.41
C LEU B 59 -2.97 17.15 10.69
N PRO A 1 2.38 -18.24 13.28
CA PRO A 1 2.54 -19.68 13.17
C PRO A 1 2.05 -20.20 11.82
N ASN A 2 2.59 -19.61 10.77
CA ASN A 2 2.21 -20.00 9.41
C ASN A 2 3.46 -20.03 8.53
N ARG A 3 3.33 -20.74 7.41
CA ARG A 3 4.44 -20.86 6.48
C ARG A 3 5.06 -19.49 6.21
N SER A 4 4.25 -18.60 5.65
CA SER A 4 4.71 -17.26 5.34
C SER A 4 3.54 -16.28 5.43
N ILE A 5 2.64 -16.39 4.45
CA ILE A 5 1.48 -15.52 4.40
C ILE A 5 0.42 -16.14 3.50
N SER A 6 -0.84 -15.94 3.88
CA SER A 6 -1.94 -16.47 3.11
C SER A 6 -2.04 -15.76 1.76
N PRO A 7 -2.55 -16.50 0.75
CA PRO A 7 -2.70 -15.94 -0.59
C PRO A 7 -3.90 -14.99 -0.65
N SER A 8 -5.09 -15.58 -0.51
CA SER A 8 -6.31 -14.79 -0.54
C SER A 8 -6.06 -13.40 0.06
N ALA A 9 -5.17 -13.37 1.05
CA ALA A 9 -4.84 -12.13 1.71
C ALA A 9 -4.29 -11.13 0.68
N LEU A 10 -3.22 -11.54 0.03
CA LEU A 10 -2.59 -10.70 -0.98
C LEU A 10 -3.65 -10.24 -1.99
N GLN A 11 -4.65 -11.10 -2.19
CA GLN A 11 -5.72 -10.78 -3.11
C GLN A 11 -6.66 -9.72 -2.51
N ASP A 12 -6.78 -9.77 -1.20
CA ASP A 12 -7.63 -8.82 -0.49
C ASP A 12 -6.93 -7.47 -0.43
N LEU A 13 -5.61 -7.52 -0.34
CA LEU A 13 -4.81 -6.32 -0.27
C LEU A 13 -4.92 -5.56 -1.59
N LEU A 14 -4.40 -6.18 -2.64
CA LEU A 14 -4.44 -5.58 -3.96
C LEU A 14 -5.87 -5.14 -4.28
N ARG A 15 -6.82 -5.92 -3.77
CA ARG A 15 -8.23 -5.63 -4.00
C ARG A 15 -8.66 -4.43 -3.15
N THR A 16 -7.98 -4.26 -2.03
CA THR A 16 -8.28 -3.17 -1.11
C THR A 16 -7.89 -1.83 -1.76
N LEU A 17 -6.69 -1.81 -2.33
CA LEU A 17 -6.21 -0.60 -2.97
C LEU A 17 -7.23 -0.12 -4.00
N LYS A 18 -8.09 -1.04 -4.40
CA LYS A 18 -9.12 -0.73 -5.38
C LYS A 18 -10.06 0.33 -4.80
N SER A 19 -10.28 0.23 -3.50
CA SER A 19 -11.16 1.17 -2.82
C SER A 19 -10.76 2.61 -3.17
N PRO A 20 -11.49 3.57 -2.55
CA PRO A 20 -11.22 4.98 -2.78
C PRO A 20 -9.95 5.42 -2.05
N SER A 21 -9.74 4.84 -0.89
CA SER A 21 -8.57 5.17 -0.09
C SER A 21 -8.89 6.34 0.85
N SER A 22 -9.47 6.00 1.99
CA SER A 22 -9.83 7.01 2.98
C SER A 22 -10.86 6.44 3.95
N PRO A 23 -12.04 6.05 3.39
CA PRO A 23 -13.11 5.49 4.19
C PRO A 23 -12.79 4.06 4.61
N GLN A 24 -13.43 3.12 3.91
CA GLN A 24 -13.22 1.71 4.19
C GLN A 24 -11.76 1.33 3.98
N GLN A 25 -11.25 1.70 2.80
CA GLN A 25 -9.88 1.40 2.46
C GLN A 25 -8.99 1.43 3.71
N GLN A 26 -8.97 2.59 4.35
CA GLN A 26 -8.17 2.77 5.56
C GLN A 26 -8.31 1.54 6.46
N GLN A 27 -9.55 1.14 6.66
CA GLN A 27 -9.85 -0.01 7.51
C GLN A 27 -9.46 -1.30 6.79
N GLN A 28 -9.50 -1.24 5.47
CA GLN A 28 -9.16 -2.40 4.65
C GLN A 28 -7.66 -2.71 4.77
N VAL A 29 -6.86 -1.68 4.54
CA VAL A 29 -5.41 -1.82 4.62
C VAL A 29 -5.03 -2.27 6.03
N LEU A 30 -5.52 -1.53 7.00
CA LEU A 30 -5.24 -1.84 8.40
C LEU A 30 -5.83 -3.20 8.74
N ASN A 31 -6.94 -3.51 8.09
CA ASN A 31 -7.62 -4.77 8.33
C ASN A 31 -6.67 -5.92 7.98
N ILE A 32 -6.30 -5.96 6.71
CA ILE A 32 -5.39 -7.00 6.23
C ILE A 32 -4.04 -6.86 6.93
N LEU A 33 -3.40 -5.73 6.68
CA LEU A 33 -2.10 -5.45 7.28
C LEU A 33 -2.08 -6.00 8.71
N LYS A 34 -3.24 -5.92 9.35
CA LYS A 34 -3.36 -6.39 10.73
C LYS A 34 -3.18 -7.91 10.75
N SER A 35 -3.96 -8.59 9.93
CA SER A 35 -3.89 -10.04 9.84
C SER A 35 -2.94 -10.45 8.71
N ASN A 36 -2.13 -9.49 8.29
CA ASN A 36 -1.18 -9.75 7.22
C ASN A 36 0.18 -9.16 7.61
N PRO A 37 0.98 -9.99 8.33
CA PRO A 37 2.30 -9.56 8.77
C PRO A 37 3.29 -9.57 7.60
N GLN A 38 3.80 -10.77 7.31
CA GLN A 38 4.76 -10.93 6.22
C GLN A 38 4.23 -10.26 4.95
N LEU A 39 2.92 -10.09 4.92
CA LEU A 39 2.28 -9.47 3.77
C LEU A 39 2.36 -7.95 3.89
N MET A 40 2.05 -7.47 5.08
CA MET A 40 2.09 -6.04 5.35
C MET A 40 3.49 -5.48 5.12
N ALA A 41 4.47 -6.35 5.28
CA ALA A 41 5.86 -5.96 5.10
C ALA A 41 6.04 -5.34 3.70
N ALA A 42 5.39 -5.96 2.73
CA ALA A 42 5.46 -5.48 1.36
C ALA A 42 4.78 -4.13 1.27
N PHE A 43 3.49 -4.12 1.59
CA PHE A 43 2.71 -2.90 1.55
C PHE A 43 3.38 -1.79 2.37
N ILE A 44 3.59 -2.08 3.65
CA ILE A 44 4.21 -1.13 4.54
C ILE A 44 5.45 -0.53 3.86
N LYS A 45 6.15 -1.39 3.12
CA LYS A 45 7.35 -0.96 2.42
C LYS A 45 6.95 -0.08 1.23
N GLN A 46 5.81 -0.41 0.64
CA GLN A 46 5.31 0.35 -0.49
C GLN A 46 4.84 1.73 -0.05
N ARG A 47 4.08 1.75 1.03
CA ARG A 47 3.57 3.00 1.56
C ARG A 47 4.70 3.83 2.17
N THR A 48 5.55 3.15 2.92
CA THR A 48 6.68 3.81 3.56
C THR A 48 7.74 4.18 2.51
N ALA A 49 7.69 3.47 1.40
CA ALA A 49 8.63 3.72 0.32
C ALA A 49 8.43 5.14 -0.22
N LYS A 50 7.35 5.75 0.24
CA LYS A 50 7.03 7.10 -0.19
C LYS A 50 7.67 8.10 0.76
N TYR A 51 7.89 7.65 1.99
CA TYR A 51 8.49 8.49 3.00
C TYR A 51 9.93 8.05 3.28
N VAL A 52 10.09 6.77 3.57
CA VAL A 52 11.41 6.22 3.85
C VAL A 52 12.44 6.86 2.92
N ALA A 53 11.99 7.15 1.71
CA ALA A 53 12.86 7.75 0.71
C ALA A 53 13.26 9.15 1.19
N ASN A 54 12.25 9.97 1.46
CA ASN A 54 12.49 11.32 1.92
C ASN A 54 13.10 11.28 3.32
N GLN A 55 12.62 10.34 4.12
CA GLN A 55 13.11 10.18 5.47
C GLN A 55 13.87 8.86 5.63
N PRO A 56 15.21 8.94 5.47
CA PRO A 56 16.06 7.76 5.58
C PRO A 56 16.21 7.34 7.04
N GLY A 57 17.12 6.41 7.26
CA GLY A 57 17.39 5.91 8.60
C GLY A 57 18.78 5.28 8.69
N MET A 58 19.77 6.08 8.31
CA MET A 58 21.15 5.62 8.34
C MET A 58 21.90 6.21 9.53
N PRO B 1 -0.44 -4.21 -15.88
CA PRO B 1 -0.61 -5.66 -15.84
C PRO B 1 -0.14 -6.23 -14.51
N THR B 2 -0.52 -7.47 -14.27
CA THR B 2 -0.15 -8.15 -13.03
C THR B 2 1.37 -8.36 -12.99
N THR B 3 1.89 -8.90 -14.08
CA THR B 3 3.32 -9.17 -14.17
C THR B 3 3.77 -10.11 -13.05
N VAL B 4 3.50 -11.39 -13.26
CA VAL B 4 3.87 -12.41 -12.28
C VAL B 4 3.19 -13.72 -12.64
N GLU B 5 2.10 -13.61 -13.39
CA GLU B 5 1.35 -14.77 -13.81
C GLU B 5 2.30 -15.85 -14.35
N GLY B 6 3.29 -15.39 -15.09
CA GLY B 6 4.27 -16.29 -15.67
C GLY B 6 5.25 -16.80 -14.60
N ARG B 7 5.07 -16.30 -13.40
CA ARG B 7 5.93 -16.68 -12.29
C ARG B 7 5.10 -17.31 -11.16
N ASN B 8 4.28 -16.46 -10.54
CA ASN B 8 3.43 -16.91 -9.46
C ASN B 8 4.31 -17.43 -8.32
N ASP B 9 4.01 -16.94 -7.12
CA ASP B 9 4.75 -17.33 -5.93
C ASP B 9 4.66 -16.23 -4.88
N GLU B 10 4.90 -16.63 -3.64
CA GLU B 10 4.84 -15.68 -2.53
C GLU B 10 5.44 -14.34 -2.95
N LYS B 11 6.66 -14.41 -3.47
CA LYS B 11 7.36 -13.21 -3.90
C LYS B 11 6.58 -12.57 -5.05
N ALA B 12 5.95 -13.42 -5.84
CA ALA B 12 5.17 -12.94 -6.97
C ALA B 12 3.86 -12.32 -6.46
N LEU B 13 3.43 -12.80 -5.31
CA LEU B 13 2.21 -12.31 -4.70
C LEU B 13 2.41 -10.84 -4.30
N LEU B 14 3.36 -10.63 -3.41
CA LEU B 14 3.65 -9.28 -2.93
C LEU B 14 4.15 -8.44 -4.10
N GLU B 15 4.89 -9.09 -4.99
CA GLU B 15 5.43 -8.40 -6.15
C GLU B 15 4.30 -7.90 -7.04
N GLN B 16 3.26 -8.71 -7.15
CA GLN B 16 2.11 -8.36 -7.96
C GLN B 16 1.42 -7.11 -7.40
N LEU B 17 1.16 -7.15 -6.10
CA LEU B 17 0.50 -6.03 -5.43
C LEU B 17 1.46 -4.85 -5.39
N VAL B 18 2.74 -5.17 -5.25
CA VAL B 18 3.76 -4.14 -5.19
C VAL B 18 3.80 -3.37 -6.52
N SER B 19 3.96 -4.13 -7.60
CA SER B 19 4.00 -3.54 -8.93
C SER B 19 2.76 -2.68 -9.16
N PHE B 20 1.62 -3.22 -8.75
CA PHE B 20 0.36 -2.52 -8.91
C PHE B 20 0.32 -1.26 -8.04
N LEU B 21 0.98 -1.36 -6.90
CA LEU B 21 1.02 -0.24 -5.97
C LEU B 21 1.86 0.89 -6.58
N SER B 22 3.00 0.51 -7.13
CA SER B 22 3.89 1.48 -7.74
C SER B 22 3.13 2.32 -8.76
N GLY B 23 2.48 1.64 -9.69
CA GLY B 23 1.70 2.31 -10.72
C GLY B 23 0.28 2.60 -10.23
N LYS B 24 0.20 3.26 -9.10
CA LYS B 24 -1.08 3.62 -8.52
C LYS B 24 -1.99 4.19 -9.61
N ASP B 25 -3.09 3.49 -9.85
CA ASP B 25 -4.04 3.91 -10.85
C ASP B 25 -4.88 5.07 -10.31
N GLU B 26 -5.18 4.98 -9.03
CA GLU B 26 -5.97 6.01 -8.37
C GLU B 26 -5.38 7.40 -8.67
N THR B 27 -4.07 7.42 -8.83
CA THR B 27 -3.38 8.67 -9.11
C THR B 27 -3.98 9.34 -10.35
N GLU B 28 -4.48 8.51 -11.25
CA GLU B 28 -5.09 9.00 -12.47
C GLU B 28 -6.20 10.00 -12.15
N LEU B 29 -7.13 9.53 -11.32
CA LEU B 29 -8.26 10.37 -10.93
C LEU B 29 -7.76 11.50 -10.03
N ALA B 30 -7.00 11.11 -9.01
CA ALA B 30 -6.45 12.08 -8.07
C ALA B 30 -5.22 12.75 -8.69
N GLU B 31 -5.40 13.25 -9.90
CA GLU B 31 -4.32 13.92 -10.61
C GLU B 31 -3.62 14.92 -9.68
N LEU B 32 -4.35 15.35 -8.67
CA LEU B 32 -3.81 16.30 -7.72
C LEU B 32 -2.88 15.58 -6.74
N ASP B 33 -3.40 14.51 -6.16
CA ASP B 33 -2.63 13.72 -5.22
C ASP B 33 -1.44 13.07 -5.94
N ARG B 34 -1.55 13.06 -7.27
CA ARG B 34 -0.50 12.47 -8.08
C ARG B 34 0.87 12.91 -7.59
N ALA B 35 0.90 14.08 -6.96
CA ALA B 35 2.13 14.62 -6.43
C ALA B 35 2.96 13.49 -5.83
N LEU B 36 2.40 12.86 -4.81
CA LEU B 36 3.07 11.77 -4.13
C LEU B 36 2.62 10.44 -4.74
N GLY B 37 1.49 10.50 -5.44
CA GLY B 37 0.94 9.32 -6.08
C GLY B 37 0.16 8.47 -5.07
N ILE B 38 0.80 8.21 -3.94
CA ILE B 38 0.18 7.42 -2.90
C ILE B 38 -0.18 8.33 -1.73
N ASP B 39 -0.27 9.61 -2.02
CA ASP B 39 -0.61 10.59 -1.00
C ASP B 39 -1.91 10.19 -0.32
N LYS B 40 -2.74 9.48 -1.07
CA LYS B 40 -4.02 9.02 -0.56
C LYS B 40 -3.78 7.90 0.47
N LEU B 41 -2.60 7.30 0.37
CA LEU B 41 -2.24 6.22 1.28
C LEU B 41 -1.67 6.81 2.58
N VAL B 42 -0.75 7.75 2.40
CA VAL B 42 -0.12 8.40 3.53
C VAL B 42 -1.11 9.37 4.17
N GLN B 43 -2.28 9.48 3.55
CA GLN B 43 -3.32 10.36 4.04
C GLN B 43 -3.38 10.30 5.57
N GLY B 44 -3.28 9.09 6.09
CA GLY B 44 -3.33 8.88 7.53
C GLY B 44 -3.69 7.42 7.86
N GLY B 45 -2.97 6.87 8.81
CA GLY B 45 -3.21 5.50 9.23
C GLY B 45 -3.86 5.45 10.60
N GLY B 46 -3.17 4.83 11.54
CA GLY B 46 -3.68 4.71 12.89
C GLY B 46 -3.07 5.79 13.80
N LEU B 47 -1.76 5.74 13.93
CA LEU B 47 -1.05 6.70 14.76
C LEU B 47 -0.86 8.00 13.97
N ASP B 48 0.03 7.93 12.99
CA ASP B 48 0.32 9.09 12.17
C ASP B 48 0.92 8.63 10.84
N VAL B 49 1.59 9.56 10.17
CA VAL B 49 2.20 9.26 8.89
C VAL B 49 3.61 9.87 8.85
N LEU B 50 3.73 10.95 8.11
CA LEU B 50 5.01 11.64 7.99
C LEU B 50 4.82 13.12 8.32
N SER B 51 3.58 13.49 8.56
CA SER B 51 3.25 14.86 8.88
C SER B 51 3.57 15.77 7.69
N LYS B 52 4.86 15.98 7.49
CA LYS B 52 5.31 16.83 6.38
C LYS B 52 4.43 16.58 5.16
N LEU B 53 4.37 17.58 4.30
CA LEU B 53 3.58 17.48 3.09
C LEU B 53 2.25 16.80 3.41
N VAL B 54 1.47 17.47 4.26
CA VAL B 54 0.18 16.95 4.66
C VAL B 54 -0.49 16.26 3.46
N PRO B 55 -0.35 14.91 3.43
CA PRO B 55 -0.93 14.12 2.34
C PRO B 55 -2.44 14.00 2.51
N ARG B 56 -2.96 14.70 3.51
CA ARG B 56 -4.38 14.68 3.78
C ARG B 56 -4.96 16.10 3.72
N GLY B 57 -4.25 17.01 4.37
CA GLY B 57 -4.67 18.41 4.40
C GLY B 57 -4.28 19.06 5.72
N SER B 58 -4.36 18.28 6.79
CA SER B 58 -4.03 18.77 8.11
C SER B 58 -3.95 17.60 9.11
N LEU B 59 -2.77 17.00 9.18
CA LEU B 59 -2.56 15.89 10.08
C LEU B 59 -1.85 16.38 11.34
N PRO A 1 3.18 -12.81 13.57
CA PRO A 1 4.41 -13.50 13.25
C PRO A 1 4.16 -14.97 12.95
N ASN A 2 4.49 -15.35 11.71
CA ASN A 2 4.30 -16.72 11.28
C ASN A 2 5.04 -16.94 9.96
N ARG A 3 5.33 -18.21 9.68
CA ARG A 3 6.03 -18.55 8.45
C ARG A 3 5.18 -18.19 7.23
N SER A 4 5.87 -17.83 6.16
CA SER A 4 5.21 -17.46 4.93
C SER A 4 3.96 -16.62 5.25
N ILE A 5 2.95 -16.77 4.39
CA ILE A 5 1.70 -16.05 4.56
C ILE A 5 0.72 -16.48 3.49
N SER A 6 -0.56 -16.34 3.81
CA SER A 6 -1.62 -16.71 2.89
C SER A 6 -1.50 -15.88 1.60
N PRO A 7 -1.76 -16.56 0.45
CA PRO A 7 -1.68 -15.90 -0.84
C PRO A 7 -2.90 -15.00 -1.06
N SER A 8 -4.07 -15.60 -0.91
CA SER A 8 -5.31 -14.87 -1.10
C SER A 8 -5.18 -13.45 -0.53
N ALA A 9 -4.53 -13.37 0.63
CA ALA A 9 -4.32 -12.09 1.27
C ALA A 9 -3.92 -11.05 0.23
N LEU A 10 -3.24 -11.53 -0.80
CA LEU A 10 -2.79 -10.64 -1.87
C LEU A 10 -4.01 -10.02 -2.56
N GLN A 11 -4.97 -10.89 -2.87
CA GLN A 11 -6.18 -10.44 -3.52
C GLN A 11 -6.94 -9.44 -2.63
N ASP A 12 -6.82 -9.66 -1.33
CA ASP A 12 -7.48 -8.79 -0.37
C ASP A 12 -6.73 -7.46 -0.29
N LEU A 13 -5.41 -7.55 -0.45
CA LEU A 13 -4.58 -6.36 -0.39
C LEU A 13 -4.85 -5.50 -1.62
N LEU A 14 -4.52 -6.05 -2.78
CA LEU A 14 -4.73 -5.33 -4.03
C LEU A 14 -6.18 -4.84 -4.10
N ARG A 15 -7.07 -5.66 -3.58
CA ARG A 15 -8.48 -5.31 -3.57
C ARG A 15 -8.75 -4.19 -2.56
N THR A 16 -8.03 -4.24 -1.46
CA THR A 16 -8.18 -3.24 -0.42
C THR A 16 -7.88 -1.85 -0.97
N LEU A 17 -6.89 -1.80 -1.84
CA LEU A 17 -6.50 -0.53 -2.45
C LEU A 17 -7.57 -0.10 -3.45
N LYS A 18 -8.21 -1.09 -4.05
CA LYS A 18 -9.26 -0.83 -5.03
C LYS A 18 -10.27 0.14 -4.42
N SER A 19 -10.32 0.16 -3.10
CA SER A 19 -11.24 1.05 -2.40
C SER A 19 -10.91 2.50 -2.71
N PRO A 20 -11.67 3.42 -2.05
CA PRO A 20 -11.46 4.85 -2.24
C PRO A 20 -10.20 5.32 -1.52
N SER A 21 -9.94 4.71 -0.37
CA SER A 21 -8.77 5.05 0.42
C SER A 21 -9.12 6.19 1.39
N SER A 22 -9.68 5.80 2.53
CA SER A 22 -10.06 6.77 3.54
C SER A 22 -11.05 6.13 4.52
N PRO A 23 -12.23 5.72 3.97
CA PRO A 23 -13.25 5.09 4.79
C PRO A 23 -12.88 3.66 5.15
N GLN A 24 -13.48 2.72 4.44
CA GLN A 24 -13.21 1.31 4.69
C GLN A 24 -11.73 1.00 4.44
N GLN A 25 -11.25 1.43 3.29
CA GLN A 25 -9.86 1.20 2.93
C GLN A 25 -8.98 1.21 4.18
N GLN A 26 -9.00 2.34 4.87
CA GLN A 26 -8.22 2.48 6.09
C GLN A 26 -8.30 1.22 6.93
N GLN A 27 -9.53 0.77 7.15
CA GLN A 27 -9.76 -0.43 7.94
C GLN A 27 -9.33 -1.67 7.15
N GLN A 28 -9.37 -1.53 5.83
CA GLN A 28 -8.99 -2.63 4.96
C GLN A 28 -7.48 -2.89 5.04
N VAL A 29 -6.73 -1.82 4.84
CA VAL A 29 -5.28 -1.91 4.89
C VAL A 29 -4.85 -2.43 6.26
N LEU A 30 -5.36 -1.78 7.30
CA LEU A 30 -5.04 -2.17 8.66
C LEU A 30 -5.57 -3.59 8.91
N ASN A 31 -6.66 -3.91 8.25
CA ASN A 31 -7.27 -5.22 8.41
C ASN A 31 -6.28 -6.29 7.93
N ILE A 32 -6.04 -6.30 6.63
CA ILE A 32 -5.12 -7.25 6.04
C ILE A 32 -3.76 -7.15 6.74
N LEU A 33 -3.30 -5.92 6.89
CA LEU A 33 -2.03 -5.67 7.53
C LEU A 33 -2.01 -6.35 8.90
N LYS A 34 -3.20 -6.47 9.47
CA LYS A 34 -3.34 -7.11 10.78
C LYS A 34 -3.53 -8.61 10.60
N SER A 35 -4.48 -8.96 9.73
CA SER A 35 -4.78 -10.35 9.47
C SER A 35 -3.68 -10.96 8.58
N ASN A 36 -2.70 -10.13 8.27
CA ASN A 36 -1.59 -10.57 7.44
C ASN A 36 -0.38 -9.66 7.69
N PRO A 37 0.63 -10.23 8.39
CA PRO A 37 1.84 -9.49 8.70
C PRO A 37 2.73 -9.35 7.46
N GLN A 38 3.05 -10.49 6.87
CA GLN A 38 3.88 -10.50 5.68
C GLN A 38 3.36 -9.51 4.63
N LEU A 39 2.03 -9.48 4.53
CA LEU A 39 1.39 -8.59 3.58
C LEU A 39 1.74 -7.14 3.92
N MET A 40 1.50 -6.78 5.17
CA MET A 40 1.78 -5.44 5.64
C MET A 40 3.21 -5.03 5.30
N ALA A 41 4.13 -5.97 5.51
CA ALA A 41 5.54 -5.73 5.23
C ALA A 41 5.67 -5.14 3.82
N ALA A 42 5.02 -5.79 2.87
CA ALA A 42 5.06 -5.36 1.49
C ALA A 42 4.43 -3.97 1.38
N PHE A 43 3.15 -3.90 1.74
CA PHE A 43 2.43 -2.65 1.69
C PHE A 43 3.15 -1.56 2.49
N ILE A 44 3.34 -1.84 3.77
CA ILE A 44 4.01 -0.90 4.65
C ILE A 44 5.27 -0.36 3.95
N LYS A 45 5.94 -1.26 3.24
CA LYS A 45 7.14 -0.90 2.52
C LYS A 45 6.79 0.08 1.40
N GLN A 46 5.67 -0.18 0.76
CA GLN A 46 5.21 0.66 -0.33
C GLN A 46 4.80 2.04 0.20
N ARG A 47 4.08 2.03 1.31
CA ARG A 47 3.63 3.26 1.93
C ARG A 47 4.83 4.07 2.43
N THR A 48 5.75 3.38 3.07
CA THR A 48 6.94 4.01 3.60
C THR A 48 7.85 4.48 2.45
N ALA A 49 7.74 3.78 1.34
CA ALA A 49 8.54 4.11 0.17
C ALA A 49 8.21 5.54 -0.28
N LYS A 50 7.14 6.08 0.30
CA LYS A 50 6.72 7.42 -0.04
C LYS A 50 7.40 8.42 0.89
N TYR A 51 7.72 7.94 2.09
CA TYR A 51 8.38 8.77 3.08
C TYR A 51 9.88 8.46 3.15
N VAL A 52 10.17 7.17 3.20
CA VAL A 52 11.56 6.73 3.28
C VAL A 52 12.35 7.37 2.15
N ALA A 53 11.64 7.71 1.08
CA ALA A 53 12.28 8.33 -0.07
C ALA A 53 12.26 9.84 0.11
N ASN A 54 12.15 10.26 1.35
CA ASN A 54 12.14 11.68 1.67
C ASN A 54 12.74 11.89 3.06
N GLN A 55 12.28 11.09 4.01
CA GLN A 55 12.77 11.19 5.37
C GLN A 55 14.04 10.35 5.53
N PRO A 56 15.12 11.03 6.00
CA PRO A 56 16.40 10.37 6.20
C PRO A 56 16.37 9.50 7.47
N GLY A 57 16.62 8.21 7.26
CA GLY A 57 16.62 7.27 8.38
C GLY A 57 17.28 5.96 7.97
N MET A 58 16.63 5.25 7.05
CA MET A 58 17.13 3.98 6.58
C MET A 58 18.65 4.03 6.38
N PRO B 1 -2.96 -5.39 -14.57
CA PRO B 1 -3.21 -5.49 -13.15
C PRO B 1 -2.12 -6.32 -12.45
N THR B 2 -1.88 -7.50 -13.00
CA THR B 2 -0.88 -8.38 -12.45
C THR B 2 0.00 -8.96 -13.56
N THR B 3 0.93 -9.82 -13.16
CA THR B 3 1.83 -10.44 -14.11
C THR B 3 2.46 -11.70 -13.50
N VAL B 4 3.33 -11.48 -12.53
CA VAL B 4 4.00 -12.59 -11.86
C VAL B 4 3.52 -12.67 -10.41
N GLU B 5 2.48 -13.46 -10.22
CA GLU B 5 1.93 -13.64 -8.88
C GLU B 5 1.85 -15.13 -8.53
N GLY B 6 1.25 -15.89 -9.43
CA GLY B 6 1.11 -17.32 -9.23
C GLY B 6 2.04 -18.11 -10.16
N ARG B 7 3.17 -17.49 -10.47
CA ARG B 7 4.15 -18.12 -11.35
C ARG B 7 5.46 -18.33 -10.61
N ASN B 8 5.78 -17.38 -9.74
CA ASN B 8 7.01 -17.45 -8.97
C ASN B 8 6.72 -18.07 -7.61
N ASP B 9 6.14 -17.28 -6.74
CA ASP B 9 5.80 -17.73 -5.40
C ASP B 9 5.10 -16.61 -4.64
N GLU B 10 5.26 -16.63 -3.32
CA GLU B 10 4.66 -15.62 -2.47
C GLU B 10 5.10 -14.23 -2.91
N LYS B 11 6.42 -14.06 -3.00
CA LYS B 11 6.98 -12.78 -3.39
C LYS B 11 6.27 -12.28 -4.65
N ALA B 12 5.88 -13.23 -5.49
CA ALA B 12 5.19 -12.90 -6.73
C ALA B 12 3.84 -12.25 -6.39
N LEU B 13 3.21 -12.75 -5.34
CA LEU B 13 1.93 -12.23 -4.91
C LEU B 13 2.09 -10.77 -4.49
N LEU B 14 2.94 -10.57 -3.48
CA LEU B 14 3.19 -9.23 -2.97
C LEU B 14 3.70 -8.35 -4.11
N GLU B 15 4.35 -8.99 -5.08
CA GLU B 15 4.88 -8.27 -6.23
C GLU B 15 3.75 -7.74 -7.09
N GLN B 16 2.70 -8.54 -7.18
CA GLN B 16 1.54 -8.18 -7.98
C GLN B 16 0.89 -6.90 -7.43
N LEU B 17 0.68 -6.91 -6.13
CA LEU B 17 0.08 -5.76 -5.46
C LEU B 17 1.08 -4.61 -5.41
N VAL B 18 2.33 -4.97 -5.13
CA VAL B 18 3.39 -3.99 -5.04
C VAL B 18 3.47 -3.22 -6.37
N SER B 19 3.58 -3.98 -7.45
CA SER B 19 3.68 -3.38 -8.77
C SER B 19 2.46 -2.47 -9.01
N PHE B 20 1.29 -3.02 -8.78
CA PHE B 20 0.06 -2.27 -8.97
C PHE B 20 0.06 -1.00 -8.12
N LEU B 21 0.72 -1.08 -6.98
CA LEU B 21 0.80 0.04 -6.07
C LEU B 21 1.64 1.15 -6.71
N SER B 22 2.75 0.73 -7.29
CA SER B 22 3.65 1.67 -7.95
C SER B 22 2.87 2.52 -8.96
N GLY B 23 2.18 1.84 -9.85
CA GLY B 23 1.38 2.52 -10.86
C GLY B 23 -0.05 2.75 -10.38
N LYS B 24 -0.16 3.21 -9.15
CA LYS B 24 -1.47 3.47 -8.56
C LYS B 24 -2.36 4.14 -9.61
N ASP B 25 -3.52 3.54 -9.82
CA ASP B 25 -4.48 4.06 -10.78
C ASP B 25 -5.10 5.35 -10.22
N GLU B 26 -5.36 5.32 -8.93
CA GLU B 26 -5.95 6.48 -8.26
C GLU B 26 -5.19 7.75 -8.64
N THR B 27 -3.94 7.56 -9.02
CA THR B 27 -3.09 8.68 -9.40
C THR B 27 -3.62 9.34 -10.68
N GLU B 28 -4.29 8.53 -11.49
CA GLU B 28 -4.84 9.02 -12.74
C GLU B 28 -5.85 10.15 -12.46
N LEU B 29 -6.60 9.98 -11.39
CA LEU B 29 -7.59 10.97 -11.01
C LEU B 29 -6.91 12.07 -10.18
N ALA B 30 -6.17 11.64 -9.18
CA ALA B 30 -5.47 12.58 -8.30
C ALA B 30 -4.18 13.03 -8.99
N GLU B 31 -4.33 13.49 -10.23
CA GLU B 31 -3.20 13.96 -11.00
C GLU B 31 -2.34 14.91 -10.16
N LEU B 32 -2.98 15.49 -9.15
CA LEU B 32 -2.28 16.42 -8.28
C LEU B 32 -1.44 15.63 -7.28
N ASP B 33 -2.09 14.68 -6.61
CA ASP B 33 -1.40 13.86 -5.63
C ASP B 33 -0.41 12.94 -6.35
N ARG B 34 -0.59 12.83 -7.66
CA ARG B 34 0.29 12.01 -8.47
C ARG B 34 1.74 12.13 -7.99
N ALA B 35 2.04 13.30 -7.45
CA ALA B 35 3.38 13.57 -6.95
C ALA B 35 3.85 12.40 -6.09
N LEU B 36 2.97 12.00 -5.18
CA LEU B 36 3.27 10.88 -4.28
C LEU B 36 2.85 9.57 -4.94
N GLY B 37 1.81 9.67 -5.76
CA GLY B 37 1.30 8.49 -6.45
C GLY B 37 0.56 7.57 -5.49
N ILE B 38 0.60 7.94 -4.21
CA ILE B 38 -0.06 7.15 -3.19
C ILE B 38 -0.37 8.03 -1.98
N ASP B 39 -0.43 9.33 -2.25
CA ASP B 39 -0.72 10.30 -1.20
C ASP B 39 -2.02 9.93 -0.52
N LYS B 40 -2.81 9.11 -1.21
CA LYS B 40 -4.09 8.67 -0.68
C LYS B 40 -3.85 7.59 0.38
N LEU B 41 -2.72 6.91 0.25
CA LEU B 41 -2.37 5.86 1.18
C LEU B 41 -1.69 6.48 2.41
N VAL B 42 -0.98 7.57 2.16
CA VAL B 42 -0.28 8.26 3.23
C VAL B 42 -1.29 9.05 4.06
N GLN B 43 -2.48 9.22 3.49
CA GLN B 43 -3.53 9.96 4.17
C GLN B 43 -3.40 9.80 5.69
N GLY B 44 -3.08 8.59 6.10
CA GLY B 44 -2.93 8.29 7.51
C GLY B 44 -3.28 6.83 7.82
N GLY B 45 -2.60 6.29 8.81
CA GLY B 45 -2.83 4.91 9.21
C GLY B 45 -1.52 4.19 9.51
N GLY B 46 -1.62 3.13 10.29
CA GLY B 46 -0.45 2.35 10.65
C GLY B 46 0.21 2.92 11.91
N LEU B 47 0.42 4.22 11.90
CA LEU B 47 1.03 4.89 13.04
C LEU B 47 0.90 6.41 12.86
N ASP B 48 1.28 6.88 11.68
CA ASP B 48 1.21 8.29 11.37
C ASP B 48 1.58 8.52 9.91
N VAL B 49 1.76 9.77 9.56
CA VAL B 49 2.11 10.14 8.20
C VAL B 49 3.49 10.82 8.19
N LEU B 50 3.55 11.94 7.50
CA LEU B 50 4.80 12.69 7.42
C LEU B 50 4.57 14.12 7.93
N SER B 51 3.40 14.65 7.59
CA SER B 51 3.04 16.00 8.00
C SER B 51 3.44 17.00 6.91
N LYS B 52 4.70 16.93 6.52
CA LYS B 52 5.22 17.82 5.49
C LYS B 52 4.16 17.98 4.39
N LEU B 53 3.98 16.90 3.64
CA LEU B 53 3.01 16.91 2.56
C LEU B 53 1.71 16.28 3.03
N VAL B 54 1.02 16.99 3.91
CA VAL B 54 -0.23 16.49 4.45
C VAL B 54 -0.99 15.73 3.37
N PRO B 55 -0.84 14.37 3.39
CA PRO B 55 -1.50 13.52 2.42
C PRO B 55 -2.99 13.40 2.72
N ARG B 56 -3.41 14.10 3.77
CA ARG B 56 -4.81 14.07 4.18
C ARG B 56 -5.38 15.48 4.17
N GLY B 57 -4.60 16.41 4.67
CA GLY B 57 -5.02 17.80 4.72
C GLY B 57 -5.14 18.28 6.17
N SER B 58 -3.99 18.58 6.76
CA SER B 58 -3.94 19.06 8.14
C SER B 58 -3.98 17.87 9.09
N LEU B 59 -2.82 17.27 9.29
CA LEU B 59 -2.71 16.12 10.18
C LEU B 59 -2.10 16.58 11.51
N PRO A 1 6.10 -10.34 14.12
CA PRO A 1 6.86 -11.20 13.23
C PRO A 1 6.17 -11.35 11.88
N ASN A 2 6.94 -11.76 10.88
CA ASN A 2 6.41 -11.95 9.54
C ASN A 2 6.95 -13.25 8.97
N ARG A 3 6.04 -14.19 8.75
CA ARG A 3 6.42 -15.48 8.20
C ARG A 3 5.24 -16.09 7.44
N SER A 4 5.49 -16.39 6.17
CA SER A 4 4.46 -16.97 5.32
C SER A 4 3.25 -16.04 5.24
N ILE A 5 2.22 -16.51 4.55
CA ILE A 5 1.01 -15.73 4.39
C ILE A 5 0.06 -16.45 3.42
N SER A 6 -1.21 -16.41 3.75
CA SER A 6 -2.22 -17.06 2.93
C SER A 6 -2.34 -16.33 1.58
N PRO A 7 -2.68 -17.13 0.53
CA PRO A 7 -2.83 -16.57 -0.80
C PRO A 7 -4.14 -15.79 -0.93
N SER A 8 -4.78 -15.58 0.21
CA SER A 8 -6.03 -14.85 0.25
C SER A 8 -5.79 -13.41 0.72
N ALA A 9 -4.58 -13.18 1.20
CA ALA A 9 -4.21 -11.87 1.70
C ALA A 9 -3.80 -10.98 0.51
N LEU A 10 -2.73 -11.40 -0.15
CA LEU A 10 -2.24 -10.66 -1.30
C LEU A 10 -3.41 -10.24 -2.19
N GLN A 11 -4.43 -11.09 -2.19
CA GLN A 11 -5.61 -10.82 -3.00
C GLN A 11 -6.46 -9.74 -2.34
N ASP A 12 -6.57 -9.82 -1.02
CA ASP A 12 -7.35 -8.85 -0.27
C ASP A 12 -6.61 -7.51 -0.26
N LEU A 13 -5.29 -7.59 -0.31
CA LEU A 13 -4.46 -6.41 -0.31
C LEU A 13 -4.67 -5.65 -1.62
N LEU A 14 -4.20 -6.25 -2.70
CA LEU A 14 -4.31 -5.66 -4.02
C LEU A 14 -5.77 -5.23 -4.25
N ARG A 15 -6.68 -6.01 -3.68
CA ARG A 15 -8.10 -5.73 -3.82
C ARG A 15 -8.49 -4.55 -2.91
N THR A 16 -7.75 -4.41 -1.82
CA THR A 16 -8.01 -3.34 -0.88
C THR A 16 -7.68 -1.98 -1.50
N LEU A 17 -6.58 -1.96 -2.24
CA LEU A 17 -6.13 -0.75 -2.89
C LEU A 17 -7.18 -0.31 -3.92
N LYS A 18 -7.86 -1.30 -4.48
CA LYS A 18 -8.89 -1.05 -5.47
C LYS A 18 -9.87 0.01 -4.92
N SER A 19 -10.07 -0.05 -3.62
CA SER A 19 -10.98 0.87 -2.96
C SER A 19 -10.61 2.31 -3.34
N PRO A 20 -11.33 3.28 -2.71
CA PRO A 20 -11.08 4.68 -2.97
C PRO A 20 -9.79 5.15 -2.30
N SER A 21 -9.53 4.60 -1.13
CA SER A 21 -8.34 4.94 -0.38
C SER A 21 -8.63 6.13 0.53
N SER A 22 -9.16 5.82 1.71
CA SER A 22 -9.48 6.87 2.68
C SER A 22 -10.50 6.33 3.69
N PRO A 23 -11.70 5.98 3.16
CA PRO A 23 -12.77 5.46 4.01
C PRO A 23 -12.48 4.01 4.43
N GLN A 24 -13.06 3.09 3.66
CA GLN A 24 -12.87 1.68 3.94
C GLN A 24 -11.39 1.31 3.87
N GLN A 25 -10.77 1.68 2.75
CA GLN A 25 -9.37 1.40 2.54
C GLN A 25 -8.62 1.38 3.89
N GLN A 26 -8.66 2.52 4.55
CA GLN A 26 -8.00 2.66 5.85
C GLN A 26 -8.22 1.40 6.70
N GLN A 27 -9.48 1.00 6.77
CA GLN A 27 -9.85 -0.18 7.54
C GLN A 27 -9.40 -1.45 6.81
N GLN A 28 -9.34 -1.34 5.49
CA GLN A 28 -8.93 -2.46 4.67
C GLN A 28 -7.44 -2.76 4.87
N VAL A 29 -6.64 -1.73 4.69
CA VAL A 29 -5.21 -1.87 4.85
C VAL A 29 -4.90 -2.40 6.26
N LEU A 30 -5.45 -1.69 7.24
CA LEU A 30 -5.25 -2.08 8.63
C LEU A 30 -5.76 -3.51 8.84
N ASN A 31 -6.87 -3.81 8.19
CA ASN A 31 -7.47 -5.13 8.30
C ASN A 31 -6.44 -6.18 7.88
N ILE A 32 -6.14 -6.20 6.60
CA ILE A 32 -5.18 -7.15 6.06
C ILE A 32 -3.86 -7.04 6.85
N LEU A 33 -3.28 -5.85 6.80
CA LEU A 33 -2.03 -5.61 7.50
C LEU A 33 -2.07 -6.32 8.85
N LYS A 34 -3.26 -6.45 9.39
CA LYS A 34 -3.45 -7.10 10.68
C LYS A 34 -3.58 -8.62 10.45
N SER A 35 -4.52 -8.98 9.58
CA SER A 35 -4.75 -10.38 9.29
C SER A 35 -3.66 -10.90 8.35
N ASN A 36 -2.75 -10.01 8.00
CA ASN A 36 -1.65 -10.37 7.11
C ASN A 36 -0.38 -9.65 7.56
N PRO A 37 0.48 -10.40 8.31
CA PRO A 37 1.73 -9.84 8.80
C PRO A 37 2.75 -9.72 7.68
N GLN A 38 2.63 -10.61 6.71
CA GLN A 38 3.55 -10.63 5.58
C GLN A 38 3.17 -9.52 4.59
N LEU A 39 1.88 -9.43 4.31
CA LEU A 39 1.38 -8.42 3.39
C LEU A 39 1.71 -7.02 3.93
N MET A 40 1.36 -6.82 5.19
CA MET A 40 1.61 -5.54 5.84
C MET A 40 3.06 -5.10 5.61
N ALA A 41 3.97 -6.05 5.73
CA ALA A 41 5.38 -5.77 5.54
C ALA A 41 5.61 -5.26 4.12
N ALA A 42 5.01 -5.96 3.17
CA ALA A 42 5.15 -5.59 1.77
C ALA A 42 4.44 -4.26 1.52
N PHE A 43 3.18 -4.22 1.95
CA PHE A 43 2.38 -3.01 1.79
C PHE A 43 3.04 -1.81 2.49
N ILE A 44 3.28 -1.99 3.78
CA ILE A 44 3.91 -0.93 4.57
C ILE A 44 5.15 -0.42 3.84
N LYS A 45 5.85 -1.36 3.22
CA LYS A 45 7.06 -1.01 2.48
C LYS A 45 6.69 -0.15 1.27
N GLN A 46 5.59 -0.53 0.62
CA GLN A 46 5.12 0.20 -0.54
C GLN A 46 4.47 1.51 -0.12
N ARG A 47 4.01 1.54 1.12
CA ARG A 47 3.37 2.72 1.66
C ARG A 47 4.42 3.72 2.16
N THR A 48 5.51 3.17 2.68
CA THR A 48 6.58 3.99 3.19
C THR A 48 7.57 4.33 2.08
N ALA A 49 7.45 3.61 0.97
CA ALA A 49 8.33 3.83 -0.16
C ALA A 49 8.10 5.24 -0.70
N LYS A 50 7.06 5.87 -0.19
CA LYS A 50 6.73 7.23 -0.61
C LYS A 50 7.48 8.23 0.25
N TYR A 51 7.82 7.79 1.46
CA TYR A 51 8.54 8.64 2.40
C TYR A 51 9.99 8.16 2.56
N VAL A 52 10.12 6.87 2.86
CA VAL A 52 11.44 6.30 3.04
C VAL A 52 12.40 6.84 1.99
N ALA A 53 11.84 7.12 0.82
CA ALA A 53 12.63 7.66 -0.28
C ALA A 53 12.96 9.12 0.00
N ASN A 54 11.92 9.88 0.34
CA ASN A 54 12.08 11.30 0.63
C ASN A 54 12.96 11.46 1.86
N GLN A 55 12.65 10.67 2.87
CA GLN A 55 13.41 10.71 4.12
C GLN A 55 14.22 9.43 4.30
N PRO A 56 15.52 9.51 3.91
CA PRO A 56 16.41 8.37 4.02
C PRO A 56 16.82 8.13 5.48
N GLY A 57 15.94 7.44 6.20
CA GLY A 57 16.19 7.14 7.60
C GLY A 57 14.89 6.75 8.32
N MET A 58 14.44 5.54 8.05
CA MET A 58 13.22 5.05 8.66
C MET A 58 13.39 4.90 10.18
N PRO B 1 2.70 -2.84 -14.87
CA PRO B 1 1.95 -4.02 -15.26
C PRO B 1 1.70 -4.93 -14.06
N THR B 2 1.25 -6.15 -14.37
CA THR B 2 0.97 -7.12 -13.33
C THR B 2 2.20 -7.99 -13.07
N THR B 3 2.90 -8.33 -14.15
CA THR B 3 4.09 -9.15 -14.06
C THR B 3 3.84 -10.34 -13.13
N VAL B 4 4.92 -11.02 -12.80
CA VAL B 4 4.83 -12.18 -11.93
C VAL B 4 3.69 -13.08 -12.39
N GLU B 5 3.36 -12.96 -13.66
CA GLU B 5 2.29 -13.75 -14.25
C GLU B 5 2.85 -15.05 -14.84
N GLY B 6 4.16 -15.05 -15.05
CA GLY B 6 4.83 -16.21 -15.61
C GLY B 6 5.66 -16.93 -14.55
N ARG B 7 5.78 -16.28 -13.39
CA ARG B 7 6.53 -16.85 -12.29
C ARG B 7 5.60 -17.33 -11.18
N ASN B 8 4.82 -16.40 -10.66
CA ASN B 8 3.88 -16.71 -9.60
C ASN B 8 4.64 -17.24 -8.38
N ASP B 9 4.20 -16.82 -7.21
CA ASP B 9 4.84 -17.24 -5.97
C ASP B 9 4.66 -16.15 -4.92
N GLU B 10 4.85 -16.55 -3.67
CA GLU B 10 4.71 -15.62 -2.56
C GLU B 10 5.32 -14.26 -2.93
N LYS B 11 6.58 -14.31 -3.33
CA LYS B 11 7.30 -13.10 -3.71
C LYS B 11 6.59 -12.45 -4.90
N ALA B 12 6.02 -13.31 -5.74
CA ALA B 12 5.31 -12.83 -6.92
C ALA B 12 3.99 -12.19 -6.50
N LEU B 13 3.44 -12.70 -5.40
CA LEU B 13 2.19 -12.19 -4.88
C LEU B 13 2.38 -10.75 -4.42
N LEU B 14 3.26 -10.58 -3.44
CA LEU B 14 3.54 -9.26 -2.90
C LEU B 14 4.10 -8.37 -4.02
N GLU B 15 4.81 -9.01 -4.94
CA GLU B 15 5.39 -8.28 -6.06
C GLU B 15 4.29 -7.72 -6.97
N GLN B 16 3.21 -8.49 -7.07
CA GLN B 16 2.09 -8.07 -7.89
C GLN B 16 1.43 -6.83 -7.31
N LEU B 17 1.18 -6.88 -6.00
CA LEU B 17 0.55 -5.77 -5.32
C LEU B 17 1.55 -4.62 -5.20
N VAL B 18 2.82 -4.99 -5.06
CA VAL B 18 3.88 -4.00 -4.93
C VAL B 18 3.97 -3.20 -6.23
N SER B 19 4.13 -3.93 -7.33
CA SER B 19 4.24 -3.30 -8.63
C SER B 19 3.00 -2.46 -8.91
N PHE B 20 1.86 -2.99 -8.49
CA PHE B 20 0.59 -2.30 -8.69
C PHE B 20 0.49 -1.07 -7.79
N LEU B 21 1.12 -1.17 -6.62
CA LEU B 21 1.11 -0.08 -5.67
C LEU B 21 1.97 1.07 -6.20
N SER B 22 3.13 0.70 -6.72
CA SER B 22 4.04 1.69 -7.27
C SER B 22 3.32 2.58 -8.28
N GLY B 23 2.63 1.92 -9.20
CA GLY B 23 1.89 2.64 -10.23
C GLY B 23 0.43 2.84 -9.83
N LYS B 24 0.25 3.37 -8.62
CA LYS B 24 -1.09 3.62 -8.11
C LYS B 24 -1.97 4.15 -9.23
N ASP B 25 -3.01 3.39 -9.54
CA ASP B 25 -3.94 3.77 -10.59
C ASP B 25 -4.71 5.02 -10.14
N GLU B 26 -5.04 5.05 -8.85
CA GLU B 26 -5.77 6.18 -8.30
C GLU B 26 -5.07 7.49 -8.65
N THR B 27 -3.75 7.41 -8.76
CA THR B 27 -2.95 8.58 -9.09
C THR B 27 -3.53 9.29 -10.31
N GLU B 28 -3.97 8.48 -11.26
CA GLU B 28 -4.54 9.01 -12.49
C GLU B 28 -5.72 9.93 -12.18
N LEU B 29 -6.58 9.45 -11.30
CA LEU B 29 -7.75 10.23 -10.92
C LEU B 29 -7.32 11.36 -9.98
N ALA B 30 -6.46 11.01 -9.04
CA ALA B 30 -5.97 11.99 -8.08
C ALA B 30 -4.85 12.81 -8.73
N GLU B 31 -5.14 13.33 -9.91
CA GLU B 31 -4.16 14.12 -10.63
C GLU B 31 -3.53 15.17 -9.72
N LEU B 32 -4.26 15.50 -8.66
CA LEU B 32 -3.79 16.48 -7.71
C LEU B 32 -2.81 15.81 -6.73
N ASP B 33 -3.23 14.65 -6.22
CA ASP B 33 -2.40 13.90 -5.29
C ASP B 33 -1.20 13.33 -6.04
N ARG B 34 -1.31 13.33 -7.36
CA ARG B 34 -0.24 12.82 -8.20
C ARG B 34 1.12 13.09 -7.56
N ALA B 35 1.22 14.25 -6.92
CA ALA B 35 2.45 14.65 -6.27
C ALA B 35 3.08 13.43 -5.58
N LEU B 36 2.34 12.89 -4.63
CA LEU B 36 2.81 11.73 -3.89
C LEU B 36 2.16 10.46 -4.47
N GLY B 37 1.10 10.69 -5.23
CA GLY B 37 0.38 9.58 -5.84
C GLY B 37 -0.36 8.75 -4.78
N ILE B 38 0.39 8.34 -3.78
CA ILE B 38 -0.18 7.56 -2.69
C ILE B 38 -0.53 8.47 -1.52
N ASP B 39 -0.67 9.75 -1.82
CA ASP B 39 -0.99 10.74 -0.80
C ASP B 39 -2.23 10.27 -0.03
N LYS B 40 -2.96 9.36 -0.66
CA LYS B 40 -4.17 8.83 -0.03
C LYS B 40 -3.78 7.81 1.04
N LEU B 41 -2.63 7.20 0.83
CA LEU B 41 -2.13 6.21 1.77
C LEU B 41 -1.53 6.92 2.99
N VAL B 42 -0.73 7.92 2.70
CA VAL B 42 -0.09 8.69 3.75
C VAL B 42 -1.12 9.58 4.44
N GLN B 43 -2.33 9.56 3.89
CA GLN B 43 -3.41 10.37 4.44
C GLN B 43 -3.39 10.31 5.96
N GLY B 44 -3.24 9.10 6.49
CA GLY B 44 -3.21 8.90 7.92
C GLY B 44 -3.80 7.54 8.30
N GLY B 45 -5.06 7.58 8.72
CA GLY B 45 -5.75 6.37 9.11
C GLY B 45 -5.48 6.02 10.57
N GLY B 46 -4.88 6.98 11.27
CA GLY B 46 -4.54 6.79 12.67
C GLY B 46 -3.45 7.76 13.12
N LEU B 47 -2.25 7.51 12.61
CA LEU B 47 -1.11 8.35 12.93
C LEU B 47 0.18 7.64 12.53
N ASP B 48 0.46 7.68 11.23
CA ASP B 48 1.66 7.04 10.70
C ASP B 48 2.05 7.73 9.39
N VAL B 49 2.18 9.04 9.45
CA VAL B 49 2.55 9.81 8.27
C VAL B 49 3.67 10.78 8.64
N LEU B 50 4.26 11.38 7.62
CA LEU B 50 5.35 12.32 7.81
C LEU B 50 4.84 13.73 7.53
N SER B 51 3.75 14.08 8.18
CA SER B 51 3.16 15.40 8.01
C SER B 51 3.29 15.85 6.55
N LYS B 52 4.30 16.67 6.30
CA LYS B 52 4.54 17.18 4.97
C LYS B 52 3.21 17.55 4.32
N LEU B 53 3.24 17.68 3.00
CA LEU B 53 2.05 18.03 2.25
C LEU B 53 0.85 17.27 2.81
N VAL B 54 0.12 17.95 3.69
CA VAL B 54 -1.05 17.35 4.30
C VAL B 54 -1.74 16.43 3.30
N PRO B 55 -1.41 15.12 3.40
CA PRO B 55 -1.99 14.12 2.52
C PRO B 55 -3.44 13.82 2.90
N ARG B 56 -3.92 14.56 3.89
CA ARG B 56 -5.29 14.39 4.35
C ARG B 56 -6.04 15.71 4.27
N GLY B 57 -5.36 16.78 4.66
CA GLY B 57 -5.96 18.10 4.65
C GLY B 57 -5.57 18.90 5.89
N SER B 58 -5.58 18.22 7.03
CA SER B 58 -5.22 18.85 8.28
C SER B 58 -4.82 17.78 9.31
N LEU B 59 -3.55 17.44 9.30
CA LEU B 59 -3.02 16.45 10.22
C LEU B 59 -2.26 17.14 11.34
N PRO A 1 2.49 -22.15 12.75
CA PRO A 1 3.76 -21.58 13.17
C PRO A 1 4.14 -20.37 12.32
N ASN A 2 3.34 -19.32 12.46
CA ASN A 2 3.58 -18.10 11.72
C ASN A 2 3.01 -18.25 10.31
N ARG A 3 3.49 -19.28 9.63
CA ARG A 3 3.05 -19.55 8.26
C ARG A 3 3.41 -18.38 7.35
N SER A 4 3.85 -18.72 6.15
CA SER A 4 4.23 -17.71 5.17
C SER A 4 3.18 -16.59 5.14
N ILE A 5 2.16 -16.82 4.32
CA ILE A 5 1.09 -15.84 4.20
C ILE A 5 -0.02 -16.43 3.32
N SER A 6 -1.25 -16.02 3.62
CA SER A 6 -2.41 -16.49 2.88
C SER A 6 -2.40 -15.90 1.47
N PRO A 7 -2.79 -16.75 0.49
CA PRO A 7 -2.83 -16.32 -0.90
C PRO A 7 -4.04 -15.41 -1.16
N SER A 8 -5.00 -15.49 -0.25
CA SER A 8 -6.21 -14.69 -0.37
C SER A 8 -5.95 -13.29 0.19
N ALA A 9 -5.22 -13.25 1.30
CA ALA A 9 -4.90 -11.98 1.93
C ALA A 9 -4.33 -11.02 0.89
N LEU A 10 -3.21 -11.43 0.31
CA LEU A 10 -2.56 -10.61 -0.70
C LEU A 10 -3.60 -10.03 -1.65
N GLN A 11 -4.43 -10.92 -2.19
CA GLN A 11 -5.49 -10.50 -3.09
C GLN A 11 -6.37 -9.44 -2.44
N ASP A 12 -6.73 -9.70 -1.19
CA ASP A 12 -7.57 -8.78 -0.44
C ASP A 12 -6.87 -7.43 -0.34
N LEU A 13 -5.55 -7.48 -0.28
CA LEU A 13 -4.75 -6.27 -0.18
C LEU A 13 -4.84 -5.49 -1.50
N LEU A 14 -4.42 -6.16 -2.56
CA LEU A 14 -4.44 -5.54 -3.89
C LEU A 14 -5.86 -5.03 -4.17
N ARG A 15 -6.84 -5.81 -3.75
CA ARG A 15 -8.23 -5.46 -3.96
C ARG A 15 -8.64 -4.35 -2.98
N THR A 16 -7.93 -4.29 -1.86
CA THR A 16 -8.20 -3.29 -0.85
C THR A 16 -7.76 -1.91 -1.34
N LEU A 17 -6.72 -1.90 -2.14
CA LEU A 17 -6.18 -0.66 -2.68
C LEU A 17 -7.09 -0.15 -3.79
N LYS A 18 -7.84 -1.08 -4.37
CA LYS A 18 -8.75 -0.75 -5.45
C LYS A 18 -9.80 0.23 -4.93
N SER A 19 -9.97 0.23 -3.61
CA SER A 19 -10.93 1.12 -2.98
C SER A 19 -10.61 2.58 -3.30
N PRO A 20 -11.39 3.50 -2.67
CA PRO A 20 -11.19 4.92 -2.91
C PRO A 20 -9.94 5.42 -2.17
N SER A 21 -9.70 4.82 -1.01
CA SER A 21 -8.55 5.20 -0.20
C SER A 21 -8.92 6.38 0.70
N SER A 22 -9.49 6.04 1.86
CA SER A 22 -9.89 7.05 2.81
C SER A 22 -10.90 6.46 3.80
N PRO A 23 -12.06 6.05 3.25
CA PRO A 23 -13.12 5.46 4.06
C PRO A 23 -12.76 4.04 4.49
N GLN A 24 -13.36 3.08 3.79
CA GLN A 24 -13.12 1.68 4.09
C GLN A 24 -11.64 1.35 3.89
N GLN A 25 -11.13 1.70 2.73
CA GLN A 25 -9.74 1.46 2.40
C GLN A 25 -8.89 1.49 3.67
N GLN A 26 -8.90 2.65 4.32
CA GLN A 26 -8.13 2.83 5.54
C GLN A 26 -8.29 1.61 6.45
N GLN A 27 -9.54 1.24 6.67
CA GLN A 27 -9.84 0.09 7.52
C GLN A 27 -9.45 -1.21 6.81
N GLN A 28 -9.42 -1.14 5.48
CA GLN A 28 -9.07 -2.30 4.68
C GLN A 28 -7.58 -2.63 4.85
N VAL A 29 -6.76 -1.61 4.67
CA VAL A 29 -5.32 -1.78 4.81
C VAL A 29 -4.99 -2.26 6.22
N LEU A 30 -5.52 -1.54 7.19
CA LEU A 30 -5.29 -1.88 8.59
C LEU A 30 -5.92 -3.24 8.89
N ASN A 31 -7.03 -3.50 8.21
CA ASN A 31 -7.74 -4.76 8.39
C ASN A 31 -6.80 -5.92 8.06
N ILE A 32 -6.31 -5.91 6.83
CA ILE A 32 -5.41 -6.96 6.37
C ILE A 32 -4.08 -6.83 7.12
N LEU A 33 -3.44 -5.69 6.94
CA LEU A 33 -2.17 -5.44 7.58
C LEU A 33 -2.18 -6.08 8.97
N LYS A 34 -3.34 -6.07 9.59
CA LYS A 34 -3.49 -6.64 10.92
C LYS A 34 -3.25 -8.15 10.85
N SER A 35 -3.97 -8.80 9.94
CA SER A 35 -3.85 -10.23 9.76
C SER A 35 -2.99 -10.53 8.54
N ASN A 36 -2.14 -9.56 8.19
CA ASN A 36 -1.26 -9.71 7.05
C ASN A 36 0.17 -9.38 7.47
N PRO A 37 0.89 -10.44 7.92
CA PRO A 37 2.27 -10.28 8.35
C PRO A 37 3.21 -10.11 7.16
N GLN A 38 3.20 -11.10 6.29
CA GLN A 38 4.03 -11.06 5.11
C GLN A 38 3.51 -10.02 4.11
N LEU A 39 2.25 -9.66 4.29
CA LEU A 39 1.62 -8.69 3.42
C LEU A 39 1.93 -7.28 3.94
N MET A 40 1.59 -7.07 5.20
CA MET A 40 1.82 -5.77 5.83
C MET A 40 3.26 -5.30 5.59
N ALA A 41 4.19 -6.20 5.85
CA ALA A 41 5.60 -5.89 5.67
C ALA A 41 5.82 -5.37 4.25
N ALA A 42 5.17 -6.01 3.31
CA ALA A 42 5.28 -5.62 1.91
C ALA A 42 4.62 -4.26 1.71
N PHE A 43 3.33 -4.21 1.99
CA PHE A 43 2.58 -2.98 1.85
C PHE A 43 3.23 -1.84 2.65
N ILE A 44 3.40 -2.08 3.94
CA ILE A 44 4.01 -1.09 4.81
C ILE A 44 5.27 -0.52 4.14
N LYS A 45 6.04 -1.43 3.55
CA LYS A 45 7.27 -1.04 2.88
C LYS A 45 6.92 -0.18 1.66
N GLN A 46 5.78 -0.49 1.06
CA GLN A 46 5.33 0.25 -0.11
C GLN A 46 4.92 1.67 0.28
N ARG A 47 4.29 1.77 1.43
CA ARG A 47 3.85 3.07 1.94
C ARG A 47 5.05 3.89 2.40
N THR A 48 5.93 3.23 3.16
CA THR A 48 7.11 3.90 3.67
C THR A 48 8.07 4.25 2.52
N ALA A 49 7.97 3.47 1.46
CA ALA A 49 8.81 3.68 0.29
C ALA A 49 8.52 5.07 -0.29
N LYS A 50 7.45 5.67 0.20
CA LYS A 50 7.05 6.99 -0.26
C LYS A 50 7.73 8.05 0.61
N TYR A 51 8.03 7.67 1.83
CA TYR A 51 8.68 8.56 2.77
C TYR A 51 10.15 8.21 2.95
N VAL A 52 10.38 6.94 3.26
CA VAL A 52 11.74 6.45 3.48
C VAL A 52 12.66 7.08 2.42
N ALA A 53 12.13 7.23 1.22
CA ALA A 53 12.89 7.81 0.14
C ALA A 53 13.29 9.24 0.50
N ASN A 54 12.27 10.07 0.68
CA ASN A 54 12.50 11.47 1.02
C ASN A 54 13.21 11.54 2.37
N GLN A 55 12.63 10.86 3.35
CA GLN A 55 13.19 10.83 4.68
C GLN A 55 13.79 9.46 4.99
N PRO A 56 15.15 9.38 4.86
CA PRO A 56 15.86 8.14 5.12
C PRO A 56 15.95 7.86 6.62
N GLY A 57 15.00 7.08 7.09
CA GLY A 57 14.96 6.74 8.50
C GLY A 57 14.42 5.31 8.70
N MET A 58 13.17 5.12 8.30
CA MET A 58 12.54 3.82 8.42
C MET A 58 12.57 3.33 9.88
N PRO B 1 0.55 -3.99 -16.78
CA PRO B 1 -0.52 -4.30 -15.85
C PRO B 1 0.04 -4.92 -14.57
N THR B 2 0.65 -6.08 -14.73
CA THR B 2 1.23 -6.79 -13.60
C THR B 2 2.63 -7.31 -13.96
N THR B 3 3.14 -8.18 -13.11
CA THR B 3 4.45 -8.76 -13.31
C THR B 3 4.51 -10.17 -12.73
N VAL B 4 5.72 -10.73 -12.74
CA VAL B 4 5.93 -12.07 -12.22
C VAL B 4 4.78 -12.97 -12.68
N GLU B 5 4.22 -12.63 -13.83
CA GLU B 5 3.13 -13.40 -14.40
C GLU B 5 3.61 -14.78 -14.83
N GLY B 6 4.74 -14.79 -15.51
CA GLY B 6 5.33 -16.03 -15.98
C GLY B 6 6.13 -16.72 -14.88
N ARG B 7 5.99 -16.20 -13.68
CA ARG B 7 6.69 -16.74 -12.52
C ARG B 7 5.68 -17.21 -11.46
N ASN B 8 4.99 -16.23 -10.90
CA ASN B 8 4.01 -16.51 -9.86
C ASN B 8 4.70 -17.17 -8.67
N ASP B 9 4.21 -16.84 -7.49
CA ASP B 9 4.77 -17.39 -6.27
C ASP B 9 4.57 -16.39 -5.12
N GLU B 10 4.74 -16.89 -3.90
CA GLU B 10 4.59 -16.06 -2.73
C GLU B 10 5.16 -14.65 -2.98
N LYS B 11 6.43 -14.63 -3.36
CA LYS B 11 7.10 -13.38 -3.63
C LYS B 11 6.45 -12.71 -4.84
N ALA B 12 5.95 -13.55 -5.75
CA ALA B 12 5.30 -13.05 -6.95
C ALA B 12 3.96 -12.39 -6.57
N LEU B 13 3.35 -12.95 -5.53
CA LEU B 13 2.08 -12.42 -5.05
C LEU B 13 2.28 -11.00 -4.52
N LEU B 14 3.11 -10.91 -3.49
CA LEU B 14 3.39 -9.61 -2.88
C LEU B 14 3.99 -8.68 -3.93
N GLU B 15 4.72 -9.29 -4.87
CA GLU B 15 5.36 -8.52 -5.92
C GLU B 15 4.31 -7.94 -6.86
N GLN B 16 3.22 -8.69 -7.02
CA GLN B 16 2.14 -8.26 -7.89
C GLN B 16 1.45 -7.02 -7.31
N LEU B 17 1.21 -7.06 -6.00
CA LEU B 17 0.56 -5.95 -5.32
C LEU B 17 1.58 -4.83 -5.12
N VAL B 18 2.80 -5.23 -4.79
CA VAL B 18 3.87 -4.26 -4.56
C VAL B 18 4.08 -3.44 -5.83
N SER B 19 4.27 -4.15 -6.94
CA SER B 19 4.48 -3.50 -8.22
C SER B 19 3.26 -2.65 -8.58
N PHE B 20 2.09 -3.26 -8.46
CA PHE B 20 0.85 -2.57 -8.78
C PHE B 20 0.69 -1.31 -7.93
N LEU B 21 1.27 -1.37 -6.73
CA LEU B 21 1.20 -0.24 -5.82
C LEU B 21 2.08 0.90 -6.35
N SER B 22 3.28 0.53 -6.76
CA SER B 22 4.22 1.50 -7.29
C SER B 22 3.57 2.30 -8.41
N GLY B 23 3.01 1.58 -9.37
CA GLY B 23 2.36 2.20 -10.51
C GLY B 23 0.89 2.50 -10.19
N LYS B 24 0.68 3.14 -9.05
CA LYS B 24 -0.67 3.49 -8.63
C LYS B 24 -1.43 4.08 -9.81
N ASP B 25 -2.62 3.54 -10.04
CA ASP B 25 -3.46 4.00 -11.13
C ASP B 25 -4.35 5.14 -10.63
N GLU B 26 -4.59 5.13 -9.33
CA GLU B 26 -5.43 6.15 -8.72
C GLU B 26 -4.89 7.54 -9.04
N THR B 27 -3.61 7.60 -9.32
CA THR B 27 -2.96 8.86 -9.65
C THR B 27 -3.74 9.58 -10.76
N GLU B 28 -4.18 8.79 -11.73
CA GLU B 28 -4.93 9.33 -12.85
C GLU B 28 -6.14 10.12 -12.34
N LEU B 29 -7.05 9.41 -11.71
CA LEU B 29 -8.25 10.03 -11.17
C LEU B 29 -7.86 11.05 -10.10
N ALA B 30 -6.96 10.64 -9.23
CA ALA B 30 -6.49 11.51 -8.16
C ALA B 30 -5.43 12.46 -8.73
N GLU B 31 -5.78 13.11 -9.82
CA GLU B 31 -4.88 14.05 -10.47
C GLU B 31 -4.43 15.11 -9.46
N LEU B 32 -5.23 15.28 -8.42
CA LEU B 32 -4.92 16.26 -7.39
C LEU B 32 -3.93 15.65 -6.39
N ASP B 33 -4.13 14.37 -6.13
CA ASP B 33 -3.27 13.66 -5.20
C ASP B 33 -1.93 13.36 -5.88
N ARG B 34 -1.94 13.46 -7.20
CA ARG B 34 -0.74 13.20 -7.99
C ARG B 34 0.49 13.74 -7.26
N ALA B 35 0.27 14.80 -6.50
CA ALA B 35 1.35 15.43 -5.75
C ALA B 35 2.29 14.35 -5.22
N LEU B 36 1.71 13.39 -4.52
CA LEU B 36 2.48 12.30 -3.96
C LEU B 36 2.15 11.00 -4.71
N GLY B 37 1.12 11.08 -5.53
CA GLY B 37 0.69 9.93 -6.31
C GLY B 37 -0.10 8.95 -5.45
N ILE B 38 0.53 8.55 -4.34
CA ILE B 38 -0.10 7.62 -3.42
C ILE B 38 -0.37 8.31 -2.09
N ASP B 39 -0.42 9.64 -2.15
CA ASP B 39 -0.67 10.43 -0.97
C ASP B 39 -1.85 9.84 -0.20
N LYS B 40 -2.87 9.45 -0.94
CA LYS B 40 -4.05 8.86 -0.34
C LYS B 40 -3.65 7.71 0.58
N LEU B 41 -2.57 7.04 0.18
CA LEU B 41 -2.07 5.91 0.96
C LEU B 41 -1.28 6.44 2.15
N VAL B 42 -0.72 7.63 1.99
CA VAL B 42 0.06 8.26 3.04
C VAL B 42 -0.89 9.01 3.98
N GLN B 43 -2.14 9.12 3.55
CA GLN B 43 -3.13 9.82 4.34
C GLN B 43 -2.92 9.56 5.83
N GLY B 44 -2.64 8.29 6.14
CA GLY B 44 -2.41 7.90 7.52
C GLY B 44 -2.12 6.39 7.61
N GLY B 45 -3.20 5.62 7.58
CA GLY B 45 -3.08 4.18 7.66
C GLY B 45 -2.67 3.74 9.07
N GLY B 46 -3.35 4.32 10.06
CA GLY B 46 -3.06 4.00 11.44
C GLY B 46 -2.41 5.20 12.16
N LEU B 47 -2.80 6.39 11.72
CA LEU B 47 -2.27 7.60 12.31
C LEU B 47 -0.74 7.59 12.22
N ASP B 48 -0.24 7.90 11.03
CA ASP B 48 1.18 7.91 10.80
C ASP B 48 1.47 8.36 9.36
N VAL B 49 2.05 9.54 9.24
CA VAL B 49 2.37 10.08 7.93
C VAL B 49 3.74 10.76 7.99
N LEU B 50 3.82 11.93 7.38
CA LEU B 50 5.06 12.69 7.34
C LEU B 50 4.78 14.14 7.71
N SER B 51 3.71 14.33 8.47
CA SER B 51 3.32 15.66 8.88
C SER B 51 3.61 16.68 7.77
N LYS B 52 3.33 16.24 6.55
CA LYS B 52 3.56 17.10 5.39
C LYS B 52 2.49 16.82 4.34
N LEU B 53 2.08 17.87 3.66
CA LEU B 53 1.06 17.75 2.62
C LEU B 53 -0.02 16.78 3.09
N VAL B 54 -0.95 17.31 3.86
CA VAL B 54 -2.04 16.50 4.38
C VAL B 54 -2.47 15.48 3.31
N PRO B 55 -1.94 14.24 3.46
CA PRO B 55 -2.26 13.18 2.51
C PRO B 55 -3.69 12.65 2.76
N ARG B 56 -4.26 13.06 3.87
CA ARG B 56 -5.59 12.63 4.23
C ARG B 56 -6.57 13.81 4.15
N GLY B 57 -6.04 15.00 4.42
CA GLY B 57 -6.85 16.21 4.38
C GLY B 57 -6.38 17.22 5.42
N SER B 58 -6.63 16.88 6.68
CA SER B 58 -6.24 17.75 7.79
C SER B 58 -5.27 17.01 8.71
N LEU B 59 -5.79 15.96 9.34
CA LEU B 59 -4.99 15.16 10.25
C LEU B 59 -4.71 15.98 11.52
N PRO A 1 -1.41 -15.80 13.77
CA PRO A 1 0.01 -15.69 13.46
C PRO A 1 0.31 -16.30 12.10
N ASN A 2 -0.10 -17.55 11.94
CA ASN A 2 0.13 -18.25 10.69
C ASN A 2 1.63 -18.46 10.49
N ARG A 3 1.96 -19.35 9.57
CA ARG A 3 3.35 -19.64 9.27
C ARG A 3 3.90 -18.63 8.26
N SER A 4 3.40 -18.73 7.04
CA SER A 4 3.83 -17.84 5.98
C SER A 4 2.81 -16.71 5.80
N ILE A 5 1.67 -17.08 5.26
CA ILE A 5 0.61 -16.11 5.03
C ILE A 5 -0.51 -16.76 4.20
N SER A 6 -1.62 -16.04 4.09
CA SER A 6 -2.75 -16.54 3.34
C SER A 6 -2.68 -16.04 1.89
N PRO A 7 -2.97 -16.98 0.94
CA PRO A 7 -2.94 -16.65 -0.47
C PRO A 7 -4.16 -15.83 -0.87
N SER A 8 -5.08 -15.71 0.07
CA SER A 8 -6.30 -14.95 -0.16
C SER A 8 -6.10 -13.48 0.22
N ALA A 9 -5.31 -13.29 1.27
CA ALA A 9 -5.02 -11.95 1.74
C ALA A 9 -4.49 -11.10 0.59
N LEU A 10 -3.40 -11.59 0.00
CA LEU A 10 -2.78 -10.89 -1.12
C LEU A 10 -3.87 -10.32 -2.02
N GLN A 11 -4.82 -11.17 -2.37
CA GLN A 11 -5.93 -10.76 -3.22
C GLN A 11 -6.65 -9.56 -2.62
N ASP A 12 -6.91 -9.65 -1.32
CA ASP A 12 -7.59 -8.57 -0.62
C ASP A 12 -6.69 -7.34 -0.58
N LEU A 13 -5.38 -7.61 -0.59
CA LEU A 13 -4.40 -6.53 -0.56
C LEU A 13 -4.58 -5.66 -1.81
N LEU A 14 -4.16 -6.20 -2.94
CA LEU A 14 -4.26 -5.48 -4.19
C LEU A 14 -5.70 -4.99 -4.39
N ARG A 15 -6.63 -5.79 -3.89
CA ARG A 15 -8.04 -5.45 -3.99
C ARG A 15 -8.38 -4.29 -3.06
N THR A 16 -7.57 -4.14 -2.03
CA THR A 16 -7.77 -3.08 -1.05
C THR A 16 -7.26 -1.75 -1.61
N LEU A 17 -6.11 -1.83 -2.25
CA LEU A 17 -5.50 -0.64 -2.83
C LEU A 17 -6.41 -0.07 -3.90
N LYS A 18 -7.33 -0.91 -4.36
CA LYS A 18 -8.28 -0.50 -5.38
C LYS A 18 -9.20 0.59 -4.82
N SER A 19 -9.48 0.46 -3.53
CA SER A 19 -10.34 1.43 -2.86
C SER A 19 -9.87 2.85 -3.15
N PRO A 20 -10.58 3.84 -2.54
CA PRO A 20 -10.23 5.24 -2.72
C PRO A 20 -8.97 5.59 -1.94
N SER A 21 -8.84 4.97 -0.78
CA SER A 21 -7.69 5.22 0.08
C SER A 21 -7.97 6.38 1.01
N SER A 22 -8.65 6.07 2.11
CA SER A 22 -9.00 7.08 3.09
C SER A 22 -10.09 6.55 4.03
N PRO A 23 -11.26 6.24 3.42
CA PRO A 23 -12.39 5.72 4.18
C PRO A 23 -12.16 4.26 4.58
N GLN A 24 -12.85 3.37 3.88
CA GLN A 24 -12.74 1.95 4.15
C GLN A 24 -11.28 1.49 3.96
N GLN A 25 -10.73 1.89 2.82
CA GLN A 25 -9.36 1.52 2.51
C GLN A 25 -8.51 1.46 3.79
N GLN A 26 -8.46 2.58 4.47
CA GLN A 26 -7.70 2.66 5.71
C GLN A 26 -7.92 1.41 6.56
N GLN A 27 -9.19 1.06 6.72
CA GLN A 27 -9.56 -0.10 7.51
C GLN A 27 -9.23 -1.39 6.73
N GLN A 28 -9.22 -1.25 5.41
CA GLN A 28 -8.92 -2.38 4.54
C GLN A 28 -7.45 -2.75 4.65
N VAL A 29 -6.60 -1.75 4.43
CA VAL A 29 -5.17 -1.96 4.49
C VAL A 29 -4.79 -2.54 5.85
N LEU A 30 -5.29 -1.87 6.89
CA LEU A 30 -5.01 -2.31 8.25
C LEU A 30 -5.70 -3.65 8.51
N ASN A 31 -6.83 -3.83 7.83
CA ASN A 31 -7.60 -5.05 7.97
C ASN A 31 -6.74 -6.24 7.53
N ILE A 32 -6.18 -6.11 6.34
CA ILE A 32 -5.33 -7.17 5.80
C ILE A 32 -3.94 -7.09 6.45
N LEU A 33 -3.47 -5.87 6.61
CA LEU A 33 -2.17 -5.64 7.22
C LEU A 33 -2.16 -6.22 8.64
N LYS A 34 -3.34 -6.20 9.25
CA LYS A 34 -3.48 -6.71 10.60
C LYS A 34 -3.77 -8.22 10.54
N SER A 35 -4.49 -8.61 9.50
CA SER A 35 -4.84 -10.01 9.31
C SER A 35 -3.74 -10.72 8.52
N ASN A 36 -2.73 -9.96 8.15
CA ASN A 36 -1.61 -10.50 7.40
C ASN A 36 -0.38 -9.63 7.61
N PRO A 37 0.59 -10.19 8.37
CA PRO A 37 1.82 -9.47 8.66
C PRO A 37 2.74 -9.45 7.45
N GLN A 38 3.06 -10.65 6.96
CA GLN A 38 3.93 -10.78 5.80
C GLN A 38 3.49 -9.81 4.70
N LEU A 39 2.18 -9.70 4.54
CA LEU A 39 1.62 -8.82 3.53
C LEU A 39 1.95 -7.37 3.88
N MET A 40 1.65 -7.02 5.12
CA MET A 40 1.91 -5.67 5.60
C MET A 40 3.36 -5.25 5.30
N ALA A 41 4.26 -6.20 5.45
CA ALA A 41 5.67 -5.95 5.19
C ALA A 41 5.83 -5.38 3.78
N ALA A 42 5.15 -6.02 2.85
CA ALA A 42 5.21 -5.59 1.46
C ALA A 42 4.51 -4.23 1.32
N PHE A 43 3.25 -4.20 1.72
CA PHE A 43 2.46 -2.98 1.63
C PHE A 43 3.17 -1.84 2.35
N ILE A 44 3.48 -2.07 3.62
CA ILE A 44 4.15 -1.07 4.43
C ILE A 44 5.37 -0.55 3.68
N LYS A 45 6.06 -1.48 3.02
CA LYS A 45 7.24 -1.12 2.26
C LYS A 45 6.86 -0.18 1.12
N GLN A 46 5.80 -0.56 0.42
CA GLN A 46 5.32 0.25 -0.70
C GLN A 46 4.60 1.49 -0.18
N ARG A 47 4.25 1.45 1.10
CA ARG A 47 3.56 2.56 1.73
C ARG A 47 4.55 3.53 2.36
N THR A 48 5.71 2.99 2.72
CA THR A 48 6.76 3.79 3.32
C THR A 48 7.76 4.25 2.26
N ALA A 49 7.70 3.60 1.11
CA ALA A 49 8.59 3.93 0.01
C ALA A 49 8.41 5.41 -0.35
N LYS A 50 7.34 6.00 0.17
CA LYS A 50 7.06 7.40 -0.08
C LYS A 50 7.78 8.26 0.96
N TYR A 51 7.99 7.66 2.12
CA TYR A 51 8.67 8.37 3.21
C TYR A 51 10.12 7.91 3.34
N VAL A 52 10.30 6.59 3.29
CA VAL A 52 11.62 6.02 3.40
C VAL A 52 12.54 6.64 2.34
N ALA A 53 11.91 7.27 1.36
CA ALA A 53 12.65 7.91 0.29
C ALA A 53 12.59 9.43 0.47
N ASN A 54 12.37 9.83 1.72
CA ASN A 54 12.29 11.24 2.04
C ASN A 54 12.42 11.43 3.56
N GLN A 55 13.00 10.43 4.19
CA GLN A 55 13.20 10.46 5.64
C GLN A 55 14.63 10.07 5.99
N PRO A 56 15.34 11.03 6.64
CA PRO A 56 16.72 10.80 7.03
C PRO A 56 16.80 9.88 8.25
N GLY A 57 16.69 8.59 7.98
CA GLY A 57 16.75 7.59 9.04
C GLY A 57 17.88 7.90 10.01
N MET A 58 19.09 7.80 9.50
CA MET A 58 20.28 8.06 10.31
C MET A 58 20.02 9.18 11.32
N PRO B 1 2.84 -2.71 -14.51
CA PRO B 1 2.14 -3.89 -15.01
C PRO B 1 1.88 -4.88 -13.88
N THR B 2 1.31 -6.01 -14.27
CA THR B 2 1.00 -7.06 -13.30
C THR B 2 2.25 -7.85 -12.94
N THR B 3 3.11 -8.01 -13.93
CA THR B 3 4.36 -8.74 -13.73
C THR B 3 4.10 -10.03 -12.95
N VAL B 4 5.19 -10.66 -12.54
CA VAL B 4 5.09 -11.90 -11.78
C VAL B 4 4.09 -12.83 -12.46
N GLU B 5 3.91 -12.62 -13.76
CA GLU B 5 3.00 -13.43 -14.53
C GLU B 5 3.67 -14.74 -14.97
N GLY B 6 4.95 -14.61 -15.32
CA GLY B 6 5.72 -15.76 -15.75
C GLY B 6 6.47 -16.40 -14.59
N ARG B 7 6.23 -15.86 -13.40
CA ARG B 7 6.87 -16.35 -12.19
C ARG B 7 5.83 -16.91 -11.22
N ASN B 8 5.03 -16.00 -10.67
CA ASN B 8 4.00 -16.38 -9.74
C ASN B 8 4.65 -17.03 -8.51
N ASP B 9 4.22 -16.57 -7.35
CA ASP B 9 4.75 -17.10 -6.09
C ASP B 9 4.55 -16.05 -4.98
N GLU B 10 4.67 -16.52 -3.75
CA GLU B 10 4.51 -15.65 -2.60
C GLU B 10 5.16 -14.30 -2.87
N LYS B 11 6.43 -14.35 -3.24
CA LYS B 11 7.18 -13.14 -3.53
C LYS B 11 6.55 -12.43 -4.72
N ALA B 12 6.05 -13.23 -5.65
CA ALA B 12 5.41 -12.70 -6.85
C ALA B 12 4.08 -12.04 -6.47
N LEU B 13 3.45 -12.60 -5.44
CA LEU B 13 2.19 -12.08 -4.97
C LEU B 13 2.39 -10.66 -4.44
N LEU B 14 3.22 -10.56 -3.41
CA LEU B 14 3.50 -9.27 -2.80
C LEU B 14 4.09 -8.33 -3.85
N GLU B 15 4.81 -8.93 -4.80
CA GLU B 15 5.43 -8.15 -5.86
C GLU B 15 4.37 -7.59 -6.80
N GLN B 16 3.28 -8.35 -6.93
CA GLN B 16 2.18 -7.94 -7.79
C GLN B 16 1.50 -6.70 -7.22
N LEU B 17 1.22 -6.76 -5.93
CA LEU B 17 0.56 -5.65 -5.26
C LEU B 17 1.59 -4.53 -5.01
N VAL B 18 2.84 -4.94 -4.84
CA VAL B 18 3.91 -3.98 -4.60
C VAL B 18 4.09 -3.12 -5.86
N SER B 19 4.32 -3.80 -6.97
CA SER B 19 4.52 -3.11 -8.23
C SER B 19 3.27 -2.32 -8.60
N PHE B 20 2.13 -2.95 -8.39
CA PHE B 20 0.85 -2.31 -8.70
C PHE B 20 0.65 -1.06 -7.85
N LEU B 21 1.20 -1.11 -6.65
CA LEU B 21 1.09 0.01 -5.73
C LEU B 21 1.96 1.17 -6.22
N SER B 22 3.15 0.81 -6.68
CA SER B 22 4.09 1.80 -7.18
C SER B 22 3.41 2.67 -8.24
N GLY B 23 2.82 1.99 -9.22
CA GLY B 23 2.14 2.69 -10.30
C GLY B 23 0.66 2.89 -9.97
N LYS B 24 0.42 3.48 -8.81
CA LYS B 24 -0.94 3.73 -8.37
C LYS B 24 -1.76 4.26 -9.55
N ASP B 25 -2.73 3.46 -9.95
CA ASP B 25 -3.59 3.84 -11.06
C ASP B 25 -4.63 4.86 -10.58
N GLU B 26 -4.91 4.79 -9.29
CA GLU B 26 -5.88 5.70 -8.70
C GLU B 26 -5.49 7.14 -8.97
N THR B 27 -4.23 7.33 -9.33
CA THR B 27 -3.72 8.66 -9.63
C THR B 27 -4.54 9.30 -10.74
N GLU B 28 -4.91 8.48 -11.70
CA GLU B 28 -5.70 8.96 -12.83
C GLU B 28 -6.96 9.67 -12.33
N LEU B 29 -7.49 9.17 -11.23
CA LEU B 29 -8.69 9.75 -10.64
C LEU B 29 -8.28 10.84 -9.64
N ALA B 30 -7.45 10.44 -8.70
CA ALA B 30 -6.97 11.37 -7.68
C ALA B 30 -5.86 12.23 -8.25
N GLU B 31 -6.17 12.87 -9.37
CA GLU B 31 -5.20 13.73 -10.03
C GLU B 31 -4.57 14.68 -9.02
N LEU B 32 -5.28 14.90 -7.94
CA LEU B 32 -4.80 15.79 -6.88
C LEU B 32 -3.63 15.13 -6.16
N ASP B 33 -3.88 13.90 -5.71
CA ASP B 33 -2.86 13.15 -4.99
C ASP B 33 -1.73 12.77 -5.97
N ARG B 34 -2.05 12.86 -7.25
CA ARG B 34 -1.09 12.53 -8.28
C ARG B 34 0.30 13.08 -7.91
N ALA B 35 0.29 14.15 -7.14
CA ALA B 35 1.52 14.77 -6.70
C ALA B 35 2.50 13.69 -6.25
N LEU B 36 2.06 12.89 -5.30
CA LEU B 36 2.88 11.81 -4.77
C LEU B 36 2.31 10.47 -5.24
N GLY B 37 1.13 10.54 -5.83
CA GLY B 37 0.47 9.34 -6.32
C GLY B 37 -0.16 8.55 -5.18
N ILE B 38 0.68 8.15 -4.24
CA ILE B 38 0.23 7.38 -3.09
C ILE B 38 -0.11 8.34 -1.95
N ASP B 39 -0.11 9.62 -2.28
CA ASP B 39 -0.41 10.65 -1.29
C ASP B 39 -1.76 10.33 -0.63
N LYS B 40 -2.53 9.50 -1.31
CA LYS B 40 -3.84 9.12 -0.81
C LYS B 40 -3.68 7.98 0.20
N LEU B 41 -2.51 7.34 0.14
CA LEU B 41 -2.22 6.23 1.03
C LEU B 41 -1.66 6.78 2.34
N VAL B 42 -0.73 7.72 2.20
CA VAL B 42 -0.10 8.33 3.36
C VAL B 42 -1.11 9.25 4.05
N GLN B 43 -2.25 9.43 3.40
CA GLN B 43 -3.29 10.28 3.93
C GLN B 43 -3.26 10.26 5.46
N GLY B 44 -3.17 9.05 6.01
CA GLY B 44 -3.13 8.89 7.45
C GLY B 44 -3.04 7.40 7.83
N GLY B 45 -2.30 7.15 8.89
CA GLY B 45 -2.12 5.78 9.36
C GLY B 45 -0.66 5.48 9.65
N GLY B 46 -0.31 5.58 10.93
CA GLY B 46 1.05 5.32 11.36
C GLY B 46 1.71 6.59 11.90
N LEU B 47 1.41 6.88 13.16
CA LEU B 47 1.96 8.05 13.82
C LEU B 47 1.87 9.25 12.86
N ASP B 48 0.65 9.74 12.67
CA ASP B 48 0.42 10.86 11.80
C ASP B 48 1.29 10.72 10.55
N VAL B 49 1.27 9.52 9.98
CA VAL B 49 2.06 9.25 8.78
C VAL B 49 3.42 9.93 8.91
N LEU B 50 3.54 11.06 8.22
CA LEU B 50 4.79 11.81 8.24
C LEU B 50 4.48 13.29 8.47
N SER B 51 3.20 13.57 8.68
CA SER B 51 2.75 14.94 8.90
C SER B 51 3.08 15.81 7.69
N LYS B 52 4.35 16.07 7.51
CA LYS B 52 4.80 16.89 6.40
C LYS B 52 3.95 16.57 5.16
N LEU B 53 3.82 17.56 4.30
CA LEU B 53 3.04 17.40 3.09
C LEU B 53 1.72 16.71 3.42
N VAL B 54 0.90 17.40 4.21
CA VAL B 54 -0.39 16.85 4.61
C VAL B 54 -0.99 16.07 3.44
N PRO B 55 -0.80 14.73 3.49
CA PRO B 55 -1.32 13.86 2.45
C PRO B 55 -2.83 13.67 2.59
N ARG B 56 -3.40 14.42 3.53
CA ARG B 56 -4.83 14.35 3.77
C ARG B 56 -5.41 15.76 3.91
N GLY B 57 -5.00 16.42 4.99
CA GLY B 57 -5.48 17.77 5.26
C GLY B 57 -5.42 18.09 6.76
N SER B 58 -4.21 18.14 7.28
CA SER B 58 -4.02 18.43 8.69
C SER B 58 -4.02 17.13 9.50
N LEU B 59 -2.90 16.42 9.41
CA LEU B 59 -2.76 15.16 10.13
C LEU B 59 -2.06 15.41 11.47
N PRO A 1 4.20 -19.79 15.77
CA PRO A 1 4.70 -20.14 14.46
C PRO A 1 4.72 -18.92 13.53
N ASN A 2 5.16 -19.15 12.30
CA ASN A 2 5.23 -18.09 11.31
C ASN A 2 5.10 -18.68 9.91
N ARG A 3 3.85 -18.82 9.48
CA ARG A 3 3.58 -19.38 8.16
C ARG A 3 4.01 -18.40 7.07
N SER A 4 3.78 -18.80 5.83
CA SER A 4 4.14 -17.96 4.70
C SER A 4 2.98 -17.03 4.34
N ILE A 5 2.04 -16.93 5.28
CA ILE A 5 0.88 -16.08 5.08
C ILE A 5 -0.13 -16.79 4.16
N SER A 6 -1.31 -16.20 4.06
CA SER A 6 -2.35 -16.76 3.23
C SER A 6 -2.29 -16.15 1.82
N PRO A 7 -2.42 -17.04 0.80
CA PRO A 7 -2.38 -16.61 -0.58
C PRO A 7 -3.68 -15.91 -0.98
N SER A 8 -4.56 -15.76 0.01
CA SER A 8 -5.84 -15.12 -0.21
C SER A 8 -5.81 -13.69 0.32
N ALA A 9 -4.75 -13.39 1.07
CA ALA A 9 -4.59 -12.06 1.64
C ALA A 9 -4.12 -11.10 0.56
N LEU A 10 -2.98 -11.45 -0.04
CA LEU A 10 -2.42 -10.62 -1.10
C LEU A 10 -3.51 -10.18 -2.05
N GLN A 11 -4.54 -11.01 -2.14
CA GLN A 11 -5.67 -10.71 -3.01
C GLN A 11 -6.50 -9.56 -2.43
N ASP A 12 -6.66 -9.58 -1.13
CA ASP A 12 -7.42 -8.55 -0.44
C ASP A 12 -6.60 -7.26 -0.40
N LEU A 13 -5.29 -7.43 -0.42
CA LEU A 13 -4.39 -6.29 -0.38
C LEU A 13 -4.56 -5.47 -1.67
N LEU A 14 -4.14 -6.07 -2.77
CA LEU A 14 -4.25 -5.42 -4.07
C LEU A 14 -5.70 -4.98 -4.29
N ARG A 15 -6.61 -5.79 -3.78
CA ARG A 15 -8.03 -5.51 -3.92
C ARG A 15 -8.43 -4.36 -3.01
N THR A 16 -7.66 -4.18 -1.94
CA THR A 16 -7.93 -3.12 -0.99
C THR A 16 -7.57 -1.76 -1.59
N LEU A 17 -6.48 -1.74 -2.33
CA LEU A 17 -6.02 -0.52 -2.96
C LEU A 17 -7.05 -0.07 -3.99
N LYS A 18 -7.77 -1.05 -4.54
CA LYS A 18 -8.78 -0.76 -5.54
C LYS A 18 -9.74 0.29 -4.99
N SER A 19 -10.01 0.19 -3.70
CA SER A 19 -10.91 1.14 -3.05
C SER A 19 -10.50 2.57 -3.39
N PRO A 20 -11.26 3.53 -2.79
CA PRO A 20 -10.99 4.94 -3.03
C PRO A 20 -9.75 5.40 -2.27
N SER A 21 -9.55 4.79 -1.10
CA SER A 21 -8.42 5.13 -0.26
C SER A 21 -8.77 6.30 0.67
N SER A 22 -9.40 5.96 1.77
CA SER A 22 -9.80 6.97 2.74
C SER A 22 -10.85 6.40 3.69
N PRO A 23 -12.01 6.00 3.08
CA PRO A 23 -13.10 5.44 3.87
C PRO A 23 -12.79 4.01 4.29
N GLN A 24 -13.37 3.07 3.56
CA GLN A 24 -13.16 1.65 3.84
C GLN A 24 -11.67 1.31 3.71
N GLN A 25 -11.11 1.68 2.57
CA GLN A 25 -9.70 1.40 2.31
C GLN A 25 -8.91 1.43 3.62
N GLN A 26 -8.94 2.57 4.27
CA GLN A 26 -8.22 2.74 5.52
C GLN A 26 -8.40 1.50 6.40
N GLN A 27 -9.64 1.08 6.55
CA GLN A 27 -9.96 -0.08 7.36
C GLN A 27 -9.53 -1.36 6.63
N GLN A 28 -9.50 -1.26 5.31
CA GLN A 28 -9.10 -2.40 4.49
C GLN A 28 -7.62 -2.71 4.68
N VAL A 29 -6.81 -1.67 4.53
CA VAL A 29 -5.37 -1.81 4.69
C VAL A 29 -5.06 -2.30 6.10
N LEU A 30 -5.59 -1.58 7.07
CA LEU A 30 -5.38 -1.94 8.47
C LEU A 30 -5.94 -3.34 8.72
N ASN A 31 -7.05 -3.64 8.06
CA ASN A 31 -7.69 -4.94 8.20
C ASN A 31 -6.70 -6.04 7.81
N ILE A 32 -6.40 -6.09 6.51
CA ILE A 32 -5.48 -7.09 6.00
C ILE A 32 -4.17 -7.01 6.78
N LEU A 33 -3.58 -5.82 6.76
CA LEU A 33 -2.32 -5.60 7.47
C LEU A 33 -2.39 -6.27 8.85
N LYS A 34 -3.60 -6.35 9.37
CA LYS A 34 -3.81 -6.96 10.67
C LYS A 34 -4.12 -8.45 10.49
N SER A 35 -4.97 -8.72 9.53
CA SER A 35 -5.36 -10.09 9.24
C SER A 35 -4.22 -10.81 8.51
N ASN A 36 -3.13 -10.09 8.32
CA ASN A 36 -1.97 -10.63 7.64
C ASN A 36 -0.75 -9.76 7.92
N PRO A 37 0.23 -10.36 8.65
CA PRO A 37 1.45 -9.66 9.00
C PRO A 37 2.37 -9.53 7.78
N GLN A 38 2.68 -10.67 7.19
CA GLN A 38 3.55 -10.70 6.03
C GLN A 38 3.06 -9.71 4.97
N LEU A 39 1.75 -9.72 4.76
CA LEU A 39 1.13 -8.84 3.79
C LEU A 39 1.48 -7.39 4.13
N MET A 40 1.23 -7.03 5.38
CA MET A 40 1.51 -5.69 5.85
C MET A 40 2.93 -5.27 5.49
N ALA A 41 3.86 -6.20 5.70
CA ALA A 41 5.26 -5.94 5.40
C ALA A 41 5.39 -5.50 3.95
N ALA A 42 4.59 -6.12 3.09
CA ALA A 42 4.62 -5.81 1.67
C ALA A 42 4.09 -4.38 1.47
N PHE A 43 2.85 -4.18 1.87
CA PHE A 43 2.23 -2.88 1.73
C PHE A 43 2.99 -1.81 2.52
N ILE A 44 3.13 -2.07 3.81
CA ILE A 44 3.85 -1.15 4.68
C ILE A 44 5.10 -0.63 3.97
N LYS A 45 5.84 -1.57 3.40
CA LYS A 45 7.05 -1.22 2.68
C LYS A 45 6.70 -0.27 1.52
N GLN A 46 5.63 -0.61 0.83
CA GLN A 46 5.18 0.19 -0.29
C GLN A 46 4.87 1.61 0.16
N ARG A 47 4.13 1.70 1.26
CA ARG A 47 3.77 3.00 1.81
C ARG A 47 5.02 3.77 2.23
N THR A 48 5.87 3.09 2.99
CA THR A 48 7.10 3.71 3.46
C THR A 48 8.06 3.95 2.30
N ALA A 49 7.81 3.23 1.21
CA ALA A 49 8.64 3.36 0.03
C ALA A 49 8.52 4.79 -0.52
N LYS A 50 7.58 5.53 0.05
CA LYS A 50 7.35 6.90 -0.37
C LYS A 50 8.17 7.84 0.52
N TYR A 51 8.48 7.36 1.71
CA TYR A 51 9.25 8.14 2.66
C TYR A 51 10.66 7.58 2.81
N VAL A 52 10.73 6.29 3.08
CA VAL A 52 12.01 5.63 3.24
C VAL A 52 13.01 6.19 2.23
N ALA A 53 12.48 6.59 1.09
CA ALA A 53 13.31 7.14 0.03
C ALA A 53 13.76 8.55 0.42
N ASN A 54 12.77 9.40 0.69
CA ASN A 54 13.05 10.77 1.08
C ASN A 54 13.82 10.77 2.41
N GLN A 55 13.25 10.06 3.37
CA GLN A 55 13.87 9.98 4.69
C GLN A 55 14.38 8.56 4.94
N PRO A 56 15.70 8.38 4.69
CA PRO A 56 16.32 7.07 4.89
C PRO A 56 16.53 6.79 6.38
N GLY A 57 15.53 6.16 6.97
CA GLY A 57 15.58 5.82 8.38
C GLY A 57 15.84 7.06 9.23
N MET A 58 14.79 7.87 9.38
CA MET A 58 14.88 9.08 10.16
C MET A 58 13.83 9.09 11.28
N PRO B 1 0.84 -4.17 -15.02
CA PRO B 1 0.35 -5.53 -14.79
C PRO B 1 1.23 -6.26 -13.78
N THR B 2 0.80 -7.46 -13.43
CA THR B 2 1.54 -8.28 -12.47
C THR B 2 2.94 -8.57 -12.99
N THR B 3 3.01 -9.00 -14.24
CA THR B 3 4.28 -9.32 -14.87
C THR B 3 4.87 -10.59 -14.26
N VAL B 4 5.08 -10.55 -12.96
CA VAL B 4 5.63 -11.70 -12.25
C VAL B 4 4.61 -12.84 -12.25
N GLU B 5 4.36 -13.37 -13.43
CA GLU B 5 3.42 -14.47 -13.57
C GLU B 5 4.15 -15.79 -13.76
N GLY B 6 5.31 -15.70 -14.39
CA GLY B 6 6.12 -16.89 -14.63
C GLY B 6 6.98 -17.22 -13.42
N ARG B 7 6.68 -16.55 -12.32
CA ARG B 7 7.43 -16.76 -11.08
C ARG B 7 6.48 -17.26 -9.98
N ASN B 8 5.60 -16.38 -9.55
CA ASN B 8 4.64 -16.71 -8.51
C ASN B 8 5.40 -17.08 -7.22
N ASP B 9 4.93 -16.51 -6.12
CA ASP B 9 5.54 -16.77 -4.83
C ASP B 9 5.33 -15.56 -3.92
N GLU B 10 5.56 -15.78 -2.63
CA GLU B 10 5.40 -14.72 -1.65
C GLU B 10 5.82 -13.37 -2.25
N LYS B 11 7.09 -13.30 -2.63
CA LYS B 11 7.64 -12.09 -3.21
C LYS B 11 6.86 -11.74 -4.48
N ALA B 12 6.54 -12.78 -5.25
CA ALA B 12 5.80 -12.61 -6.48
C ALA B 12 4.45 -11.94 -6.17
N LEU B 13 3.85 -12.39 -5.08
CA LEU B 13 2.57 -11.86 -4.67
C LEU B 13 2.69 -10.35 -4.44
N LEU B 14 3.72 -9.98 -3.70
CA LEU B 14 3.96 -8.57 -3.39
C LEU B 14 4.37 -7.85 -4.67
N GLU B 15 5.14 -8.56 -5.50
CA GLU B 15 5.60 -7.99 -6.76
C GLU B 15 4.41 -7.51 -7.60
N GLN B 16 3.33 -8.26 -7.51
CA GLN B 16 2.12 -7.93 -8.25
C GLN B 16 1.45 -6.70 -7.65
N LEU B 17 1.27 -6.75 -6.33
CA LEU B 17 0.64 -5.65 -5.63
C LEU B 17 1.60 -4.45 -5.61
N VAL B 18 2.77 -4.68 -5.05
CA VAL B 18 3.78 -3.63 -4.97
C VAL B 18 3.94 -2.96 -6.34
N SER B 19 3.87 -3.80 -7.37
CA SER B 19 4.00 -3.31 -8.73
C SER B 19 2.86 -2.34 -9.06
N PHE B 20 1.64 -2.83 -8.87
CA PHE B 20 0.46 -2.03 -9.13
C PHE B 20 0.43 -0.79 -8.24
N LEU B 21 0.99 -0.94 -7.04
CA LEU B 21 1.03 0.15 -6.09
C LEU B 21 1.98 1.24 -6.60
N SER B 22 3.12 0.78 -7.10
CA SER B 22 4.12 1.71 -7.63
C SER B 22 3.48 2.65 -8.64
N GLY B 23 2.75 2.06 -9.57
CA GLY B 23 2.08 2.83 -10.61
C GLY B 23 0.61 3.06 -10.26
N LYS B 24 0.39 3.51 -9.03
CA LYS B 24 -0.95 3.77 -8.56
C LYS B 24 -1.77 4.44 -9.67
N ASP B 25 -2.60 3.64 -10.32
CA ASP B 25 -3.43 4.14 -11.40
C ASP B 25 -4.46 5.13 -10.83
N GLU B 26 -4.79 4.92 -9.58
CA GLU B 26 -5.77 5.78 -8.90
C GLU B 26 -5.41 7.24 -9.13
N THR B 27 -4.13 7.48 -9.38
CA THR B 27 -3.64 8.84 -9.61
C THR B 27 -4.49 9.53 -10.68
N GLU B 28 -5.06 8.71 -11.56
CA GLU B 28 -5.90 9.24 -12.62
C GLU B 28 -7.10 9.99 -12.05
N LEU B 29 -7.75 9.34 -11.08
CA LEU B 29 -8.91 9.94 -10.44
C LEU B 29 -8.44 11.01 -9.44
N ALA B 30 -7.54 10.58 -8.56
CA ALA B 30 -7.02 11.48 -7.55
C ALA B 30 -5.92 12.36 -8.17
N GLU B 31 -6.28 12.99 -9.29
CA GLU B 31 -5.34 13.84 -9.99
C GLU B 31 -4.69 14.83 -9.00
N LEU B 32 -5.37 15.05 -7.89
CA LEU B 32 -4.88 15.95 -6.88
C LEU B 32 -3.73 15.29 -6.12
N ASP B 33 -3.99 14.08 -5.65
CA ASP B 33 -2.99 13.33 -4.91
C ASP B 33 -1.83 12.98 -5.84
N ARG B 34 -2.10 13.08 -7.14
CA ARG B 34 -1.10 12.79 -8.14
C ARG B 34 0.26 13.30 -7.69
N ALA B 35 0.24 14.38 -6.92
CA ALA B 35 1.46 14.98 -6.42
C ALA B 35 2.42 13.88 -5.98
N LEU B 36 1.97 13.09 -5.00
CA LEU B 36 2.78 12.00 -4.48
C LEU B 36 2.30 10.68 -5.09
N GLY B 37 1.14 10.75 -5.73
CA GLY B 37 0.56 9.58 -6.36
C GLY B 37 -0.08 8.66 -5.32
N ILE B 38 0.71 8.31 -4.31
CA ILE B 38 0.24 7.44 -3.25
C ILE B 38 0.00 8.28 -1.98
N ASP B 39 -0.14 9.57 -2.19
CA ASP B 39 -0.36 10.48 -1.07
C ASP B 39 -1.61 10.05 -0.31
N LYS B 40 -2.42 9.22 -0.97
CA LYS B 40 -3.64 8.72 -0.38
C LYS B 40 -3.31 7.55 0.54
N LEU B 41 -2.05 7.17 0.53
CA LEU B 41 -1.59 6.06 1.36
C LEU B 41 -0.92 6.61 2.61
N VAL B 42 -0.14 7.67 2.41
CA VAL B 42 0.57 8.30 3.51
C VAL B 42 -0.42 9.11 4.36
N GLN B 43 -1.66 9.14 3.89
CA GLN B 43 -2.71 9.86 4.58
C GLN B 43 -2.51 9.77 6.10
N GLY B 44 -2.00 8.62 6.52
CA GLY B 44 -1.75 8.39 7.93
C GLY B 44 -1.15 7.00 8.17
N GLY B 45 -0.07 6.97 8.94
CA GLY B 45 0.61 5.72 9.24
C GLY B 45 0.83 5.58 10.74
N GLY B 46 2.07 5.29 11.10
CA GLY B 46 2.43 5.12 12.50
C GLY B 46 2.92 6.43 13.11
N LEU B 47 4.12 6.83 12.71
CA LEU B 47 4.70 8.06 13.21
C LEU B 47 4.19 9.23 12.37
N ASP B 48 2.88 9.28 12.22
CA ASP B 48 2.25 10.35 11.44
C ASP B 48 2.81 10.33 10.03
N VAL B 49 2.35 11.29 9.23
CA VAL B 49 2.80 11.40 7.85
C VAL B 49 3.98 12.36 7.78
N LEU B 50 4.73 12.23 6.70
CA LEU B 50 5.90 13.09 6.50
C LEU B 50 5.57 14.15 5.44
N SER B 51 4.46 13.93 4.76
CA SER B 51 4.02 14.85 3.71
C SER B 51 4.16 16.29 4.21
N LYS B 52 4.01 17.22 3.27
CA LYS B 52 4.12 18.63 3.59
C LYS B 52 2.71 19.22 3.78
N LEU B 53 1.86 18.92 2.82
CA LEU B 53 0.48 19.42 2.87
C LEU B 53 -0.35 18.51 3.77
N VAL B 54 -1.14 17.65 3.12
CA VAL B 54 -1.99 16.72 3.85
C VAL B 54 -2.38 15.58 2.93
N PRO B 55 -1.73 14.40 3.16
CA PRO B 55 -2.00 13.22 2.36
C PRO B 55 -3.35 12.59 2.75
N ARG B 56 -4.03 13.26 3.66
CA ARG B 56 -5.33 12.79 4.12
C ARG B 56 -6.39 13.89 3.98
N GLY B 57 -6.01 15.08 4.41
CA GLY B 57 -6.91 16.22 4.34
C GLY B 57 -6.42 17.36 5.22
N SER B 58 -6.39 17.10 6.51
CA SER B 58 -5.94 18.10 7.47
C SER B 58 -4.91 17.49 8.42
N LEU B 59 -5.28 16.37 9.01
CA LEU B 59 -4.39 15.67 9.93
C LEU B 59 -4.09 16.60 11.12
N PRO A 1 1.79 -16.38 12.27
CA PRO A 1 2.81 -16.82 13.21
C PRO A 1 3.01 -18.34 13.12
N ASN A 2 3.27 -18.80 11.91
CA ASN A 2 3.48 -20.22 11.68
C ASN A 2 3.89 -20.44 10.22
N ARG A 3 3.06 -19.93 9.33
CA ARG A 3 3.31 -20.07 7.91
C ARG A 3 3.62 -18.70 7.29
N SER A 4 4.26 -18.74 6.13
CA SER A 4 4.62 -17.51 5.43
C SER A 4 3.46 -16.52 5.47
N ILE A 5 2.48 -16.78 4.62
CA ILE A 5 1.31 -15.91 4.54
C ILE A 5 0.23 -16.59 3.71
N SER A 6 -0.97 -16.02 3.77
CA SER A 6 -2.09 -16.57 3.03
C SER A 6 -2.15 -15.93 1.63
N PRO A 7 -2.30 -16.81 0.61
CA PRO A 7 -2.37 -16.36 -0.77
C PRO A 7 -3.73 -15.72 -1.07
N SER A 8 -4.54 -15.63 -0.03
CA SER A 8 -5.87 -15.04 -0.16
C SER A 8 -5.86 -13.61 0.38
N ALA A 9 -4.86 -13.32 1.20
CA ALA A 9 -4.73 -12.00 1.80
C ALA A 9 -4.23 -11.02 0.74
N LEU A 10 -3.09 -11.38 0.14
CA LEU A 10 -2.49 -10.55 -0.89
C LEU A 10 -3.57 -10.10 -1.87
N GLN A 11 -4.46 -11.03 -2.18
CA GLN A 11 -5.55 -10.74 -3.11
C GLN A 11 -6.46 -9.65 -2.54
N ASP A 12 -6.61 -9.69 -1.23
CA ASP A 12 -7.46 -8.71 -0.55
C ASP A 12 -6.76 -7.35 -0.55
N LEU A 13 -5.44 -7.41 -0.49
CA LEU A 13 -4.63 -6.19 -0.48
C LEU A 13 -4.82 -5.45 -1.81
N LEU A 14 -4.32 -6.07 -2.87
CA LEU A 14 -4.43 -5.49 -4.19
C LEU A 14 -5.89 -5.11 -4.46
N ARG A 15 -6.78 -5.90 -3.90
CA ARG A 15 -8.20 -5.67 -4.07
C ARG A 15 -8.66 -4.49 -3.21
N THR A 16 -7.90 -4.24 -2.15
CA THR A 16 -8.21 -3.15 -1.25
C THR A 16 -7.83 -1.81 -1.88
N LEU A 17 -6.60 -1.74 -2.36
CA LEU A 17 -6.10 -0.53 -2.99
C LEU A 17 -7.13 -0.05 -4.02
N LYS A 18 -7.84 -1.00 -4.61
CA LYS A 18 -8.84 -0.68 -5.60
C LYS A 18 -9.81 0.35 -5.03
N SER A 19 -10.03 0.25 -3.72
CA SER A 19 -10.94 1.17 -3.04
C SER A 19 -10.54 2.61 -3.36
N PRO A 20 -11.26 3.56 -2.68
CA PRO A 20 -10.99 4.98 -2.87
C PRO A 20 -9.69 5.39 -2.17
N SER A 21 -9.47 4.79 -1.01
CA SER A 21 -8.28 5.09 -0.24
C SER A 21 -8.55 6.27 0.70
N SER A 22 -9.13 5.96 1.86
CA SER A 22 -9.44 6.99 2.84
C SER A 22 -10.47 6.44 3.84
N PRO A 23 -11.67 6.11 3.29
CA PRO A 23 -12.75 5.59 4.12
C PRO A 23 -12.48 4.13 4.51
N GLN A 24 -13.09 3.23 3.77
CA GLN A 24 -12.93 1.81 4.02
C GLN A 24 -11.46 1.41 3.89
N GLN A 25 -10.87 1.80 2.77
CA GLN A 25 -9.47 1.49 2.52
C GLN A 25 -8.69 1.44 3.83
N GLN A 26 -8.67 2.56 4.53
CA GLN A 26 -7.97 2.66 5.79
C GLN A 26 -8.20 1.40 6.63
N GLN A 27 -9.47 1.02 6.74
CA GLN A 27 -9.84 -0.15 7.50
C GLN A 27 -9.46 -1.42 6.74
N GLN A 28 -9.39 -1.28 5.42
CA GLN A 28 -9.04 -2.40 4.56
C GLN A 28 -7.57 -2.76 4.74
N VAL A 29 -6.73 -1.75 4.62
CA VAL A 29 -5.29 -1.94 4.78
C VAL A 29 -5.00 -2.51 6.17
N LEU A 30 -5.52 -1.81 7.17
CA LEU A 30 -5.33 -2.23 8.54
C LEU A 30 -5.95 -3.62 8.76
N ASN A 31 -7.06 -3.84 8.06
CA ASN A 31 -7.76 -5.11 8.16
C ASN A 31 -6.81 -6.24 7.76
N ILE A 32 -6.42 -6.23 6.49
CA ILE A 32 -5.52 -7.25 5.97
C ILE A 32 -4.22 -7.20 6.76
N LEU A 33 -3.58 -6.05 6.73
CA LEU A 33 -2.32 -5.85 7.43
C LEU A 33 -2.39 -6.54 8.79
N LYS A 34 -3.61 -6.59 9.33
CA LYS A 34 -3.83 -7.21 10.63
C LYS A 34 -4.00 -8.71 10.44
N SER A 35 -4.83 -9.07 9.46
CA SER A 35 -5.10 -10.47 9.18
C SER A 35 -3.91 -11.08 8.45
N ASN A 36 -2.90 -10.25 8.22
CA ASN A 36 -1.69 -10.69 7.53
C ASN A 36 -0.54 -9.75 7.85
N PRO A 37 0.43 -10.26 8.65
CA PRO A 37 1.58 -9.46 9.03
C PRO A 37 2.57 -9.33 7.87
N GLN A 38 3.01 -10.47 7.38
CA GLN A 38 3.95 -10.49 6.27
C GLN A 38 3.44 -9.61 5.13
N LEU A 39 2.16 -9.75 4.83
CA LEU A 39 1.55 -8.97 3.77
C LEU A 39 1.76 -7.48 4.04
N MET A 40 1.44 -7.09 5.27
CA MET A 40 1.60 -5.70 5.67
C MET A 40 3.04 -5.23 5.48
N ALA A 41 3.97 -6.10 5.84
CA ALA A 41 5.39 -5.79 5.71
C ALA A 41 5.66 -5.28 4.30
N ALA A 42 5.11 -6.00 3.32
CA ALA A 42 5.30 -5.63 1.93
C ALA A 42 4.65 -4.28 1.68
N PHE A 43 3.34 -4.23 1.89
CA PHE A 43 2.59 -3.01 1.68
C PHE A 43 3.19 -1.85 2.49
N ILE A 44 3.29 -2.06 3.79
CA ILE A 44 3.84 -1.05 4.67
C ILE A 44 5.15 -0.52 4.08
N LYS A 45 5.91 -1.44 3.51
CA LYS A 45 7.18 -1.08 2.91
C LYS A 45 6.93 -0.20 1.68
N GLN A 46 5.83 -0.48 1.00
CA GLN A 46 5.47 0.28 -0.18
C GLN A 46 5.07 1.70 0.21
N ARG A 47 4.25 1.80 1.25
CA ARG A 47 3.80 3.08 1.74
C ARG A 47 4.97 3.91 2.25
N THR A 48 5.87 3.23 2.94
CA THR A 48 7.05 3.89 3.49
C THR A 48 8.05 4.21 2.39
N ALA A 49 7.93 3.47 1.29
CA ALA A 49 8.82 3.66 0.15
C ALA A 49 8.64 5.08 -0.39
N LYS A 50 7.59 5.74 0.08
CA LYS A 50 7.30 7.09 -0.34
C LYS A 50 8.05 8.08 0.56
N TYR A 51 8.36 7.61 1.75
CA TYR A 51 9.09 8.44 2.71
C TYR A 51 10.52 7.95 2.88
N VAL A 52 10.65 6.66 3.18
CA VAL A 52 11.96 6.05 3.37
C VAL A 52 12.93 6.63 2.34
N ALA A 53 12.38 6.98 1.19
CA ALA A 53 13.19 7.53 0.12
C ALA A 53 13.59 8.97 0.47
N ASN A 54 12.57 9.77 0.79
CA ASN A 54 12.79 11.16 1.14
C ASN A 54 13.56 11.22 2.47
N GLN A 55 13.19 10.34 3.38
CA GLN A 55 13.83 10.29 4.67
C GLN A 55 14.62 8.99 4.83
N PRO A 56 15.95 9.08 4.52
CA PRO A 56 16.82 7.92 4.62
C PRO A 56 17.14 7.59 6.08
N GLY A 57 17.82 6.47 6.26
CA GLY A 57 18.19 6.04 7.61
C GLY A 57 17.97 4.54 7.77
N MET A 58 18.38 3.79 6.77
CA MET A 58 18.23 2.35 6.79
C MET A 58 19.27 1.70 7.71
N PRO B 1 1.28 -2.68 -15.06
CA PRO B 1 0.85 -4.06 -15.20
C PRO B 1 1.66 -4.98 -14.28
N THR B 2 1.16 -6.20 -14.13
CA THR B 2 1.82 -7.18 -13.29
C THR B 2 3.20 -7.53 -13.85
N THR B 3 3.77 -8.59 -13.31
CA THR B 3 5.09 -9.03 -13.75
C THR B 3 5.49 -10.33 -13.04
N VAL B 4 4.48 -11.16 -12.78
CA VAL B 4 4.70 -12.42 -12.11
C VAL B 4 4.28 -13.57 -13.03
N GLU B 5 3.20 -13.32 -13.75
CA GLU B 5 2.68 -14.32 -14.67
C GLU B 5 3.83 -15.11 -15.32
N GLY B 6 3.88 -16.40 -15.00
CA GLY B 6 4.91 -17.26 -15.53
C GLY B 6 5.78 -17.83 -14.41
N ARG B 7 5.86 -17.07 -13.32
CA ARG B 7 6.66 -17.48 -12.18
C ARG B 7 5.75 -17.80 -10.99
N ASN B 8 5.05 -16.77 -10.52
CA ASN B 8 4.15 -16.93 -9.40
C ASN B 8 4.94 -17.41 -8.18
N ASP B 9 4.49 -16.97 -7.01
CA ASP B 9 5.13 -17.35 -5.77
C ASP B 9 4.92 -16.24 -4.74
N GLU B 10 5.12 -16.61 -3.47
CA GLU B 10 4.95 -15.66 -2.38
C GLU B 10 5.51 -14.30 -2.78
N LYS B 11 6.77 -14.30 -3.17
CA LYS B 11 7.44 -13.06 -3.58
C LYS B 11 6.70 -12.48 -4.78
N ALA B 12 6.19 -13.36 -5.62
CA ALA B 12 5.46 -12.94 -6.80
C ALA B 12 4.12 -12.34 -6.39
N LEU B 13 3.60 -12.84 -5.28
CA LEU B 13 2.32 -12.37 -4.77
C LEU B 13 2.47 -10.91 -4.34
N LEU B 14 3.35 -10.69 -3.38
CA LEU B 14 3.59 -9.34 -2.87
C LEU B 14 4.16 -8.47 -3.98
N GLU B 15 4.82 -9.13 -4.93
CA GLU B 15 5.41 -8.43 -6.06
C GLU B 15 4.32 -7.93 -7.00
N GLN B 16 3.24 -8.70 -7.07
CA GLN B 16 2.13 -8.35 -7.93
C GLN B 16 1.38 -7.14 -7.37
N LEU B 17 1.03 -7.23 -6.10
CA LEU B 17 0.33 -6.15 -5.43
C LEU B 17 1.23 -4.91 -5.36
N VAL B 18 2.44 -5.14 -4.86
CA VAL B 18 3.41 -4.06 -4.73
C VAL B 18 3.67 -3.46 -6.12
N SER B 19 3.71 -4.33 -7.10
CA SER B 19 3.95 -3.91 -8.47
C SER B 19 2.91 -2.88 -8.90
N PHE B 20 1.65 -3.23 -8.69
CA PHE B 20 0.55 -2.35 -9.05
C PHE B 20 0.57 -1.07 -8.19
N LEU B 21 1.06 -1.23 -6.97
CA LEU B 21 1.14 -0.11 -6.05
C LEU B 21 2.06 0.96 -6.63
N SER B 22 3.21 0.51 -7.13
CA SER B 22 4.18 1.41 -7.71
C SER B 22 3.51 2.29 -8.76
N GLY B 23 2.73 1.64 -9.61
CA GLY B 23 2.02 2.36 -10.67
C GLY B 23 0.59 2.68 -10.25
N LYS B 24 0.48 3.28 -9.07
CA LYS B 24 -0.82 3.66 -8.54
C LYS B 24 -1.67 4.25 -9.66
N ASP B 25 -2.79 3.57 -9.94
CA ASP B 25 -3.69 4.02 -10.98
C ASP B 25 -4.55 5.16 -10.44
N GLU B 26 -4.82 5.11 -9.15
CA GLU B 26 -5.63 6.14 -8.51
C GLU B 26 -5.16 7.53 -8.95
N THR B 27 -3.86 7.65 -9.12
CA THR B 27 -3.27 8.92 -9.54
C THR B 27 -4.02 9.47 -10.76
N GLU B 28 -4.55 8.54 -11.55
CA GLU B 28 -5.29 8.93 -12.75
C GLU B 28 -6.45 9.86 -12.39
N LEU B 29 -7.29 9.37 -11.50
CA LEU B 29 -8.44 10.15 -11.07
C LEU B 29 -8.02 11.09 -9.94
N ALA B 30 -7.03 10.65 -9.18
CA ALA B 30 -6.52 11.45 -8.08
C ALA B 30 -5.56 12.51 -8.61
N GLU B 31 -6.03 13.22 -9.64
CA GLU B 31 -5.23 14.27 -10.24
C GLU B 31 -4.77 15.28 -9.18
N LEU B 32 -5.50 15.29 -8.08
CA LEU B 32 -5.18 16.20 -6.99
C LEU B 32 -4.07 15.59 -6.13
N ASP B 33 -4.17 14.29 -5.94
CA ASP B 33 -3.19 13.57 -5.14
C ASP B 33 -1.94 13.33 -5.98
N ARG B 34 -2.10 13.47 -7.28
CA ARG B 34 -1.00 13.27 -8.20
C ARG B 34 0.29 13.83 -7.61
N ALA B 35 0.14 14.86 -6.79
CA ALA B 35 1.28 15.49 -6.16
C ALA B 35 2.25 14.41 -5.68
N LEU B 36 1.77 13.59 -4.76
CA LEU B 36 2.59 12.51 -4.22
C LEU B 36 2.23 11.20 -4.92
N GLY B 37 1.08 11.22 -5.59
CA GLY B 37 0.61 10.05 -6.30
C GLY B 37 -0.04 9.05 -5.34
N ILE B 38 0.66 8.78 -4.26
CA ILE B 38 0.16 7.85 -3.26
C ILE B 38 -0.12 8.61 -1.96
N ASP B 39 -0.17 9.92 -2.08
CA ASP B 39 -0.43 10.77 -0.92
C ASP B 39 -1.72 10.31 -0.23
N LYS B 40 -2.54 9.60 -1.00
CA LYS B 40 -3.79 9.09 -0.48
C LYS B 40 -3.51 7.91 0.47
N LEU B 41 -2.29 7.41 0.38
CA LEU B 41 -1.88 6.29 1.22
C LEU B 41 -1.30 6.82 2.53
N VAL B 42 -0.45 7.82 2.40
CA VAL B 42 0.17 8.43 3.56
C VAL B 42 -0.85 9.30 4.30
N GLN B 43 -2.03 9.39 3.70
CA GLN B 43 -3.10 10.19 4.28
C GLN B 43 -2.96 10.25 5.80
N GLY B 44 -2.68 9.08 6.37
CA GLY B 44 -2.52 8.98 7.81
C GLY B 44 -3.16 7.70 8.35
N GLY B 45 -3.34 7.67 9.66
CA GLY B 45 -3.94 6.51 10.30
C GLY B 45 -2.89 5.44 10.60
N GLY B 46 -3.29 4.20 10.39
CA GLY B 46 -2.40 3.07 10.63
C GLY B 46 -1.33 2.98 9.54
N LEU B 47 -0.30 3.80 9.70
CA LEU B 47 0.79 3.83 8.74
C LEU B 47 1.74 4.98 9.07
N ASP B 48 1.15 6.06 9.58
CA ASP B 48 1.92 7.24 9.94
C ASP B 48 2.19 8.07 8.69
N VAL B 49 2.58 9.31 8.92
CA VAL B 49 2.87 10.23 7.83
C VAL B 49 4.19 10.95 8.10
N LEU B 50 4.49 11.90 7.25
CA LEU B 50 5.72 12.68 7.39
C LEU B 50 5.51 14.07 6.80
N SER B 51 4.46 14.73 7.28
CA SER B 51 4.15 16.07 6.83
C SER B 51 4.39 16.17 5.32
N LYS B 52 4.71 17.38 4.88
CA LYS B 52 4.98 17.63 3.48
C LYS B 52 3.71 17.32 2.67
N LEU B 53 3.26 18.33 1.93
CA LEU B 53 2.07 18.19 1.12
C LEU B 53 1.03 17.37 1.88
N VAL B 54 0.85 17.73 3.15
CA VAL B 54 -0.11 17.04 3.99
C VAL B 54 -1.00 16.14 3.12
N PRO B 55 -0.78 14.81 3.27
CA PRO B 55 -1.56 13.84 2.51
C PRO B 55 -2.98 13.71 3.07
N ARG B 56 -3.23 14.46 4.13
CA ARG B 56 -4.54 14.44 4.76
C ARG B 56 -5.16 15.85 4.74
N GLY B 57 -4.69 16.68 5.65
CA GLY B 57 -5.20 18.04 5.74
C GLY B 57 -4.36 18.86 6.73
N SER B 58 -3.94 18.21 7.80
CA SER B 58 -3.13 18.87 8.81
C SER B 58 -2.46 17.82 9.69
N LEU B 59 -1.28 17.40 9.26
CA LEU B 59 -0.51 16.41 9.99
C LEU B 59 0.74 17.06 10.58
N PRO A 1 0.23 -21.17 14.98
CA PRO A 1 1.23 -21.12 13.92
C PRO A 1 1.33 -19.71 13.33
N ASN A 2 2.33 -19.53 12.48
CA ASN A 2 2.54 -18.25 11.83
C ASN A 2 2.20 -18.37 10.35
N ARG A 3 2.87 -19.31 9.69
CA ARG A 3 2.65 -19.54 8.27
C ARG A 3 3.02 -18.29 7.47
N SER A 4 3.74 -18.51 6.38
CA SER A 4 4.17 -17.43 5.53
C SER A 4 3.04 -16.40 5.39
N ILE A 5 2.05 -16.76 4.59
CA ILE A 5 0.91 -15.88 4.37
C ILE A 5 -0.09 -16.57 3.45
N SER A 6 -1.37 -16.35 3.73
CA SER A 6 -2.43 -16.94 2.94
C SER A 6 -2.50 -16.26 1.57
N PRO A 7 -2.76 -17.10 0.52
CA PRO A 7 -2.85 -16.58 -0.83
C PRO A 7 -4.17 -15.85 -1.05
N SER A 8 -4.90 -15.66 0.04
CA SER A 8 -6.18 -14.98 -0.01
C SER A 8 -6.03 -13.55 0.48
N ALA A 9 -4.94 -13.32 1.21
CA ALA A 9 -4.68 -12.00 1.76
C ALA A 9 -4.18 -11.08 0.64
N LEU A 10 -3.14 -11.55 -0.05
CA LEU A 10 -2.56 -10.78 -1.14
C LEU A 10 -3.69 -10.29 -2.06
N GLN A 11 -4.65 -11.17 -2.28
CA GLN A 11 -5.78 -10.85 -3.13
C GLN A 11 -6.62 -9.73 -2.50
N ASP A 12 -6.69 -9.76 -1.18
CA ASP A 12 -7.44 -8.76 -0.45
C ASP A 12 -6.68 -7.44 -0.46
N LEU A 13 -5.36 -7.55 -0.45
CA LEU A 13 -4.50 -6.38 -0.45
C LEU A 13 -4.74 -5.59 -1.74
N LEU A 14 -4.30 -6.18 -2.85
CA LEU A 14 -4.46 -5.54 -4.14
C LEU A 14 -5.93 -5.18 -4.35
N ARG A 15 -6.79 -6.03 -3.80
CA ARG A 15 -8.22 -5.81 -3.93
C ARG A 15 -8.65 -4.60 -3.09
N THR A 16 -7.88 -4.34 -2.05
CA THR A 16 -8.17 -3.22 -1.17
C THR A 16 -7.79 -1.89 -1.84
N LEU A 17 -6.59 -1.87 -2.39
CA LEU A 17 -6.09 -0.68 -3.07
C LEU A 17 -7.14 -0.21 -4.09
N LYS A 18 -7.99 -1.15 -4.49
CA LYS A 18 -9.03 -0.85 -5.46
C LYS A 18 -9.94 0.24 -4.90
N SER A 19 -10.17 0.17 -3.59
CA SER A 19 -11.01 1.14 -2.93
C SER A 19 -10.59 2.57 -3.31
N PRO A 20 -11.29 3.56 -2.70
CA PRO A 20 -10.99 4.95 -2.97
C PRO A 20 -9.69 5.38 -2.26
N SER A 21 -9.46 4.78 -1.10
CA SER A 21 -8.28 5.08 -0.33
C SER A 21 -8.54 6.28 0.58
N SER A 22 -9.14 6.01 1.73
CA SER A 22 -9.46 7.06 2.68
C SER A 22 -10.48 6.55 3.70
N PRO A 23 -11.68 6.19 3.16
CA PRO A 23 -12.75 5.69 4.00
C PRO A 23 -12.48 4.26 4.45
N GLN A 24 -13.13 3.32 3.76
CA GLN A 24 -12.97 1.91 4.08
C GLN A 24 -11.51 1.49 3.88
N GLN A 25 -11.00 1.79 2.69
CA GLN A 25 -9.64 1.44 2.35
C GLN A 25 -8.76 1.46 3.61
N GLN A 26 -8.70 2.62 4.24
CA GLN A 26 -7.91 2.79 5.44
C GLN A 26 -8.08 1.58 6.35
N GLN A 27 -9.32 1.21 6.58
CA GLN A 27 -9.63 0.07 7.43
C GLN A 27 -9.30 -1.24 6.69
N GLN A 28 -9.38 -1.18 5.38
CA GLN A 28 -9.09 -2.35 4.56
C GLN A 28 -7.60 -2.69 4.63
N VAL A 29 -6.78 -1.68 4.37
CA VAL A 29 -5.34 -1.87 4.40
C VAL A 29 -4.92 -2.37 5.77
N LEU A 30 -5.33 -1.63 6.80
CA LEU A 30 -5.02 -1.98 8.17
C LEU A 30 -5.64 -3.36 8.49
N ASN A 31 -6.83 -3.57 7.94
CA ASN A 31 -7.53 -4.82 8.18
C ASN A 31 -6.65 -5.98 7.73
N ILE A 32 -6.43 -6.05 6.42
CA ILE A 32 -5.60 -7.10 5.86
C ILE A 32 -4.23 -7.10 6.54
N LEU A 33 -3.59 -5.94 6.49
CA LEU A 33 -2.27 -5.79 7.10
C LEU A 33 -2.27 -6.47 8.47
N LYS A 34 -3.45 -6.50 9.09
CA LYS A 34 -3.58 -7.12 10.40
C LYS A 34 -3.86 -8.62 10.23
N SER A 35 -4.61 -8.94 9.19
CA SER A 35 -4.95 -10.31 8.89
C SER A 35 -3.81 -10.97 8.10
N ASN A 36 -2.78 -10.19 7.84
CA ASN A 36 -1.63 -10.67 7.09
C ASN A 36 -0.43 -9.76 7.35
N PRO A 37 0.55 -10.30 8.12
CA PRO A 37 1.75 -9.55 8.44
C PRO A 37 2.69 -9.46 7.23
N GLN A 38 2.99 -10.62 6.68
CA GLN A 38 3.87 -10.69 5.53
C GLN A 38 3.46 -9.65 4.47
N LEU A 39 2.16 -9.39 4.43
CA LEU A 39 1.62 -8.42 3.49
C LEU A 39 1.95 -7.01 3.97
N MET A 40 1.68 -6.78 5.25
CA MET A 40 1.93 -5.48 5.85
C MET A 40 3.35 -5.01 5.55
N ALA A 41 4.29 -5.93 5.74
CA ALA A 41 5.69 -5.61 5.50
C ALA A 41 5.85 -5.10 4.07
N ALA A 42 5.14 -5.73 3.16
CA ALA A 42 5.20 -5.34 1.77
C ALA A 42 4.56 -3.97 1.59
N PHE A 43 3.27 -3.90 1.92
CA PHE A 43 2.53 -2.66 1.81
C PHE A 43 3.22 -1.54 2.58
N ILE A 44 3.45 -1.80 3.86
CA ILE A 44 4.10 -0.82 4.72
C ILE A 44 5.36 -0.29 4.02
N LYS A 45 6.08 -1.22 3.42
CA LYS A 45 7.31 -0.86 2.72
C LYS A 45 6.98 0.11 1.58
N GLN A 46 5.86 -0.17 0.91
CA GLN A 46 5.42 0.67 -0.19
C GLN A 46 5.01 2.05 0.32
N ARG A 47 4.26 2.05 1.42
CA ARG A 47 3.80 3.29 2.01
C ARG A 47 4.98 4.14 2.46
N THR A 48 5.91 3.50 3.15
CA THR A 48 7.09 4.17 3.64
C THR A 48 8.05 4.48 2.49
N ALA A 49 7.87 3.73 1.40
CA ALA A 49 8.71 3.91 0.23
C ALA A 49 8.50 5.32 -0.33
N LYS A 50 7.50 5.99 0.22
CA LYS A 50 7.18 7.34 -0.22
C LYS A 50 7.94 8.35 0.65
N TYR A 51 8.25 7.92 1.86
CA TYR A 51 8.97 8.76 2.79
C TYR A 51 10.42 8.29 2.95
N VAL A 52 10.58 7.01 3.22
CA VAL A 52 11.89 6.42 3.40
C VAL A 52 12.84 7.01 2.35
N ALA A 53 12.27 7.33 1.20
CA ALA A 53 13.05 7.90 0.11
C ALA A 53 13.45 9.33 0.46
N ASN A 54 12.45 10.10 0.86
CA ASN A 54 12.68 11.49 1.22
C ASN A 54 13.46 11.54 2.54
N GLN A 55 12.95 10.82 3.53
CA GLN A 55 13.58 10.78 4.84
C GLN A 55 14.15 9.38 5.11
N PRO A 56 15.46 9.22 4.80
CA PRO A 56 16.12 7.95 5.01
C PRO A 56 16.40 7.70 6.50
N GLY A 57 16.16 6.48 6.92
CA GLY A 57 16.38 6.11 8.31
C GLY A 57 17.86 6.24 8.68
N MET A 58 18.63 5.25 8.24
CA MET A 58 20.06 5.23 8.52
C MET A 58 20.65 6.64 8.42
N PRO B 1 -2.99 -5.41 -14.50
CA PRO B 1 -2.99 -5.34 -13.05
C PRO B 1 -1.75 -6.00 -12.46
N THR B 2 -1.33 -7.08 -13.11
CA THR B 2 -0.16 -7.81 -12.66
C THR B 2 0.51 -8.51 -13.84
N THR B 3 1.55 -9.27 -13.53
CA THR B 3 2.29 -9.99 -14.55
C THR B 3 2.88 -11.28 -13.97
N VAL B 4 2.26 -11.75 -12.90
CA VAL B 4 2.71 -12.97 -12.25
C VAL B 4 1.58 -13.52 -11.38
N GLU B 5 1.84 -13.58 -10.08
CA GLU B 5 0.86 -14.08 -9.14
C GLU B 5 0.65 -15.58 -9.35
N GLY B 6 0.55 -16.30 -8.24
CA GLY B 6 0.35 -17.73 -8.29
C GLY B 6 1.09 -18.36 -9.47
N ARG B 7 2.19 -17.72 -9.84
CA ARG B 7 2.99 -18.20 -10.95
C ARG B 7 4.47 -18.21 -10.58
N ASN B 8 4.90 -17.15 -9.91
CA ASN B 8 6.28 -17.04 -9.48
C ASN B 8 6.41 -17.59 -8.06
N ASP B 9 5.53 -17.11 -7.19
CA ASP B 9 5.54 -17.55 -5.81
C ASP B 9 5.02 -16.42 -4.91
N GLU B 10 5.10 -16.65 -3.61
CA GLU B 10 4.64 -15.66 -2.64
C GLU B 10 5.17 -14.27 -3.01
N LYS B 11 6.48 -14.21 -3.20
CA LYS B 11 7.12 -12.95 -3.55
C LYS B 11 6.38 -12.31 -4.72
N ALA B 12 5.84 -13.17 -5.58
CA ALA B 12 5.11 -12.71 -6.75
C ALA B 12 3.79 -12.07 -6.29
N LEU B 13 3.24 -12.64 -5.24
CA LEU B 13 1.97 -12.14 -4.70
C LEU B 13 2.18 -10.71 -4.20
N LEU B 14 3.09 -10.56 -3.25
CA LEU B 14 3.38 -9.26 -2.69
C LEU B 14 3.92 -8.34 -3.79
N GLU B 15 4.64 -8.96 -4.72
CA GLU B 15 5.22 -8.22 -5.83
C GLU B 15 4.12 -7.69 -6.75
N GLN B 16 3.03 -8.44 -6.81
CA GLN B 16 1.90 -8.06 -7.64
C GLN B 16 1.24 -6.80 -7.11
N LEU B 17 0.98 -6.81 -5.81
CA LEU B 17 0.36 -5.68 -5.15
C LEU B 17 1.38 -4.55 -5.01
N VAL B 18 2.63 -4.95 -4.80
CA VAL B 18 3.70 -3.99 -4.63
C VAL B 18 3.89 -3.23 -5.94
N SER B 19 4.11 -3.98 -7.01
CA SER B 19 4.32 -3.39 -8.33
C SER B 19 3.11 -2.52 -8.70
N PHE B 20 1.93 -3.08 -8.48
CA PHE B 20 0.69 -2.37 -8.79
C PHE B 20 0.59 -1.08 -7.96
N LEU B 21 1.16 -1.13 -6.77
CA LEU B 21 1.13 0.01 -5.87
C LEU B 21 1.97 1.13 -6.47
N SER B 22 3.15 0.77 -6.94
CA SER B 22 4.06 1.74 -7.53
C SER B 22 3.33 2.55 -8.60
N GLY B 23 2.61 1.83 -9.45
CA GLY B 23 1.86 2.47 -10.52
C GLY B 23 0.41 2.74 -10.10
N LYS B 24 0.27 3.27 -8.89
CA LYS B 24 -1.05 3.58 -8.35
C LYS B 24 -1.90 4.18 -9.46
N ASP B 25 -2.88 3.39 -9.90
CA ASP B 25 -3.78 3.84 -10.95
C ASP B 25 -4.71 4.91 -10.40
N GLU B 26 -5.04 4.76 -9.13
CA GLU B 26 -5.92 5.71 -8.46
C GLU B 26 -5.44 7.13 -8.69
N THR B 27 -4.13 7.27 -8.85
CA THR B 27 -3.53 8.57 -9.08
C THR B 27 -4.26 9.30 -10.20
N GLU B 28 -4.85 8.52 -11.10
CA GLU B 28 -5.58 9.07 -12.22
C GLU B 28 -6.69 10.01 -11.73
N LEU B 29 -7.61 9.44 -10.98
CA LEU B 29 -8.73 10.20 -10.44
C LEU B 29 -8.19 11.28 -9.49
N ALA B 30 -7.34 10.83 -8.57
CA ALA B 30 -6.74 11.74 -7.61
C ALA B 30 -5.58 12.48 -8.25
N GLU B 31 -5.87 13.10 -9.40
CA GLU B 31 -4.86 13.85 -10.12
C GLU B 31 -4.11 14.78 -9.18
N LEU B 32 -4.75 15.09 -8.07
CA LEU B 32 -4.15 15.97 -7.07
C LEU B 32 -3.12 15.18 -6.27
N ASP B 33 -3.55 14.04 -5.77
CA ASP B 33 -2.67 13.19 -4.98
C ASP B 33 -1.53 12.67 -5.86
N ARG B 34 -1.74 12.79 -7.16
CA ARG B 34 -0.75 12.34 -8.12
C ARG B 34 0.64 12.82 -7.70
N ALA B 35 0.66 13.90 -6.94
CA ALA B 35 1.92 14.47 -6.47
C ALA B 35 2.83 13.34 -6.01
N LEU B 36 2.39 12.62 -5.00
CA LEU B 36 3.15 11.51 -4.46
C LEU B 36 2.73 10.21 -5.15
N GLY B 37 1.53 10.26 -5.71
CA GLY B 37 0.99 9.09 -6.40
C GLY B 37 0.44 8.07 -5.41
N ILE B 38 0.68 8.33 -4.14
CA ILE B 38 0.21 7.45 -3.08
C ILE B 38 -0.13 8.28 -1.85
N ASP B 39 -0.30 9.58 -2.06
CA ASP B 39 -0.63 10.49 -0.98
C ASP B 39 -1.87 9.97 -0.26
N LYS B 40 -2.65 9.19 -0.98
CA LYS B 40 -3.88 8.62 -0.42
C LYS B 40 -3.51 7.52 0.58
N LEU B 41 -2.31 6.98 0.40
CA LEU B 41 -1.83 5.92 1.28
C LEU B 41 -1.28 6.53 2.57
N VAL B 42 -0.49 7.59 2.39
CA VAL B 42 0.11 8.27 3.53
C VAL B 42 -0.96 9.14 4.21
N GLN B 43 -2.15 9.13 3.63
CA GLN B 43 -3.25 9.91 4.16
C GLN B 43 -3.10 10.04 5.68
N GLY B 44 -2.82 8.92 6.33
CA GLY B 44 -2.66 8.90 7.76
C GLY B 44 -3.08 7.56 8.34
N GLY B 45 -2.15 6.62 8.32
CA GLY B 45 -2.40 5.28 8.84
C GLY B 45 -2.77 5.34 10.32
N GLY B 46 -1.97 6.07 11.07
CA GLY B 46 -2.21 6.22 12.51
C GLY B 46 -2.33 7.69 12.90
N LEU B 47 -3.04 8.43 12.06
CA LEU B 47 -3.24 9.85 12.30
C LEU B 47 -1.88 10.56 12.32
N ASP B 48 -0.90 9.92 11.70
CA ASP B 48 0.44 10.47 11.64
C ASP B 48 1.08 10.09 10.31
N VAL B 49 1.75 11.07 9.71
CA VAL B 49 2.41 10.84 8.44
C VAL B 49 3.80 11.47 8.47
N LEU B 50 4.20 12.04 7.34
CA LEU B 50 5.50 12.68 7.23
C LEU B 50 5.32 14.13 6.78
N SER B 51 4.34 14.79 7.39
CA SER B 51 4.05 16.17 7.06
C SER B 51 4.30 16.42 5.57
N LYS B 52 4.65 17.66 5.26
CA LYS B 52 4.92 18.04 3.89
C LYS B 52 3.76 17.57 3.00
N LEU B 53 2.88 18.52 2.68
CA LEU B 53 1.74 18.23 1.84
C LEU B 53 0.80 17.27 2.59
N VAL B 54 -0.19 17.86 3.24
CA VAL B 54 -1.16 17.09 3.99
C VAL B 54 -1.80 16.04 3.07
N PRO B 55 -1.40 14.76 3.31
CA PRO B 55 -1.93 13.66 2.51
C PRO B 55 -3.36 13.33 2.90
N ARG B 56 -3.90 14.12 3.83
CA ARG B 56 -5.25 13.93 4.29
C ARG B 56 -6.05 15.22 4.15
N GLY B 57 -5.61 16.24 4.89
CA GLY B 57 -6.28 17.53 4.86
C GLY B 57 -5.81 18.41 6.02
N SER B 58 -5.63 17.76 7.17
CA SER B 58 -5.19 18.47 8.36
C SER B 58 -4.47 17.51 9.30
N LEU B 59 -3.20 17.27 9.01
CA LEU B 59 -2.38 16.38 9.82
C LEU B 59 -1.47 17.21 10.72
N PRO A 1 11.17 -21.41 5.23
CA PRO A 1 10.27 -22.19 4.39
C PRO A 1 9.27 -22.97 5.25
N ASN A 2 8.30 -22.24 5.76
CA ASN A 2 7.27 -22.84 6.60
C ASN A 2 6.20 -21.80 6.91
N ARG A 3 5.13 -21.84 6.14
CA ARG A 3 4.02 -20.91 6.32
C ARG A 3 4.52 -19.47 6.20
N SER A 4 4.38 -18.93 5.00
CA SER A 4 4.81 -17.57 4.73
C SER A 4 3.67 -16.59 5.05
N ILE A 5 2.54 -16.82 4.40
CA ILE A 5 1.38 -15.97 4.60
C ILE A 5 0.23 -16.45 3.72
N SER A 6 -0.96 -16.41 4.27
CA SER A 6 -2.15 -16.85 3.54
C SER A 6 -2.22 -16.13 2.18
N PRO A 7 -2.38 -16.95 1.11
CA PRO A 7 -2.46 -16.41 -0.23
C PRO A 7 -3.82 -15.75 -0.48
N SER A 8 -4.55 -15.55 0.61
CA SER A 8 -5.86 -14.93 0.53
C SER A 8 -5.78 -13.46 0.95
N ALA A 9 -4.63 -13.10 1.49
CA ALA A 9 -4.41 -11.74 1.94
C ALA A 9 -3.94 -10.88 0.77
N LEU A 10 -2.76 -11.24 0.26
CA LEU A 10 -2.19 -10.51 -0.87
C LEU A 10 -3.30 -10.18 -1.88
N GLN A 11 -4.26 -11.09 -1.97
CA GLN A 11 -5.38 -10.91 -2.89
C GLN A 11 -6.29 -9.80 -2.39
N ASP A 12 -6.57 -9.84 -1.09
CA ASP A 12 -7.44 -8.85 -0.47
C ASP A 12 -6.71 -7.50 -0.44
N LEU A 13 -5.39 -7.58 -0.36
CA LEU A 13 -4.58 -6.37 -0.32
C LEU A 13 -4.75 -5.60 -1.64
N LEU A 14 -4.22 -6.19 -2.69
CA LEU A 14 -4.30 -5.59 -4.01
C LEU A 14 -5.76 -5.31 -4.35
N ARG A 15 -6.64 -6.14 -3.80
CA ARG A 15 -8.06 -6.01 -4.04
C ARG A 15 -8.62 -4.82 -3.24
N THR A 16 -7.92 -4.49 -2.16
CA THR A 16 -8.33 -3.39 -1.32
C THR A 16 -7.92 -2.05 -1.95
N LEU A 17 -6.69 -2.01 -2.42
CA LEU A 17 -6.17 -0.80 -3.05
C LEU A 17 -7.17 -0.31 -4.10
N LYS A 18 -7.96 -1.25 -4.60
CA LYS A 18 -8.95 -0.93 -5.61
C LYS A 18 -9.92 0.12 -5.05
N SER A 19 -10.00 0.15 -3.73
CA SER A 19 -10.89 1.08 -3.06
C SER A 19 -10.49 2.52 -3.41
N PRO A 20 -11.17 3.48 -2.73
CA PRO A 20 -10.90 4.89 -2.96
C PRO A 20 -9.57 5.31 -2.31
N SER A 21 -9.31 4.71 -1.15
CA SER A 21 -8.10 5.02 -0.41
C SER A 21 -8.33 6.21 0.51
N SER A 22 -8.87 5.92 1.69
CA SER A 22 -9.14 6.96 2.67
C SER A 22 -10.15 6.45 3.70
N PRO A 23 -11.38 6.13 3.20
CA PRO A 23 -12.43 5.64 4.07
C PRO A 23 -12.17 4.18 4.46
N GLN A 24 -12.80 3.28 3.72
CA GLN A 24 -12.65 1.86 3.98
C GLN A 24 -11.19 1.45 3.85
N GLN A 25 -10.61 1.80 2.70
CA GLN A 25 -9.21 1.48 2.44
C GLN A 25 -8.42 1.41 3.75
N GLN A 26 -8.38 2.56 4.42
CA GLN A 26 -7.67 2.66 5.68
C GLN A 26 -7.93 1.42 6.54
N GLN A 27 -9.20 1.10 6.68
CA GLN A 27 -9.61 -0.06 7.47
C GLN A 27 -9.27 -1.36 6.73
N GLN A 28 -9.22 -1.24 5.40
CA GLN A 28 -8.91 -2.40 4.57
C GLN A 28 -7.44 -2.77 4.71
N VAL A 29 -6.58 -1.78 4.47
CA VAL A 29 -5.14 -2.00 4.58
C VAL A 29 -4.81 -2.51 5.98
N LEU A 30 -5.29 -1.78 6.97
CA LEU A 30 -5.05 -2.14 8.36
C LEU A 30 -5.66 -3.51 8.63
N ASN A 31 -6.77 -3.77 7.98
CA ASN A 31 -7.47 -5.04 8.14
C ASN A 31 -6.53 -6.17 7.73
N ILE A 32 -6.25 -6.23 6.44
CA ILE A 32 -5.38 -7.28 5.91
C ILE A 32 -4.04 -7.23 6.66
N LEU A 33 -3.46 -6.05 6.69
CA LEU A 33 -2.19 -5.86 7.36
C LEU A 33 -2.24 -6.50 8.75
N LYS A 34 -3.44 -6.51 9.32
CA LYS A 34 -3.64 -7.10 10.63
C LYS A 34 -3.89 -8.59 10.49
N SER A 35 -4.61 -8.94 9.42
CA SER A 35 -4.93 -10.33 9.16
C SER A 35 -3.72 -11.04 8.54
N ASN A 36 -2.69 -10.25 8.27
CA ASN A 36 -1.47 -10.78 7.69
C ASN A 36 -0.33 -9.79 7.91
N PRO A 37 0.64 -10.21 8.77
CA PRO A 37 1.79 -9.37 9.07
C PRO A 37 2.78 -9.35 7.91
N GLN A 38 3.33 -10.53 7.62
CA GLN A 38 4.29 -10.66 6.53
C GLN A 38 3.79 -9.94 5.29
N LEU A 39 2.48 -9.95 5.13
CA LEU A 39 1.85 -9.29 3.99
C LEU A 39 2.01 -7.78 4.13
N MET A 40 1.71 -7.29 5.33
CA MET A 40 1.80 -5.87 5.60
C MET A 40 3.23 -5.35 5.35
N ALA A 41 4.19 -6.21 5.64
CA ALA A 41 5.59 -5.86 5.46
C ALA A 41 5.79 -5.32 4.04
N ALA A 42 5.17 -5.99 3.08
CA ALA A 42 5.27 -5.59 1.70
C ALA A 42 4.58 -4.24 1.52
N PHE A 43 3.29 -4.21 1.81
CA PHE A 43 2.52 -3.00 1.68
C PHE A 43 3.17 -1.84 2.46
N ILE A 44 3.36 -2.08 3.75
CA ILE A 44 3.98 -1.08 4.61
C ILE A 44 5.24 -0.55 3.94
N LYS A 45 5.96 -1.46 3.29
CA LYS A 45 7.20 -1.09 2.61
C LYS A 45 6.86 -0.17 1.44
N GLN A 46 5.81 -0.52 0.72
CA GLN A 46 5.38 0.26 -0.42
C GLN A 46 4.68 1.54 0.04
N ARG A 47 4.23 1.51 1.29
CA ARG A 47 3.55 2.66 1.86
C ARG A 47 4.55 3.61 2.51
N THR A 48 5.66 3.04 2.98
CA THR A 48 6.70 3.82 3.62
C THR A 48 7.79 4.17 2.60
N ALA A 49 7.73 3.50 1.46
CA ALA A 49 8.71 3.74 0.40
C ALA A 49 8.61 5.20 -0.05
N LYS A 50 7.55 5.86 0.40
CA LYS A 50 7.34 7.25 0.04
C LYS A 50 8.00 8.15 1.08
N TYR A 51 8.17 7.60 2.28
CA TYR A 51 8.79 8.33 3.36
C TYR A 51 10.21 7.82 3.63
N VAL A 52 10.32 6.51 3.75
CA VAL A 52 11.61 5.88 4.01
C VAL A 52 12.65 6.47 3.05
N ALA A 53 12.19 6.83 1.86
CA ALA A 53 13.07 7.40 0.86
C ALA A 53 13.50 8.79 1.30
N ASN A 54 12.51 9.66 1.44
CA ASN A 54 12.78 11.03 1.85
C ASN A 54 13.51 11.02 3.21
N GLN A 55 12.94 10.27 4.14
CA GLN A 55 13.53 10.17 5.47
C GLN A 55 13.95 8.72 5.75
N PRO A 56 15.16 8.36 5.24
CA PRO A 56 15.70 7.03 5.43
C PRO A 56 16.19 6.83 6.86
N GLY A 57 15.92 5.66 7.40
CA GLY A 57 16.33 5.32 8.75
C GLY A 57 15.42 6.02 9.77
N MET A 58 15.40 7.34 9.70
CA MET A 58 14.58 8.13 10.61
C MET A 58 14.62 7.54 12.02
N PRO B 1 -1.49 -5.66 -16.11
CA PRO B 1 -1.21 -5.55 -14.68
C PRO B 1 -0.42 -6.76 -14.18
N THR B 2 0.50 -6.49 -13.27
CA THR B 2 1.33 -7.53 -12.70
C THR B 2 2.51 -7.83 -13.62
N THR B 3 3.55 -8.39 -13.02
CA THR B 3 4.75 -8.74 -13.77
C THR B 3 5.38 -10.02 -13.22
N VAL B 4 4.52 -10.98 -12.94
CA VAL B 4 4.98 -12.26 -12.42
C VAL B 4 3.99 -13.36 -12.81
N GLU B 5 3.37 -13.15 -13.96
CA GLU B 5 2.40 -14.11 -14.48
C GLU B 5 3.11 -15.35 -15.00
N GLY B 6 4.43 -15.23 -15.14
CA GLY B 6 5.24 -16.33 -15.63
C GLY B 6 6.04 -16.97 -14.49
N ARG B 7 5.56 -16.75 -13.28
CA ARG B 7 6.22 -17.30 -12.10
C ARG B 7 5.18 -17.67 -11.04
N ASN B 8 4.45 -16.65 -10.59
CA ASN B 8 3.44 -16.84 -9.58
C ASN B 8 4.09 -17.37 -8.30
N ASP B 9 3.64 -16.84 -7.17
CA ASP B 9 4.17 -17.24 -5.88
C ASP B 9 4.01 -16.09 -4.88
N GLU B 10 4.13 -16.44 -3.62
CA GLU B 10 4.01 -15.45 -2.56
C GLU B 10 4.72 -14.16 -2.95
N LYS B 11 6.00 -14.30 -3.28
CA LYS B 11 6.81 -13.15 -3.68
C LYS B 11 6.18 -12.51 -4.91
N ALA B 12 5.55 -13.34 -5.73
CA ALA B 12 4.91 -12.87 -6.95
C ALA B 12 3.61 -12.15 -6.58
N LEU B 13 2.98 -12.62 -5.51
CA LEU B 13 1.74 -12.04 -5.05
C LEU B 13 1.97 -10.58 -4.70
N LEU B 14 2.83 -10.37 -3.71
CA LEU B 14 3.15 -9.03 -3.26
C LEU B 14 3.74 -8.23 -4.42
N GLU B 15 4.72 -8.84 -5.07
CA GLU B 15 5.38 -8.20 -6.20
C GLU B 15 4.34 -7.54 -7.12
N GLN B 16 3.23 -8.24 -7.30
CA GLN B 16 2.16 -7.74 -8.15
C GLN B 16 1.49 -6.53 -7.49
N LEU B 17 1.27 -6.65 -6.19
CA LEU B 17 0.65 -5.58 -5.43
C LEU B 17 1.57 -4.37 -5.41
N VAL B 18 2.77 -4.59 -4.91
CA VAL B 18 3.76 -3.51 -4.83
C VAL B 18 3.96 -2.90 -6.22
N SER B 19 4.07 -3.79 -7.20
CA SER B 19 4.27 -3.35 -8.57
C SER B 19 3.13 -2.42 -8.99
N PHE B 20 1.93 -2.77 -8.58
CA PHE B 20 0.76 -1.98 -8.90
C PHE B 20 0.71 -0.70 -8.05
N LEU B 21 1.22 -0.81 -6.84
CA LEU B 21 1.24 0.31 -5.93
C LEU B 21 2.08 1.44 -6.54
N SER B 22 3.24 1.07 -7.05
CA SER B 22 4.13 2.04 -7.66
C SER B 22 3.38 2.84 -8.72
N GLY B 23 2.77 2.12 -9.64
CA GLY B 23 2.02 2.75 -10.72
C GLY B 23 0.56 2.98 -10.30
N LYS B 24 0.40 3.54 -9.11
CA LYS B 24 -0.93 3.81 -8.58
C LYS B 24 -1.81 4.36 -9.71
N ASP B 25 -2.88 3.63 -9.97
CA ASP B 25 -3.81 4.03 -11.02
C ASP B 25 -4.69 5.17 -10.52
N GLU B 26 -5.05 5.07 -9.24
CA GLU B 26 -5.88 6.10 -8.62
C GLU B 26 -5.38 7.49 -8.98
N THR B 27 -4.09 7.55 -9.27
CA THR B 27 -3.46 8.82 -9.64
C THR B 27 -4.27 9.51 -10.73
N GLU B 28 -4.98 8.71 -11.51
CA GLU B 28 -5.80 9.23 -12.58
C GLU B 28 -6.92 10.11 -12.02
N LEU B 29 -7.88 9.45 -11.40
CA LEU B 29 -9.01 10.15 -10.81
C LEU B 29 -8.50 11.19 -9.82
N ALA B 30 -7.64 10.74 -8.92
CA ALA B 30 -7.07 11.61 -7.92
C ALA B 30 -5.92 12.41 -8.53
N GLU B 31 -6.21 13.05 -9.65
CA GLU B 31 -5.21 13.84 -10.35
C GLU B 31 -4.55 14.82 -9.39
N LEU B 32 -5.27 15.12 -8.32
CA LEU B 32 -4.76 16.04 -7.31
C LEU B 32 -3.72 15.33 -6.44
N ASP B 33 -3.89 14.01 -6.33
CA ASP B 33 -2.96 13.21 -5.54
C ASP B 33 -1.72 12.91 -6.37
N ARG B 34 -1.86 13.08 -7.68
CA ARG B 34 -0.76 12.82 -8.59
C ARG B 34 0.54 13.40 -8.02
N ALA B 35 0.39 14.50 -7.30
CA ALA B 35 1.54 15.15 -6.70
C ALA B 35 2.49 14.10 -6.12
N LEU B 36 1.96 13.33 -5.18
CA LEU B 36 2.74 12.28 -4.55
C LEU B 36 2.35 10.92 -5.13
N GLY B 37 1.23 10.93 -5.86
CA GLY B 37 0.73 9.71 -6.47
C GLY B 37 0.10 8.80 -5.42
N ILE B 38 0.90 8.48 -4.41
CA ILE B 38 0.44 7.61 -3.33
C ILE B 38 0.07 8.46 -2.12
N ASP B 39 -0.01 9.76 -2.35
CA ASP B 39 -0.35 10.70 -1.28
C ASP B 39 -1.67 10.27 -0.65
N LYS B 40 -2.41 9.45 -1.38
CA LYS B 40 -3.70 8.98 -0.90
C LYS B 40 -3.47 7.85 0.11
N LEU B 41 -2.22 7.43 0.20
CA LEU B 41 -1.85 6.36 1.13
C LEU B 41 -1.36 6.97 2.43
N VAL B 42 -0.51 7.97 2.30
CA VAL B 42 0.05 8.65 3.46
C VAL B 42 -1.06 9.44 4.16
N GLN B 43 -2.21 9.49 3.50
CA GLN B 43 -3.34 10.22 4.04
C GLN B 43 -3.34 10.16 5.57
N GLY B 44 -2.96 8.99 6.09
CA GLY B 44 -2.90 8.80 7.52
C GLY B 44 -2.97 7.31 7.87
N GLY B 45 -3.02 7.05 9.17
CA GLY B 45 -3.09 5.68 9.65
C GLY B 45 -1.76 4.95 9.43
N GLY B 46 -1.44 4.07 10.36
CA GLY B 46 -0.21 3.31 10.28
C GLY B 46 1.01 4.21 10.51
N LEU B 47 1.48 4.22 11.75
CA LEU B 47 2.62 5.03 12.11
C LEU B 47 2.22 6.50 12.14
N ASP B 48 2.11 7.08 10.94
CA ASP B 48 1.73 8.46 10.80
C ASP B 48 2.21 9.00 9.45
N VAL B 49 1.85 10.24 9.18
CA VAL B 49 2.24 10.87 7.93
C VAL B 49 3.52 11.67 8.14
N LEU B 50 4.11 12.11 7.03
CA LEU B 50 5.34 12.88 7.08
C LEU B 50 5.12 14.22 6.40
N SER B 51 4.24 15.03 7.00
CA SER B 51 3.94 16.34 6.45
C SER B 51 3.95 16.29 4.93
N LYS B 52 4.46 17.35 4.33
CA LYS B 52 4.52 17.44 2.88
C LYS B 52 3.11 17.58 2.31
N LEU B 53 3.02 17.44 1.00
CA LEU B 53 1.73 17.55 0.32
C LEU B 53 0.66 16.88 1.17
N VAL B 54 -0.05 17.70 1.93
CA VAL B 54 -1.11 17.20 2.79
C VAL B 54 -1.86 16.08 2.07
N PRO B 55 -1.50 14.82 2.43
CA PRO B 55 -2.13 13.66 1.84
C PRO B 55 -3.54 13.46 2.39
N ARG B 56 -3.94 14.38 3.25
CA ARG B 56 -5.26 14.31 3.86
C ARG B 56 -5.97 15.67 3.76
N GLY B 57 -5.23 16.70 4.17
CA GLY B 57 -5.77 18.05 4.14
C GLY B 57 -4.95 18.99 5.03
N SER B 58 -4.61 18.49 6.20
CA SER B 58 -3.83 19.27 7.15
C SER B 58 -3.11 18.34 8.12
N LEU B 59 -1.90 17.96 7.74
CA LEU B 59 -1.09 17.08 8.57
C LEU B 59 0.19 17.79 8.98
N PRO A 1 2.01 -25.49 11.53
CA PRO A 1 1.66 -24.82 10.28
C PRO A 1 2.85 -24.02 9.74
N ASN A 2 3.44 -24.52 8.67
CA ASN A 2 4.57 -23.86 8.06
C ASN A 2 4.12 -23.20 6.75
N ARG A 3 3.87 -21.91 6.83
CA ARG A 3 3.45 -21.15 5.67
C ARG A 3 4.00 -19.72 5.73
N SER A 4 3.97 -19.06 4.58
CA SER A 4 4.47 -17.70 4.49
C SER A 4 3.35 -16.71 4.80
N ILE A 5 2.29 -16.79 4.00
CA ILE A 5 1.15 -15.91 4.20
C ILE A 5 -0.02 -16.40 3.33
N SER A 6 -1.22 -16.04 3.75
CA SER A 6 -2.41 -16.43 3.03
C SER A 6 -2.33 -15.93 1.58
N PRO A 7 -2.65 -16.86 0.64
CA PRO A 7 -2.62 -16.53 -0.78
C PRO A 7 -3.83 -15.68 -1.17
N SER A 8 -4.84 -15.71 -0.30
CA SER A 8 -6.05 -14.95 -0.54
C SER A 8 -5.91 -13.54 0.04
N ALA A 9 -5.15 -13.45 1.12
CA ALA A 9 -4.93 -12.17 1.76
C ALA A 9 -4.30 -11.20 0.77
N LEU A 10 -3.17 -11.62 0.21
CA LEU A 10 -2.46 -10.80 -0.76
C LEU A 10 -3.47 -10.12 -1.68
N GLN A 11 -4.42 -10.92 -2.16
CA GLN A 11 -5.44 -10.41 -3.05
C GLN A 11 -6.23 -9.28 -2.37
N ASP A 12 -6.55 -9.50 -1.10
CA ASP A 12 -7.29 -8.51 -0.34
C ASP A 12 -6.46 -7.24 -0.23
N LEU A 13 -5.15 -7.41 -0.25
CA LEU A 13 -4.24 -6.27 -0.15
C LEU A 13 -4.39 -5.40 -1.40
N LEU A 14 -4.08 -6.01 -2.54
CA LEU A 14 -4.18 -5.29 -3.81
C LEU A 14 -5.61 -4.79 -3.99
N ARG A 15 -6.55 -5.58 -3.50
CA ARG A 15 -7.96 -5.23 -3.61
C ARG A 15 -8.32 -4.15 -2.58
N THR A 16 -7.49 -4.07 -1.55
CA THR A 16 -7.71 -3.09 -0.50
C THR A 16 -7.28 -1.69 -0.98
N LEU A 17 -6.11 -1.64 -1.59
CA LEU A 17 -5.57 -0.39 -2.09
C LEU A 17 -6.52 0.17 -3.16
N LYS A 18 -7.40 -0.71 -3.66
CA LYS A 18 -8.35 -0.31 -4.67
C LYS A 18 -9.39 0.62 -4.06
N SER A 19 -9.68 0.38 -2.79
CA SER A 19 -10.66 1.19 -2.07
C SER A 19 -10.35 2.67 -2.27
N PRO A 20 -11.18 3.52 -1.62
CA PRO A 20 -11.00 4.96 -1.72
C PRO A 20 -9.82 5.43 -0.87
N SER A 21 -9.60 4.72 0.22
CA SER A 21 -8.50 5.05 1.13
C SER A 21 -8.96 6.09 2.14
N SER A 22 -9.58 5.61 3.20
CA SER A 22 -10.07 6.49 4.25
C SER A 22 -11.10 5.76 5.11
N PRO A 23 -12.20 5.33 4.45
CA PRO A 23 -13.26 4.62 5.16
C PRO A 23 -12.84 3.19 5.46
N GLN A 24 -13.35 2.26 4.65
CA GLN A 24 -13.04 0.86 4.82
C GLN A 24 -11.54 0.62 4.65
N GLN A 25 -11.02 1.11 3.54
CA GLN A 25 -9.60 0.96 3.25
C GLN A 25 -8.79 0.93 4.55
N GLN A 26 -8.88 2.03 5.29
CA GLN A 26 -8.17 2.14 6.55
C GLN A 26 -8.26 0.84 7.33
N GLN A 27 -9.48 0.34 7.45
CA GLN A 27 -9.72 -0.90 8.17
C GLN A 27 -9.22 -2.10 7.35
N GLN A 28 -9.24 -1.91 6.04
CA GLN A 28 -8.79 -2.96 5.14
C GLN A 28 -7.29 -3.20 5.29
N VAL A 29 -6.54 -2.11 5.19
CA VAL A 29 -5.10 -2.18 5.32
C VAL A 29 -4.74 -2.75 6.70
N LEU A 30 -5.31 -2.14 7.72
CA LEU A 30 -5.06 -2.57 9.09
C LEU A 30 -5.57 -4.01 9.26
N ASN A 31 -6.64 -4.31 8.54
CA ASN A 31 -7.24 -5.64 8.61
C ASN A 31 -6.24 -6.67 8.06
N ILE A 32 -5.99 -6.57 6.76
CA ILE A 32 -5.08 -7.47 6.10
C ILE A 32 -3.73 -7.46 6.84
N LEU A 33 -3.28 -6.25 7.13
CA LEU A 33 -2.02 -6.07 7.82
C LEU A 33 -2.06 -6.83 9.15
N LYS A 34 -3.27 -6.96 9.68
CA LYS A 34 -3.46 -7.66 10.94
C LYS A 34 -3.70 -9.15 10.66
N SER A 35 -4.63 -9.40 9.76
CA SER A 35 -4.97 -10.77 9.39
C SER A 35 -3.82 -11.39 8.57
N ASN A 36 -2.83 -10.56 8.28
CA ASN A 36 -1.69 -11.00 7.51
C ASN A 36 -0.50 -10.09 7.78
N PRO A 37 0.47 -10.62 8.57
CA PRO A 37 1.66 -9.86 8.92
C PRO A 37 2.63 -9.78 7.74
N GLN A 38 3.02 -10.94 7.25
CA GLN A 38 3.93 -11.01 6.12
C GLN A 38 3.49 -10.05 5.02
N LEU A 39 2.19 -9.78 5.00
CA LEU A 39 1.63 -8.88 4.01
C LEU A 39 1.95 -7.44 4.39
N MET A 40 1.56 -7.08 5.61
CA MET A 40 1.80 -5.74 6.11
C MET A 40 3.23 -5.31 5.85
N ALA A 41 4.15 -6.23 6.11
CA ALA A 41 5.56 -5.96 5.91
C ALA A 41 5.80 -5.51 4.47
N ALA A 42 5.18 -6.23 3.55
CA ALA A 42 5.32 -5.93 2.13
C ALA A 42 4.56 -4.62 1.83
N PHE A 43 3.29 -4.60 2.21
CA PHE A 43 2.47 -3.43 1.98
C PHE A 43 3.06 -2.20 2.68
N ILE A 44 3.26 -2.34 3.98
CA ILE A 44 3.80 -1.24 4.76
C ILE A 44 5.06 -0.70 4.07
N LYS A 45 5.84 -1.63 3.52
CA LYS A 45 7.06 -1.26 2.83
C LYS A 45 6.72 -0.39 1.63
N GLN A 46 5.69 -0.81 0.90
CA GLN A 46 5.25 -0.07 -0.27
C GLN A 46 4.44 1.16 0.15
N ARG A 47 3.96 1.11 1.37
CA ARG A 47 3.17 2.21 1.90
C ARG A 47 4.08 3.31 2.46
N THR A 48 5.23 2.89 2.94
CA THR A 48 6.20 3.82 3.50
C THR A 48 7.33 4.09 2.48
N ALA A 49 7.33 3.28 1.43
CA ALA A 49 8.34 3.42 0.39
C ALA A 49 8.32 4.86 -0.13
N LYS A 50 7.24 5.56 0.19
CA LYS A 50 7.09 6.94 -0.25
C LYS A 50 7.80 7.86 0.75
N TYR A 51 7.86 7.40 1.99
CA TYR A 51 8.50 8.17 3.05
C TYR A 51 9.89 7.64 3.34
N VAL A 52 9.95 6.35 3.62
CA VAL A 52 11.22 5.71 3.92
C VAL A 52 12.29 6.24 2.98
N ALA A 53 11.85 6.67 1.81
CA ALA A 53 12.76 7.20 0.80
C ALA A 53 13.23 8.58 1.23
N ASN A 54 12.30 9.53 1.21
CA ASN A 54 12.61 10.89 1.59
C ASN A 54 13.07 10.91 3.05
N GLN A 55 12.40 10.11 3.86
CA GLN A 55 12.73 10.02 5.28
C GLN A 55 12.98 8.56 5.68
N PRO A 56 14.21 8.09 5.37
CA PRO A 56 14.59 6.72 5.70
C PRO A 56 14.86 6.58 7.19
N GLY A 57 14.05 5.74 7.84
CA GLY A 57 14.19 5.51 9.26
C GLY A 57 14.55 4.04 9.54
N MET A 58 13.85 3.16 8.84
CA MET A 58 14.08 1.74 9.00
C MET A 58 13.74 1.28 10.42
N PRO B 1 1.34 -3.24 -17.15
CA PRO B 1 0.34 -4.21 -16.77
C PRO B 1 0.90 -5.21 -15.74
N THR B 2 0.79 -4.83 -14.48
CA THR B 2 1.27 -5.67 -13.40
C THR B 2 2.70 -6.12 -13.68
N THR B 3 3.18 -7.01 -12.82
CA THR B 3 4.54 -7.53 -12.96
C THR B 3 4.62 -8.95 -12.42
N VAL B 4 5.82 -9.51 -12.49
CA VAL B 4 6.04 -10.86 -12.01
C VAL B 4 4.90 -11.76 -12.47
N GLU B 5 4.46 -11.53 -13.70
CA GLU B 5 3.38 -12.31 -14.27
C GLU B 5 3.92 -13.55 -14.96
N GLY B 6 5.22 -13.53 -15.21
CA GLY B 6 5.87 -14.65 -15.87
C GLY B 6 6.57 -15.56 -14.85
N ARG B 7 6.20 -15.37 -13.59
CA ARG B 7 6.78 -16.16 -12.52
C ARG B 7 5.69 -16.59 -11.54
N ASN B 8 4.98 -15.61 -11.01
CA ASN B 8 3.92 -15.87 -10.06
C ASN B 8 4.50 -16.57 -8.83
N ASP B 9 3.97 -16.19 -7.67
CA ASP B 9 4.43 -16.77 -6.41
C ASP B 9 4.24 -15.75 -5.29
N GLU B 10 4.35 -16.24 -4.07
CA GLU B 10 4.19 -15.39 -2.90
C GLU B 10 4.84 -14.02 -3.15
N LYS B 11 6.14 -14.05 -3.40
CA LYS B 11 6.89 -12.84 -3.66
C LYS B 11 6.29 -12.11 -4.86
N ALA B 12 5.78 -12.92 -5.80
CA ALA B 12 5.17 -12.38 -7.00
C ALA B 12 3.86 -11.68 -6.63
N LEU B 13 3.20 -12.23 -5.64
CA LEU B 13 1.94 -11.67 -5.18
C LEU B 13 2.17 -10.27 -4.62
N LEU B 14 2.98 -10.21 -3.57
CA LEU B 14 3.30 -8.95 -2.94
C LEU B 14 3.93 -8.01 -3.97
N GLU B 15 4.66 -8.61 -4.90
CA GLU B 15 5.33 -7.84 -5.94
C GLU B 15 4.29 -7.19 -6.85
N GLN B 16 3.19 -7.89 -7.05
CA GLN B 16 2.12 -7.39 -7.90
C GLN B 16 1.43 -6.20 -7.23
N LEU B 17 1.29 -6.30 -5.91
CA LEU B 17 0.65 -5.23 -5.15
C LEU B 17 1.65 -4.09 -4.93
N VAL B 18 2.91 -4.47 -4.77
CA VAL B 18 3.97 -3.50 -4.57
C VAL B 18 4.19 -2.70 -5.85
N SER B 19 4.23 -3.42 -6.97
CA SER B 19 4.42 -2.80 -8.26
C SER B 19 3.21 -1.95 -8.62
N PHE B 20 2.03 -2.51 -8.38
CA PHE B 20 0.79 -1.82 -8.67
C PHE B 20 0.70 -0.50 -7.89
N LEU B 21 1.14 -0.56 -6.65
CA LEU B 21 1.12 0.62 -5.79
C LEU B 21 2.09 1.66 -6.33
N SER B 22 3.29 1.20 -6.65
CA SER B 22 4.32 2.08 -7.18
C SER B 22 3.78 2.85 -8.38
N GLY B 23 3.00 2.13 -9.21
CA GLY B 23 2.42 2.73 -10.38
C GLY B 23 0.92 2.98 -10.20
N LYS B 24 0.59 3.60 -9.08
CA LYS B 24 -0.80 3.90 -8.76
C LYS B 24 -1.52 4.36 -10.03
N ASP B 25 -2.67 3.77 -10.26
CA ASP B 25 -3.47 4.10 -11.43
C ASP B 25 -4.36 5.31 -11.11
N GLU B 26 -4.74 5.39 -9.84
CA GLU B 26 -5.60 6.48 -9.39
C GLU B 26 -5.05 7.82 -9.89
N THR B 27 -3.76 7.82 -10.19
CA THR B 27 -3.11 9.03 -10.67
C THR B 27 -3.90 9.64 -11.82
N GLU B 28 -4.55 8.77 -12.58
CA GLU B 28 -5.35 9.21 -13.71
C GLU B 28 -6.53 10.04 -13.23
N LEU B 29 -7.14 9.58 -12.14
CA LEU B 29 -8.28 10.27 -11.57
C LEU B 29 -7.79 11.39 -10.64
N ALA B 30 -6.88 11.02 -9.77
CA ALA B 30 -6.32 11.98 -8.82
C ALA B 30 -5.25 12.81 -9.52
N GLU B 31 -5.62 13.34 -10.67
CA GLU B 31 -4.70 14.17 -11.44
C GLU B 31 -4.08 15.25 -10.56
N LEU B 32 -4.79 15.57 -9.48
CA LEU B 32 -4.33 16.59 -8.55
C LEU B 32 -3.25 15.98 -7.64
N ASP B 33 -3.62 14.87 -7.02
CA ASP B 33 -2.70 14.20 -6.12
C ASP B 33 -1.55 13.58 -6.93
N ARG B 34 -1.76 13.52 -8.24
CA ARG B 34 -0.76 12.96 -9.13
C ARG B 34 0.64 13.37 -8.68
N ALA B 35 0.71 14.53 -8.05
CA ALA B 35 1.98 15.03 -7.56
C ALA B 35 2.85 13.87 -7.10
N LEU B 36 2.38 13.16 -6.09
CA LEU B 36 3.10 12.02 -5.56
C LEU B 36 2.60 10.74 -6.23
N GLY B 37 1.37 10.81 -6.74
CA GLY B 37 0.78 9.67 -7.41
C GLY B 37 0.17 8.70 -6.39
N ILE B 38 0.62 8.82 -5.16
CA ILE B 38 0.14 7.95 -4.09
C ILE B 38 -0.02 8.78 -2.81
N ASP B 39 -0.04 10.09 -2.98
CA ASP B 39 -0.17 10.99 -1.85
C ASP B 39 -1.55 10.78 -1.21
N LYS B 40 -2.38 10.01 -1.90
CA LYS B 40 -3.72 9.73 -1.42
C LYS B 40 -3.69 8.46 -0.57
N LEU B 41 -2.56 7.76 -0.65
CA LEU B 41 -2.40 6.53 0.11
C LEU B 41 -1.63 6.82 1.40
N VAL B 42 -0.99 7.99 1.42
CA VAL B 42 -0.23 8.39 2.58
C VAL B 42 -1.07 9.33 3.44
N GLN B 43 -2.23 9.70 2.91
CA GLN B 43 -3.14 10.59 3.60
C GLN B 43 -3.06 10.34 5.11
N GLY B 44 -2.89 9.08 5.47
CA GLY B 44 -2.81 8.70 6.87
C GLY B 44 -3.06 7.21 7.05
N GLY B 45 -2.26 6.59 7.90
CA GLY B 45 -2.39 5.17 8.17
C GLY B 45 -1.88 4.82 9.57
N GLY B 46 -2.02 5.79 10.47
CA GLY B 46 -1.58 5.60 11.84
C GLY B 46 -0.15 6.16 12.03
N LEU B 47 -0.01 7.43 11.74
CA LEU B 47 1.29 8.09 11.88
C LEU B 47 2.31 7.38 11.00
N ASP B 48 2.77 8.10 9.98
CA ASP B 48 3.76 7.55 9.07
C ASP B 48 3.96 8.52 7.91
N VAL B 49 2.87 9.16 7.51
CA VAL B 49 2.92 10.11 6.41
C VAL B 49 4.18 10.96 6.54
N LEU B 50 4.72 11.34 5.39
CA LEU B 50 5.93 12.16 5.36
C LEU B 50 5.66 13.47 6.10
N SER B 51 4.39 13.72 6.38
CA SER B 51 4.00 14.93 7.07
C SER B 51 3.86 16.09 6.08
N LYS B 52 4.97 16.40 5.42
CA LYS B 52 4.98 17.48 4.45
C LYS B 52 3.67 17.44 3.65
N LEU B 53 3.13 18.63 3.43
CA LEU B 53 1.88 18.76 2.68
C LEU B 53 0.77 18.03 3.44
N VAL B 54 -0.34 17.81 2.73
CA VAL B 54 -1.48 17.13 3.32
C VAL B 54 -2.01 16.09 2.33
N PRO B 55 -1.56 14.82 2.53
CA PRO B 55 -1.98 13.73 1.68
C PRO B 55 -3.42 13.31 1.99
N ARG B 56 -4.02 14.01 2.94
CA ARG B 56 -5.39 13.73 3.34
C ARG B 56 -6.22 15.01 3.32
N GLY B 57 -6.02 15.84 4.33
CA GLY B 57 -6.74 17.09 4.44
C GLY B 57 -6.46 17.77 5.78
N SER B 58 -5.30 18.42 5.84
CA SER B 58 -4.91 19.11 7.06
C SER B 58 -4.06 18.18 7.93
N LEU B 59 -4.73 17.19 8.49
CA LEU B 59 -4.06 16.23 9.36
C LEU B 59 -3.67 16.92 10.67
N PRO A 1 5.86 -21.66 12.20
CA PRO A 1 4.97 -20.93 11.32
C PRO A 1 4.39 -21.85 10.25
N ASN A 2 5.23 -22.75 9.76
CA ASN A 2 4.81 -23.69 8.73
C ASN A 2 4.60 -22.94 7.41
N ARG A 3 3.65 -22.02 7.44
CA ARG A 3 3.34 -21.23 6.26
C ARG A 3 3.82 -19.79 6.45
N SER A 4 4.08 -19.13 5.33
CA SER A 4 4.53 -17.76 5.35
C SER A 4 3.40 -16.83 5.78
N ILE A 5 2.44 -16.67 4.87
CA ILE A 5 1.29 -15.81 5.14
C ILE A 5 0.13 -16.25 4.25
N SER A 6 -1.07 -15.91 4.70
CA SER A 6 -2.28 -16.26 3.96
C SER A 6 -2.21 -15.69 2.55
N PRO A 7 -2.48 -16.57 1.56
CA PRO A 7 -2.45 -16.16 0.16
C PRO A 7 -3.69 -15.34 -0.19
N SER A 8 -4.65 -15.36 0.72
CA SER A 8 -5.89 -14.62 0.51
C SER A 8 -5.69 -13.14 0.88
N ALA A 9 -4.82 -12.93 1.86
CA ALA A 9 -4.53 -11.58 2.32
C ALA A 9 -4.03 -10.75 1.13
N LEU A 10 -2.90 -11.17 0.59
CA LEU A 10 -2.31 -10.47 -0.54
C LEU A 10 -3.42 -10.04 -1.51
N GLN A 11 -4.22 -11.02 -1.89
CA GLN A 11 -5.33 -10.76 -2.81
C GLN A 11 -6.22 -9.65 -2.26
N ASP A 12 -6.48 -9.72 -0.96
CA ASP A 12 -7.32 -8.73 -0.31
C ASP A 12 -6.60 -7.38 -0.32
N LEU A 13 -5.28 -7.44 -0.30
CA LEU A 13 -4.47 -6.24 -0.31
C LEU A 13 -4.71 -5.48 -1.62
N LEU A 14 -4.20 -6.06 -2.70
CA LEU A 14 -4.34 -5.45 -4.01
C LEU A 14 -5.82 -5.12 -4.25
N ARG A 15 -6.68 -5.94 -3.68
CA ARG A 15 -8.10 -5.76 -3.82
C ARG A 15 -8.59 -4.59 -2.95
N THR A 16 -7.81 -4.31 -1.92
CA THR A 16 -8.13 -3.22 -1.01
C THR A 16 -7.80 -1.87 -1.65
N LEU A 17 -6.59 -1.78 -2.18
CA LEU A 17 -6.15 -0.56 -2.82
C LEU A 17 -7.19 -0.11 -3.85
N LYS A 18 -8.00 -1.07 -4.28
CA LYS A 18 -9.03 -0.80 -5.26
C LYS A 18 -10.01 0.23 -4.68
N SER A 19 -10.22 0.13 -3.37
CA SER A 19 -11.12 1.04 -2.69
C SER A 19 -10.76 2.49 -3.02
N PRO A 20 -11.51 3.43 -2.41
CA PRO A 20 -11.28 4.85 -2.63
C PRO A 20 -10.03 5.31 -1.89
N SER A 21 -9.70 4.60 -0.83
CA SER A 21 -8.53 4.93 -0.03
C SER A 21 -8.84 6.11 0.89
N SER A 22 -9.44 5.79 2.03
CA SER A 22 -9.80 6.81 3.00
C SER A 22 -10.81 6.25 4.00
N PRO A 23 -11.99 5.84 3.47
CA PRO A 23 -13.05 5.29 4.31
C PRO A 23 -12.71 3.86 4.74
N GLN A 24 -13.35 2.91 4.07
CA GLN A 24 -13.13 1.51 4.38
C GLN A 24 -11.66 1.15 4.14
N GLN A 25 -11.16 1.54 2.98
CA GLN A 25 -9.78 1.26 2.63
C GLN A 25 -8.90 1.28 3.88
N GLN A 26 -8.90 2.41 4.55
CA GLN A 26 -8.11 2.58 5.76
C GLN A 26 -8.23 1.33 6.64
N GLN A 27 -9.47 0.92 6.87
CA GLN A 27 -9.73 -0.24 7.69
C GLN A 27 -9.34 -1.52 6.94
N GLN A 28 -9.36 -1.42 5.62
CA GLN A 28 -9.02 -2.55 4.78
C GLN A 28 -7.52 -2.86 4.89
N VAL A 29 -6.72 -1.82 4.72
CA VAL A 29 -5.28 -1.96 4.81
C VAL A 29 -4.90 -2.44 6.21
N LEU A 30 -5.41 -1.73 7.21
CA LEU A 30 -5.13 -2.07 8.59
C LEU A 30 -5.68 -3.46 8.89
N ASN A 31 -6.79 -3.77 8.24
CA ASN A 31 -7.42 -5.06 8.42
C ASN A 31 -6.45 -6.17 8.02
N ILE A 32 -6.21 -6.25 6.72
CA ILE A 32 -5.30 -7.25 6.19
C ILE A 32 -3.96 -7.16 6.92
N LEU A 33 -3.43 -5.94 6.96
CA LEU A 33 -2.15 -5.71 7.61
C LEU A 33 -2.19 -6.33 9.01
N LYS A 34 -3.38 -6.38 9.59
CA LYS A 34 -3.56 -6.94 10.90
C LYS A 34 -3.85 -8.44 10.79
N SER A 35 -4.70 -8.78 9.84
CA SER A 35 -5.07 -10.17 9.61
C SER A 35 -3.90 -10.91 8.94
N ASN A 36 -2.86 -10.15 8.64
CA ASN A 36 -1.68 -10.72 8.00
C ASN A 36 -0.49 -9.78 8.22
N PRO A 37 0.43 -10.22 9.11
CA PRO A 37 1.62 -9.43 9.41
C PRO A 37 2.63 -9.52 8.27
N GLN A 38 3.13 -10.72 8.04
CA GLN A 38 4.10 -10.95 6.98
C GLN A 38 3.60 -10.36 5.67
N LEU A 39 2.29 -10.11 5.62
CA LEU A 39 1.69 -9.55 4.43
C LEU A 39 1.93 -8.04 4.39
N MET A 40 1.61 -7.38 5.50
CA MET A 40 1.79 -5.96 5.61
C MET A 40 3.22 -5.56 5.25
N ALA A 41 4.13 -6.50 5.45
CA ALA A 41 5.54 -6.26 5.16
C ALA A 41 5.67 -5.68 3.75
N ALA A 42 4.92 -6.25 2.83
CA ALA A 42 4.94 -5.79 1.45
C ALA A 42 4.33 -4.39 1.37
N PHE A 43 3.06 -4.30 1.75
CA PHE A 43 2.36 -3.03 1.74
C PHE A 43 3.09 -1.99 2.58
N ILE A 44 3.27 -2.32 3.85
CA ILE A 44 3.94 -1.43 4.79
C ILE A 44 5.14 -0.80 4.09
N LYS A 45 5.95 -1.65 3.48
CA LYS A 45 7.13 -1.19 2.77
C LYS A 45 6.72 -0.25 1.66
N GLN A 46 5.64 -0.61 0.98
CA GLN A 46 5.13 0.20 -0.11
C GLN A 46 4.65 1.56 0.41
N ARG A 47 4.09 1.53 1.61
CA ARG A 47 3.59 2.75 2.23
C ARG A 47 4.75 3.62 2.71
N THR A 48 5.72 2.96 3.33
CA THR A 48 6.89 3.65 3.84
C THR A 48 7.84 4.02 2.70
N ALA A 49 7.65 3.32 1.59
CA ALA A 49 8.49 3.56 0.42
C ALA A 49 8.32 5.00 -0.05
N LYS A 50 7.32 5.66 0.52
CA LYS A 50 7.04 7.04 0.19
C LYS A 50 7.75 7.97 1.18
N TYR A 51 7.96 7.44 2.37
CA TYR A 51 8.62 8.20 3.43
C TYR A 51 10.07 7.76 3.59
N VAL A 52 10.26 6.46 3.70
CA VAL A 52 11.59 5.91 3.85
C VAL A 52 12.57 6.66 2.94
N ALA A 53 12.05 7.08 1.80
CA ALA A 53 12.86 7.82 0.84
C ALA A 53 13.30 9.15 1.46
N ASN A 54 12.32 9.94 1.84
CA ASN A 54 12.59 11.24 2.45
C ASN A 54 13.24 11.02 3.82
N GLN A 55 12.60 10.17 4.61
CA GLN A 55 13.10 9.88 5.95
C GLN A 55 13.47 8.39 6.05
N PRO A 56 14.71 8.08 5.58
CA PRO A 56 15.19 6.72 5.62
C PRO A 56 15.60 6.31 7.04
N GLY A 57 15.57 5.01 7.29
CA GLY A 57 15.93 4.49 8.60
C GLY A 57 15.26 3.13 8.85
N MET A 58 13.95 3.11 8.69
CA MET A 58 13.19 1.89 8.89
C MET A 58 13.83 1.02 9.97
N PRO B 1 -0.43 -3.07 -14.86
CA PRO B 1 -0.59 -4.51 -14.90
C PRO B 1 0.41 -5.21 -13.97
N THR B 2 0.38 -6.53 -14.01
CA THR B 2 1.27 -7.32 -13.17
C THR B 2 2.55 -7.66 -13.94
N THR B 3 3.22 -8.71 -13.49
CA THR B 3 4.44 -9.15 -14.12
C THR B 3 4.96 -10.43 -13.46
N VAL B 4 4.01 -11.26 -13.05
CA VAL B 4 4.35 -12.53 -12.40
C VAL B 4 3.50 -13.65 -13.00
N GLU B 5 2.82 -13.31 -14.09
CA GLU B 5 1.97 -14.29 -14.76
C GLU B 5 2.81 -15.45 -15.28
N GLY B 6 4.08 -15.17 -15.52
CA GLY B 6 4.99 -16.18 -16.02
C GLY B 6 5.96 -16.65 -14.92
N ARG B 7 5.84 -16.01 -13.78
CA ARG B 7 6.69 -16.34 -12.64
C ARG B 7 5.84 -16.90 -11.49
N ASN B 8 5.07 -16.00 -10.88
CA ASN B 8 4.21 -16.39 -9.77
C ASN B 8 5.09 -16.88 -8.62
N ASP B 9 4.77 -16.39 -7.43
CA ASP B 9 5.51 -16.76 -6.23
C ASP B 9 5.39 -15.65 -5.20
N GLU B 10 5.64 -16.02 -3.95
CA GLU B 10 5.56 -15.06 -2.85
C GLU B 10 6.03 -13.68 -3.32
N LYS B 11 7.27 -13.63 -3.78
CA LYS B 11 7.84 -12.38 -4.26
C LYS B 11 6.96 -11.82 -5.38
N ALA B 12 6.55 -12.72 -6.26
CA ALA B 12 5.71 -12.33 -7.38
C ALA B 12 4.40 -11.72 -6.85
N LEU B 13 3.89 -12.34 -5.80
CA LEU B 13 2.66 -11.87 -5.18
C LEU B 13 2.80 -10.40 -4.81
N LEU B 14 3.95 -10.07 -4.23
CA LEU B 14 4.22 -8.71 -3.83
C LEU B 14 4.54 -7.87 -5.07
N GLU B 15 5.18 -8.51 -6.03
CA GLU B 15 5.55 -7.84 -7.26
C GLU B 15 4.29 -7.41 -8.03
N GLN B 16 3.22 -8.16 -7.83
CA GLN B 16 1.97 -7.87 -8.49
C GLN B 16 1.27 -6.69 -7.80
N LEU B 17 1.14 -6.80 -6.49
CA LEU B 17 0.50 -5.76 -5.70
C LEU B 17 1.39 -4.51 -5.70
N VAL B 18 2.67 -4.73 -5.42
CA VAL B 18 3.63 -3.65 -5.38
C VAL B 18 3.59 -2.88 -6.70
N SER B 19 3.75 -3.63 -7.79
CA SER B 19 3.73 -3.04 -9.11
C SER B 19 2.47 -2.18 -9.29
N PHE B 20 1.34 -2.80 -8.98
CA PHE B 20 0.06 -2.10 -9.10
C PHE B 20 0.02 -0.88 -8.19
N LEU B 21 0.73 -0.98 -7.08
CA LEU B 21 0.78 0.12 -6.12
C LEU B 21 1.51 1.30 -6.74
N SER B 22 2.55 0.98 -7.52
CA SER B 22 3.34 2.01 -8.18
C SER B 22 2.45 2.83 -9.11
N GLY B 23 1.74 2.13 -9.98
CA GLY B 23 0.86 2.78 -10.93
C GLY B 23 -0.51 3.01 -10.32
N LYS B 24 -0.52 3.61 -9.14
CA LYS B 24 -1.76 3.90 -8.44
C LYS B 24 -2.78 4.45 -9.43
N ASP B 25 -3.94 3.80 -9.47
CA ASP B 25 -4.99 4.21 -10.37
C ASP B 25 -5.59 5.53 -9.88
N GLU B 26 -5.69 5.64 -8.56
CA GLU B 26 -6.24 6.84 -7.95
C GLU B 26 -5.57 8.08 -8.54
N THR B 27 -4.32 7.92 -8.91
CA THR B 27 -3.57 9.03 -9.49
C THR B 27 -4.35 9.67 -10.63
N GLU B 28 -5.15 8.85 -11.28
CA GLU B 28 -5.97 9.33 -12.40
C GLU B 28 -6.91 10.44 -11.92
N LEU B 29 -7.61 10.15 -10.84
CA LEU B 29 -8.54 11.12 -10.29
C LEU B 29 -7.77 12.18 -9.50
N ALA B 30 -6.88 11.71 -8.64
CA ALA B 30 -6.07 12.59 -7.83
C ALA B 30 -4.89 13.11 -8.66
N GLU B 31 -5.21 13.59 -9.85
CA GLU B 31 -4.19 14.11 -10.75
C GLU B 31 -3.33 15.16 -10.03
N LEU B 32 -3.91 15.74 -8.99
CA LEU B 32 -3.23 16.75 -8.22
C LEU B 32 -2.19 16.08 -7.31
N ASP B 33 -2.67 15.10 -6.56
CA ASP B 33 -1.80 14.37 -5.65
C ASP B 33 -0.85 13.48 -6.45
N ARG B 34 -1.19 13.31 -7.72
CA ARG B 34 -0.37 12.49 -8.60
C ARG B 34 1.11 12.68 -8.30
N ALA B 35 1.43 13.89 -7.83
CA ALA B 35 2.80 14.22 -7.49
C ALA B 35 3.49 12.97 -6.91
N LEU B 36 2.95 12.51 -5.79
CA LEU B 36 3.50 11.34 -5.13
C LEU B 36 3.02 10.08 -5.83
N GLY B 37 1.82 10.18 -6.40
CA GLY B 37 1.22 9.06 -7.11
C GLY B 37 0.85 7.94 -6.14
N ILE B 38 0.95 8.24 -4.85
CA ILE B 38 0.63 7.27 -3.82
C ILE B 38 0.26 8.01 -2.53
N ASP B 39 -0.12 9.27 -2.69
CA ASP B 39 -0.51 10.09 -1.56
C ASP B 39 -1.81 9.55 -0.96
N LYS B 40 -2.33 8.52 -1.60
CA LYS B 40 -3.57 7.90 -1.14
C LYS B 40 -3.24 6.80 -0.13
N LEU B 41 -2.20 6.05 -0.44
CA LEU B 41 -1.77 4.96 0.43
C LEU B 41 -1.13 5.55 1.69
N VAL B 42 -0.87 6.84 1.63
CA VAL B 42 -0.25 7.54 2.75
C VAL B 42 -1.23 8.57 3.31
N GLN B 43 -2.35 8.71 2.63
CA GLN B 43 -3.37 9.66 3.03
C GLN B 43 -3.37 9.82 4.56
N GLY B 44 -3.37 8.68 5.24
CA GLY B 44 -3.38 8.69 6.69
C GLY B 44 -4.80 8.59 7.24
N GLY B 45 -5.30 7.37 7.29
CA GLY B 45 -6.65 7.13 7.79
C GLY B 45 -6.67 7.10 9.32
N GLY B 46 -6.08 8.14 9.90
CA GLY B 46 -6.04 8.24 11.35
C GLY B 46 -4.70 8.85 11.81
N LEU B 47 -3.63 8.17 11.44
CA LEU B 47 -2.29 8.63 11.81
C LEU B 47 -1.26 7.55 11.44
N ASP B 48 -0.82 7.62 10.19
CA ASP B 48 0.16 6.66 9.69
C ASP B 48 0.93 7.29 8.53
N VAL B 49 1.14 8.59 8.64
CA VAL B 49 1.86 9.32 7.61
C VAL B 49 2.96 10.17 8.26
N LEU B 50 3.56 11.03 7.45
CA LEU B 50 4.61 11.90 7.94
C LEU B 50 4.28 13.35 7.57
N SER B 51 3.04 13.72 7.83
CA SER B 51 2.58 15.06 7.53
C SER B 51 3.37 15.64 6.35
N LYS B 52 3.41 14.87 5.28
CA LYS B 52 4.13 15.29 4.08
C LYS B 52 3.15 15.97 3.11
N LEU B 53 3.23 17.29 3.08
CA LEU B 53 2.37 18.08 2.22
C LEU B 53 0.94 17.51 2.29
N VAL B 54 0.60 17.00 3.46
CA VAL B 54 -0.72 16.44 3.67
C VAL B 54 -1.11 15.59 2.47
N PRO B 55 -0.84 14.27 2.58
CA PRO B 55 -1.16 13.34 1.50
C PRO B 55 -2.67 13.07 1.45
N ARG B 56 -3.39 13.72 2.35
CA ARG B 56 -4.84 13.56 2.41
C ARG B 56 -5.53 14.90 2.18
N GLY B 57 -5.35 15.79 3.15
CA GLY B 57 -5.95 17.11 3.06
C GLY B 57 -6.26 17.65 4.47
N SER B 58 -5.20 17.93 5.21
CA SER B 58 -5.35 18.45 6.56
C SER B 58 -5.43 17.30 7.56
N LEU B 59 -4.28 16.71 7.83
CA LEU B 59 -4.21 15.60 8.78
C LEU B 59 -3.88 16.14 10.16
N PRO A 1 3.56 -20.68 13.71
CA PRO A 1 4.84 -21.34 13.78
C PRO A 1 5.41 -21.63 12.39
N ASN A 2 5.13 -20.69 11.48
CA ASN A 2 5.60 -20.84 10.11
C ASN A 2 6.09 -19.48 9.60
N ARG A 3 6.97 -19.53 8.61
CA ARG A 3 7.52 -18.31 8.03
C ARG A 3 6.90 -18.06 6.66
N SER A 4 5.62 -17.72 6.67
CA SER A 4 4.91 -17.44 5.43
C SER A 4 3.72 -16.53 5.70
N ILE A 5 2.69 -16.69 4.88
CA ILE A 5 1.49 -15.89 5.03
C ILE A 5 0.37 -16.49 4.18
N SER A 6 -0.85 -16.10 4.49
CA SER A 6 -2.01 -16.59 3.77
C SER A 6 -2.06 -15.97 2.37
N PRO A 7 -2.25 -16.85 1.35
CA PRO A 7 -2.32 -16.39 -0.03
C PRO A 7 -3.66 -15.71 -0.31
N SER A 8 -4.44 -15.54 0.74
CA SER A 8 -5.74 -14.90 0.62
C SER A 8 -5.66 -13.44 1.07
N ALA A 9 -4.52 -13.10 1.65
CA ALA A 9 -4.29 -11.75 2.13
C ALA A 9 -3.86 -10.86 0.96
N LEU A 10 -2.72 -11.21 0.39
CA LEU A 10 -2.19 -10.47 -0.74
C LEU A 10 -3.31 -10.20 -1.74
N GLN A 11 -4.26 -11.12 -1.79
CA GLN A 11 -5.39 -10.99 -2.70
C GLN A 11 -6.32 -9.88 -2.24
N ASP A 12 -6.48 -9.79 -0.93
CA ASP A 12 -7.34 -8.78 -0.34
C ASP A 12 -6.62 -7.43 -0.36
N LEU A 13 -5.29 -7.50 -0.27
CA LEU A 13 -4.47 -6.31 -0.27
C LEU A 13 -4.66 -5.57 -1.60
N LEU A 14 -4.33 -6.26 -2.68
CA LEU A 14 -4.46 -5.69 -4.01
C LEU A 14 -5.93 -5.36 -4.28
N ARG A 15 -6.80 -6.22 -3.76
CA ARG A 15 -8.23 -6.03 -3.94
C ARG A 15 -8.71 -4.85 -3.10
N THR A 16 -7.91 -4.49 -2.11
CA THR A 16 -8.24 -3.39 -1.22
C THR A 16 -7.97 -2.05 -1.91
N LEU A 17 -6.77 -1.95 -2.47
CA LEU A 17 -6.38 -0.73 -3.15
C LEU A 17 -7.48 -0.31 -4.12
N LYS A 18 -8.24 -1.30 -4.56
CA LYS A 18 -9.33 -1.05 -5.49
C LYS A 18 -10.29 -0.02 -4.90
N SER A 19 -10.47 -0.12 -3.59
CA SER A 19 -11.35 0.79 -2.88
C SER A 19 -10.99 2.24 -3.23
N PRO A 20 -11.73 3.19 -2.61
CA PRO A 20 -11.51 4.61 -2.85
C PRO A 20 -10.23 5.08 -2.15
N SER A 21 -9.94 4.47 -1.02
CA SER A 21 -8.76 4.82 -0.25
C SER A 21 -9.07 6.00 0.67
N SER A 22 -9.65 5.67 1.82
CA SER A 22 -10.00 6.69 2.80
C SER A 22 -10.97 6.12 3.82
N PRO A 23 -12.15 5.68 3.31
CA PRO A 23 -13.18 5.11 4.16
C PRO A 23 -12.81 3.70 4.60
N GLN A 24 -13.44 2.73 3.95
CA GLN A 24 -13.19 1.33 4.26
C GLN A 24 -11.72 0.99 4.01
N GLN A 25 -11.25 1.36 2.82
CA GLN A 25 -9.87 1.11 2.45
C GLN A 25 -8.97 1.17 3.68
N GLN A 26 -8.98 2.33 4.32
CA GLN A 26 -8.16 2.53 5.51
C GLN A 26 -8.21 1.30 6.41
N GLN A 27 -9.43 0.85 6.67
CA GLN A 27 -9.64 -0.32 7.52
C GLN A 27 -9.24 -1.59 6.77
N GLN A 28 -9.34 -1.52 5.45
CA GLN A 28 -9.00 -2.65 4.60
C GLN A 28 -7.50 -2.93 4.68
N VAL A 29 -6.71 -1.88 4.47
CA VAL A 29 -5.26 -2.01 4.50
C VAL A 29 -4.84 -2.49 5.90
N LEU A 30 -5.34 -1.80 6.91
CA LEU A 30 -5.03 -2.14 8.28
C LEU A 30 -5.55 -3.55 8.58
N ASN A 31 -6.71 -3.85 8.02
CA ASN A 31 -7.33 -5.14 8.22
C ASN A 31 -6.34 -6.24 7.83
N ILE A 32 -6.01 -6.25 6.55
CA ILE A 32 -5.07 -7.24 6.03
C ILE A 32 -3.71 -7.05 6.71
N LEU A 33 -3.27 -5.80 6.73
CA LEU A 33 -1.99 -5.48 7.34
C LEU A 33 -1.93 -6.06 8.76
N LYS A 34 -3.10 -6.07 9.40
CA LYS A 34 -3.20 -6.59 10.75
C LYS A 34 -3.57 -8.08 10.69
N SER A 35 -4.23 -8.44 9.60
CA SER A 35 -4.65 -9.82 9.42
C SER A 35 -3.53 -10.63 8.76
N ASN A 36 -2.45 -9.93 8.44
CA ASN A 36 -1.31 -10.56 7.81
C ASN A 36 -0.08 -9.65 7.97
N PRO A 37 0.89 -10.13 8.79
CA PRO A 37 2.12 -9.38 9.02
C PRO A 37 3.05 -9.46 7.81
N GLN A 38 3.55 -10.66 7.57
CA GLN A 38 4.45 -10.88 6.45
C GLN A 38 3.92 -10.20 5.20
N LEU A 39 2.59 -10.14 5.11
CA LEU A 39 1.95 -9.51 3.97
C LEU A 39 2.08 -7.99 4.07
N MET A 40 1.88 -7.51 5.29
CA MET A 40 1.97 -6.08 5.54
C MET A 40 3.35 -5.54 5.16
N ALA A 41 4.36 -6.36 5.39
CA ALA A 41 5.73 -5.98 5.07
C ALA A 41 5.78 -5.45 3.63
N ALA A 42 5.00 -6.09 2.77
CA ALA A 42 4.95 -5.70 1.37
C ALA A 42 4.34 -4.30 1.26
N PHE A 43 3.09 -4.20 1.71
CA PHE A 43 2.38 -2.94 1.67
C PHE A 43 3.10 -1.88 2.50
N ILE A 44 3.32 -2.20 3.77
CA ILE A 44 3.99 -1.29 4.66
C ILE A 44 5.15 -0.62 3.93
N LYS A 45 5.97 -1.45 3.30
CA LYS A 45 7.11 -0.96 2.55
C LYS A 45 6.63 -0.07 1.40
N GLN A 46 5.59 -0.55 0.73
CA GLN A 46 5.02 0.19 -0.39
C GLN A 46 4.66 1.61 0.03
N ARG A 47 4.03 1.71 1.20
CA ARG A 47 3.62 3.00 1.72
C ARG A 47 4.85 3.78 2.21
N THR A 48 5.70 3.08 2.94
CA THR A 48 6.91 3.69 3.48
C THR A 48 7.79 4.21 2.35
N ALA A 49 7.66 3.57 1.19
CA ALA A 49 8.43 3.96 0.03
C ALA A 49 8.10 5.40 -0.34
N LYS A 50 7.03 5.91 0.28
CA LYS A 50 6.59 7.27 0.02
C LYS A 50 7.30 8.21 0.99
N TYR A 51 7.56 7.71 2.18
CA TYR A 51 8.23 8.49 3.20
C TYR A 51 9.73 8.19 3.22
N VAL A 52 10.07 7.00 2.76
CA VAL A 52 11.47 6.59 2.72
C VAL A 52 12.19 7.33 1.60
N ALA A 53 11.42 7.69 0.57
CA ALA A 53 11.97 8.40 -0.57
C ALA A 53 12.31 9.83 -0.14
N ASN A 54 11.77 10.22 0.99
CA ASN A 54 12.01 11.56 1.52
C ASN A 54 12.88 11.47 2.77
N GLN A 55 12.53 10.51 3.63
CA GLN A 55 13.27 10.31 4.87
C GLN A 55 13.75 8.86 4.96
N PRO A 56 14.99 8.62 4.45
CA PRO A 56 15.57 7.29 4.47
C PRO A 56 16.04 6.93 5.88
N GLY A 57 15.63 5.75 6.32
CA GLY A 57 16.00 5.27 7.64
C GLY A 57 16.52 3.83 7.58
N MET A 58 17.75 3.71 7.09
CA MET A 58 18.37 2.40 6.98
C MET A 58 19.82 2.44 7.47
N PRO B 1 1.79 -2.92 -14.33
CA PRO B 1 1.45 -4.30 -14.63
C PRO B 1 1.98 -5.24 -13.54
N THR B 2 1.61 -6.50 -13.67
CA THR B 2 2.04 -7.51 -12.71
C THR B 2 3.48 -7.92 -12.98
N THR B 3 3.83 -7.93 -14.26
CA THR B 3 5.18 -8.31 -14.66
C THR B 3 5.68 -9.48 -13.82
N VAL B 4 4.91 -10.56 -13.85
CA VAL B 4 5.26 -11.75 -13.10
C VAL B 4 4.26 -12.86 -13.42
N GLU B 5 3.96 -12.99 -14.72
CA GLU B 5 3.03 -14.00 -15.16
C GLU B 5 3.78 -15.28 -15.55
N GLY B 6 5.09 -15.22 -15.40
CA GLY B 6 5.93 -16.36 -15.75
C GLY B 6 6.64 -16.90 -14.50
N ARG B 7 6.29 -16.32 -13.37
CA ARG B 7 6.89 -16.73 -12.11
C ARG B 7 5.81 -17.26 -11.16
N ASN B 8 4.98 -16.35 -10.69
CA ASN B 8 3.90 -16.71 -9.77
C ASN B 8 4.51 -17.31 -8.50
N ASP B 9 4.03 -16.81 -7.37
CA ASP B 9 4.50 -17.29 -6.08
C ASP B 9 4.36 -16.16 -5.05
N GLU B 10 4.50 -16.54 -3.79
CA GLU B 10 4.39 -15.58 -2.70
C GLU B 10 5.02 -14.26 -3.10
N LYS B 11 6.31 -14.31 -3.40
CA LYS B 11 7.03 -13.13 -3.81
C LYS B 11 6.38 -12.52 -5.04
N ALA B 12 5.86 -13.40 -5.89
CA ALA B 12 5.20 -12.97 -7.11
C ALA B 12 3.87 -12.30 -6.76
N LEU B 13 3.28 -12.76 -5.67
CA LEU B 13 2.01 -12.22 -5.22
C LEU B 13 2.21 -10.77 -4.79
N LEU B 14 3.04 -10.60 -3.77
CA LEU B 14 3.33 -9.27 -3.24
C LEU B 14 3.91 -8.40 -4.36
N GLU B 15 4.64 -9.05 -5.25
CA GLU B 15 5.25 -8.36 -6.37
C GLU B 15 4.19 -7.78 -7.30
N GLN B 16 3.10 -8.54 -7.46
CA GLN B 16 2.01 -8.11 -8.31
C GLN B 16 1.34 -6.87 -7.72
N LEU B 17 1.11 -6.92 -6.41
CA LEU B 17 0.47 -5.80 -5.73
C LEU B 17 1.46 -4.63 -5.65
N VAL B 18 2.72 -4.97 -5.41
CA VAL B 18 3.76 -3.96 -5.30
C VAL B 18 3.83 -3.18 -6.61
N SER B 19 3.95 -3.93 -7.70
CA SER B 19 4.03 -3.33 -9.03
C SER B 19 2.78 -2.50 -9.29
N PHE B 20 1.64 -3.06 -8.92
CA PHE B 20 0.36 -2.38 -9.12
C PHE B 20 0.27 -1.13 -8.26
N LEU B 21 0.91 -1.20 -7.09
CA LEU B 21 0.90 -0.09 -6.16
C LEU B 21 1.80 1.03 -6.70
N SER B 22 2.87 0.62 -7.35
CA SER B 22 3.81 1.57 -7.92
C SER B 22 3.09 2.52 -8.86
N GLY B 23 2.25 1.93 -9.71
CA GLY B 23 1.49 2.72 -10.68
C GLY B 23 0.06 2.96 -10.18
N LYS B 24 -0.03 3.42 -8.94
CA LYS B 24 -1.33 3.69 -8.34
C LYS B 24 -2.23 4.39 -9.36
N ASP B 25 -3.28 3.68 -9.76
CA ASP B 25 -4.22 4.22 -10.73
C ASP B 25 -4.84 5.50 -10.17
N GLU B 26 -5.11 5.47 -8.87
CA GLU B 26 -5.71 6.62 -8.21
C GLU B 26 -4.99 7.91 -8.63
N THR B 27 -3.69 7.78 -8.81
CA THR B 27 -2.88 8.92 -9.21
C THR B 27 -3.50 9.62 -10.43
N GLU B 28 -4.15 8.81 -11.26
CA GLU B 28 -4.78 9.33 -12.46
C GLU B 28 -5.75 10.46 -12.10
N LEU B 29 -6.81 10.09 -11.39
CA LEU B 29 -7.80 11.06 -10.97
C LEU B 29 -7.13 12.16 -10.14
N ALA B 30 -6.40 11.74 -9.13
CA ALA B 30 -5.70 12.67 -8.27
C ALA B 30 -4.41 13.11 -8.94
N GLU B 31 -4.56 13.58 -10.18
CA GLU B 31 -3.41 14.04 -10.95
C GLU B 31 -2.60 15.05 -10.14
N LEU B 32 -3.27 15.66 -9.17
CA LEU B 32 -2.63 16.65 -8.32
C LEU B 32 -1.86 15.94 -7.22
N ASP B 33 -2.54 15.05 -6.52
CA ASP B 33 -1.93 14.30 -5.45
C ASP B 33 -0.79 13.44 -6.01
N ARG B 34 -0.79 13.30 -7.33
CA ARG B 34 0.23 12.52 -8.00
C ARG B 34 1.60 12.81 -7.39
N ALA B 35 1.73 13.99 -6.83
CA ALA B 35 2.99 14.39 -6.21
C ALA B 35 3.52 13.24 -5.36
N LEU B 36 2.62 12.63 -4.62
CA LEU B 36 3.00 11.51 -3.76
C LEU B 36 2.41 10.22 -4.33
N GLY B 37 1.39 10.39 -5.17
CA GLY B 37 0.73 9.25 -5.78
C GLY B 37 -0.15 8.51 -4.76
N ILE B 38 0.48 8.14 -3.66
CA ILE B 38 -0.22 7.42 -2.61
C ILE B 38 -0.47 8.37 -1.43
N ASP B 39 -0.40 9.66 -1.73
CA ASP B 39 -0.62 10.67 -0.71
C ASP B 39 -2.01 10.49 -0.10
N LYS B 40 -2.80 9.65 -0.74
CA LYS B 40 -4.15 9.37 -0.28
C LYS B 40 -4.12 8.22 0.72
N LEU B 41 -3.09 7.38 0.58
CA LEU B 41 -2.93 6.24 1.47
C LEU B 41 -2.23 6.70 2.75
N VAL B 42 -1.22 7.54 2.57
CA VAL B 42 -0.47 8.05 3.70
C VAL B 42 -1.30 9.10 4.44
N GLN B 43 -2.40 9.49 3.80
CA GLN B 43 -3.28 10.49 4.39
C GLN B 43 -3.21 10.43 5.91
N GLY B 44 -3.27 9.22 6.43
CA GLY B 44 -3.22 9.01 7.87
C GLY B 44 -3.92 7.70 8.27
N GLY B 45 -4.45 7.70 9.47
CA GLY B 45 -5.15 6.53 9.99
C GLY B 45 -4.83 6.30 11.46
N GLY B 46 -3.82 7.03 11.94
CA GLY B 46 -3.40 6.91 13.32
C GLY B 46 -2.32 7.93 13.66
N LEU B 47 -1.08 7.52 13.47
CA LEU B 47 0.05 8.39 13.74
C LEU B 47 1.35 7.67 13.39
N ASP B 48 1.97 8.14 12.31
CA ASP B 48 3.22 7.55 11.85
C ASP B 48 3.65 8.24 10.55
N VAL B 49 2.66 8.53 9.72
CA VAL B 49 2.91 9.18 8.45
C VAL B 49 3.80 10.42 8.68
N LEU B 50 4.38 10.90 7.60
CA LEU B 50 5.24 12.07 7.67
C LEU B 50 4.38 13.32 7.89
N SER B 51 4.15 13.62 9.16
CA SER B 51 3.34 14.78 9.52
C SER B 51 3.74 15.97 8.65
N LYS B 52 5.02 16.03 8.32
CA LYS B 52 5.54 17.11 7.50
C LYS B 52 4.64 17.29 6.27
N LEU B 53 4.91 16.46 5.27
CA LEU B 53 4.14 16.51 4.03
C LEU B 53 2.73 16.01 4.30
N VAL B 54 2.03 16.71 5.19
CA VAL B 54 0.67 16.35 5.54
C VAL B 54 -0.06 15.87 4.29
N PRO B 55 -0.13 14.53 4.13
CA PRO B 55 -0.81 13.94 2.99
C PRO B 55 -2.32 14.03 3.13
N ARG B 56 -2.74 14.66 4.22
CA ARG B 56 -4.16 14.82 4.49
C ARG B 56 -4.52 16.31 4.57
N GLY B 57 -3.69 17.04 5.31
CA GLY B 57 -3.91 18.47 5.49
C GLY B 57 -3.07 19.02 6.64
N SER B 58 -3.37 18.51 7.83
CA SER B 58 -2.65 18.94 9.02
C SER B 58 -2.26 17.71 9.86
N LEU B 59 -3.24 16.86 10.11
CA LEU B 59 -3.01 15.66 10.90
C LEU B 59 -2.53 16.05 12.29
N PRO A 1 -2.32 -21.40 7.88
CA PRO A 1 -1.93 -20.05 7.50
C PRO A 1 -1.21 -19.34 8.65
N ASN A 2 0.11 -19.29 8.52
CA ASN A 2 0.93 -18.65 9.54
C ASN A 2 2.40 -18.77 9.14
N ARG A 3 2.81 -19.99 8.85
CA ARG A 3 4.19 -20.25 8.46
C ARG A 3 4.70 -19.12 7.56
N SER A 4 3.88 -18.76 6.59
CA SER A 4 4.25 -17.70 5.66
C SER A 4 3.14 -16.64 5.61
N ILE A 5 2.03 -17.02 4.99
CA ILE A 5 0.89 -16.12 4.87
C ILE A 5 -0.20 -16.79 4.06
N SER A 6 -1.37 -16.16 4.04
CA SER A 6 -2.50 -16.68 3.31
C SER A 6 -2.49 -16.14 1.88
N PRO A 7 -2.69 -17.07 0.90
CA PRO A 7 -2.71 -16.71 -0.50
C PRO A 7 -4.01 -16.00 -0.87
N SER A 8 -4.85 -15.81 0.15
CA SER A 8 -6.12 -15.15 -0.06
C SER A 8 -6.06 -13.71 0.45
N ALA A 9 -4.98 -13.41 1.16
CA ALA A 9 -4.78 -12.08 1.70
C ALA A 9 -4.32 -11.15 0.58
N LEU A 10 -3.22 -11.53 -0.06
CA LEU A 10 -2.67 -10.74 -1.14
C LEU A 10 -3.80 -10.29 -2.07
N GLN A 11 -4.86 -11.07 -2.07
CA GLN A 11 -6.02 -10.76 -2.90
C GLN A 11 -6.80 -9.59 -2.31
N ASP A 12 -6.91 -9.60 -0.99
CA ASP A 12 -7.63 -8.55 -0.29
C ASP A 12 -6.76 -7.29 -0.23
N LEU A 13 -5.46 -7.52 -0.20
CA LEU A 13 -4.51 -6.43 -0.15
C LEU A 13 -4.59 -5.61 -1.44
N LEU A 14 -4.22 -6.27 -2.54
CA LEU A 14 -4.25 -5.62 -3.84
C LEU A 14 -5.67 -5.11 -4.12
N ARG A 15 -6.64 -5.85 -3.62
CA ARG A 15 -8.04 -5.49 -3.80
C ARG A 15 -8.40 -4.30 -2.91
N THR A 16 -7.69 -4.20 -1.79
CA THR A 16 -7.93 -3.12 -0.85
C THR A 16 -7.52 -1.78 -1.47
N LEU A 17 -6.40 -1.79 -2.18
CA LEU A 17 -5.91 -0.59 -2.82
C LEU A 17 -6.93 -0.11 -3.85
N LYS A 18 -7.77 -1.04 -4.28
CA LYS A 18 -8.79 -0.72 -5.26
C LYS A 18 -9.72 0.35 -4.69
N SER A 19 -9.99 0.23 -3.40
CA SER A 19 -10.86 1.17 -2.72
C SER A 19 -10.43 2.60 -3.04
N PRO A 20 -11.17 3.57 -2.44
CA PRO A 20 -10.86 4.98 -2.65
C PRO A 20 -9.61 5.39 -1.87
N SER A 21 -9.43 4.75 -0.73
CA SER A 21 -8.28 5.04 0.11
C SER A 21 -8.60 6.21 1.05
N SER A 22 -9.25 5.89 2.15
CA SER A 22 -9.61 6.89 3.13
C SER A 22 -10.68 6.34 4.08
N PRO A 23 -11.85 5.97 3.48
CA PRO A 23 -12.95 5.42 4.25
C PRO A 23 -12.66 3.97 4.67
N GLN A 24 -13.29 3.05 3.96
CA GLN A 24 -13.12 1.64 4.25
C GLN A 24 -11.65 1.24 4.07
N GLN A 25 -11.09 1.64 2.94
CA GLN A 25 -9.70 1.34 2.63
C GLN A 25 -8.87 1.32 3.92
N GLN A 26 -8.88 2.46 4.61
CA GLN A 26 -8.14 2.58 5.84
C GLN A 26 -8.30 1.32 6.69
N GLN A 27 -9.55 0.92 6.86
CA GLN A 27 -9.86 -0.27 7.64
C GLN A 27 -9.44 -1.53 6.88
N GLN A 28 -9.43 -1.42 5.57
CA GLN A 28 -9.07 -2.53 4.72
C GLN A 28 -7.56 -2.81 4.83
N VAL A 29 -6.77 -1.77 4.61
CA VAL A 29 -5.33 -1.87 4.68
C VAL A 29 -4.94 -2.42 6.06
N LEU A 30 -5.49 -1.79 7.08
CA LEU A 30 -5.19 -2.19 8.45
C LEU A 30 -5.79 -3.58 8.69
N ASN A 31 -6.89 -3.84 8.02
CA ASN A 31 -7.57 -5.12 8.16
C ASN A 31 -6.62 -6.24 7.72
N ILE A 32 -6.19 -6.14 6.47
CA ILE A 32 -5.29 -7.13 5.91
C ILE A 32 -3.92 -7.02 6.60
N LEU A 33 -3.48 -5.78 6.76
CA LEU A 33 -2.20 -5.53 7.40
C LEU A 33 -2.19 -6.17 8.79
N LYS A 34 -3.37 -6.19 9.40
CA LYS A 34 -3.51 -6.77 10.73
C LYS A 34 -3.89 -8.24 10.60
N SER A 35 -4.61 -8.55 9.53
CA SER A 35 -5.03 -9.92 9.28
C SER A 35 -3.94 -10.68 8.53
N ASN A 36 -2.86 -9.97 8.24
CA ASN A 36 -1.74 -10.56 7.53
C ASN A 36 -0.51 -9.68 7.69
N PRO A 37 0.51 -10.23 8.42
CA PRO A 37 1.74 -9.50 8.66
C PRO A 37 2.61 -9.47 7.40
N GLN A 38 2.95 -10.65 6.92
CA GLN A 38 3.77 -10.78 5.73
C GLN A 38 3.25 -9.85 4.63
N LEU A 39 1.93 -9.69 4.61
CA LEU A 39 1.29 -8.84 3.62
C LEU A 39 1.67 -7.38 3.88
N MET A 40 1.40 -6.95 5.11
CA MET A 40 1.70 -5.58 5.50
C MET A 40 3.16 -5.23 5.20
N ALA A 41 4.03 -6.20 5.44
CA ALA A 41 5.45 -6.00 5.20
C ALA A 41 5.65 -5.43 3.79
N ALA A 42 4.94 -6.02 2.85
CA ALA A 42 5.03 -5.58 1.46
C ALA A 42 4.40 -4.20 1.33
N PHE A 43 3.12 -4.13 1.64
CA PHE A 43 2.39 -2.87 1.57
C PHE A 43 3.11 -1.78 2.37
N ILE A 44 3.31 -2.07 3.65
CA ILE A 44 3.98 -1.13 4.53
C ILE A 44 5.24 -0.59 3.84
N LYS A 45 5.97 -1.52 3.23
CA LYS A 45 7.19 -1.17 2.54
C LYS A 45 6.89 -0.15 1.43
N GLN A 46 5.78 -0.40 0.76
CA GLN A 46 5.35 0.48 -0.32
C GLN A 46 4.94 1.85 0.23
N ARG A 47 4.19 1.82 1.32
CA ARG A 47 3.73 3.04 1.95
C ARG A 47 4.93 3.88 2.41
N THR A 48 5.80 3.23 3.17
CA THR A 48 6.98 3.90 3.68
C THR A 48 7.95 4.23 2.54
N ALA A 49 7.81 3.48 1.46
CA ALA A 49 8.66 3.68 0.29
C ALA A 49 8.41 5.09 -0.27
N LYS A 50 7.38 5.72 0.26
CA LYS A 50 7.02 7.07 -0.17
C LYS A 50 7.72 8.09 0.72
N TYR A 51 7.99 7.67 1.95
CA TYR A 51 8.66 8.55 2.91
C TYR A 51 10.13 8.15 3.08
N VAL A 52 10.33 6.86 3.33
CA VAL A 52 11.67 6.34 3.52
C VAL A 52 12.61 7.00 2.51
N ALA A 53 12.07 7.25 1.32
CA ALA A 53 12.86 7.88 0.27
C ALA A 53 13.22 9.30 0.68
N ASN A 54 12.19 10.09 0.94
CA ASN A 54 12.39 11.47 1.34
C ASN A 54 13.16 11.51 2.66
N GLN A 55 12.69 10.69 3.61
CA GLN A 55 13.32 10.62 4.91
C GLN A 55 13.96 9.24 5.12
N PRO A 56 15.30 9.19 4.91
CA PRO A 56 16.04 7.95 5.07
C PRO A 56 16.21 7.60 6.55
N GLY A 57 16.36 6.31 6.81
CA GLY A 57 16.54 5.85 8.18
C GLY A 57 17.96 5.33 8.39
N MET A 58 18.89 6.28 8.49
CA MET A 58 20.28 5.94 8.71
C MET A 58 20.64 5.98 10.19
N PRO B 1 -5.21 -8.45 -15.91
CA PRO B 1 -4.94 -8.49 -14.48
C PRO B 1 -3.50 -8.07 -14.19
N THR B 2 -3.09 -8.29 -12.95
CA THR B 2 -1.75 -7.94 -12.53
C THR B 2 -0.72 -8.82 -13.25
N THR B 3 0.26 -9.28 -12.48
CA THR B 3 1.30 -10.13 -13.03
C THR B 3 1.76 -11.15 -11.99
N VAL B 4 2.42 -12.20 -12.49
CA VAL B 4 2.91 -13.25 -11.62
C VAL B 4 1.85 -13.57 -10.56
N GLU B 5 2.32 -13.81 -9.35
CA GLU B 5 1.44 -14.14 -8.25
C GLU B 5 0.86 -15.54 -8.42
N GLY B 6 0.52 -16.16 -7.29
CA GLY B 6 -0.03 -17.50 -7.32
C GLY B 6 0.59 -18.33 -8.44
N ARG B 7 1.86 -18.10 -8.67
CA ARG B 7 2.59 -18.83 -9.70
C ARG B 7 4.06 -19.00 -9.31
N ASN B 8 4.67 -17.89 -8.92
CA ASN B 8 6.06 -17.91 -8.52
C ASN B 8 6.15 -18.25 -7.03
N ASP B 9 5.89 -17.24 -6.21
CA ASP B 9 5.95 -17.42 -4.77
C ASP B 9 5.48 -16.13 -4.09
N GLU B 10 5.50 -16.16 -2.76
CA GLU B 10 5.09 -15.01 -1.98
C GLU B 10 5.64 -13.72 -2.60
N LYS B 11 6.95 -13.71 -2.80
CA LYS B 11 7.60 -12.56 -3.39
C LYS B 11 6.84 -12.12 -4.64
N ALA B 12 6.27 -13.10 -5.33
CA ALA B 12 5.51 -12.82 -6.54
C ALA B 12 4.20 -12.16 -6.16
N LEU B 13 3.65 -12.58 -5.03
CA LEU B 13 2.40 -12.04 -4.55
C LEU B 13 2.54 -10.52 -4.36
N LEU B 14 3.45 -10.16 -3.45
CA LEU B 14 3.69 -8.77 -3.16
C LEU B 14 4.12 -8.05 -4.45
N GLU B 15 4.89 -8.76 -5.26
CA GLU B 15 5.36 -8.19 -6.52
C GLU B 15 4.18 -7.76 -7.38
N GLN B 16 3.09 -8.51 -7.26
CA GLN B 16 1.89 -8.21 -8.02
C GLN B 16 1.22 -6.94 -7.49
N LEU B 17 1.11 -6.89 -6.17
CA LEU B 17 0.49 -5.73 -5.52
C LEU B 17 1.43 -4.53 -5.62
N VAL B 18 2.64 -4.73 -5.12
CA VAL B 18 3.65 -3.67 -5.15
C VAL B 18 3.74 -3.11 -6.56
N SER B 19 3.68 -4.00 -7.54
CA SER B 19 3.75 -3.60 -8.92
C SER B 19 2.61 -2.65 -9.27
N PHE B 20 1.40 -3.10 -8.98
CA PHE B 20 0.21 -2.30 -9.25
C PHE B 20 0.24 -1.00 -8.44
N LEU B 21 0.83 -1.10 -7.26
CA LEU B 21 0.92 0.06 -6.37
C LEU B 21 1.90 1.07 -6.96
N SER B 22 2.96 0.54 -7.57
CA SER B 22 3.97 1.39 -8.18
C SER B 22 3.31 2.37 -9.14
N GLY B 23 2.51 1.82 -10.04
CA GLY B 23 1.82 2.64 -11.02
C GLY B 23 0.37 2.90 -10.61
N LYS B 24 0.23 3.40 -9.40
CA LYS B 24 -1.09 3.70 -8.86
C LYS B 24 -1.95 4.32 -9.96
N ASP B 25 -3.04 3.64 -10.28
CA ASP B 25 -3.95 4.12 -11.31
C ASP B 25 -4.73 5.33 -10.77
N GLU B 26 -5.11 5.23 -9.51
CA GLU B 26 -5.85 6.31 -8.88
C GLU B 26 -5.19 7.65 -9.15
N THR B 27 -3.89 7.59 -9.42
CA THR B 27 -3.13 8.80 -9.71
C THR B 27 -3.82 9.62 -10.79
N GLU B 28 -4.38 8.91 -11.76
CA GLU B 28 -5.07 9.55 -12.86
C GLU B 28 -6.25 10.39 -12.34
N LEU B 29 -7.06 9.74 -11.50
CA LEU B 29 -8.22 10.40 -10.93
C LEU B 29 -7.75 11.47 -9.93
N ALA B 30 -6.88 11.05 -9.03
CA ALA B 30 -6.35 11.95 -8.02
C ALA B 30 -5.23 12.79 -8.64
N GLU B 31 -5.57 13.44 -9.76
CA GLU B 31 -4.62 14.27 -10.45
C GLU B 31 -3.99 15.28 -9.48
N LEU B 32 -4.70 15.54 -8.39
CA LEU B 32 -4.23 16.46 -7.38
C LEU B 32 -3.26 15.75 -6.45
N ASP B 33 -3.55 14.48 -6.19
CA ASP B 33 -2.71 13.68 -5.32
C ASP B 33 -1.47 13.23 -6.09
N ARG B 34 -1.55 13.37 -7.42
CA ARG B 34 -0.44 12.97 -8.27
C ARG B 34 0.90 13.31 -7.60
N ALA B 35 0.88 14.37 -6.81
CA ALA B 35 2.07 14.81 -6.11
C ALA B 35 2.86 13.58 -5.64
N LEU B 36 2.22 12.82 -4.74
CA LEU B 36 2.84 11.62 -4.21
C LEU B 36 2.41 10.41 -5.04
N GLY B 37 1.27 10.57 -5.70
CA GLY B 37 0.75 9.50 -6.54
C GLY B 37 0.12 8.39 -5.68
N ILE B 38 0.29 8.54 -4.38
CA ILE B 38 -0.26 7.57 -3.45
C ILE B 38 -0.46 8.22 -2.08
N ASP B 39 -0.57 9.55 -2.11
CA ASP B 39 -0.77 10.31 -0.90
C ASP B 39 -1.91 9.70 -0.10
N LYS B 40 -2.85 9.11 -0.82
CA LYS B 40 -4.00 8.48 -0.19
C LYS B 40 -3.52 7.35 0.71
N LEU B 41 -2.40 6.76 0.33
CA LEU B 41 -1.83 5.66 1.09
C LEU B 41 -1.08 6.22 2.30
N VAL B 42 -0.64 7.45 2.17
CA VAL B 42 0.08 8.12 3.24
C VAL B 42 -0.91 8.82 4.16
N GLN B 43 -2.18 8.80 3.75
CA GLN B 43 -3.23 9.43 4.54
C GLN B 43 -2.96 9.23 6.03
N GLY B 44 -2.34 8.11 6.35
CA GLY B 44 -2.03 7.80 7.73
C GLY B 44 -1.37 6.42 7.85
N GLY B 45 -1.87 5.64 8.79
CA GLY B 45 -1.35 4.30 9.02
C GLY B 45 -1.57 3.86 10.47
N GLY B 46 -0.65 4.28 11.32
CA GLY B 46 -0.73 3.94 12.73
C GLY B 46 -0.23 5.10 13.60
N LEU B 47 1.08 5.30 13.56
CA LEU B 47 1.69 6.36 14.34
C LEU B 47 1.25 7.71 13.79
N ASP B 48 1.55 7.92 12.52
CA ASP B 48 1.19 9.17 11.87
C ASP B 48 1.88 9.24 10.49
N VAL B 49 1.69 10.37 9.84
CA VAL B 49 2.29 10.58 8.53
C VAL B 49 3.59 11.36 8.68
N LEU B 50 4.03 11.93 7.57
CA LEU B 50 5.26 12.70 7.56
C LEU B 50 4.92 14.20 7.61
N SER B 51 3.63 14.48 7.46
CA SER B 51 3.16 15.85 7.47
C SER B 51 3.30 16.48 6.09
N LYS B 52 4.53 16.46 5.59
CA LYS B 52 4.82 17.01 4.29
C LYS B 52 3.70 16.65 3.32
N LEU B 53 2.92 17.66 2.95
CA LEU B 53 1.81 17.44 2.04
C LEU B 53 0.76 16.56 2.71
N VAL B 54 -0.04 17.19 3.56
CA VAL B 54 -1.08 16.47 4.28
C VAL B 54 -1.75 15.47 3.34
N PRO B 55 -1.34 14.18 3.48
CA PRO B 55 -1.89 13.12 2.66
C PRO B 55 -3.31 12.76 3.08
N ARG B 56 -3.79 13.50 4.09
CA ARG B 56 -5.13 13.27 4.60
C ARG B 56 -6.01 14.50 4.36
N GLY B 57 -5.38 15.66 4.45
CA GLY B 57 -6.09 16.90 4.25
C GLY B 57 -5.73 17.92 5.35
N SER B 58 -5.89 17.48 6.59
CA SER B 58 -5.58 18.34 7.72
C SER B 58 -5.14 17.48 8.91
N LEU B 59 -3.82 17.32 9.02
CA LEU B 59 -3.25 16.53 10.10
C LEU B 59 -2.61 17.47 11.13
N PRO A 1 0.42 -20.44 9.37
CA PRO A 1 1.10 -20.69 10.62
C PRO A 1 2.57 -20.30 10.53
N ASN A 2 2.82 -19.01 10.71
CA ASN A 2 4.17 -18.49 10.65
C ASN A 2 4.77 -18.76 9.26
N ARG A 3 5.79 -17.99 8.93
CA ARG A 3 6.44 -18.14 7.64
C ARG A 3 5.45 -17.88 6.51
N SER A 4 5.98 -17.38 5.39
CA SER A 4 5.16 -17.10 4.23
C SER A 4 3.91 -16.30 4.66
N ILE A 5 2.97 -16.19 3.74
CA ILE A 5 1.74 -15.47 4.00
C ILE A 5 0.62 -16.04 3.13
N SER A 6 -0.61 -15.81 3.57
CA SER A 6 -1.77 -16.28 2.84
C SER A 6 -1.90 -15.53 1.51
N PRO A 7 -2.43 -16.25 0.48
CA PRO A 7 -2.62 -15.67 -0.83
C PRO A 7 -3.80 -14.71 -0.84
N SER A 8 -4.98 -15.27 -0.64
CA SER A 8 -6.20 -14.48 -0.62
C SER A 8 -5.92 -13.10 -0.01
N ALA A 9 -4.97 -13.08 0.92
CA ALA A 9 -4.61 -11.84 1.58
C ALA A 9 -4.07 -10.86 0.54
N LEU A 10 -3.02 -11.27 -0.15
CA LEU A 10 -2.41 -10.45 -1.17
C LEU A 10 -3.48 -10.00 -2.16
N GLN A 11 -4.47 -10.87 -2.37
CA GLN A 11 -5.55 -10.58 -3.29
C GLN A 11 -6.51 -9.56 -2.66
N ASP A 12 -6.61 -9.62 -1.34
CA ASP A 12 -7.49 -8.71 -0.62
C ASP A 12 -6.86 -7.32 -0.59
N LEU A 13 -5.54 -7.31 -0.54
CA LEU A 13 -4.81 -6.05 -0.51
C LEU A 13 -4.98 -5.33 -1.85
N LEU A 14 -4.53 -5.99 -2.90
CA LEU A 14 -4.64 -5.42 -4.25
C LEU A 14 -6.08 -4.99 -4.50
N ARG A 15 -7.01 -5.80 -4.02
CA ARG A 15 -8.42 -5.52 -4.18
C ARG A 15 -8.87 -4.42 -3.21
N THR A 16 -8.10 -4.28 -2.14
CA THR A 16 -8.39 -3.27 -1.14
C THR A 16 -8.06 -1.88 -1.67
N LEU A 17 -6.97 -1.81 -2.40
CA LEU A 17 -6.51 -0.55 -2.97
C LEU A 17 -7.56 -0.04 -3.96
N LYS A 18 -8.32 -0.98 -4.50
CA LYS A 18 -9.36 -0.64 -5.46
C LYS A 18 -10.35 0.32 -4.81
N SER A 19 -10.41 0.26 -3.50
CA SER A 19 -11.32 1.11 -2.74
C SER A 19 -11.00 2.59 -3.03
N PRO A 20 -11.70 3.48 -2.27
CA PRO A 20 -11.50 4.91 -2.45
C PRO A 20 -10.18 5.36 -1.81
N SER A 21 -9.86 4.73 -0.69
CA SER A 21 -8.63 5.04 0.02
C SER A 21 -8.88 6.17 1.02
N SER A 22 -9.54 5.80 2.11
CA SER A 22 -9.85 6.76 3.15
C SER A 22 -10.79 6.14 4.19
N PRO A 23 -12.00 5.75 3.71
CA PRO A 23 -13.00 5.14 4.57
C PRO A 23 -12.62 3.69 4.89
N GLN A 24 -13.20 2.78 4.12
CA GLN A 24 -12.94 1.36 4.30
C GLN A 24 -11.44 1.08 4.18
N GLN A 25 -10.86 1.54 3.09
CA GLN A 25 -9.45 1.35 2.84
C GLN A 25 -8.69 1.25 4.17
N GLN A 26 -8.75 2.33 4.93
CA GLN A 26 -8.07 2.37 6.21
C GLN A 26 -8.28 1.06 6.97
N GLN A 27 -9.54 0.65 7.04
CA GLN A 27 -9.88 -0.59 7.72
C GLN A 27 -9.43 -1.80 6.90
N GLN A 28 -9.37 -1.59 5.59
CA GLN A 28 -8.96 -2.65 4.69
C GLN A 28 -7.45 -2.91 4.83
N VAL A 29 -6.68 -1.85 4.67
CA VAL A 29 -5.23 -1.94 4.78
C VAL A 29 -4.87 -2.55 6.13
N LEU A 30 -5.45 -1.99 7.18
CA LEU A 30 -5.20 -2.47 8.53
C LEU A 30 -5.75 -3.88 8.68
N ASN A 31 -6.83 -4.14 7.95
CA ASN A 31 -7.46 -5.45 7.99
C ASN A 31 -6.46 -6.51 7.55
N ILE A 32 -5.97 -6.34 6.33
CA ILE A 32 -5.01 -7.28 5.77
C ILE A 32 -3.68 -7.14 6.53
N LEU A 33 -3.29 -5.90 6.75
CA LEU A 33 -2.05 -5.62 7.45
C LEU A 33 -2.06 -6.32 8.81
N LYS A 34 -3.26 -6.43 9.36
CA LYS A 34 -3.43 -7.08 10.64
C LYS A 34 -3.75 -8.55 10.44
N SER A 35 -4.38 -8.84 9.30
CA SER A 35 -4.74 -10.20 8.97
C SER A 35 -3.60 -10.89 8.21
N ASN A 36 -2.52 -10.14 8.04
CA ASN A 36 -1.36 -10.66 7.33
C ASN A 36 -0.15 -9.77 7.64
N PRO A 37 0.82 -10.36 8.39
CA PRO A 37 2.02 -9.64 8.76
C PRO A 37 2.98 -9.52 7.56
N GLN A 38 3.53 -10.65 7.17
CA GLN A 38 4.46 -10.69 6.05
C GLN A 38 3.89 -9.88 4.88
N LEU A 39 2.58 -9.80 4.83
CA LEU A 39 1.91 -9.05 3.77
C LEU A 39 2.05 -7.55 4.04
N MET A 40 1.65 -7.16 5.23
CA MET A 40 1.73 -5.76 5.63
C MET A 40 3.15 -5.22 5.44
N ALA A 41 4.11 -6.13 5.53
CA ALA A 41 5.50 -5.75 5.37
C ALA A 41 5.71 -5.16 3.97
N ALA A 42 5.06 -5.77 3.00
CA ALA A 42 5.17 -5.32 1.62
C ALA A 42 4.52 -3.94 1.50
N PHE A 43 3.27 -3.87 1.90
CA PHE A 43 2.52 -2.61 1.83
C PHE A 43 3.21 -1.53 2.67
N ILE A 44 3.38 -1.83 3.95
CA ILE A 44 4.01 -0.90 4.87
C ILE A 44 5.28 -0.35 4.22
N LYS A 45 5.95 -1.22 3.47
CA LYS A 45 7.18 -0.84 2.79
C LYS A 45 6.85 0.03 1.58
N GLN A 46 5.70 -0.26 0.98
CA GLN A 46 5.26 0.47 -0.18
C GLN A 46 4.79 1.88 0.23
N ARG A 47 3.98 1.92 1.27
CA ARG A 47 3.47 3.18 1.77
C ARG A 47 4.60 4.01 2.38
N THR A 48 5.50 3.31 3.05
CA THR A 48 6.63 3.97 3.69
C THR A 48 7.68 4.34 2.65
N ALA A 49 7.61 3.67 1.50
CA ALA A 49 8.56 3.91 0.43
C ALA A 49 8.41 5.36 -0.05
N LYS A 50 7.35 6.00 0.42
CA LYS A 50 7.07 7.38 0.05
C LYS A 50 7.79 8.32 1.03
N TYR A 51 7.97 7.83 2.25
CA TYR A 51 8.63 8.61 3.28
C TYR A 51 10.07 8.12 3.49
N VAL A 52 10.18 6.83 3.74
CA VAL A 52 11.49 6.23 3.97
C VAL A 52 12.49 6.82 2.97
N ALA A 53 11.97 7.26 1.84
CA ALA A 53 12.81 7.84 0.80
C ALA A 53 13.25 9.24 1.24
N ASN A 54 12.29 10.15 1.28
CA ASN A 54 12.56 11.52 1.69
C ASN A 54 13.10 11.53 3.11
N GLN A 55 12.52 10.66 3.93
CA GLN A 55 12.93 10.56 5.32
C GLN A 55 13.28 9.11 5.67
N PRO A 56 14.51 8.70 5.28
CA PRO A 56 14.97 7.35 5.54
C PRO A 56 15.35 7.17 7.01
N GLY A 57 15.57 5.92 7.39
CA GLY A 57 15.93 5.60 8.76
C GLY A 57 15.01 4.52 9.33
N MET A 58 15.04 3.36 8.68
CA MET A 58 14.23 2.24 9.11
C MET A 58 14.21 2.13 10.64
N PRO B 1 0.10 -5.12 -14.92
CA PRO B 1 0.45 -4.83 -13.54
C PRO B 1 0.39 -6.11 -12.69
N THR B 2 1.44 -6.91 -12.81
CA THR B 2 1.52 -8.16 -12.06
C THR B 2 2.88 -8.82 -12.28
N THR B 3 3.21 -9.02 -13.55
CA THR B 3 4.47 -9.64 -13.90
C THR B 3 4.80 -10.79 -12.93
N VAL B 4 3.75 -11.52 -12.58
CA VAL B 4 3.91 -12.64 -11.66
C VAL B 4 2.76 -13.63 -11.87
N GLU B 5 2.21 -13.60 -13.08
CA GLU B 5 1.11 -14.49 -13.42
C GLU B 5 1.65 -15.82 -13.93
N GLY B 6 2.77 -15.75 -14.64
CA GLY B 6 3.39 -16.94 -15.18
C GLY B 6 4.38 -17.55 -14.18
N ARG B 7 4.47 -16.92 -13.02
CA ARG B 7 5.37 -17.38 -11.99
C ARG B 7 4.59 -17.65 -10.69
N ASN B 8 4.04 -16.57 -10.14
CA ASN B 8 3.28 -16.67 -8.91
C ASN B 8 4.19 -17.15 -7.79
N ASP B 9 3.86 -16.73 -6.58
CA ASP B 9 4.64 -17.11 -5.41
C ASP B 9 4.56 -16.00 -4.36
N GLU B 10 4.85 -16.37 -3.12
CA GLU B 10 4.81 -15.42 -2.02
C GLU B 10 5.34 -14.06 -2.48
N LYS B 11 6.55 -14.08 -3.01
CA LYS B 11 7.18 -12.86 -3.50
C LYS B 11 6.37 -12.30 -4.66
N ALA B 12 5.84 -13.21 -5.47
CA ALA B 12 5.04 -12.81 -6.62
C ALA B 12 3.74 -12.16 -6.13
N LEU B 13 3.30 -12.60 -4.96
CA LEU B 13 2.08 -12.08 -4.38
C LEU B 13 2.29 -10.61 -4.01
N LEU B 14 3.23 -10.38 -3.11
CA LEU B 14 3.53 -9.03 -2.66
C LEU B 14 4.02 -8.21 -3.85
N GLU B 15 4.68 -8.89 -4.78
CA GLU B 15 5.21 -8.24 -5.96
C GLU B 15 4.07 -7.79 -6.87
N GLN B 16 3.01 -8.58 -6.89
CA GLN B 16 1.85 -8.29 -7.71
C GLN B 16 1.19 -6.99 -7.23
N LEU B 17 0.93 -6.95 -5.92
CA LEU B 17 0.30 -5.78 -5.32
C LEU B 17 1.30 -4.63 -5.29
N VAL B 18 2.56 -4.99 -5.09
CA VAL B 18 3.61 -3.99 -5.04
C VAL B 18 3.69 -3.25 -6.38
N SER B 19 3.84 -4.04 -7.43
CA SER B 19 3.93 -3.47 -8.77
C SER B 19 2.69 -2.62 -9.06
N PHE B 20 1.54 -3.16 -8.67
CA PHE B 20 0.28 -2.45 -8.88
C PHE B 20 0.23 -1.15 -8.08
N LEU B 21 0.88 -1.19 -6.92
CA LEU B 21 0.92 -0.03 -6.05
C LEU B 21 1.75 1.08 -6.71
N SER B 22 2.89 0.66 -7.25
CA SER B 22 3.79 1.60 -7.91
C SER B 22 3.03 2.34 -9.03
N GLY B 23 2.23 1.58 -9.75
CA GLY B 23 1.45 2.15 -10.84
C GLY B 23 0.03 2.49 -10.38
N LYS B 24 -0.04 3.13 -9.23
CA LYS B 24 -1.33 3.51 -8.67
C LYS B 24 -2.22 4.06 -9.79
N ASP B 25 -3.39 3.46 -9.92
CA ASP B 25 -4.33 3.88 -10.94
C ASP B 25 -5.03 5.16 -10.49
N GLU B 26 -5.23 5.26 -9.18
CA GLU B 26 -5.87 6.43 -8.61
C GLU B 26 -5.24 7.71 -9.16
N THR B 27 -3.96 7.60 -9.49
CA THR B 27 -3.23 8.74 -10.03
C THR B 27 -4.00 9.38 -11.18
N GLU B 28 -4.72 8.53 -11.91
CA GLU B 28 -5.51 9.00 -13.03
C GLU B 28 -6.67 9.88 -12.56
N LEU B 29 -7.19 9.53 -11.39
CA LEU B 29 -8.29 10.27 -10.81
C LEU B 29 -7.73 11.38 -9.92
N ALA B 30 -6.87 10.99 -8.99
CA ALA B 30 -6.26 11.95 -8.07
C ALA B 30 -5.11 12.65 -8.78
N GLU B 31 -5.40 13.21 -9.94
CA GLU B 31 -4.40 13.91 -10.72
C GLU B 31 -3.62 14.87 -9.83
N LEU B 32 -4.25 15.26 -8.73
CA LEU B 32 -3.63 16.17 -7.79
C LEU B 32 -2.56 15.42 -6.98
N ASP B 33 -2.97 14.28 -6.46
CA ASP B 33 -2.06 13.46 -5.67
C ASP B 33 -0.94 12.94 -6.57
N ARG B 34 -1.17 13.06 -7.87
CA ARG B 34 -0.19 12.59 -8.84
C ARG B 34 1.23 12.85 -8.33
N ALA B 35 1.36 13.91 -7.55
CA ALA B 35 2.66 14.27 -7.00
C ALA B 35 3.27 13.04 -6.32
N LEU B 36 2.59 12.57 -5.30
CA LEU B 36 3.05 11.40 -4.56
C LEU B 36 2.56 10.13 -5.25
N GLY B 37 1.41 10.26 -5.90
CA GLY B 37 0.82 9.13 -6.61
C GLY B 37 0.25 8.10 -5.63
N ILE B 38 0.39 8.41 -4.35
CA ILE B 38 -0.10 7.54 -3.30
C ILE B 38 -0.34 8.35 -2.03
N ASP B 39 -0.53 9.65 -2.22
CA ASP B 39 -0.78 10.54 -1.10
C ASP B 39 -1.93 10.00 -0.26
N LYS B 40 -2.73 9.13 -0.88
CA LYS B 40 -3.86 8.53 -0.21
C LYS B 40 -3.35 7.48 0.78
N LEU B 41 -2.18 6.95 0.49
CA LEU B 41 -1.57 5.93 1.35
C LEU B 41 -0.74 6.63 2.43
N VAL B 42 -0.48 7.90 2.21
CA VAL B 42 0.29 8.68 3.16
C VAL B 42 -0.65 9.43 4.10
N GLN B 43 -1.93 9.30 3.81
CA GLN B 43 -2.95 9.96 4.61
C GLN B 43 -2.57 9.89 6.10
N GLY B 44 -1.86 8.83 6.45
CA GLY B 44 -1.44 8.63 7.83
C GLY B 44 -0.49 7.44 7.94
N GLY B 45 -1.08 6.25 7.95
CA GLY B 45 -0.30 5.02 8.05
C GLY B 45 -0.01 4.68 9.52
N GLY B 46 1.28 4.61 9.84
CA GLY B 46 1.70 4.29 11.19
C GLY B 46 1.24 5.37 12.17
N LEU B 47 1.57 6.61 11.84
CA LEU B 47 1.20 7.74 12.68
C LEU B 47 1.75 9.03 12.07
N ASP B 48 0.87 10.01 11.95
CA ASP B 48 1.26 11.30 11.38
C ASP B 48 1.67 11.10 9.92
N VAL B 49 2.05 12.21 9.29
CA VAL B 49 2.46 12.18 7.90
C VAL B 49 3.68 13.08 7.72
N LEU B 50 4.23 13.04 6.51
CA LEU B 50 5.40 13.84 6.19
C LEU B 50 5.06 14.78 5.04
N SER B 51 3.87 14.61 4.50
CA SER B 51 3.41 15.44 3.40
C SER B 51 3.62 16.92 3.74
N LYS B 52 3.22 17.76 2.79
CA LYS B 52 3.35 19.20 2.97
C LYS B 52 1.99 19.79 3.35
N LEU B 53 0.95 19.17 2.83
CA LEU B 53 -0.41 19.62 3.11
C LEU B 53 -1.12 18.60 4.00
N VAL B 54 -1.92 17.76 3.36
CA VAL B 54 -2.65 16.73 4.08
C VAL B 54 -3.02 15.60 3.12
N PRO B 55 -2.32 14.45 3.31
CA PRO B 55 -2.56 13.29 2.48
C PRO B 55 -3.87 12.60 2.86
N ARG B 56 -4.56 13.20 3.80
CA ARG B 56 -5.83 12.65 4.27
C ARG B 56 -6.95 13.68 4.07
N GLY B 57 -6.70 14.89 4.57
CA GLY B 57 -7.67 15.95 4.45
C GLY B 57 -7.49 16.99 5.57
N SER B 58 -7.35 16.49 6.79
CA SER B 58 -7.15 17.35 7.94
C SER B 58 -6.43 16.59 9.05
N LEU B 59 -5.11 16.61 8.97
CA LEU B 59 -4.29 15.92 9.96
C LEU B 59 -3.64 16.96 10.87
N PRO A 1 5.39 -19.30 14.44
CA PRO A 1 5.79 -18.81 13.13
C PRO A 1 4.70 -19.08 12.09
N ASN A 2 4.33 -20.35 11.99
CA ASN A 2 3.31 -20.76 11.03
C ASN A 2 3.76 -20.39 9.62
N ARG A 3 3.00 -20.88 8.65
CA ARG A 3 3.31 -20.61 7.25
C ARG A 3 3.73 -19.15 7.06
N SER A 4 4.55 -18.93 6.05
CA SER A 4 5.03 -17.59 5.76
C SER A 4 3.89 -16.59 5.90
N ILE A 5 2.84 -16.82 5.12
CA ILE A 5 1.68 -15.94 5.14
C ILE A 5 0.58 -16.53 4.25
N SER A 6 -0.65 -16.09 4.50
CA SER A 6 -1.78 -16.57 3.74
C SER A 6 -1.79 -15.90 2.36
N PRO A 7 -1.92 -16.76 1.31
CA PRO A 7 -1.94 -16.27 -0.06
C PRO A 7 -3.29 -15.63 -0.38
N SER A 8 -4.08 -15.43 0.66
CA SER A 8 -5.39 -14.82 0.50
C SER A 8 -5.35 -13.35 0.92
N ALA A 9 -4.24 -12.98 1.54
CA ALA A 9 -4.06 -11.62 2.01
C ALA A 9 -3.61 -10.74 0.83
N LEU A 10 -2.46 -11.11 0.27
CA LEU A 10 -1.92 -10.37 -0.85
C LEU A 10 -3.05 -10.05 -1.84
N GLN A 11 -4.00 -10.96 -1.92
CA GLN A 11 -5.14 -10.79 -2.81
C GLN A 11 -6.09 -9.72 -2.26
N ASP A 12 -6.30 -9.78 -0.96
CA ASP A 12 -7.18 -8.83 -0.30
C ASP A 12 -6.54 -7.44 -0.31
N LEU A 13 -5.21 -7.44 -0.34
CA LEU A 13 -4.46 -6.19 -0.35
C LEU A 13 -4.74 -5.47 -1.66
N LEU A 14 -4.22 -6.03 -2.74
CA LEU A 14 -4.40 -5.45 -4.07
C LEU A 14 -5.88 -5.13 -4.28
N ARG A 15 -6.72 -6.05 -3.82
CA ARG A 15 -8.16 -5.88 -3.96
C ARG A 15 -8.65 -4.76 -3.05
N THR A 16 -7.93 -4.57 -1.95
CA THR A 16 -8.28 -3.53 -0.99
C THR A 16 -7.96 -2.16 -1.55
N LEU A 17 -6.81 -2.08 -2.21
CA LEU A 17 -6.37 -0.83 -2.80
C LEU A 17 -7.34 -0.41 -3.90
N LYS A 18 -7.94 -1.41 -4.52
CA LYS A 18 -8.89 -1.16 -5.59
C LYS A 18 -9.97 -0.19 -5.08
N SER A 19 -10.12 -0.16 -3.77
CA SER A 19 -11.10 0.71 -3.15
C SER A 19 -10.81 2.17 -3.49
N PRO A 20 -11.55 3.08 -2.82
CA PRO A 20 -11.37 4.51 -3.05
C PRO A 20 -10.10 5.01 -2.38
N SER A 21 -9.80 4.43 -1.23
CA SER A 21 -8.62 4.81 -0.47
C SER A 21 -8.92 6.02 0.41
N SER A 22 -9.47 5.73 1.58
CA SER A 22 -9.82 6.79 2.52
C SER A 22 -10.80 6.26 3.56
N PRO A 23 -12.00 5.84 3.07
CA PRO A 23 -13.04 5.30 3.93
C PRO A 23 -12.69 3.88 4.40
N GLN A 24 -13.25 2.92 3.68
CA GLN A 24 -13.01 1.52 3.99
C GLN A 24 -11.52 1.19 3.88
N GLN A 25 -10.96 1.54 2.73
CA GLN A 25 -9.55 1.29 2.47
C GLN A 25 -8.77 1.31 3.78
N GLN A 26 -8.79 2.47 4.42
CA GLN A 26 -8.08 2.64 5.69
C GLN A 26 -8.25 1.40 6.56
N GLN A 27 -9.50 0.99 6.72
CA GLN A 27 -9.81 -0.18 7.52
C GLN A 27 -9.40 -1.46 6.78
N GLN A 28 -9.42 -1.37 5.46
CA GLN A 28 -9.05 -2.51 4.63
C GLN A 28 -7.56 -2.81 4.79
N VAL A 29 -6.75 -1.78 4.55
CA VAL A 29 -5.31 -1.92 4.66
C VAL A 29 -4.96 -2.41 6.06
N LEU A 30 -5.43 -1.68 7.05
CA LEU A 30 -5.18 -2.02 8.44
C LEU A 30 -5.72 -3.43 8.73
N ASN A 31 -6.84 -3.73 8.08
CA ASN A 31 -7.46 -5.03 8.26
C ASN A 31 -6.50 -6.12 7.81
N ILE A 32 -6.26 -6.17 6.50
CA ILE A 32 -5.36 -7.15 5.94
C ILE A 32 -4.02 -7.08 6.67
N LEU A 33 -3.39 -5.92 6.57
CA LEU A 33 -2.10 -5.71 7.22
C LEU A 33 -2.12 -6.34 8.60
N LYS A 34 -3.31 -6.37 9.19
CA LYS A 34 -3.48 -6.94 10.52
C LYS A 34 -3.69 -8.44 10.40
N SER A 35 -4.52 -8.83 9.44
CA SER A 35 -4.82 -10.23 9.20
C SER A 35 -3.61 -10.92 8.58
N ASN A 36 -2.62 -10.12 8.22
CA ASN A 36 -1.41 -10.63 7.61
C ASN A 36 -0.27 -9.62 7.78
N PRO A 37 0.55 -9.84 8.83
CA PRO A 37 1.66 -8.95 9.12
C PRO A 37 2.81 -9.18 8.13
N GLN A 38 3.35 -10.39 8.18
CA GLN A 38 4.44 -10.75 7.30
C GLN A 38 4.17 -10.29 5.87
N LEU A 39 2.88 -10.12 5.58
CA LEU A 39 2.46 -9.68 4.26
C LEU A 39 2.54 -8.15 4.19
N MET A 40 2.02 -7.52 5.24
CA MET A 40 2.02 -6.07 5.31
C MET A 40 3.42 -5.51 5.01
N ALA A 41 4.42 -6.34 5.24
CA ALA A 41 5.80 -5.94 5.01
C ALA A 41 5.93 -5.40 3.58
N ALA A 42 5.22 -6.04 2.67
CA ALA A 42 5.24 -5.64 1.27
C ALA A 42 4.58 -4.27 1.13
N PHE A 43 3.31 -4.21 1.49
CA PHE A 43 2.56 -2.97 1.42
C PHE A 43 3.23 -1.87 2.25
N ILE A 44 3.41 -2.17 3.53
CA ILE A 44 4.04 -1.22 4.43
C ILE A 44 5.23 -0.57 3.73
N LYS A 45 6.04 -1.40 3.11
CA LYS A 45 7.22 -0.92 2.40
C LYS A 45 6.78 -0.02 1.24
N GLN A 46 5.69 -0.43 0.59
CA GLN A 46 5.16 0.33 -0.53
C GLN A 46 4.72 1.72 -0.07
N ARG A 47 3.95 1.75 1.01
CA ARG A 47 3.47 3.00 1.55
C ARG A 47 4.62 3.82 2.10
N THR A 48 5.59 3.11 2.66
CA THR A 48 6.77 3.77 3.23
C THR A 48 7.72 4.22 2.12
N ALA A 49 7.53 3.62 0.96
CA ALA A 49 8.36 3.95 -0.19
C ALA A 49 8.14 5.42 -0.57
N LYS A 50 7.15 6.02 0.06
CA LYS A 50 6.83 7.42 -0.19
C LYS A 50 7.58 8.29 0.80
N TYR A 51 7.94 7.70 1.93
CA TYR A 51 8.66 8.42 2.97
C TYR A 51 10.11 7.94 3.05
N VAL A 52 10.26 6.63 3.15
CA VAL A 52 11.60 6.04 3.25
C VAL A 52 12.54 6.78 2.30
N ALA A 53 11.98 7.25 1.19
CA ALA A 53 12.76 7.97 0.20
C ALA A 53 13.08 9.37 0.73
N ASN A 54 12.03 10.14 0.96
CA ASN A 54 12.19 11.50 1.47
C ASN A 54 13.01 11.45 2.75
N GLN A 55 12.64 10.53 3.63
CA GLN A 55 13.32 10.38 4.90
C GLN A 55 14.07 9.04 4.95
N PRO A 56 15.37 9.10 4.57
CA PRO A 56 16.19 7.90 4.57
C PRO A 56 16.58 7.49 6.00
N GLY A 57 15.69 6.74 6.62
CA GLY A 57 15.93 6.28 7.99
C GLY A 57 16.01 4.75 8.05
N MET A 58 17.16 4.23 7.62
CA MET A 58 17.38 2.80 7.62
C MET A 58 16.80 2.16 8.88
N PRO B 1 1.17 -6.11 -17.60
CA PRO B 1 0.45 -6.05 -16.33
C PRO B 1 1.07 -7.01 -15.30
N THR B 2 0.61 -6.87 -14.07
CA THR B 2 1.11 -7.71 -12.99
C THR B 2 2.62 -7.92 -13.14
N THR B 3 3.10 -8.96 -12.48
CA THR B 3 4.51 -9.29 -12.52
C THR B 3 4.74 -10.76 -12.15
N VAL B 4 5.87 -11.29 -12.59
CA VAL B 4 6.22 -12.66 -12.30
C VAL B 4 5.25 -13.59 -13.04
N GLU B 5 4.49 -12.99 -13.94
CA GLU B 5 3.52 -13.75 -14.71
C GLU B 5 4.14 -15.07 -15.21
N GLY B 6 3.29 -16.08 -15.30
CA GLY B 6 3.74 -17.39 -15.75
C GLY B 6 4.30 -18.21 -14.58
N ARG B 7 4.78 -17.50 -13.58
CA ARG B 7 5.34 -18.14 -12.40
C ARG B 7 4.35 -18.08 -11.24
N ASN B 8 3.95 -16.86 -10.90
CA ASN B 8 3.01 -16.67 -9.81
C ASN B 8 3.56 -17.29 -8.54
N ASP B 9 3.01 -16.86 -7.41
CA ASP B 9 3.44 -17.38 -6.12
C ASP B 9 3.29 -16.29 -5.06
N GLU B 10 3.29 -16.71 -3.81
CA GLU B 10 3.15 -15.78 -2.71
C GLU B 10 3.88 -14.47 -3.01
N LYS B 11 5.18 -14.61 -3.26
CA LYS B 11 6.00 -13.45 -3.57
C LYS B 11 5.49 -12.79 -4.85
N ALA B 12 5.05 -13.63 -5.78
CA ALA B 12 4.53 -13.13 -7.04
C ALA B 12 3.25 -12.34 -6.79
N LEU B 13 2.48 -12.80 -5.81
CA LEU B 13 1.23 -12.15 -5.46
C LEU B 13 1.52 -10.71 -5.03
N LEU B 14 2.29 -10.58 -3.96
CA LEU B 14 2.64 -9.27 -3.45
C LEU B 14 3.36 -8.48 -4.54
N GLU B 15 4.26 -9.16 -5.23
CA GLU B 15 5.02 -8.53 -6.30
C GLU B 15 4.10 -7.72 -7.20
N GLN B 16 2.93 -8.30 -7.49
CA GLN B 16 1.96 -7.65 -8.34
C GLN B 16 1.30 -6.49 -7.59
N LEU B 17 1.10 -6.70 -6.29
CA LEU B 17 0.47 -5.68 -5.45
C LEU B 17 1.45 -4.53 -5.25
N VAL B 18 2.69 -4.89 -4.92
CA VAL B 18 3.72 -3.90 -4.69
C VAL B 18 4.01 -3.17 -6.01
N SER B 19 3.98 -3.93 -7.09
CA SER B 19 4.24 -3.37 -8.40
C SER B 19 3.13 -2.39 -8.79
N PHE B 20 1.90 -2.84 -8.57
CA PHE B 20 0.74 -2.01 -8.88
C PHE B 20 0.70 -0.77 -8.01
N LEU B 21 1.21 -0.92 -6.79
CA LEU B 21 1.24 0.18 -5.85
C LEU B 21 2.22 1.26 -6.34
N SER B 22 3.39 0.79 -6.76
CA SER B 22 4.41 1.69 -7.27
C SER B 22 3.82 2.62 -8.34
N GLY B 23 3.09 2.00 -9.27
CA GLY B 23 2.47 2.75 -10.34
C GLY B 23 1.00 3.03 -10.05
N LYS B 24 0.77 3.58 -8.87
CA LYS B 24 -0.59 3.91 -8.45
C LYS B 24 -1.36 4.49 -9.64
N ASP B 25 -2.28 3.70 -10.15
CA ASP B 25 -3.09 4.11 -11.29
C ASP B 25 -4.04 5.23 -10.83
N GLU B 26 -4.39 5.17 -9.56
CA GLU B 26 -5.29 6.17 -8.99
C GLU B 26 -4.74 7.58 -9.22
N THR B 27 -3.43 7.65 -9.36
CA THR B 27 -2.77 8.93 -9.58
C THR B 27 -3.34 9.62 -10.82
N GLU B 28 -3.62 8.81 -11.83
CA GLU B 28 -4.17 9.33 -13.07
C GLU B 28 -5.50 10.05 -12.80
N LEU B 29 -6.35 9.39 -12.03
CA LEU B 29 -7.65 9.95 -11.69
C LEU B 29 -7.46 11.04 -10.63
N ALA B 30 -6.71 10.69 -9.60
CA ALA B 30 -6.45 11.62 -8.52
C ALA B 30 -5.35 12.60 -8.94
N GLU B 31 -5.57 13.24 -10.07
CA GLU B 31 -4.62 14.20 -10.60
C GLU B 31 -4.15 15.15 -9.49
N LEU B 32 -4.98 15.27 -8.47
CA LEU B 32 -4.67 16.13 -7.35
C LEU B 32 -3.66 15.43 -6.44
N ASP B 33 -3.92 14.16 -6.17
CA ASP B 33 -3.05 13.37 -5.33
C ASP B 33 -1.74 13.10 -6.08
N ARG B 34 -1.78 13.30 -7.39
CA ARG B 34 -0.61 13.08 -8.22
C ARG B 34 0.64 13.63 -7.53
N ALA B 35 0.42 14.64 -6.69
CA ALA B 35 1.52 15.26 -5.97
C ALA B 35 2.40 14.17 -5.35
N LEU B 36 1.79 13.40 -4.47
CA LEU B 36 2.50 12.33 -3.80
C LEU B 36 2.27 11.02 -4.55
N GLY B 37 1.16 10.98 -5.29
CA GLY B 37 0.81 9.80 -6.05
C GLY B 37 0.12 8.76 -5.17
N ILE B 38 0.28 8.93 -3.87
CA ILE B 38 -0.33 8.02 -2.91
C ILE B 38 -0.57 8.76 -1.60
N ASP B 39 -0.65 10.07 -1.70
CA ASP B 39 -0.89 10.91 -0.53
C ASP B 39 -2.05 10.33 0.26
N LYS B 40 -3.02 9.80 -0.47
CA LYS B 40 -4.19 9.21 0.17
C LYS B 40 -3.76 8.07 1.07
N LEU B 41 -2.66 7.44 0.70
CA LEU B 41 -2.13 6.31 1.46
C LEU B 41 -1.35 6.85 2.66
N VAL B 42 -0.68 7.98 2.43
CA VAL B 42 0.10 8.60 3.48
C VAL B 42 -0.82 9.30 4.46
N GLN B 43 -2.11 9.27 4.15
CA GLN B 43 -3.11 9.90 4.99
C GLN B 43 -2.82 9.60 6.46
N GLY B 44 -2.22 8.45 6.69
CA GLY B 44 -1.89 8.04 8.05
C GLY B 44 -1.40 6.59 8.09
N GLY B 45 -2.29 5.72 8.53
CA GLY B 45 -1.96 4.30 8.62
C GLY B 45 -1.19 3.99 9.90
N GLY B 46 -1.74 4.47 11.02
CA GLY B 46 -1.13 4.25 12.31
C GLY B 46 -0.67 5.57 12.94
N LEU B 47 -1.31 6.64 12.48
CA LEU B 47 -0.98 7.97 12.98
C LEU B 47 0.50 8.25 12.73
N ASP B 48 0.80 8.70 11.52
CA ASP B 48 2.17 9.01 11.14
C ASP B 48 2.20 9.44 9.67
N VAL B 49 2.35 10.74 9.47
CA VAL B 49 2.40 11.29 8.13
C VAL B 49 3.59 12.24 8.02
N LEU B 50 4.20 12.26 6.84
CA LEU B 50 5.34 13.11 6.59
C LEU B 50 4.95 14.21 5.61
N SER B 51 3.75 14.07 5.07
CA SER B 51 3.24 15.05 4.12
C SER B 51 3.49 16.46 4.64
N LYS B 52 3.22 17.43 3.77
CA LYS B 52 3.41 18.83 4.13
C LYS B 52 2.06 19.44 4.53
N LEU B 53 1.02 18.94 3.89
CA LEU B 53 -0.33 19.41 4.16
C LEU B 53 -1.09 18.37 4.99
N VAL B 54 -2.04 17.72 4.34
CA VAL B 54 -2.84 16.70 5.00
C VAL B 54 -3.22 15.62 3.99
N PRO B 55 -2.50 14.47 4.10
CA PRO B 55 -2.76 13.35 3.20
C PRO B 55 -4.05 12.63 3.58
N ARG B 56 -4.67 13.10 4.64
CA ARG B 56 -5.91 12.52 5.11
C ARG B 56 -7.05 13.55 5.04
N GLY B 57 -6.97 14.54 5.91
CA GLY B 57 -7.98 15.58 5.95
C GLY B 57 -8.06 16.20 7.35
N SER B 58 -7.04 16.96 7.69
CA SER B 58 -6.98 17.63 8.98
C SER B 58 -6.37 16.68 10.02
N LEU B 59 -5.06 16.60 10.00
CA LEU B 59 -4.34 15.74 10.94
C LEU B 59 -3.70 16.60 12.02
N PRO A 1 1.10 -20.37 10.74
CA PRO A 1 2.29 -21.14 11.07
C PRO A 1 3.04 -21.55 9.80
N ASN A 2 3.28 -20.57 8.95
CA ASN A 2 3.99 -20.82 7.70
C ASN A 2 5.11 -19.79 7.54
N ARG A 3 5.89 -19.99 6.50
CA ARG A 3 7.01 -19.10 6.22
C ARG A 3 6.59 -18.02 5.22
N SER A 4 5.82 -18.46 4.22
CA SER A 4 5.34 -17.55 3.19
C SER A 4 4.18 -16.71 3.73
N ILE A 5 3.01 -16.97 3.18
CA ILE A 5 1.81 -16.25 3.59
C ILE A 5 0.63 -16.71 2.73
N SER A 6 -0.56 -16.61 3.32
CA SER A 6 -1.77 -17.01 2.63
C SER A 6 -1.96 -16.14 1.37
N PRO A 7 -2.65 -16.75 0.36
CA PRO A 7 -2.89 -16.05 -0.88
C PRO A 7 -4.01 -15.00 -0.71
N SER A 8 -5.23 -15.50 -0.66
CA SER A 8 -6.38 -14.62 -0.49
C SER A 8 -5.95 -13.29 0.12
N ALA A 9 -5.24 -13.41 1.24
CA ALA A 9 -4.76 -12.22 1.93
C ALA A 9 -4.18 -11.23 0.92
N LEU A 10 -3.12 -11.65 0.26
CA LEU A 10 -2.47 -10.81 -0.74
C LEU A 10 -3.54 -10.27 -1.70
N GLN A 11 -4.54 -11.09 -1.96
CA GLN A 11 -5.61 -10.71 -2.86
C GLN A 11 -6.48 -9.63 -2.20
N ASP A 12 -6.53 -9.68 -0.88
CA ASP A 12 -7.32 -8.71 -0.13
C ASP A 12 -6.60 -7.37 -0.11
N LEU A 13 -5.28 -7.44 -0.13
CA LEU A 13 -4.47 -6.23 -0.12
C LEU A 13 -4.65 -5.49 -1.43
N LEU A 14 -4.30 -6.16 -2.51
CA LEU A 14 -4.42 -5.58 -3.84
C LEU A 14 -5.87 -5.15 -4.07
N ARG A 15 -6.78 -5.93 -3.51
CA ARG A 15 -8.21 -5.64 -3.65
C ARG A 15 -8.59 -4.48 -2.74
N THR A 16 -7.82 -4.29 -1.69
CA THR A 16 -8.07 -3.22 -0.75
C THR A 16 -7.72 -1.87 -1.37
N LEU A 17 -6.68 -1.88 -2.18
CA LEU A 17 -6.24 -0.66 -2.84
C LEU A 17 -7.29 -0.22 -3.86
N LYS A 18 -7.98 -1.21 -4.40
CA LYS A 18 -9.02 -0.96 -5.39
C LYS A 18 -10.00 0.07 -4.83
N SER A 19 -10.19 0.00 -3.51
CA SER A 19 -11.09 0.93 -2.85
C SER A 19 -10.76 2.37 -3.24
N PRO A 20 -11.49 3.32 -2.59
CA PRO A 20 -11.29 4.73 -2.86
C PRO A 20 -9.99 5.22 -2.21
N SER A 21 -9.72 4.71 -1.02
CA SER A 21 -8.54 5.09 -0.28
C SER A 21 -8.84 6.29 0.63
N SER A 22 -9.33 5.97 1.81
CA SER A 22 -9.67 7.01 2.78
C SER A 22 -10.65 6.46 3.81
N PRO A 23 -11.85 6.07 3.31
CA PRO A 23 -12.88 5.54 4.17
C PRO A 23 -12.55 4.10 4.60
N GLN A 24 -13.15 3.16 3.89
CA GLN A 24 -12.94 1.75 4.17
C GLN A 24 -11.45 1.41 4.01
N GLN A 25 -10.91 1.77 2.86
CA GLN A 25 -9.50 1.51 2.57
C GLN A 25 -8.68 1.53 3.86
N GLN A 26 -8.70 2.67 4.52
CA GLN A 26 -7.95 2.82 5.76
C GLN A 26 -8.15 1.59 6.66
N GLN A 27 -9.41 1.22 6.83
CA GLN A 27 -9.75 0.07 7.65
C GLN A 27 -9.35 -1.23 6.93
N GLN A 28 -9.32 -1.14 5.61
CA GLN A 28 -8.95 -2.29 4.80
C GLN A 28 -7.47 -2.64 4.98
N VAL A 29 -6.64 -1.62 4.82
CA VAL A 29 -5.21 -1.79 4.96
C VAL A 29 -4.90 -2.27 6.39
N LEU A 30 -5.42 -1.53 7.36
CA LEU A 30 -5.21 -1.86 8.75
C LEU A 30 -5.85 -3.22 9.05
N ASN A 31 -6.93 -3.49 8.34
CA ASN A 31 -7.64 -4.76 8.52
C ASN A 31 -6.68 -5.92 8.22
N ILE A 32 -6.19 -5.94 7.00
CA ILE A 32 -5.27 -6.98 6.58
C ILE A 32 -3.95 -6.82 7.32
N LEU A 33 -3.33 -5.67 7.12
CA LEU A 33 -2.06 -5.37 7.76
C LEU A 33 -2.07 -5.93 9.19
N LYS A 34 -3.25 -5.89 9.80
CA LYS A 34 -3.41 -6.39 11.14
C LYS A 34 -3.08 -7.88 11.18
N SER A 35 -3.75 -8.62 10.30
CA SER A 35 -3.55 -10.06 10.22
C SER A 35 -2.66 -10.39 9.02
N ASN A 36 -1.91 -9.39 8.59
CA ASN A 36 -1.01 -9.56 7.46
C ASN A 36 0.41 -9.23 7.89
N PRO A 37 1.12 -10.29 8.37
CA PRO A 37 2.49 -10.12 8.82
C PRO A 37 3.45 -9.98 7.64
N GLN A 38 3.49 -11.04 6.83
CA GLN A 38 4.36 -11.05 5.66
C GLN A 38 3.69 -10.31 4.51
N LEU A 39 2.40 -10.08 4.66
CA LEU A 39 1.63 -9.38 3.64
C LEU A 39 1.89 -7.88 3.76
N MET A 40 1.65 -7.37 4.96
CA MET A 40 1.84 -5.95 5.22
C MET A 40 3.28 -5.53 4.90
N ALA A 41 4.19 -6.49 5.03
CA ALA A 41 5.60 -6.23 4.76
C ALA A 41 5.73 -5.52 3.41
N ALA A 42 5.00 -6.04 2.43
CA ALA A 42 5.03 -5.47 1.10
C ALA A 42 4.40 -4.08 1.12
N PHE A 43 3.13 -4.05 1.50
CA PHE A 43 2.40 -2.79 1.58
C PHE A 43 3.13 -1.78 2.46
N ILE A 44 3.39 -2.18 3.69
CA ILE A 44 4.08 -1.34 4.64
C ILE A 44 5.32 -0.73 3.96
N LYS A 45 5.94 -1.54 3.12
CA LYS A 45 7.13 -1.10 2.41
C LYS A 45 6.72 -0.11 1.31
N GLN A 46 5.53 -0.34 0.77
CA GLN A 46 5.02 0.52 -0.29
C GLN A 46 4.62 1.88 0.27
N ARG A 47 3.88 1.83 1.37
CA ARG A 47 3.42 3.05 2.03
C ARG A 47 4.61 3.81 2.62
N THR A 48 5.49 3.05 3.26
CA THR A 48 6.67 3.63 3.87
C THR A 48 7.66 4.09 2.81
N ALA A 49 7.59 3.42 1.66
CA ALA A 49 8.47 3.75 0.55
C ALA A 49 8.23 5.20 0.12
N LYS A 50 7.15 5.78 0.63
CA LYS A 50 6.80 7.14 0.31
C LYS A 50 7.50 8.09 1.29
N TYR A 51 7.77 7.57 2.48
CA TYR A 51 8.44 8.35 3.51
C TYR A 51 9.88 7.90 3.68
N VAL A 52 10.05 6.60 3.89
CA VAL A 52 11.37 6.04 4.08
C VAL A 52 12.36 6.73 3.14
N ALA A 53 11.86 7.05 1.95
CA ALA A 53 12.69 7.71 0.95
C ALA A 53 13.10 9.09 1.46
N ASN A 54 12.10 9.95 1.62
CA ASN A 54 12.35 11.30 2.11
C ASN A 54 13.04 11.23 3.47
N GLN A 55 12.49 10.39 4.34
CA GLN A 55 13.04 10.23 5.68
C GLN A 55 13.60 8.81 5.84
N PRO A 56 14.93 8.69 5.59
CA PRO A 56 15.60 7.41 5.71
C PRO A 56 15.82 7.02 7.17
N GLY A 57 15.38 5.82 7.50
CA GLY A 57 15.52 5.32 8.86
C GLY A 57 14.90 3.94 9.00
N MET A 58 15.61 2.95 8.49
CA MET A 58 15.14 1.57 8.55
C MET A 58 15.65 0.87 9.81
N PRO B 1 -0.12 -4.75 -16.59
CA PRO B 1 -1.34 -4.94 -15.82
C PRO B 1 -1.05 -5.74 -14.55
N THR B 2 -0.14 -6.70 -14.67
CA THR B 2 0.22 -7.54 -13.55
C THR B 2 1.49 -8.34 -13.88
N THR B 3 2.11 -8.84 -12.82
CA THR B 3 3.33 -9.64 -12.98
C THR B 3 3.45 -10.66 -11.84
N VAL B 4 3.45 -11.92 -12.23
CA VAL B 4 3.57 -13.00 -11.26
C VAL B 4 3.30 -14.34 -11.96
N GLU B 5 2.43 -14.28 -12.96
CA GLU B 5 2.09 -15.48 -13.71
C GLU B 5 3.33 -16.06 -14.38
N GLY B 6 4.41 -15.28 -14.34
CA GLY B 6 5.66 -15.71 -14.94
C GLY B 6 6.66 -16.14 -13.87
N ARG B 7 6.22 -16.04 -12.62
CA ARG B 7 7.07 -16.41 -11.50
C ARG B 7 6.25 -17.17 -10.45
N ASN B 8 5.27 -16.47 -9.89
CA ASN B 8 4.42 -17.06 -8.88
C ASN B 8 5.26 -17.39 -7.63
N ASP B 9 4.79 -16.92 -6.49
CA ASP B 9 5.47 -17.15 -5.24
C ASP B 9 5.31 -15.93 -4.33
N GLU B 10 5.52 -16.16 -3.04
CA GLU B 10 5.39 -15.10 -2.06
C GLU B 10 5.80 -13.76 -2.67
N LYS B 11 7.05 -13.71 -3.12
CA LYS B 11 7.58 -12.50 -3.72
C LYS B 11 6.69 -12.09 -4.91
N ALA B 12 6.38 -13.08 -5.73
CA ALA B 12 5.53 -12.84 -6.88
C ALA B 12 4.24 -12.18 -6.45
N LEU B 13 3.71 -12.66 -5.33
CA LEU B 13 2.46 -12.12 -4.80
C LEU B 13 2.64 -10.63 -4.54
N LEU B 14 3.79 -10.28 -3.97
CA LEU B 14 4.08 -8.90 -3.67
C LEU B 14 4.35 -8.14 -4.97
N GLU B 15 4.92 -8.86 -5.93
CA GLU B 15 5.23 -8.27 -7.22
C GLU B 15 3.96 -7.83 -7.93
N GLN B 16 2.89 -8.59 -7.69
CA GLN B 16 1.61 -8.28 -8.29
C GLN B 16 0.98 -7.06 -7.62
N LEU B 17 0.93 -7.11 -6.30
CA LEU B 17 0.36 -6.02 -5.53
C LEU B 17 1.28 -4.79 -5.64
N VAL B 18 2.52 -4.98 -5.24
CA VAL B 18 3.50 -3.91 -5.29
C VAL B 18 3.44 -3.23 -6.67
N SER B 19 3.59 -4.05 -7.70
CA SER B 19 3.56 -3.56 -9.06
C SER B 19 2.32 -2.67 -9.27
N PHE B 20 1.17 -3.25 -8.96
CA PHE B 20 -0.09 -2.53 -9.10
C PHE B 20 -0.11 -1.28 -8.22
N LEU B 21 0.59 -1.38 -7.10
CA LEU B 21 0.66 -0.26 -6.17
C LEU B 21 1.38 0.91 -6.83
N SER B 22 2.52 0.59 -7.44
CA SER B 22 3.32 1.60 -8.10
C SER B 22 2.46 2.38 -9.10
N GLY B 23 1.81 1.63 -9.98
CA GLY B 23 0.96 2.23 -10.99
C GLY B 23 -0.44 2.50 -10.43
N LYS B 24 -0.45 3.13 -9.26
CA LYS B 24 -1.71 3.46 -8.61
C LYS B 24 -2.68 4.04 -9.65
N ASP B 25 -3.88 3.50 -9.64
CA ASP B 25 -4.92 3.94 -10.57
C ASP B 25 -5.53 5.26 -10.06
N GLU B 26 -5.64 5.34 -8.74
CA GLU B 26 -6.20 6.53 -8.11
C GLU B 26 -5.34 7.75 -8.43
N THR B 27 -4.14 7.48 -8.92
CA THR B 27 -3.22 8.55 -9.27
C THR B 27 -3.75 9.34 -10.47
N GLU B 28 -4.45 8.62 -11.34
CA GLU B 28 -5.01 9.23 -12.54
C GLU B 28 -6.03 10.31 -12.15
N LEU B 29 -7.03 9.89 -11.38
CA LEU B 29 -8.06 10.80 -10.94
C LEU B 29 -7.44 11.88 -10.04
N ALA B 30 -6.67 11.43 -9.07
CA ALA B 30 -6.02 12.33 -8.14
C ALA B 30 -4.76 12.91 -8.80
N GLU B 31 -4.95 13.45 -9.98
CA GLU B 31 -3.83 14.02 -10.73
C GLU B 31 -3.02 14.94 -9.82
N LEU B 32 -3.67 15.42 -8.76
CA LEU B 32 -3.00 16.29 -7.81
C LEU B 32 -2.10 15.47 -6.89
N ASP B 33 -2.69 14.44 -6.32
CA ASP B 33 -1.96 13.55 -5.42
C ASP B 33 -0.84 12.85 -6.21
N ARG B 34 -0.97 12.89 -7.52
CA ARG B 34 0.02 12.26 -8.38
C ARG B 34 1.43 12.59 -7.90
N ALA B 35 1.56 13.75 -7.29
CA ALA B 35 2.84 14.19 -6.78
C ALA B 35 3.51 13.04 -6.03
N LEU B 36 2.73 12.42 -5.15
CA LEU B 36 3.23 11.30 -4.37
C LEU B 36 2.63 9.99 -4.90
N GLY B 37 1.60 10.15 -5.73
CA GLY B 37 0.93 8.99 -6.31
C GLY B 37 0.09 8.27 -5.27
N ILE B 38 0.75 7.88 -4.18
CA ILE B 38 0.08 7.17 -3.11
C ILE B 38 -0.21 8.15 -1.97
N ASP B 39 -0.16 9.42 -2.29
CA ASP B 39 -0.41 10.48 -1.31
C ASP B 39 -1.79 10.24 -0.68
N LYS B 40 -2.60 9.46 -1.37
CA LYS B 40 -3.94 9.15 -0.88
C LYS B 40 -3.87 8.00 0.11
N LEU B 41 -2.71 7.35 0.13
CA LEU B 41 -2.49 6.22 1.02
C LEU B 41 -1.83 6.72 2.31
N VAL B 42 -1.31 7.93 2.24
CA VAL B 42 -0.64 8.54 3.39
C VAL B 42 -1.60 9.50 4.07
N GLN B 43 -2.70 9.80 3.38
CA GLN B 43 -3.69 10.71 3.91
C GLN B 43 -3.84 10.52 5.42
N GLY B 44 -3.64 9.27 5.85
CA GLY B 44 -3.75 8.95 7.26
C GLY B 44 -4.41 7.58 7.45
N GLY B 45 -3.94 6.87 8.47
CA GLY B 45 -4.47 5.55 8.78
C GLY B 45 -4.49 5.30 10.29
N GLY B 46 -3.39 5.67 10.93
CA GLY B 46 -3.28 5.50 12.37
C GLY B 46 -2.46 6.63 13.00
N LEU B 47 -2.80 7.85 12.59
CA LEU B 47 -2.12 9.02 13.11
C LEU B 47 -0.60 8.82 12.99
N ASP B 48 -0.09 9.11 11.80
CA ASP B 48 1.34 8.96 11.54
C ASP B 48 1.60 9.13 10.05
N VAL B 49 1.67 10.39 9.63
CA VAL B 49 1.91 10.70 8.23
C VAL B 49 2.96 11.80 8.13
N LEU B 50 4.22 11.37 8.09
CA LEU B 50 5.33 12.31 8.01
C LEU B 50 4.93 13.63 8.66
N SER B 51 4.50 14.57 7.83
CA SER B 51 4.09 15.87 8.30
C SER B 51 4.33 16.93 7.22
N LYS B 52 5.50 16.85 6.61
CA LYS B 52 5.85 17.79 5.56
C LYS B 52 4.79 17.72 4.45
N LEU B 53 4.96 16.75 3.57
CA LEU B 53 4.04 16.56 2.47
C LEU B 53 2.68 16.11 3.01
N VAL B 54 2.07 16.97 3.80
CA VAL B 54 0.78 16.67 4.40
C VAL B 54 -0.08 15.94 3.37
N PRO B 55 -0.14 14.59 3.50
CA PRO B 55 -0.93 13.78 2.60
C PRO B 55 -2.42 13.90 2.89
N ARG B 56 -2.72 14.65 3.95
CA ARG B 56 -4.10 14.85 4.36
C ARG B 56 -4.47 16.33 4.24
N GLY B 57 -3.49 17.18 4.51
CA GLY B 57 -3.69 18.61 4.43
C GLY B 57 -2.80 19.35 5.43
N SER B 58 -3.12 19.16 6.71
CA SER B 58 -2.36 19.80 7.77
C SER B 58 -1.80 18.73 8.72
N LEU B 59 -2.71 18.00 9.34
CA LEU B 59 -2.32 16.95 10.27
C LEU B 59 -1.75 17.58 11.53
N PRO A 1 6.85 -16.68 14.68
CA PRO A 1 7.68 -15.54 14.31
C PRO A 1 8.26 -15.72 12.91
N ASN A 2 7.94 -14.78 12.05
CA ASN A 2 8.43 -14.82 10.67
C ASN A 2 7.95 -16.11 10.01
N ARG A 3 6.92 -15.96 9.18
CA ARG A 3 6.36 -17.10 8.47
C ARG A 3 5.80 -16.66 7.11
N SER A 4 5.15 -17.59 6.44
CA SER A 4 4.57 -17.32 5.13
C SER A 4 3.40 -16.33 5.28
N ILE A 5 2.50 -16.39 4.33
CA ILE A 5 1.34 -15.51 4.33
C ILE A 5 0.22 -16.14 3.50
N SER A 6 -1.01 -15.80 3.87
CA SER A 6 -2.17 -16.33 3.18
C SER A 6 -2.13 -15.91 1.70
N PRO A 7 -2.79 -16.75 0.85
CA PRO A 7 -2.84 -16.48 -0.58
C PRO A 7 -3.81 -15.33 -0.89
N SER A 8 -5.07 -15.69 -1.00
CA SER A 8 -6.10 -14.71 -1.30
C SER A 8 -5.76 -13.37 -0.65
N ALA A 9 -5.20 -13.45 0.55
CA ALA A 9 -4.81 -12.26 1.28
C ALA A 9 -4.10 -11.29 0.34
N LEU A 10 -3.40 -11.87 -0.63
CA LEU A 10 -2.67 -11.07 -1.60
C LEU A 10 -3.67 -10.33 -2.49
N GLN A 11 -4.70 -11.05 -2.91
CA GLN A 11 -5.73 -10.47 -3.76
C GLN A 11 -6.61 -9.51 -2.94
N ASP A 12 -6.71 -9.80 -1.65
CA ASP A 12 -7.52 -8.98 -0.76
C ASP A 12 -6.82 -7.64 -0.55
N LEU A 13 -5.50 -7.70 -0.40
CA LEU A 13 -4.71 -6.50 -0.19
C LEU A 13 -4.75 -5.65 -1.46
N LEU A 14 -4.26 -6.22 -2.54
CA LEU A 14 -4.24 -5.52 -3.82
C LEU A 14 -5.62 -4.96 -4.11
N ARG A 15 -6.63 -5.70 -3.66
CA ARG A 15 -8.01 -5.30 -3.88
C ARG A 15 -8.39 -4.16 -2.92
N THR A 16 -7.80 -4.21 -1.74
CA THR A 16 -8.06 -3.20 -0.73
C THR A 16 -7.74 -1.81 -1.27
N LEU A 17 -6.65 -1.73 -2.03
CA LEU A 17 -6.23 -0.47 -2.61
C LEU A 17 -7.31 0.02 -3.58
N LYS A 18 -8.01 -0.94 -4.17
CA LYS A 18 -9.07 -0.62 -5.11
C LYS A 18 -10.05 0.37 -4.47
N SER A 19 -10.22 0.21 -3.17
CA SER A 19 -11.12 1.09 -2.43
C SER A 19 -10.77 2.55 -2.70
N PRO A 20 -11.47 3.45 -1.97
CA PRO A 20 -11.24 4.89 -2.12
C PRO A 20 -9.93 5.30 -1.45
N SER A 21 -9.65 4.67 -0.33
CA SER A 21 -8.44 4.98 0.42
C SER A 21 -8.70 6.11 1.41
N SER A 22 -9.25 5.74 2.56
CA SER A 22 -9.56 6.71 3.60
C SER A 22 -10.56 6.12 4.59
N PRO A 23 -11.77 5.80 4.07
CA PRO A 23 -12.82 5.23 4.90
C PRO A 23 -12.53 3.76 5.21
N GLN A 24 -13.12 2.89 4.42
CA GLN A 24 -12.94 1.46 4.59
C GLN A 24 -11.47 1.09 4.45
N GLN A 25 -10.87 1.54 3.35
CA GLN A 25 -9.47 1.27 3.09
C GLN A 25 -8.70 1.14 4.41
N GLN A 26 -8.70 2.23 5.16
CA GLN A 26 -8.01 2.26 6.43
C GLN A 26 -8.25 0.96 7.20
N GLN A 27 -9.52 0.59 7.29
CA GLN A 27 -9.89 -0.64 7.99
C GLN A 27 -9.50 -1.86 7.16
N GLN A 28 -9.44 -1.65 5.85
CA GLN A 28 -9.08 -2.73 4.94
C GLN A 28 -7.61 -3.09 5.10
N VAL A 29 -6.77 -2.08 4.99
CA VAL A 29 -5.34 -2.27 5.13
C VAL A 29 -5.03 -2.88 6.51
N LEU A 30 -5.56 -2.22 7.53
CA LEU A 30 -5.36 -2.68 8.89
C LEU A 30 -5.96 -4.08 9.06
N ASN A 31 -7.04 -4.31 8.33
CA ASN A 31 -7.71 -5.60 8.38
C ASN A 31 -6.72 -6.70 7.99
N ILE A 32 -6.28 -6.63 6.74
CA ILE A 32 -5.34 -7.61 6.23
C ILE A 32 -4.03 -7.52 7.01
N LEU A 33 -3.43 -6.34 6.95
CA LEU A 33 -2.18 -6.09 7.65
C LEU A 33 -2.23 -6.77 9.02
N LYS A 34 -3.44 -6.86 9.55
CA LYS A 34 -3.63 -7.47 10.86
C LYS A 34 -3.49 -8.99 10.72
N SER A 35 -4.29 -9.55 9.82
CA SER A 35 -4.27 -10.97 9.58
C SER A 35 -3.33 -11.30 8.41
N ASN A 36 -2.46 -10.36 8.11
CA ASN A 36 -1.50 -10.53 7.03
C ASN A 36 -0.25 -9.73 7.33
N PRO A 37 0.74 -10.42 7.97
CA PRO A 37 2.00 -9.78 8.32
C PRO A 37 2.89 -9.60 7.08
N GLN A 38 3.13 -10.71 6.41
CA GLN A 38 3.95 -10.69 5.21
C GLN A 38 3.45 -9.62 4.24
N LEU A 39 2.13 -9.57 4.10
CA LEU A 39 1.51 -8.60 3.21
C LEU A 39 1.82 -7.19 3.70
N MET A 40 1.47 -6.94 4.95
CA MET A 40 1.70 -5.64 5.55
C MET A 40 3.15 -5.19 5.35
N ALA A 41 4.06 -6.14 5.51
CA ALA A 41 5.48 -5.86 5.34
C ALA A 41 5.70 -5.20 3.98
N ALA A 42 5.10 -5.82 2.97
CA ALA A 42 5.23 -5.31 1.61
C ALA A 42 4.47 -3.99 1.49
N PHE A 43 3.20 -4.04 1.83
CA PHE A 43 2.36 -2.84 1.77
C PHE A 43 2.97 -1.71 2.60
N ILE A 44 3.13 -1.96 3.88
CA ILE A 44 3.69 -0.98 4.78
C ILE A 44 4.90 -0.32 4.13
N LYS A 45 5.81 -1.17 3.65
CA LYS A 45 7.00 -0.69 2.99
C LYS A 45 6.63 0.08 1.74
N GLN A 46 5.59 -0.40 1.08
CA GLN A 46 5.11 0.24 -0.14
C GLN A 46 4.68 1.68 0.15
N ARG A 47 3.96 1.83 1.25
CA ARG A 47 3.47 3.15 1.65
C ARG A 47 4.64 4.02 2.13
N THR A 48 5.42 3.46 3.05
CA THR A 48 6.56 4.17 3.60
C THR A 48 7.62 4.39 2.52
N ALA A 49 7.47 3.65 1.43
CA ALA A 49 8.40 3.76 0.31
C ALA A 49 8.31 5.16 -0.29
N LYS A 50 7.33 5.92 0.19
CA LYS A 50 7.13 7.28 -0.29
C LYS A 50 7.86 8.25 0.64
N TYR A 51 8.06 7.81 1.87
CA TYR A 51 8.75 8.64 2.85
C TYR A 51 10.15 8.09 3.14
N VAL A 52 10.20 6.80 3.42
CA VAL A 52 11.47 6.15 3.71
C VAL A 52 12.54 6.68 2.77
N ALA A 53 12.14 6.90 1.52
CA ALA A 53 13.05 7.40 0.51
C ALA A 53 13.52 8.80 0.91
N ASN A 54 12.55 9.65 1.22
CA ASN A 54 12.84 11.02 1.61
C ASN A 54 13.53 11.01 2.97
N GLN A 55 12.90 10.35 3.93
CA GLN A 55 13.44 10.25 5.27
C GLN A 55 13.86 8.81 5.58
N PRO A 56 15.17 8.54 5.37
CA PRO A 56 15.70 7.21 5.63
C PRO A 56 15.85 6.95 7.13
N GLY A 57 15.57 5.71 7.52
CA GLY A 57 15.67 5.33 8.91
C GLY A 57 17.00 4.62 9.19
N MET A 58 17.29 3.62 8.37
CA MET A 58 18.51 2.86 8.52
C MET A 58 19.24 2.73 7.18
N PRO B 1 -5.77 -6.76 -12.04
CA PRO B 1 -5.79 -6.97 -10.60
C PRO B 1 -4.53 -7.70 -10.13
N THR B 2 -4.01 -8.53 -11.00
CA THR B 2 -2.82 -9.30 -10.70
C THR B 2 -2.14 -9.78 -11.98
N THR B 3 -0.81 -9.82 -11.94
CA THR B 3 -0.04 -10.26 -13.09
C THR B 3 0.80 -11.49 -12.73
N VAL B 4 1.25 -11.50 -11.48
CA VAL B 4 2.07 -12.60 -11.00
C VAL B 4 1.64 -12.97 -9.58
N GLU B 5 0.69 -13.89 -9.49
CA GLU B 5 0.18 -14.33 -8.21
C GLU B 5 0.52 -15.81 -7.98
N GLY B 6 -0.45 -16.54 -7.47
CA GLY B 6 -0.27 -17.96 -7.21
C GLY B 6 0.69 -18.58 -8.22
N ARG B 7 0.63 -18.07 -9.44
CA ARG B 7 1.48 -18.57 -10.51
C ARG B 7 2.91 -18.75 -10.00
N ASN B 8 3.37 -17.75 -9.26
CA ASN B 8 4.71 -17.77 -8.70
C ASN B 8 4.63 -17.92 -7.18
N ASP B 9 5.78 -17.70 -6.54
CA ASP B 9 5.85 -17.80 -5.10
C ASP B 9 5.27 -16.53 -4.47
N GLU B 10 5.19 -16.55 -3.15
CA GLU B 10 4.66 -15.42 -2.41
C GLU B 10 5.28 -14.11 -2.92
N LYS B 11 6.57 -14.21 -3.25
CA LYS B 11 7.29 -13.04 -3.75
C LYS B 11 6.52 -12.43 -4.92
N ALA B 12 5.82 -13.29 -5.64
CA ALA B 12 5.04 -12.85 -6.79
C ALA B 12 3.75 -12.18 -6.29
N LEU B 13 3.26 -12.67 -5.17
CA LEU B 13 2.04 -12.14 -4.58
C LEU B 13 2.23 -10.64 -4.31
N LEU B 14 3.22 -10.35 -3.48
CA LEU B 14 3.52 -8.97 -3.13
C LEU B 14 3.99 -8.22 -4.37
N GLU B 15 4.95 -8.82 -5.06
CA GLU B 15 5.49 -8.22 -6.26
C GLU B 15 4.36 -7.65 -7.13
N GLN B 16 3.26 -8.39 -7.15
CA GLN B 16 2.10 -7.99 -7.93
C GLN B 16 1.41 -6.78 -7.29
N LEU B 17 1.24 -6.88 -5.97
CA LEU B 17 0.60 -5.81 -5.23
C LEU B 17 1.51 -4.58 -5.23
N VAL B 18 2.76 -4.80 -4.85
CA VAL B 18 3.74 -3.73 -4.80
C VAL B 18 3.84 -3.08 -6.18
N SER B 19 3.81 -3.92 -7.21
CA SER B 19 3.90 -3.45 -8.57
C SER B 19 2.74 -2.49 -8.87
N PHE B 20 1.55 -2.94 -8.53
CA PHE B 20 0.35 -2.14 -8.76
C PHE B 20 0.34 -0.92 -7.84
N LEU B 21 0.91 -1.09 -6.65
CA LEU B 21 0.97 0.00 -5.69
C LEU B 21 1.87 1.10 -6.23
N SER B 22 3.04 0.69 -6.70
CA SER B 22 4.00 1.63 -7.25
C SER B 22 3.33 2.52 -8.30
N GLY B 23 2.72 1.87 -9.27
CA GLY B 23 2.03 2.60 -10.34
C GLY B 23 0.56 2.80 -10.00
N LYS B 24 0.33 3.42 -8.84
CA LYS B 24 -1.03 3.69 -8.39
C LYS B 24 -1.87 4.17 -9.58
N ASP B 25 -2.97 3.46 -9.81
CA ASP B 25 -3.86 3.79 -10.90
C ASP B 25 -4.72 5.01 -10.51
N GLU B 26 -5.10 5.02 -9.24
CA GLU B 26 -5.92 6.11 -8.73
C GLU B 26 -5.26 7.46 -9.06
N THR B 27 -3.96 7.41 -9.32
CA THR B 27 -3.22 8.61 -9.65
C THR B 27 -3.89 9.36 -10.80
N GLU B 28 -4.52 8.58 -11.67
CA GLU B 28 -5.20 9.16 -12.83
C GLU B 28 -6.30 10.12 -12.37
N LEU B 29 -7.24 9.58 -11.61
CA LEU B 29 -8.34 10.38 -11.11
C LEU B 29 -7.78 11.53 -10.25
N ALA B 30 -6.94 11.16 -9.31
CA ALA B 30 -6.32 12.13 -8.43
C ALA B 30 -5.17 12.82 -9.15
N GLU B 31 -5.47 13.35 -10.32
CA GLU B 31 -4.47 14.04 -11.12
C GLU B 31 -3.65 14.99 -10.25
N LEU B 32 -4.27 15.39 -9.15
CA LEU B 32 -3.61 16.31 -8.22
C LEU B 32 -2.64 15.52 -7.33
N ASP B 33 -3.18 14.47 -6.72
CA ASP B 33 -2.38 13.62 -5.84
C ASP B 33 -1.27 12.95 -6.66
N ARG B 34 -1.44 12.99 -7.98
CA ARG B 34 -0.47 12.39 -8.87
C ARG B 34 0.95 12.74 -8.43
N ALA B 35 1.06 13.88 -7.76
CA ALA B 35 2.35 14.34 -7.27
C ALA B 35 3.13 13.16 -6.71
N LEU B 36 2.58 12.55 -5.68
CA LEU B 36 3.21 11.41 -5.03
C LEU B 36 2.62 10.12 -5.62
N GLY B 37 1.46 10.26 -6.22
CA GLY B 37 0.78 9.11 -6.82
C GLY B 37 0.10 8.26 -5.75
N ILE B 38 0.35 8.61 -4.50
CA ILE B 38 -0.23 7.89 -3.38
C ILE B 38 -0.33 8.82 -2.17
N ASP B 39 -0.33 10.11 -2.46
CA ASP B 39 -0.42 11.11 -1.41
C ASP B 39 -1.74 10.95 -0.66
N LYS B 40 -2.63 10.16 -1.26
CA LYS B 40 -3.93 9.91 -0.67
C LYS B 40 -3.82 8.76 0.34
N LEU B 41 -2.64 8.15 0.36
CA LEU B 41 -2.40 7.05 1.28
C LEU B 41 -1.65 7.56 2.50
N VAL B 42 -0.68 8.43 2.24
CA VAL B 42 0.11 9.01 3.31
C VAL B 42 -0.72 10.06 4.06
N GLN B 43 -1.92 10.27 3.56
CA GLN B 43 -2.82 11.23 4.17
C GLN B 43 -2.82 11.07 5.69
N GLY B 44 -2.92 9.82 6.12
CA GLY B 44 -2.94 9.51 7.54
C GLY B 44 -4.22 8.76 7.93
N GLY B 45 -4.22 8.27 9.16
CA GLY B 45 -5.37 7.53 9.67
C GLY B 45 -5.39 7.55 11.19
N GLY B 46 -4.75 8.55 11.76
CA GLY B 46 -4.69 8.69 13.21
C GLY B 46 -3.25 8.60 13.71
N LEU B 47 -2.63 9.75 13.85
CA LEU B 47 -1.25 9.81 14.32
C LEU B 47 -0.40 8.83 13.51
N ASP B 48 0.27 9.38 12.50
CA ASP B 48 1.12 8.58 11.64
C ASP B 48 1.63 9.44 10.49
N VAL B 49 2.05 8.76 9.42
CA VAL B 49 2.56 9.45 8.25
C VAL B 49 3.59 10.50 8.69
N LEU B 50 3.96 11.34 7.75
CA LEU B 50 4.93 12.40 8.02
C LEU B 50 4.31 13.75 7.69
N SER B 51 3.02 13.72 7.38
CA SER B 51 2.30 14.93 7.05
C SER B 51 3.14 15.80 6.10
N LYS B 52 3.44 15.22 4.94
CA LYS B 52 4.23 15.92 3.94
C LYS B 52 3.31 16.50 2.87
N LEU B 53 3.23 17.82 2.84
CA LEU B 53 2.39 18.51 1.88
C LEU B 53 0.92 18.15 2.14
N VAL B 54 0.62 17.93 3.42
CA VAL B 54 -0.73 17.58 3.81
C VAL B 54 -1.32 16.60 2.80
N PRO B 55 -0.94 15.30 2.95
CA PRO B 55 -1.42 14.27 2.05
C PRO B 55 -2.88 13.91 2.36
N ARG B 56 -3.47 14.69 3.26
CA ARG B 56 -4.85 14.46 3.65
C ARG B 56 -5.64 15.78 3.58
N GLY B 57 -5.00 16.83 4.07
CA GLY B 57 -5.63 18.14 4.08
C GLY B 57 -5.19 18.96 5.29
N SER B 58 -5.21 18.30 6.45
CA SER B 58 -4.82 18.95 7.68
C SER B 58 -4.29 17.91 8.67
N LEU B 59 -3.01 17.63 8.56
CA LEU B 59 -2.37 16.66 9.43
C LEU B 59 -1.52 17.39 10.47
N PRO A 1 4.69 -17.64 12.70
CA PRO A 1 3.27 -17.33 12.68
C PRO A 1 2.60 -17.86 11.41
N ASN A 2 2.12 -19.09 11.51
CA ASN A 2 1.47 -19.72 10.37
C ASN A 2 2.46 -19.87 9.23
N ARG A 3 2.10 -20.72 8.28
CA ARG A 3 2.95 -20.96 7.13
C ARG A 3 2.97 -19.73 6.22
N SER A 4 4.08 -19.01 6.27
CA SER A 4 4.23 -17.81 5.46
C SER A 4 3.07 -16.85 5.71
N ILE A 5 2.02 -17.03 4.93
CA ILE A 5 0.83 -16.19 5.06
C ILE A 5 -0.21 -16.63 4.03
N SER A 6 -1.47 -16.43 4.38
CA SER A 6 -2.56 -16.80 3.50
C SER A 6 -2.38 -16.11 2.14
N PRO A 7 -2.49 -16.94 1.07
CA PRO A 7 -2.34 -16.43 -0.29
C PRO A 7 -3.59 -15.66 -0.72
N SER A 8 -4.63 -15.77 0.10
CA SER A 8 -5.88 -15.09 -0.19
C SER A 8 -5.80 -13.63 0.26
N ALA A 9 -5.05 -13.42 1.34
CA ALA A 9 -4.89 -12.09 1.88
C ALA A 9 -4.32 -11.16 0.80
N LEU A 10 -3.15 -11.54 0.31
CA LEU A 10 -2.49 -10.76 -0.73
C LEU A 10 -3.53 -10.29 -1.75
N GLN A 11 -4.37 -11.23 -2.16
CA GLN A 11 -5.40 -10.93 -3.13
C GLN A 11 -6.34 -9.85 -2.59
N ASP A 12 -6.67 -9.98 -1.32
CA ASP A 12 -7.55 -9.02 -0.68
C ASP A 12 -6.87 -7.66 -0.64
N LEU A 13 -5.56 -7.68 -0.43
CA LEU A 13 -4.78 -6.46 -0.39
C LEU A 13 -4.92 -5.71 -1.71
N LEU A 14 -4.36 -6.30 -2.75
CA LEU A 14 -4.41 -5.70 -4.07
C LEU A 14 -5.86 -5.36 -4.41
N ARG A 15 -6.76 -6.17 -3.89
CA ARG A 15 -8.18 -5.98 -4.12
C ARG A 15 -8.71 -4.81 -3.29
N THR A 16 -7.96 -4.49 -2.24
CA THR A 16 -8.33 -3.40 -1.37
C THR A 16 -7.94 -2.05 -1.99
N LEU A 17 -6.73 -2.01 -2.52
CA LEU A 17 -6.22 -0.80 -3.14
C LEU A 17 -7.23 -0.31 -4.17
N LYS A 18 -8.08 -1.23 -4.60
CA LYS A 18 -9.10 -0.90 -5.59
C LYS A 18 -10.06 0.14 -5.01
N SER A 19 -10.26 0.04 -3.70
CA SER A 19 -11.14 0.97 -3.01
C SER A 19 -10.78 2.41 -3.36
N PRO A 20 -11.50 3.36 -2.70
CA PRO A 20 -11.26 4.77 -2.94
C PRO A 20 -9.96 5.23 -2.26
N SER A 21 -9.69 4.62 -1.11
CA SER A 21 -8.49 4.95 -0.36
C SER A 21 -8.77 6.15 0.55
N SER A 22 -9.29 5.84 1.73
CA SER A 22 -9.60 6.87 2.71
C SER A 22 -10.61 6.35 3.73
N PRO A 23 -11.82 5.98 3.21
CA PRO A 23 -12.87 5.47 4.07
C PRO A 23 -12.58 4.02 4.49
N GLN A 24 -13.15 3.09 3.74
CA GLN A 24 -12.96 1.67 4.02
C GLN A 24 -11.48 1.30 3.86
N GLN A 25 -10.96 1.56 2.67
CA GLN A 25 -9.58 1.26 2.38
C GLN A 25 -8.73 1.32 3.65
N GLN A 26 -8.70 2.51 4.23
CA GLN A 26 -7.94 2.72 5.46
C GLN A 26 -8.09 1.52 6.40
N GLN A 27 -9.35 1.16 6.62
CA GLN A 27 -9.65 0.02 7.50
C GLN A 27 -9.30 -1.29 6.80
N GLN A 28 -9.38 -1.26 5.47
CA GLN A 28 -9.08 -2.43 4.69
C GLN A 28 -7.59 -2.78 4.78
N VAL A 29 -6.77 -1.78 4.48
CA VAL A 29 -5.33 -1.96 4.52
C VAL A 29 -4.93 -2.43 5.92
N LEU A 30 -5.36 -1.67 6.91
CA LEU A 30 -5.05 -1.99 8.30
C LEU A 30 -5.68 -3.32 8.66
N ASN A 31 -6.83 -3.59 8.04
CA ASN A 31 -7.54 -4.82 8.29
C ASN A 31 -6.67 -6.02 7.86
N ILE A 32 -6.40 -6.07 6.56
CA ILE A 32 -5.58 -7.13 6.01
C ILE A 32 -4.21 -7.10 6.66
N LEU A 33 -3.65 -5.90 6.74
CA LEU A 33 -2.33 -5.72 7.35
C LEU A 33 -2.34 -6.31 8.77
N LYS A 34 -3.52 -6.28 9.37
CA LYS A 34 -3.67 -6.80 10.72
C LYS A 34 -3.90 -8.31 10.66
N SER A 35 -4.85 -8.69 9.82
CA SER A 35 -5.19 -10.10 9.66
C SER A 35 -4.07 -10.82 8.89
N ASN A 36 -3.11 -10.03 8.43
CA ASN A 36 -1.99 -10.57 7.69
C ASN A 36 -0.77 -9.66 7.89
N PRO A 37 0.19 -10.16 8.72
CA PRO A 37 1.40 -9.42 9.00
C PRO A 37 2.35 -9.47 7.81
N GLN A 38 2.64 -10.67 7.36
CA GLN A 38 3.54 -10.88 6.24
C GLN A 38 3.16 -9.94 5.08
N LEU A 39 1.89 -9.57 5.05
CA LEU A 39 1.38 -8.68 4.02
C LEU A 39 1.77 -7.24 4.35
N MET A 40 1.54 -6.88 5.60
CA MET A 40 1.86 -5.53 6.06
C MET A 40 3.30 -5.16 5.69
N ALA A 41 4.21 -6.09 5.98
CA ALA A 41 5.61 -5.86 5.69
C ALA A 41 5.76 -5.41 4.23
N ALA A 42 5.04 -6.09 3.35
CA ALA A 42 5.09 -5.77 1.94
C ALA A 42 4.46 -4.39 1.72
N PHE A 43 3.19 -4.29 2.05
CA PHE A 43 2.47 -3.04 1.90
C PHE A 43 3.20 -1.90 2.60
N ILE A 44 3.39 -2.07 3.91
CA ILE A 44 4.07 -1.07 4.70
C ILE A 44 5.32 -0.59 3.97
N LYS A 45 6.02 -1.55 3.37
CA LYS A 45 7.23 -1.23 2.63
C LYS A 45 6.88 -0.34 1.45
N GLN A 46 5.74 -0.63 0.84
CA GLN A 46 5.29 0.14 -0.31
C GLN A 46 4.90 1.56 0.13
N ARG A 47 4.18 1.63 1.24
CA ARG A 47 3.74 2.90 1.77
C ARG A 47 4.95 3.73 2.23
N THR A 48 5.92 3.03 2.81
CA THR A 48 7.12 3.68 3.29
C THR A 48 8.02 4.07 2.12
N ALA A 49 7.82 3.39 1.00
CA ALA A 49 8.61 3.65 -0.19
C ALA A 49 8.37 5.10 -0.64
N LYS A 50 7.35 5.70 -0.05
CA LYS A 50 7.01 7.08 -0.39
C LYS A 50 7.80 8.03 0.52
N TYR A 51 8.21 7.51 1.67
CA TYR A 51 8.96 8.30 2.63
C TYR A 51 10.42 7.84 2.68
N VAL A 52 10.59 6.54 2.90
CA VAL A 52 11.93 5.98 2.97
C VAL A 52 12.82 6.62 1.91
N ALA A 53 12.20 6.95 0.78
CA ALA A 53 12.91 7.57 -0.31
C ALA A 53 13.41 8.96 0.13
N ASN A 54 12.46 9.77 0.57
CA ASN A 54 12.79 11.12 1.03
C ASN A 54 13.63 11.03 2.30
N GLN A 55 13.22 10.13 3.18
CA GLN A 55 13.92 9.94 4.44
C GLN A 55 14.55 8.55 4.49
N PRO A 56 15.83 8.48 4.03
CA PRO A 56 16.56 7.23 4.01
C PRO A 56 17.02 6.84 5.43
N GLY A 57 17.19 5.54 5.63
CA GLY A 57 17.61 5.03 6.91
C GLY A 57 19.13 5.06 7.03
N MET A 58 19.66 6.22 7.36
CA MET A 58 21.09 6.40 7.51
C MET A 58 21.41 7.64 8.35
N PRO B 1 -0.81 -5.40 -14.32
CA PRO B 1 0.09 -5.02 -13.24
C PRO B 1 0.46 -6.23 -12.39
N THR B 2 1.55 -6.88 -12.79
CA THR B 2 2.03 -8.06 -12.08
C THR B 2 3.39 -8.50 -12.63
N THR B 3 3.44 -8.63 -13.95
CA THR B 3 4.66 -9.05 -14.62
C THR B 3 5.02 -10.48 -14.22
N VAL B 4 5.38 -10.64 -12.96
CA VAL B 4 5.75 -11.95 -12.44
C VAL B 4 4.50 -12.82 -12.34
N GLU B 5 3.87 -13.03 -13.48
CA GLU B 5 2.66 -13.84 -13.52
C GLU B 5 3.01 -15.28 -13.92
N GLY B 6 3.80 -15.41 -14.98
CA GLY B 6 4.20 -16.71 -15.47
C GLY B 6 5.12 -17.41 -14.46
N ARG B 7 5.59 -16.64 -13.49
CA ARG B 7 6.47 -17.16 -12.47
C ARG B 7 5.68 -17.44 -11.18
N ASN B 8 5.05 -16.39 -10.67
CA ASN B 8 4.26 -16.52 -9.46
C ASN B 8 5.17 -17.00 -8.32
N ASP B 9 4.76 -16.66 -7.10
CA ASP B 9 5.52 -17.04 -5.92
C ASP B 9 5.33 -15.99 -4.83
N GLU B 10 5.57 -16.41 -3.60
CA GLU B 10 5.43 -15.52 -2.46
C GLU B 10 5.85 -14.10 -2.84
N LYS B 11 7.07 -14.00 -3.36
CA LYS B 11 7.61 -12.72 -3.77
C LYS B 11 6.77 -12.15 -4.91
N ALA B 12 6.43 -13.05 -5.84
CA ALA B 12 5.64 -12.65 -7.00
C ALA B 12 4.31 -12.03 -6.51
N LEU B 13 3.78 -12.62 -5.45
CA LEU B 13 2.54 -12.14 -4.87
C LEU B 13 2.70 -10.68 -4.45
N LEU B 14 3.75 -10.44 -3.68
CA LEU B 14 4.02 -9.09 -3.20
C LEU B 14 4.38 -8.19 -4.39
N GLU B 15 5.19 -8.75 -5.29
CA GLU B 15 5.61 -8.02 -6.47
C GLU B 15 4.39 -7.59 -7.29
N GLN B 16 3.34 -8.38 -7.18
CA GLN B 16 2.11 -8.10 -7.91
C GLN B 16 1.41 -6.87 -7.33
N LEU B 17 1.25 -6.89 -6.01
CA LEU B 17 0.60 -5.79 -5.32
C LEU B 17 1.60 -4.64 -5.15
N VAL B 18 2.87 -5.00 -5.19
CA VAL B 18 3.93 -4.01 -5.05
C VAL B 18 4.01 -3.18 -6.33
N SER B 19 4.15 -3.88 -7.45
CA SER B 19 4.25 -3.23 -8.74
C SER B 19 2.96 -2.44 -9.02
N PHE B 20 1.84 -3.04 -8.66
CA PHE B 20 0.56 -2.41 -8.87
C PHE B 20 0.42 -1.14 -8.01
N LEU B 21 1.00 -1.20 -6.82
CA LEU B 21 0.95 -0.07 -5.91
C LEU B 21 1.81 1.06 -6.47
N SER B 22 2.94 0.68 -7.05
CA SER B 22 3.86 1.65 -7.62
C SER B 22 3.13 2.53 -8.63
N GLY B 23 2.49 1.88 -9.58
CA GLY B 23 1.75 2.58 -10.61
C GLY B 23 0.31 2.85 -10.17
N LYS B 24 0.20 3.42 -8.97
CA LYS B 24 -1.11 3.73 -8.43
C LYS B 24 -2.01 4.29 -9.53
N ASP B 25 -3.14 3.64 -9.72
CA ASP B 25 -4.09 4.06 -10.74
C ASP B 25 -4.80 5.33 -10.27
N GLU B 26 -5.12 5.35 -8.98
CA GLU B 26 -5.81 6.50 -8.40
C GLU B 26 -5.13 7.80 -8.84
N THR B 27 -3.82 7.71 -9.05
CA THR B 27 -3.05 8.86 -9.46
C THR B 27 -3.69 9.53 -10.69
N GLU B 28 -4.36 8.70 -11.48
CA GLU B 28 -5.03 9.19 -12.67
C GLU B 28 -6.20 10.09 -12.30
N LEU B 29 -7.16 9.51 -11.59
CA LEU B 29 -8.33 10.25 -11.16
C LEU B 29 -7.89 11.38 -10.22
N ALA B 30 -7.08 11.01 -9.25
CA ALA B 30 -6.59 11.98 -8.28
C ALA B 30 -5.42 12.76 -8.89
N GLU B 31 -5.66 13.30 -10.07
CA GLU B 31 -4.65 14.07 -10.77
C GLU B 31 -4.08 15.14 -9.85
N LEU B 32 -4.86 15.50 -8.85
CA LEU B 32 -4.45 16.51 -7.89
C LEU B 32 -3.51 15.88 -6.85
N ASP B 33 -3.76 14.61 -6.57
CA ASP B 33 -2.95 13.89 -5.61
C ASP B 33 -1.63 13.49 -6.26
N ARG B 34 -1.61 13.54 -7.58
CA ARG B 34 -0.41 13.20 -8.32
C ARG B 34 0.84 13.63 -7.56
N ALA B 35 0.71 14.75 -6.86
CA ALA B 35 1.81 15.29 -6.09
C ALA B 35 2.55 14.14 -5.40
N LEU B 36 1.85 13.46 -4.52
CA LEU B 36 2.42 12.34 -3.80
C LEU B 36 1.99 11.04 -4.45
N GLY B 37 0.89 11.11 -5.19
CA GLY B 37 0.36 9.95 -5.88
C GLY B 37 -0.35 9.02 -4.90
N ILE B 38 0.35 8.68 -3.82
CA ILE B 38 -0.22 7.80 -2.81
C ILE B 38 -0.41 8.59 -1.51
N ASP B 39 -0.51 9.91 -1.66
CA ASP B 39 -0.69 10.77 -0.51
C ASP B 39 -1.90 10.30 0.29
N LYS B 40 -2.87 9.76 -0.42
CA LYS B 40 -4.09 9.26 0.21
C LYS B 40 -3.74 8.06 1.08
N LEU B 41 -2.68 7.37 0.69
CA LEU B 41 -2.24 6.20 1.42
C LEU B 41 -1.52 6.64 2.70
N VAL B 42 -0.60 7.57 2.54
CA VAL B 42 0.16 8.09 3.67
C VAL B 42 -0.76 8.95 4.54
N GLN B 43 -1.99 9.11 4.06
CA GLN B 43 -2.96 9.91 4.80
C GLN B 43 -2.74 9.78 6.30
N GLY B 44 -2.32 8.59 6.70
CA GLY B 44 -2.07 8.31 8.11
C GLY B 44 -2.12 6.81 8.39
N GLY B 45 -1.10 6.13 7.90
CA GLY B 45 -1.01 4.68 8.09
C GLY B 45 0.14 4.33 9.03
N GLY B 46 -0.10 3.33 9.86
CA GLY B 46 0.92 2.87 10.81
C GLY B 46 0.75 3.59 12.15
N LEU B 47 0.79 4.90 12.11
CA LEU B 47 0.64 5.71 13.30
C LEU B 47 0.54 7.18 12.93
N ASP B 48 1.46 7.61 12.08
CA ASP B 48 1.48 8.99 11.63
C ASP B 48 2.28 9.09 10.32
N VAL B 49 2.21 10.25 9.71
CA VAL B 49 2.91 10.49 8.45
C VAL B 49 4.15 11.33 8.72
N LEU B 50 4.90 11.59 7.66
CA LEU B 50 6.11 12.39 7.77
C LEU B 50 5.83 13.79 7.23
N SER B 51 4.81 14.42 7.79
CA SER B 51 4.45 15.77 7.39
C SER B 51 4.68 15.94 5.90
N LYS B 52 5.03 17.16 5.52
CA LYS B 52 5.29 17.48 4.13
C LYS B 52 4.08 17.09 3.29
N LEU B 53 3.33 18.10 2.86
CA LEU B 53 2.14 17.87 2.06
C LEU B 53 1.15 17.03 2.84
N VAL B 54 0.69 17.58 3.96
CA VAL B 54 -0.26 16.89 4.81
C VAL B 54 -1.15 15.99 3.94
N PRO B 55 -0.84 14.67 3.97
CA PRO B 55 -1.60 13.71 3.20
C PRO B 55 -2.96 13.45 3.85
N ARG B 56 -3.24 14.19 4.90
CA ARG B 56 -4.50 14.05 5.62
C ARG B 56 -5.17 15.41 5.77
N GLY B 57 -4.37 16.41 6.11
CA GLY B 57 -4.88 17.75 6.29
C GLY B 57 -4.53 18.29 7.68
N SER B 58 -3.35 18.89 7.77
CA SER B 58 -2.89 19.45 9.02
C SER B 58 -2.09 18.39 9.81
N LEU B 59 -2.82 17.42 10.33
CA LEU B 59 -2.20 16.36 11.10
C LEU B 59 -1.64 16.93 12.40
N PRO A 1 2.31 -20.20 14.65
CA PRO A 1 3.30 -21.15 14.19
C PRO A 1 4.16 -20.55 13.07
N ASN A 2 5.00 -21.40 12.48
CA ASN A 2 5.87 -20.97 11.41
C ASN A 2 5.17 -21.17 10.07
N ARG A 3 4.68 -20.06 9.52
CA ARG A 3 3.99 -20.10 8.25
C ARG A 3 4.30 -18.84 7.43
N SER A 4 4.35 -19.01 6.13
CA SER A 4 4.63 -17.91 5.23
C SER A 4 3.53 -16.85 5.34
N ILE A 5 2.48 -17.04 4.56
CA ILE A 5 1.37 -16.11 4.56
C ILE A 5 0.32 -16.57 3.54
N SER A 6 -0.94 -16.42 3.91
CA SER A 6 -2.03 -16.81 3.04
C SER A 6 -1.88 -16.15 1.68
N PRO A 7 -2.25 -16.91 0.62
CA PRO A 7 -2.16 -16.41 -0.75
C PRO A 7 -3.27 -15.40 -1.03
N SER A 8 -4.50 -15.89 -0.99
CA SER A 8 -5.66 -15.06 -1.24
C SER A 8 -5.45 -13.68 -0.63
N ALA A 9 -4.83 -13.67 0.55
CA ALA A 9 -4.57 -12.44 1.26
C ALA A 9 -4.04 -11.40 0.26
N LEU A 10 -3.37 -11.90 -0.76
CA LEU A 10 -2.80 -11.02 -1.79
C LEU A 10 -3.93 -10.30 -2.52
N GLN A 11 -4.95 -11.08 -2.88
CA GLN A 11 -6.09 -10.54 -3.59
C GLN A 11 -6.81 -9.51 -2.72
N ASP A 12 -6.78 -9.77 -1.41
CA ASP A 12 -7.43 -8.88 -0.46
C ASP A 12 -6.65 -7.56 -0.40
N LEU A 13 -5.34 -7.68 -0.44
CA LEU A 13 -4.47 -6.52 -0.38
C LEU A 13 -4.70 -5.66 -1.63
N LEU A 14 -4.29 -6.22 -2.77
CA LEU A 14 -4.44 -5.53 -4.04
C LEU A 14 -5.89 -5.03 -4.18
N ARG A 15 -6.79 -5.78 -3.58
CA ARG A 15 -8.20 -5.43 -3.63
C ARG A 15 -8.50 -4.29 -2.65
N THR A 16 -7.68 -4.22 -1.61
CA THR A 16 -7.85 -3.19 -0.60
C THR A 16 -7.46 -1.82 -1.16
N LEU A 17 -6.44 -1.84 -2.00
CA LEU A 17 -5.94 -0.61 -2.62
C LEU A 17 -6.99 -0.09 -3.60
N LYS A 18 -7.76 -1.02 -4.14
CA LYS A 18 -8.80 -0.68 -5.10
C LYS A 18 -9.70 0.40 -4.50
N SER A 19 -9.94 0.28 -3.20
CA SER A 19 -10.78 1.23 -2.50
C SER A 19 -10.30 2.66 -2.78
N PRO A 20 -10.98 3.64 -2.13
CA PRO A 20 -10.63 5.04 -2.31
C PRO A 20 -9.35 5.38 -1.55
N SER A 21 -9.19 4.75 -0.40
CA SER A 21 -8.01 4.97 0.43
C SER A 21 -8.29 6.09 1.43
N SER A 22 -8.92 5.73 2.54
CA SER A 22 -9.24 6.69 3.57
C SER A 22 -10.33 6.12 4.49
N PRO A 23 -11.50 5.84 3.87
CA PRO A 23 -12.62 5.28 4.63
C PRO A 23 -12.40 3.81 4.96
N GLN A 24 -12.95 2.96 4.11
CA GLN A 24 -12.81 1.52 4.31
C GLN A 24 -11.34 1.11 4.21
N GLN A 25 -10.72 1.48 3.09
CA GLN A 25 -9.33 1.16 2.86
C GLN A 25 -8.58 1.09 4.19
N GLN A 26 -8.59 2.20 4.90
CA GLN A 26 -7.92 2.28 6.19
C GLN A 26 -8.14 0.99 6.98
N GLN A 27 -9.41 0.60 7.07
CA GLN A 27 -9.76 -0.61 7.80
C GLN A 27 -9.37 -1.85 6.98
N GLN A 28 -9.36 -1.68 5.67
CA GLN A 28 -9.00 -2.77 4.78
C GLN A 28 -7.52 -3.11 4.92
N VAL A 29 -6.69 -2.09 4.79
CA VAL A 29 -5.25 -2.27 4.90
C VAL A 29 -4.92 -2.89 6.26
N LEU A 30 -5.43 -2.26 7.30
CA LEU A 30 -5.20 -2.74 8.65
C LEU A 30 -5.85 -4.12 8.82
N ASN A 31 -6.96 -4.30 8.12
CA ASN A 31 -7.69 -5.56 8.17
C ASN A 31 -6.77 -6.69 7.72
N ILE A 32 -6.21 -6.52 6.53
CA ILE A 32 -5.32 -7.52 5.97
C ILE A 32 -3.96 -7.42 6.66
N LEU A 33 -3.51 -6.18 6.82
CA LEU A 33 -2.23 -5.93 7.46
C LEU A 33 -2.21 -6.60 8.84
N LYS A 34 -3.39 -6.68 9.43
CA LYS A 34 -3.52 -7.29 10.75
C LYS A 34 -3.81 -8.78 10.59
N SER A 35 -4.52 -9.10 9.52
CA SER A 35 -4.87 -10.49 9.24
C SER A 35 -3.78 -11.14 8.39
N ASN A 36 -2.72 -10.37 8.15
CA ASN A 36 -1.61 -10.86 7.35
C ASN A 36 -0.36 -10.04 7.66
N PRO A 37 0.60 -10.70 8.36
CA PRO A 37 1.84 -10.04 8.73
C PRO A 37 2.76 -9.89 7.52
N GLN A 38 3.11 -11.04 6.93
CA GLN A 38 3.99 -11.05 5.77
C GLN A 38 3.52 -10.01 4.75
N LEU A 39 2.25 -9.67 4.83
CA LEU A 39 1.67 -8.70 3.92
C LEU A 39 1.93 -7.30 4.45
N MET A 40 1.77 -7.14 5.75
CA MET A 40 1.98 -5.85 6.39
C MET A 40 3.34 -5.27 6.00
N ALA A 41 4.38 -6.05 6.23
CA ALA A 41 5.73 -5.63 5.91
C ALA A 41 5.80 -5.24 4.43
N ALA A 42 5.01 -5.96 3.64
CA ALA A 42 4.99 -5.72 2.20
C ALA A 42 4.31 -4.36 1.94
N PHE A 43 3.07 -4.26 2.36
CA PHE A 43 2.31 -3.03 2.17
C PHE A 43 2.98 -1.87 2.91
N ILE A 44 3.19 -2.07 4.20
CA ILE A 44 3.82 -1.04 5.03
C ILE A 44 4.97 -0.42 4.25
N LYS A 45 5.85 -1.28 3.75
CA LYS A 45 7.00 -0.82 2.99
C LYS A 45 6.53 -0.10 1.73
N GLN A 46 5.46 -0.63 1.15
CA GLN A 46 4.90 -0.04 -0.05
C GLN A 46 4.39 1.38 0.23
N ARG A 47 3.92 1.57 1.46
CA ARG A 47 3.40 2.86 1.87
C ARG A 47 4.56 3.82 2.18
N THR A 48 5.53 3.31 2.91
CA THR A 48 6.69 4.09 3.29
C THR A 48 7.58 4.35 2.06
N ALA A 49 7.32 3.58 1.02
CA ALA A 49 8.09 3.70 -0.21
C ALA A 49 7.90 5.11 -0.77
N LYS A 50 6.95 5.82 -0.19
CA LYS A 50 6.67 7.19 -0.62
C LYS A 50 7.46 8.16 0.25
N TYR A 51 7.77 7.73 1.46
CA TYR A 51 8.52 8.55 2.38
C TYR A 51 9.98 8.09 2.47
N VAL A 52 10.15 6.79 2.64
CA VAL A 52 11.47 6.22 2.74
C VAL A 52 12.35 6.78 1.62
N ALA A 53 11.76 6.92 0.45
CA ALA A 53 12.47 7.44 -0.70
C ALA A 53 12.89 8.89 -0.41
N ASN A 54 11.93 9.68 0.01
CA ASN A 54 12.18 11.08 0.32
C ASN A 54 13.15 11.16 1.51
N GLN A 55 12.79 10.46 2.57
CA GLN A 55 13.61 10.45 3.78
C GLN A 55 14.17 9.05 4.01
N PRO A 56 15.40 8.81 3.47
CA PRO A 56 16.06 7.53 3.61
C PRO A 56 16.62 7.36 5.03
N GLY A 57 16.23 6.26 5.66
CA GLY A 57 16.68 5.97 7.01
C GLY A 57 16.66 4.47 7.28
N MET A 58 17.66 3.79 6.75
CA MET A 58 17.77 2.35 6.92
C MET A 58 18.82 2.01 7.97
N PRO B 1 -0.54 -5.91 -15.94
CA PRO B 1 -0.41 -5.00 -14.83
C PRO B 1 0.17 -5.71 -13.60
N THR B 2 1.17 -6.55 -13.86
CA THR B 2 1.81 -7.30 -12.80
C THR B 2 3.22 -7.71 -13.22
N THR B 3 3.79 -8.65 -12.48
CA THR B 3 5.13 -9.14 -12.76
C THR B 3 5.30 -10.56 -12.21
N VAL B 4 6.37 -11.20 -12.65
CA VAL B 4 6.67 -12.56 -12.20
C VAL B 4 5.63 -13.51 -12.78
N GLU B 5 4.78 -12.96 -13.64
CA GLU B 5 3.73 -13.77 -14.26
C GLU B 5 4.30 -15.10 -14.76
N GLY B 6 3.48 -16.13 -14.63
CA GLY B 6 3.90 -17.46 -15.06
C GLY B 6 4.69 -18.17 -13.96
N ARG B 7 5.27 -17.36 -13.08
CA ARG B 7 6.06 -17.90 -11.98
C ARG B 7 5.22 -17.92 -10.69
N ASN B 8 4.72 -16.75 -10.34
CA ASN B 8 3.90 -16.63 -9.15
C ASN B 8 4.68 -17.16 -7.94
N ASP B 9 4.25 -16.75 -6.76
CA ASP B 9 4.90 -17.17 -5.54
C ASP B 9 4.69 -16.10 -4.46
N GLU B 10 4.87 -16.52 -3.22
CA GLU B 10 4.71 -15.61 -2.09
C GLU B 10 5.22 -14.22 -2.45
N LYS B 11 6.46 -14.16 -2.92
CA LYS B 11 7.07 -12.91 -3.31
C LYS B 11 6.33 -12.34 -4.53
N ALA B 12 5.92 -13.25 -5.40
CA ALA B 12 5.21 -12.86 -6.60
C ALA B 12 3.88 -12.23 -6.22
N LEU B 13 3.30 -12.74 -5.14
CA LEU B 13 2.03 -12.23 -4.65
C LEU B 13 2.20 -10.78 -4.18
N LEU B 14 3.04 -10.63 -3.17
CA LEU B 14 3.30 -9.31 -2.62
C LEU B 14 3.87 -8.41 -3.72
N GLU B 15 4.57 -9.03 -4.65
CA GLU B 15 5.17 -8.31 -5.76
C GLU B 15 4.08 -7.76 -6.68
N GLN B 16 3.00 -8.52 -6.80
CA GLN B 16 1.89 -8.12 -7.65
C GLN B 16 1.22 -6.87 -7.08
N LEU B 17 0.98 -6.90 -5.78
CA LEU B 17 0.35 -5.78 -5.11
C LEU B 17 1.36 -4.64 -4.95
N VAL B 18 2.61 -5.04 -4.72
CA VAL B 18 3.67 -4.06 -4.54
C VAL B 18 3.85 -3.28 -5.84
N SER B 19 4.06 -4.01 -6.93
CA SER B 19 4.25 -3.40 -8.22
C SER B 19 3.05 -2.54 -8.58
N PHE B 20 1.87 -3.08 -8.35
CA PHE B 20 0.64 -2.37 -8.63
C PHE B 20 0.54 -1.09 -7.80
N LEU B 21 1.10 -1.17 -6.60
CA LEU B 21 1.08 -0.03 -5.69
C LEU B 21 2.04 1.04 -6.21
N SER B 22 3.13 0.58 -6.80
CA SER B 22 4.14 1.48 -7.34
C SER B 22 3.51 2.39 -8.41
N GLY B 23 2.88 1.75 -9.38
CA GLY B 23 2.24 2.48 -10.46
C GLY B 23 0.76 2.73 -10.15
N LYS B 24 0.54 3.37 -9.01
CA LYS B 24 -0.83 3.68 -8.59
C LYS B 24 -1.58 4.34 -9.74
N ASP B 25 -2.67 3.69 -10.14
CA ASP B 25 -3.48 4.21 -11.22
C ASP B 25 -4.29 5.40 -10.73
N GLU B 26 -4.72 5.31 -9.48
CA GLU B 26 -5.50 6.37 -8.88
C GLU B 26 -4.86 7.73 -9.16
N THR B 27 -3.54 7.71 -9.29
CA THR B 27 -2.81 8.93 -9.57
C THR B 27 -3.36 9.62 -10.81
N GLU B 28 -3.85 8.81 -11.73
CA GLU B 28 -4.41 9.32 -12.98
C GLU B 28 -5.55 10.31 -12.67
N LEU B 29 -6.57 9.79 -12.02
CA LEU B 29 -7.72 10.60 -11.67
C LEU B 29 -7.28 11.74 -10.75
N ALA B 30 -6.42 11.39 -9.81
CA ALA B 30 -5.91 12.37 -8.86
C ALA B 30 -4.76 13.16 -9.52
N GLU B 31 -5.03 13.62 -10.73
CA GLU B 31 -4.03 14.38 -11.47
C GLU B 31 -3.51 15.54 -10.62
N LEU B 32 -4.35 15.97 -9.70
CA LEU B 32 -3.98 17.07 -8.81
C LEU B 32 -3.15 16.53 -7.64
N ASP B 33 -3.68 15.49 -7.02
CA ASP B 33 -2.99 14.87 -5.90
C ASP B 33 -1.72 14.17 -6.39
N ARG B 34 -1.64 14.03 -7.71
CA ARG B 34 -0.49 13.39 -8.33
C ARG B 34 0.78 13.77 -7.58
N ALA B 35 0.76 14.96 -7.01
CA ALA B 35 1.92 15.46 -6.26
C ALA B 35 2.59 14.29 -5.54
N LEU B 36 1.78 13.56 -4.79
CA LEU B 36 2.30 12.42 -4.04
C LEU B 36 1.74 11.13 -4.66
N GLY B 37 0.71 11.29 -5.47
CA GLY B 37 0.09 10.16 -6.12
C GLY B 37 -0.63 9.26 -5.10
N ILE B 38 0.14 8.81 -4.12
CA ILE B 38 -0.40 7.95 -3.08
C ILE B 38 -0.65 8.77 -1.82
N ASP B 39 -0.74 10.08 -2.02
CA ASP B 39 -0.97 10.99 -0.90
C ASP B 39 -2.22 10.55 -0.14
N LYS B 40 -3.00 9.69 -0.79
CA LYS B 40 -4.22 9.19 -0.19
C LYS B 40 -3.90 7.99 0.69
N LEU B 41 -2.79 7.34 0.36
CA LEU B 41 -2.35 6.17 1.12
C LEU B 41 -1.63 6.63 2.39
N VAL B 42 -0.96 7.76 2.27
CA VAL B 42 -0.23 8.32 3.39
C VAL B 42 -1.16 9.20 4.22
N GLN B 43 -2.38 9.37 3.70
CA GLN B 43 -3.37 10.19 4.38
C GLN B 43 -3.18 10.10 5.90
N GLY B 44 -3.00 8.89 6.38
CA GLY B 44 -2.80 8.66 7.79
C GLY B 44 -3.13 7.21 8.17
N GLY B 45 -2.10 6.51 8.65
CA GLY B 45 -2.27 5.12 9.05
C GLY B 45 -1.76 4.90 10.47
N GLY B 46 -0.52 5.30 10.70
CA GLY B 46 0.08 5.15 12.01
C GLY B 46 1.58 5.43 11.96
N LEU B 47 1.94 6.63 12.38
CA LEU B 47 3.33 7.04 12.39
C LEU B 47 4.00 6.59 11.09
N ASP B 48 3.86 7.42 10.07
CA ASP B 48 4.44 7.12 8.78
C ASP B 48 3.93 8.12 7.74
N VAL B 49 4.66 9.22 7.62
CA VAL B 49 4.29 10.27 6.68
C VAL B 49 5.33 11.39 6.75
N LEU B 50 5.75 11.84 5.57
CA LEU B 50 6.74 12.91 5.48
C LEU B 50 6.16 14.17 6.14
N SER B 51 4.87 14.12 6.41
CA SER B 51 4.19 15.25 7.03
C SER B 51 4.36 16.51 6.17
N LYS B 52 4.28 17.65 6.83
CA LYS B 52 4.43 18.92 6.14
C LYS B 52 3.29 19.08 5.13
N LEU B 53 3.44 18.37 4.02
CA LEU B 53 2.43 18.42 2.97
C LEU B 53 1.23 17.57 3.38
N VAL B 54 0.66 17.92 4.52
CA VAL B 54 -0.50 17.19 5.04
C VAL B 54 -1.16 16.43 3.90
N PRO B 55 -0.85 15.10 3.83
CA PRO B 55 -1.42 14.25 2.79
C PRO B 55 -2.88 13.94 3.09
N ARG B 56 -3.41 14.61 4.10
CA ARG B 56 -4.79 14.40 4.48
C ARG B 56 -5.51 15.75 4.64
N GLY B 57 -5.15 16.45 5.71
CA GLY B 57 -5.75 17.75 5.98
C GLY B 57 -5.18 18.34 7.28
N SER B 58 -4.96 17.46 8.25
CA SER B 58 -4.42 17.89 9.52
C SER B 58 -3.80 16.69 10.25
N LEU B 59 -2.57 16.37 9.85
CA LEU B 59 -1.86 15.26 10.46
C LEU B 59 -0.88 15.79 11.51
N PRO A 1 0.91 -24.25 10.35
CA PRO A 1 1.91 -24.20 11.38
C PRO A 1 3.21 -23.59 10.87
N ASN A 2 3.65 -24.08 9.72
CA ASN A 2 4.87 -23.59 9.11
C ASN A 2 4.55 -22.96 7.76
N ARG A 3 4.27 -21.67 7.78
CA ARG A 3 3.95 -20.94 6.58
C ARG A 3 4.31 -19.46 6.73
N SER A 4 4.72 -18.87 5.62
CA SER A 4 5.10 -17.46 5.61
C SER A 4 3.87 -16.59 5.82
N ILE A 5 2.98 -16.64 4.84
CA ILE A 5 1.75 -15.86 4.89
C ILE A 5 0.74 -16.44 3.91
N SER A 6 -0.53 -16.28 4.26
CA SER A 6 -1.61 -16.78 3.40
C SER A 6 -1.65 -15.98 2.09
N PRO A 7 -1.73 -16.74 0.96
CA PRO A 7 -1.78 -16.11 -0.34
C PRO A 7 -3.16 -15.50 -0.61
N SER A 8 -3.93 -15.39 0.46
CA SER A 8 -5.28 -14.82 0.35
C SER A 8 -5.26 -13.37 0.83
N ALA A 9 -4.15 -12.99 1.45
CA ALA A 9 -4.00 -11.64 1.95
C ALA A 9 -3.56 -10.73 0.81
N LEU A 10 -2.38 -11.00 0.28
CA LEU A 10 -1.84 -10.22 -0.82
C LEU A 10 -2.94 -9.96 -1.85
N GLN A 11 -3.81 -10.95 -2.01
CA GLN A 11 -4.91 -10.85 -2.94
C GLN A 11 -5.91 -9.78 -2.48
N ASP A 12 -6.15 -9.78 -1.18
CA ASP A 12 -7.08 -8.83 -0.59
C ASP A 12 -6.45 -7.43 -0.59
N LEU A 13 -5.12 -7.42 -0.54
CA LEU A 13 -4.39 -6.17 -0.53
C LEU A 13 -4.68 -5.41 -1.82
N LEU A 14 -4.26 -6.00 -2.94
CA LEU A 14 -4.48 -5.38 -4.23
C LEU A 14 -5.98 -5.15 -4.44
N ARG A 15 -6.77 -6.11 -3.97
CA ARG A 15 -8.21 -6.02 -4.10
C ARG A 15 -8.75 -4.86 -3.26
N THR A 16 -8.02 -4.55 -2.21
CA THR A 16 -8.41 -3.46 -1.33
C THR A 16 -8.08 -2.10 -1.96
N LEU A 17 -6.84 -1.99 -2.42
CA LEU A 17 -6.38 -0.76 -3.05
C LEU A 17 -7.42 -0.31 -4.08
N LYS A 18 -8.11 -1.28 -4.64
CA LYS A 18 -9.13 -1.01 -5.64
C LYS A 18 -10.12 0.02 -5.08
N SER A 19 -10.24 0.02 -3.76
CA SER A 19 -11.14 0.94 -3.09
C SER A 19 -10.77 2.39 -3.44
N PRO A 20 -11.43 3.34 -2.73
CA PRO A 20 -11.19 4.75 -2.97
C PRO A 20 -9.85 5.18 -2.36
N SER A 21 -9.54 4.59 -1.22
CA SER A 21 -8.30 4.90 -0.53
C SER A 21 -8.50 6.09 0.40
N SER A 22 -9.06 5.80 1.58
CA SER A 22 -9.31 6.84 2.56
C SER A 22 -10.28 6.32 3.62
N PRO A 23 -11.52 5.98 3.16
CA PRO A 23 -12.54 5.48 4.06
C PRO A 23 -12.25 4.03 4.46
N GLN A 24 -12.84 3.12 3.70
CA GLN A 24 -12.66 1.69 3.97
C GLN A 24 -11.18 1.33 3.87
N GLN A 25 -10.58 1.71 2.75
CA GLN A 25 -9.16 1.42 2.53
C GLN A 25 -8.41 1.36 3.86
N GLN A 26 -8.41 2.49 4.56
CA GLN A 26 -7.74 2.57 5.83
C GLN A 26 -7.98 1.31 6.65
N GLN A 27 -9.25 0.93 6.74
CA GLN A 27 -9.63 -0.25 7.48
C GLN A 27 -9.25 -1.51 6.70
N GLN A 28 -9.25 -1.38 5.39
CA GLN A 28 -8.91 -2.50 4.52
C GLN A 28 -7.42 -2.82 4.65
N VAL A 29 -6.60 -1.79 4.47
CA VAL A 29 -5.16 -1.96 4.55
C VAL A 29 -4.80 -2.50 5.94
N LEU A 30 -5.28 -1.79 6.95
CA LEU A 30 -5.01 -2.20 8.33
C LEU A 30 -5.60 -3.58 8.58
N ASN A 31 -6.77 -3.81 7.99
CA ASN A 31 -7.44 -5.09 8.14
C ASN A 31 -6.48 -6.22 7.76
N ILE A 32 -6.12 -6.24 6.49
CA ILE A 32 -5.21 -7.25 5.99
C ILE A 32 -3.86 -7.12 6.69
N LEU A 33 -3.35 -5.89 6.71
CA LEU A 33 -2.07 -5.61 7.34
C LEU A 33 -2.05 -6.26 8.72
N LYS A 34 -3.23 -6.31 9.34
CA LYS A 34 -3.34 -6.90 10.66
C LYS A 34 -3.70 -8.38 10.53
N SER A 35 -4.32 -8.72 9.41
CA SER A 35 -4.71 -10.09 9.14
C SER A 35 -3.54 -10.85 8.52
N ASN A 36 -2.45 -10.13 8.29
CA ASN A 36 -1.27 -10.72 7.70
C ASN A 36 -0.08 -9.79 7.91
N PRO A 37 0.88 -10.26 8.75
CA PRO A 37 2.07 -9.48 9.04
C PRO A 37 3.05 -9.49 7.86
N GLN A 38 3.57 -10.69 7.59
CA GLN A 38 4.51 -10.86 6.50
C GLN A 38 4.01 -10.13 5.24
N LEU A 39 2.69 -10.13 5.09
CA LEU A 39 2.07 -9.48 3.94
C LEU A 39 2.22 -7.96 4.08
N MET A 40 1.91 -7.48 5.27
CA MET A 40 2.00 -6.06 5.56
C MET A 40 3.41 -5.53 5.26
N ALA A 41 4.39 -6.37 5.55
CA ALA A 41 5.78 -6.01 5.32
C ALA A 41 5.92 -5.44 3.90
N ALA A 42 5.16 -6.02 2.98
CA ALA A 42 5.20 -5.59 1.60
C ALA A 42 4.56 -4.20 1.48
N PHE A 43 3.29 -4.13 1.87
CA PHE A 43 2.56 -2.88 1.81
C PHE A 43 3.28 -1.79 2.61
N ILE A 44 3.54 -2.10 3.87
CA ILE A 44 4.23 -1.16 4.75
C ILE A 44 5.46 -0.62 4.03
N LYS A 45 6.16 -1.51 3.36
CA LYS A 45 7.37 -1.13 2.64
C LYS A 45 7.00 -0.11 1.55
N GLN A 46 5.88 -0.37 0.91
CA GLN A 46 5.41 0.52 -0.14
C GLN A 46 4.97 1.86 0.43
N ARG A 47 4.25 1.78 1.55
CA ARG A 47 3.76 2.97 2.21
C ARG A 47 4.94 3.83 2.69
N THR A 48 5.87 3.18 3.39
CA THR A 48 7.03 3.88 3.91
C THR A 48 8.00 4.21 2.77
N ALA A 49 7.83 3.49 1.66
CA ALA A 49 8.68 3.71 0.50
C ALA A 49 8.49 5.14 0.00
N LYS A 50 7.49 5.80 0.55
CA LYS A 50 7.20 7.18 0.17
C LYS A 50 7.87 8.13 1.16
N TYR A 51 8.11 7.62 2.35
CA TYR A 51 8.74 8.42 3.40
C TYR A 51 10.20 8.00 3.59
N VAL A 52 10.41 6.70 3.61
CA VAL A 52 11.75 6.15 3.78
C VAL A 52 12.67 6.75 2.71
N ALA A 53 12.06 7.14 1.60
CA ALA A 53 12.82 7.72 0.50
C ALA A 53 12.93 9.22 0.71
N ASN A 54 12.61 9.65 1.92
CA ASN A 54 12.68 11.07 2.25
C ASN A 54 12.24 11.26 3.70
N GLN A 55 12.85 10.47 4.58
CA GLN A 55 12.52 10.54 6.00
C GLN A 55 13.79 10.78 6.81
N PRO A 56 13.88 12.00 7.40
CA PRO A 56 15.03 12.38 8.21
C PRO A 56 14.98 11.69 9.58
N GLY A 57 15.74 10.61 9.68
CA GLY A 57 15.79 9.85 10.92
C GLY A 57 17.23 9.43 11.24
N MET A 58 17.82 8.72 10.30
CA MET A 58 19.19 8.26 10.47
C MET A 58 20.05 9.32 11.16
N PRO B 1 1.80 -2.63 -12.51
CA PRO B 1 1.95 -3.80 -13.34
C PRO B 1 1.81 -5.08 -12.52
N THR B 2 2.24 -6.18 -13.12
CA THR B 2 2.18 -7.47 -12.45
C THR B 2 3.59 -8.04 -12.27
N THR B 3 4.30 -8.16 -13.39
CA THR B 3 5.64 -8.69 -13.37
C THR B 3 5.68 -10.03 -12.62
N VAL B 4 4.61 -10.79 -12.80
CA VAL B 4 4.50 -12.09 -12.16
C VAL B 4 3.76 -13.05 -13.09
N GLU B 5 2.71 -12.55 -13.70
CA GLU B 5 1.90 -13.34 -14.61
C GLU B 5 2.77 -14.42 -15.27
N GLY B 6 2.18 -15.60 -15.41
CA GLY B 6 2.88 -16.72 -16.01
C GLY B 6 3.57 -17.58 -14.95
N ARG B 7 3.97 -16.92 -13.88
CA ARG B 7 4.63 -17.63 -12.78
C ARG B 7 3.68 -17.75 -11.59
N ASN B 8 3.24 -16.60 -11.11
CA ASN B 8 2.33 -16.57 -9.97
C ASN B 8 3.01 -17.21 -8.76
N ASP B 9 2.58 -16.79 -7.58
CA ASP B 9 3.15 -17.32 -6.35
C ASP B 9 3.02 -16.26 -5.25
N GLU B 10 3.05 -16.74 -4.01
CA GLU B 10 2.94 -15.85 -2.86
C GLU B 10 3.73 -14.57 -3.11
N LYS B 11 4.98 -14.75 -3.51
CA LYS B 11 5.85 -13.62 -3.79
C LYS B 11 5.30 -12.83 -4.98
N ALA B 12 4.75 -13.58 -5.94
CA ALA B 12 4.20 -12.98 -7.14
C ALA B 12 2.96 -12.16 -6.76
N LEU B 13 2.26 -12.65 -5.74
CA LEU B 13 1.06 -11.97 -5.28
C LEU B 13 1.43 -10.60 -4.71
N LEU B 14 2.26 -10.64 -3.67
CA LEU B 14 2.71 -9.41 -3.03
C LEU B 14 3.48 -8.56 -4.04
N GLU B 15 4.13 -9.25 -4.96
CA GLU B 15 4.92 -8.57 -5.99
C GLU B 15 4.00 -7.82 -6.95
N GLN B 16 2.79 -8.34 -7.10
CA GLN B 16 1.81 -7.74 -7.98
C GLN B 16 1.22 -6.48 -7.33
N LEU B 17 0.86 -6.63 -6.05
CA LEU B 17 0.29 -5.52 -5.31
C LEU B 17 1.35 -4.42 -5.14
N VAL B 18 2.52 -4.85 -4.68
CA VAL B 18 3.62 -3.92 -4.47
C VAL B 18 3.93 -3.20 -5.78
N SER B 19 4.05 -3.99 -6.84
CA SER B 19 4.34 -3.43 -8.15
C SER B 19 3.25 -2.46 -8.57
N PHE B 20 2.01 -2.89 -8.37
CA PHE B 20 0.87 -2.06 -8.72
C PHE B 20 0.83 -0.79 -7.89
N LEU B 21 1.34 -0.89 -6.66
CA LEU B 21 1.37 0.24 -5.76
C LEU B 21 2.29 1.31 -6.34
N SER B 22 3.47 0.88 -6.76
CA SER B 22 4.45 1.80 -7.33
C SER B 22 3.80 2.63 -8.44
N GLY B 23 2.96 1.97 -9.21
CA GLY B 23 2.26 2.63 -10.30
C GLY B 23 0.77 2.82 -9.98
N LYS B 24 0.53 3.35 -8.79
CA LYS B 24 -0.83 3.59 -8.34
C LYS B 24 -1.65 4.15 -9.51
N ASP B 25 -2.86 3.63 -9.65
CA ASP B 25 -3.75 4.07 -10.71
C ASP B 25 -4.59 5.24 -10.21
N GLU B 26 -4.91 5.20 -8.92
CA GLU B 26 -5.70 6.26 -8.31
C GLU B 26 -5.16 7.63 -8.72
N THR B 27 -3.88 7.65 -9.06
CA THR B 27 -3.24 8.89 -9.47
C THR B 27 -4.00 9.54 -10.61
N GLU B 28 -4.68 8.71 -11.39
CA GLU B 28 -5.46 9.19 -12.51
C GLU B 28 -6.60 10.09 -12.02
N LEU B 29 -7.58 9.45 -11.39
CA LEU B 29 -8.72 10.17 -10.86
C LEU B 29 -8.24 11.34 -10.00
N ALA B 30 -7.33 11.02 -9.10
CA ALA B 30 -6.77 12.03 -8.21
C ALA B 30 -5.69 12.83 -8.96
N GLU B 31 -6.09 13.35 -10.11
CA GLU B 31 -5.18 14.13 -10.92
C GLU B 31 -4.51 15.21 -10.08
N LEU B 32 -5.16 15.55 -8.98
CA LEU B 32 -4.64 16.56 -8.09
C LEU B 32 -3.59 15.95 -7.17
N ASP B 33 -3.81 14.68 -6.83
CA ASP B 33 -2.89 13.96 -5.98
C ASP B 33 -1.66 13.55 -6.79
N ARG B 34 -1.78 13.65 -8.10
CA ARG B 34 -0.70 13.29 -9.00
C ARG B 34 0.65 13.68 -8.38
N ALA B 35 0.62 14.75 -7.60
CA ALA B 35 1.82 15.23 -6.94
C ALA B 35 2.59 14.04 -6.37
N LEU B 36 1.95 13.37 -5.42
CA LEU B 36 2.55 12.21 -4.78
C LEU B 36 1.93 10.93 -5.34
N GLY B 37 0.75 11.09 -5.90
CA GLY B 37 0.03 9.96 -6.48
C GLY B 37 -0.44 8.99 -5.39
N ILE B 38 0.50 8.61 -4.54
CA ILE B 38 0.20 7.70 -3.44
C ILE B 38 0.05 8.49 -2.14
N ASP B 39 -0.21 9.78 -2.30
CA ASP B 39 -0.39 10.65 -1.16
C ASP B 39 -1.65 10.26 -0.41
N LYS B 40 -2.35 9.28 -0.96
CA LYS B 40 -3.58 8.80 -0.35
C LYS B 40 -3.26 7.67 0.63
N LEU B 41 -2.49 6.71 0.14
CA LEU B 41 -2.11 5.58 0.97
C LEU B 41 -1.33 6.07 2.19
N VAL B 42 -0.74 7.25 2.03
CA VAL B 42 0.04 7.85 3.10
C VAL B 42 -0.86 8.80 3.90
N GLN B 43 -2.01 9.10 3.32
CA GLN B 43 -2.97 10.00 3.96
C GLN B 43 -2.86 9.88 5.48
N GLY B 44 -2.71 8.66 5.94
CA GLY B 44 -2.60 8.39 7.37
C GLY B 44 -3.35 7.13 7.76
N GLY B 45 -2.62 6.03 7.83
CA GLY B 45 -3.21 4.75 8.19
C GLY B 45 -3.34 4.62 9.71
N GLY B 46 -2.26 4.98 10.39
CA GLY B 46 -2.22 4.90 11.84
C GLY B 46 -1.69 6.19 12.45
N LEU B 47 -2.25 7.30 11.98
CA LEU B 47 -1.84 8.61 12.47
C LEU B 47 -0.33 8.63 12.64
N ASP B 48 0.36 8.95 11.56
CA ASP B 48 1.82 9.00 11.57
C ASP B 48 2.35 8.78 10.16
N VAL B 49 2.57 9.88 9.45
CA VAL B 49 3.08 9.81 8.10
C VAL B 49 3.84 11.10 7.77
N LEU B 50 5.16 10.97 7.73
CA LEU B 50 6.01 12.11 7.44
C LEU B 50 5.47 13.35 8.15
N SER B 51 4.83 14.21 7.37
CA SER B 51 4.25 15.42 7.92
C SER B 51 4.32 16.54 6.88
N LYS B 52 5.52 16.76 6.37
CA LYS B 52 5.73 17.79 5.37
C LYS B 52 4.55 17.81 4.39
N LEU B 53 4.66 16.98 3.36
CA LEU B 53 3.62 16.89 2.36
C LEU B 53 2.38 16.24 2.98
N VAL B 54 1.80 16.93 3.95
CA VAL B 54 0.62 16.44 4.63
C VAL B 54 -0.29 15.74 3.62
N PRO B 55 -0.19 14.39 3.58
CA PRO B 55 -0.99 13.60 2.67
C PRO B 55 -2.45 13.51 3.16
N ARG B 56 -2.72 14.23 4.24
CA ARG B 56 -4.05 14.24 4.81
C ARG B 56 -4.60 15.67 4.85
N GLY B 57 -3.79 16.57 5.39
CA GLY B 57 -4.17 17.96 5.50
C GLY B 57 -4.05 18.45 6.95
N SER B 58 -2.81 18.63 7.37
CA SER B 58 -2.55 19.10 8.73
C SER B 58 -2.53 17.91 9.69
N LEU B 59 -1.42 17.21 9.70
CA LEU B 59 -1.27 16.05 10.57
C LEU B 59 -0.44 16.45 11.79
N PRO A 1 13.14 -17.86 12.32
CA PRO A 1 13.14 -18.17 10.89
C PRO A 1 12.17 -17.25 10.14
N ASN A 2 12.11 -17.46 8.83
CA ASN A 2 11.23 -16.66 7.99
C ASN A 2 9.82 -17.26 8.02
N ARG A 3 8.87 -16.45 7.59
CA ARG A 3 7.48 -16.88 7.56
C ARG A 3 6.82 -16.49 6.24
N SER A 4 5.74 -17.18 5.92
CA SER A 4 5.01 -16.90 4.69
C SER A 4 3.76 -16.07 5.00
N ILE A 5 2.78 -16.20 4.11
CA ILE A 5 1.53 -15.47 4.27
C ILE A 5 0.43 -16.17 3.46
N SER A 6 -0.79 -15.99 3.93
CA SER A 6 -1.94 -16.60 3.27
C SER A 6 -2.14 -15.96 1.88
N PRO A 7 -2.75 -16.76 0.98
CA PRO A 7 -3.01 -16.29 -0.38
C PRO A 7 -4.18 -15.30 -0.40
N SER A 8 -5.38 -15.85 -0.25
CA SER A 8 -6.57 -15.02 -0.25
C SER A 8 -6.27 -13.64 0.34
N ALA A 9 -5.37 -13.63 1.31
CA ALA A 9 -4.98 -12.39 1.96
C ALA A 9 -4.39 -11.44 0.92
N LEU A 10 -3.36 -11.93 0.25
CA LEU A 10 -2.69 -11.14 -0.77
C LEU A 10 -3.74 -10.57 -1.73
N GLN A 11 -4.81 -11.32 -1.91
CA GLN A 11 -5.89 -10.89 -2.79
C GLN A 11 -6.70 -9.77 -2.13
N ASP A 12 -6.76 -9.83 -0.80
CA ASP A 12 -7.49 -8.84 -0.04
C ASP A 12 -6.68 -7.54 0.03
N LEU A 13 -5.37 -7.71 0.02
CA LEU A 13 -4.47 -6.57 0.08
C LEU A 13 -4.57 -5.78 -1.23
N LEU A 14 -4.15 -6.43 -2.31
CA LEU A 14 -4.18 -5.80 -3.62
C LEU A 14 -5.59 -5.26 -3.88
N ARG A 15 -6.58 -6.06 -3.53
CA ARG A 15 -7.96 -5.67 -3.72
C ARG A 15 -8.30 -4.46 -2.83
N THR A 16 -7.80 -4.50 -1.61
CA THR A 16 -8.04 -3.42 -0.66
C THR A 16 -7.64 -2.09 -1.27
N LEU A 17 -6.57 -2.13 -2.06
CA LEU A 17 -6.08 -0.92 -2.71
C LEU A 17 -7.06 -0.48 -3.79
N LYS A 18 -7.84 -1.45 -4.27
CA LYS A 18 -8.82 -1.18 -5.30
C LYS A 18 -9.81 -0.13 -4.79
N SER A 19 -10.07 -0.19 -3.49
CA SER A 19 -11.00 0.74 -2.88
C SER A 19 -10.62 2.18 -3.25
N PRO A 20 -11.40 3.15 -2.69
CA PRO A 20 -11.16 4.55 -2.96
C PRO A 20 -9.92 5.05 -2.21
N SER A 21 -9.70 4.46 -1.04
CA SER A 21 -8.56 4.83 -0.22
C SER A 21 -8.91 6.03 0.65
N SER A 22 -9.53 5.73 1.79
CA SER A 22 -9.94 6.78 2.71
C SER A 22 -10.98 6.24 3.69
N PRO A 23 -12.15 5.81 3.11
CA PRO A 23 -13.23 5.27 3.92
C PRO A 23 -12.90 3.85 4.39
N GLN A 24 -13.51 2.88 3.72
CA GLN A 24 -13.30 1.49 4.06
C GLN A 24 -11.82 1.12 3.91
N GLN A 25 -11.29 1.46 2.74
CA GLN A 25 -9.88 1.17 2.45
C GLN A 25 -9.05 1.24 3.73
N GLN A 26 -9.06 2.42 4.34
CA GLN A 26 -8.32 2.63 5.58
C GLN A 26 -8.46 1.41 6.50
N GLN A 27 -9.71 1.00 6.68
CA GLN A 27 -10.00 -0.14 7.53
C GLN A 27 -9.56 -1.44 6.84
N GLN A 28 -9.60 -1.41 5.52
CA GLN A 28 -9.22 -2.57 4.73
C GLN A 28 -7.73 -2.86 4.89
N VAL A 29 -6.93 -1.83 4.68
CA VAL A 29 -5.49 -1.94 4.80
C VAL A 29 -5.14 -2.38 6.22
N LEU A 30 -5.63 -1.62 7.18
CA LEU A 30 -5.38 -1.91 8.58
C LEU A 30 -5.95 -3.28 8.92
N ASN A 31 -7.07 -3.59 8.29
CA ASN A 31 -7.73 -4.87 8.52
C ASN A 31 -6.77 -6.00 8.16
N ILE A 32 -6.42 -6.06 6.88
CA ILE A 32 -5.52 -7.09 6.40
C ILE A 32 -4.15 -6.92 7.08
N LEU A 33 -3.56 -5.76 6.85
CA LEU A 33 -2.26 -5.47 7.44
C LEU A 33 -2.19 -6.07 8.84
N LYS A 34 -3.33 -6.07 9.51
CA LYS A 34 -3.40 -6.61 10.86
C LYS A 34 -3.26 -8.13 10.80
N SER A 35 -4.11 -8.74 9.99
CA SER A 35 -4.08 -10.19 9.84
C SER A 35 -3.19 -10.57 8.66
N ASN A 36 -2.30 -9.65 8.30
CA ASN A 36 -1.39 -9.88 7.19
C ASN A 36 -0.03 -9.27 7.53
N PRO A 37 0.81 -10.07 8.26
CA PRO A 37 2.13 -9.62 8.64
C PRO A 37 3.09 -9.63 7.45
N GLN A 38 3.58 -10.81 7.14
CA GLN A 38 4.51 -10.98 6.03
C GLN A 38 3.94 -10.31 4.78
N LEU A 39 2.64 -10.15 4.76
CA LEU A 39 1.96 -9.53 3.63
C LEU A 39 2.02 -8.01 3.78
N MET A 40 1.79 -7.56 5.00
CA MET A 40 1.81 -6.14 5.30
C MET A 40 3.16 -5.52 4.91
N ALA A 41 4.19 -6.36 4.94
CA ALA A 41 5.53 -5.91 4.60
C ALA A 41 5.52 -5.30 3.21
N ALA A 42 4.63 -5.82 2.37
CA ALA A 42 4.50 -5.34 1.01
C ALA A 42 3.88 -3.94 1.02
N PHE A 43 2.66 -3.87 1.54
CA PHE A 43 1.94 -2.61 1.61
C PHE A 43 2.73 -1.58 2.43
N ILE A 44 3.09 -1.99 3.63
CA ILE A 44 3.84 -1.12 4.51
C ILE A 44 5.00 -0.47 3.74
N LYS A 45 5.74 -1.31 3.04
CA LYS A 45 6.86 -0.83 2.26
C LYS A 45 6.36 0.17 1.21
N GLN A 46 5.23 -0.17 0.61
CA GLN A 46 4.64 0.68 -0.41
C GLN A 46 4.19 2.01 0.22
N ARG A 47 3.88 1.94 1.51
CA ARG A 47 3.43 3.12 2.23
C ARG A 47 4.62 4.01 2.58
N THR A 48 5.65 3.39 3.13
CA THR A 48 6.85 4.11 3.52
C THR A 48 7.72 4.39 2.28
N ALA A 49 7.42 3.67 1.22
CA ALA A 49 8.17 3.82 -0.02
C ALA A 49 7.97 5.25 -0.54
N LYS A 50 7.03 5.95 0.06
CA LYS A 50 6.74 7.31 -0.34
C LYS A 50 7.57 8.27 0.51
N TYR A 51 7.89 7.82 1.71
CA TYR A 51 8.69 8.62 2.63
C TYR A 51 10.14 8.16 2.65
N VAL A 52 10.32 6.86 2.86
CA VAL A 52 11.65 6.28 2.90
C VAL A 52 12.49 6.86 1.77
N ALA A 53 11.82 7.21 0.68
CA ALA A 53 12.50 7.78 -0.47
C ALA A 53 12.99 9.18 -0.12
N ASN A 54 12.06 10.03 0.28
CA ASN A 54 12.39 11.39 0.64
C ASN A 54 12.74 11.45 2.13
N GLN A 55 13.05 10.28 2.69
CA GLN A 55 13.40 10.18 4.09
C GLN A 55 14.77 9.52 4.25
N PRO A 56 15.81 10.38 4.31
CA PRO A 56 17.18 9.89 4.46
C PRO A 56 17.43 9.41 5.89
N GLY A 57 17.47 8.09 6.04
CA GLY A 57 17.70 7.50 7.35
C GLY A 57 18.04 6.02 7.23
N MET A 58 17.05 5.25 6.78
CA MET A 58 17.24 3.82 6.62
C MET A 58 18.31 3.52 5.56
N PRO B 1 -3.99 -5.62 -12.41
CA PRO B 1 -4.32 -6.26 -11.16
C PRO B 1 -3.24 -7.28 -10.76
N THR B 2 -3.03 -8.24 -11.65
CA THR B 2 -2.03 -9.26 -11.41
C THR B 2 -1.22 -9.53 -12.68
N THR B 3 -0.16 -10.32 -12.52
CA THR B 3 0.70 -10.65 -13.63
C THR B 3 1.35 -12.02 -13.41
N VAL B 4 1.97 -12.17 -12.25
CA VAL B 4 2.63 -13.41 -11.90
C VAL B 4 1.98 -14.01 -10.66
N GLU B 5 1.08 -13.22 -10.07
CA GLU B 5 0.38 -13.66 -8.87
C GLU B 5 -0.20 -15.06 -9.09
N GLY B 6 -0.61 -15.67 -7.98
CA GLY B 6 -1.19 -17.00 -8.03
C GLY B 6 -0.46 -17.87 -9.06
N ARG B 7 0.82 -17.56 -9.25
CA ARG B 7 1.63 -18.31 -10.20
C ARG B 7 2.98 -18.66 -9.56
N ASN B 8 3.76 -17.64 -9.30
CA ASN B 8 5.07 -17.83 -8.69
C ASN B 8 4.91 -17.94 -7.18
N ASP B 9 6.04 -17.77 -6.49
CA ASP B 9 6.04 -17.85 -5.03
C ASP B 9 5.39 -16.60 -4.46
N GLU B 10 5.26 -16.59 -3.14
CA GLU B 10 4.66 -15.46 -2.45
C GLU B 10 5.27 -14.15 -2.95
N LYS B 11 6.56 -14.21 -3.23
CA LYS B 11 7.27 -13.03 -3.72
C LYS B 11 6.54 -12.46 -4.92
N ALA B 12 5.90 -13.34 -5.67
CA ALA B 12 5.16 -12.94 -6.85
C ALA B 12 3.85 -12.28 -6.42
N LEU B 13 3.32 -12.78 -5.30
CA LEU B 13 2.07 -12.25 -4.78
C LEU B 13 2.24 -10.75 -4.47
N LEU B 14 3.17 -10.46 -3.58
CA LEU B 14 3.44 -9.09 -3.20
C LEU B 14 3.93 -8.31 -4.41
N GLU B 15 4.94 -8.88 -5.06
CA GLU B 15 5.52 -8.25 -6.24
C GLU B 15 4.42 -7.64 -7.11
N GLN B 16 3.31 -8.36 -7.21
CA GLN B 16 2.18 -7.90 -8.00
C GLN B 16 1.48 -6.74 -7.29
N LEU B 17 1.28 -6.91 -6.00
CA LEU B 17 0.62 -5.90 -5.20
C LEU B 17 1.51 -4.64 -5.15
N VAL B 18 2.78 -4.86 -4.88
CA VAL B 18 3.73 -3.77 -4.80
C VAL B 18 3.88 -3.14 -6.19
N SER B 19 3.87 -3.99 -7.20
CA SER B 19 4.02 -3.53 -8.57
C SER B 19 2.83 -2.63 -8.94
N PHE B 20 1.64 -3.11 -8.60
CA PHE B 20 0.43 -2.36 -8.88
C PHE B 20 0.34 -1.10 -8.02
N LEU B 21 0.85 -1.22 -6.80
CA LEU B 21 0.83 -0.10 -5.87
C LEU B 21 1.80 0.97 -6.36
N SER B 22 2.91 0.52 -6.94
CA SER B 22 3.91 1.44 -7.45
C SER B 22 3.30 2.33 -8.53
N GLY B 23 2.69 1.69 -9.52
CA GLY B 23 2.07 2.42 -10.61
C GLY B 23 0.62 2.75 -10.29
N LYS B 24 0.41 3.21 -9.07
CA LYS B 24 -0.93 3.57 -8.62
C LYS B 24 -1.66 4.32 -9.74
N ASP B 25 -2.82 3.79 -10.10
CA ASP B 25 -3.62 4.40 -11.16
C ASP B 25 -4.32 5.64 -10.61
N GLU B 26 -4.68 5.56 -9.34
CA GLU B 26 -5.36 6.67 -8.69
C GLU B 26 -4.67 7.99 -9.02
N THR B 27 -3.37 7.89 -9.30
CA THR B 27 -2.59 9.06 -9.66
C THR B 27 -3.29 9.87 -10.75
N GLU B 28 -4.01 9.16 -11.60
CA GLU B 28 -4.72 9.79 -12.69
C GLU B 28 -5.79 10.74 -12.14
N LEU B 29 -6.81 10.15 -11.53
CA LEU B 29 -7.90 10.91 -10.96
C LEU B 29 -7.33 11.94 -9.96
N ALA B 30 -6.48 11.44 -9.09
CA ALA B 30 -5.86 12.29 -8.08
C ALA B 30 -4.68 13.04 -8.71
N GLU B 31 -4.93 13.63 -9.87
CA GLU B 31 -3.90 14.37 -10.58
C GLU B 31 -3.32 15.46 -9.68
N LEU B 32 -4.10 15.83 -8.67
CA LEU B 32 -3.67 16.85 -7.74
C LEU B 32 -2.73 16.23 -6.70
N ASP B 33 -3.04 15.00 -6.34
CA ASP B 33 -2.24 14.29 -5.36
C ASP B 33 -0.98 13.73 -6.04
N ARG B 34 -1.01 13.76 -7.36
CA ARG B 34 0.12 13.27 -8.15
C ARG B 34 1.43 13.51 -7.39
N ALA B 35 1.49 14.65 -6.71
CA ALA B 35 2.67 15.01 -5.95
C ALA B 35 3.20 13.78 -5.22
N LEU B 36 2.29 13.11 -4.53
CA LEU B 36 2.65 11.92 -3.77
C LEU B 36 2.03 10.69 -4.44
N GLY B 37 0.98 10.95 -5.22
CA GLY B 37 0.29 9.88 -5.92
C GLY B 37 -0.41 8.95 -4.94
N ILE B 38 0.38 8.40 -4.02
CA ILE B 38 -0.16 7.49 -3.02
C ILE B 38 -0.52 8.28 -1.75
N ASP B 39 -0.70 9.58 -1.94
CA ASP B 39 -1.04 10.45 -0.83
C ASP B 39 -2.28 9.90 -0.13
N LYS B 40 -2.93 8.94 -0.79
CA LYS B 40 -4.12 8.33 -0.23
C LYS B 40 -3.72 7.19 0.71
N LEU B 41 -2.50 6.70 0.51
CA LEU B 41 -1.99 5.62 1.33
C LEU B 41 -1.38 6.21 2.61
N VAL B 42 -0.71 7.34 2.45
CA VAL B 42 -0.09 8.01 3.57
C VAL B 42 -1.15 8.77 4.37
N GLN B 43 -2.37 8.73 3.85
CA GLN B 43 -3.48 9.40 4.51
C GLN B 43 -3.31 9.36 6.03
N GLY B 44 -2.97 8.18 6.51
CA GLY B 44 -2.77 7.99 7.95
C GLY B 44 -3.06 6.54 8.35
N GLY B 45 -4.15 6.37 9.08
CA GLY B 45 -4.54 5.05 9.53
C GLY B 45 -4.03 4.78 10.96
N GLY B 46 -2.79 5.18 11.18
CA GLY B 46 -2.18 4.99 12.48
C GLY B 46 -1.30 6.19 12.85
N LEU B 47 -0.02 6.05 12.53
CA LEU B 47 0.94 7.10 12.81
C LEU B 47 2.21 6.87 11.98
N ASP B 48 2.12 7.25 10.72
CA ASP B 48 3.25 7.10 9.81
C ASP B 48 3.01 7.94 8.56
N VAL B 49 3.32 9.23 8.68
CA VAL B 49 3.14 10.14 7.57
C VAL B 49 4.00 11.39 7.80
N LEU B 50 4.96 11.58 6.91
CA LEU B 50 5.85 12.73 7.01
C LEU B 50 5.04 13.97 7.37
N SER B 51 3.78 13.95 6.98
CA SER B 51 2.88 15.07 7.26
C SER B 51 3.18 16.22 6.30
N LYS B 52 2.98 15.95 5.02
CA LYS B 52 3.22 16.96 3.99
C LYS B 52 2.06 16.98 3.01
N LEU B 53 1.57 18.17 2.72
CA LEU B 53 0.47 18.33 1.79
C LEU B 53 -0.78 17.66 2.38
N VAL B 54 -0.69 17.31 3.65
CA VAL B 54 -1.79 16.67 4.34
C VAL B 54 -2.43 15.65 3.41
N PRO B 55 -1.95 14.38 3.51
CA PRO B 55 -2.47 13.30 2.68
C PRO B 55 -3.86 12.85 3.16
N ARG B 56 -4.36 13.58 4.15
CA ARG B 56 -5.67 13.26 4.71
C ARG B 56 -6.51 14.54 4.82
N GLY B 57 -6.09 15.43 5.70
CA GLY B 57 -6.79 16.67 5.92
C GLY B 57 -6.54 17.22 7.32
N SER B 58 -5.31 17.65 7.54
CA SER B 58 -4.92 18.19 8.83
C SER B 58 -4.49 17.07 9.77
N LEU B 59 -3.26 16.62 9.59
CA LEU B 59 -2.72 15.56 10.41
C LEU B 59 -1.81 16.15 11.49
N PRO A 1 0.67 -17.59 7.68
CA PRO A 1 0.04 -17.31 8.96
C PRO A 1 1.08 -16.95 10.02
N ASN A 2 2.04 -17.84 10.20
CA ASN A 2 3.09 -17.63 11.17
C ASN A 2 4.30 -16.99 10.47
N ARG A 3 4.81 -17.69 9.48
CA ARG A 3 5.95 -17.20 8.73
C ARG A 3 5.52 -16.77 7.32
N SER A 4 4.94 -17.71 6.59
CA SER A 4 4.47 -17.43 5.25
C SER A 4 3.26 -16.50 5.29
N ILE A 5 2.40 -16.66 4.29
CA ILE A 5 1.20 -15.84 4.20
C ILE A 5 0.19 -16.52 3.27
N SER A 6 -1.07 -16.42 3.65
CA SER A 6 -2.14 -17.01 2.86
C SER A 6 -2.30 -16.26 1.54
N PRO A 7 -2.60 -17.03 0.46
CA PRO A 7 -2.77 -16.44 -0.86
C PRO A 7 -4.11 -15.72 -0.96
N SER A 8 -4.75 -15.54 0.19
CA SER A 8 -6.03 -14.87 0.25
C SER A 8 -5.83 -13.43 0.73
N ALA A 9 -4.64 -13.15 1.20
CA ALA A 9 -4.31 -11.82 1.71
C ALA A 9 -3.95 -10.92 0.52
N LEU A 10 -2.89 -11.30 -0.17
CA LEU A 10 -2.42 -10.54 -1.32
C LEU A 10 -3.63 -10.11 -2.16
N GLN A 11 -4.66 -10.93 -2.11
CA GLN A 11 -5.88 -10.65 -2.86
C GLN A 11 -6.65 -9.52 -2.20
N ASP A 12 -6.70 -9.56 -0.87
CA ASP A 12 -7.40 -8.53 -0.12
C ASP A 12 -6.57 -7.25 -0.12
N LEU A 13 -5.27 -7.42 -0.20
CA LEU A 13 -4.37 -6.27 -0.22
C LEU A 13 -4.61 -5.46 -1.49
N LEU A 14 -4.25 -6.04 -2.62
CA LEU A 14 -4.42 -5.39 -3.90
C LEU A 14 -5.89 -4.99 -4.07
N ARG A 15 -6.76 -5.79 -3.47
CA ARG A 15 -8.18 -5.52 -3.54
C ARG A 15 -8.56 -4.35 -2.64
N THR A 16 -7.72 -4.11 -1.64
CA THR A 16 -7.95 -3.02 -0.71
C THR A 16 -7.60 -1.68 -1.35
N LEU A 17 -6.37 -1.61 -1.86
CA LEU A 17 -5.90 -0.40 -2.50
C LEU A 17 -6.94 0.07 -3.52
N LYS A 18 -7.72 -0.88 -4.01
CA LYS A 18 -8.75 -0.57 -4.99
C LYS A 18 -9.68 0.49 -4.42
N SER A 19 -9.94 0.37 -3.12
CA SER A 19 -10.81 1.31 -2.45
C SER A 19 -10.39 2.75 -2.75
N PRO A 20 -11.12 3.71 -2.14
CA PRO A 20 -10.83 5.12 -2.35
C PRO A 20 -9.57 5.54 -1.58
N SER A 21 -9.38 4.90 -0.44
CA SER A 21 -8.23 5.20 0.40
C SER A 21 -8.55 6.34 1.36
N SER A 22 -9.17 5.98 2.47
CA SER A 22 -9.54 6.98 3.47
C SER A 22 -10.59 6.39 4.42
N PRO A 23 -11.76 6.03 3.82
CA PRO A 23 -12.84 5.46 4.60
C PRO A 23 -12.54 4.01 4.99
N GLN A 24 -13.15 3.09 4.26
CA GLN A 24 -12.96 1.67 4.52
C GLN A 24 -11.48 1.30 4.34
N GLN A 25 -10.94 1.69 3.19
CA GLN A 25 -9.56 1.40 2.88
C GLN A 25 -8.72 1.38 4.16
N GLN A 26 -8.73 2.51 4.84
CA GLN A 26 -7.98 2.63 6.08
C GLN A 26 -8.13 1.37 6.93
N GLN A 27 -9.37 0.97 7.12
CA GLN A 27 -9.66 -0.22 7.89
C GLN A 27 -9.26 -1.48 7.11
N GLN A 28 -9.28 -1.35 5.79
CA GLN A 28 -8.93 -2.46 4.93
C GLN A 28 -7.44 -2.78 5.05
N VAL A 29 -6.63 -1.74 4.88
CA VAL A 29 -5.18 -1.89 4.95
C VAL A 29 -4.82 -2.42 6.34
N LEU A 30 -5.31 -1.72 7.36
CA LEU A 30 -5.04 -2.11 8.73
C LEU A 30 -5.57 -3.53 8.97
N ASN A 31 -6.70 -3.81 8.35
CA ASN A 31 -7.33 -5.12 8.50
C ASN A 31 -6.35 -6.20 8.01
N ILE A 32 -6.09 -6.17 6.72
CA ILE A 32 -5.18 -7.15 6.12
C ILE A 32 -3.83 -7.08 6.84
N LEU A 33 -3.22 -5.90 6.77
CA LEU A 33 -1.93 -5.68 7.40
C LEU A 33 -1.91 -6.39 8.76
N LYS A 34 -3.09 -6.49 9.36
CA LYS A 34 -3.22 -7.14 10.65
C LYS A 34 -3.36 -8.64 10.45
N SER A 35 -4.32 -9.02 9.62
CA SER A 35 -4.57 -10.42 9.34
C SER A 35 -3.53 -10.94 8.34
N ASN A 36 -2.63 -10.06 7.95
CA ASN A 36 -1.59 -10.40 7.01
C ASN A 36 -0.30 -9.64 7.37
N PRO A 37 0.64 -10.38 8.02
CA PRO A 37 1.91 -9.78 8.40
C PRO A 37 2.83 -9.60 7.19
N GLN A 38 3.06 -10.71 6.51
CA GLN A 38 3.92 -10.69 5.33
C GLN A 38 3.46 -9.60 4.35
N LEU A 39 2.15 -9.52 4.19
CA LEU A 39 1.57 -8.54 3.30
C LEU A 39 1.94 -7.14 3.77
N MET A 40 1.65 -6.88 5.04
CA MET A 40 1.96 -5.59 5.63
C MET A 40 3.40 -5.17 5.34
N ALA A 41 4.30 -6.12 5.54
CA ALA A 41 5.71 -5.88 5.30
C ALA A 41 5.90 -5.37 3.87
N ALA A 42 5.25 -6.06 2.95
CA ALA A 42 5.34 -5.69 1.54
C ALA A 42 4.64 -4.35 1.32
N PHE A 43 3.36 -4.32 1.64
CA PHE A 43 2.58 -3.11 1.49
C PHE A 43 3.22 -1.93 2.22
N ILE A 44 3.42 -2.13 3.52
CA ILE A 44 4.03 -1.10 4.34
C ILE A 44 5.29 -0.57 3.65
N LYS A 45 5.97 -1.48 2.99
CA LYS A 45 7.19 -1.12 2.28
C LYS A 45 6.86 -0.17 1.13
N GLN A 46 5.87 -0.57 0.34
CA GLN A 46 5.43 0.24 -0.79
C GLN A 46 4.62 1.44 -0.30
N ARG A 47 4.24 1.38 0.97
CA ARG A 47 3.46 2.45 1.57
C ARG A 47 4.38 3.42 2.30
N THR A 48 5.56 2.93 2.64
CA THR A 48 6.54 3.75 3.35
C THR A 48 7.58 4.29 2.38
N ALA A 49 7.65 3.66 1.21
CA ALA A 49 8.59 4.07 0.18
C ALA A 49 8.43 5.57 -0.08
N LYS A 50 7.28 6.09 0.32
CA LYS A 50 6.98 7.50 0.13
C LYS A 50 7.64 8.31 1.25
N TYR A 51 7.78 7.67 2.40
CA TYR A 51 8.38 8.32 3.55
C TYR A 51 9.85 7.91 3.70
N VAL A 52 10.05 6.61 3.87
CA VAL A 52 11.39 6.06 4.02
C VAL A 52 12.34 6.80 3.08
N ALA A 53 11.77 7.28 1.98
CA ALA A 53 12.56 7.99 0.99
C ALA A 53 12.90 9.40 1.52
N ASN A 54 11.86 10.19 1.70
CA ASN A 54 12.03 11.55 2.19
C ASN A 54 12.56 11.49 3.63
N GLN A 55 12.34 10.34 4.27
CA GLN A 55 12.79 10.16 5.63
C GLN A 55 13.61 8.87 5.74
N PRO A 56 14.92 8.99 5.45
CA PRO A 56 15.82 7.85 5.51
C PRO A 56 16.14 7.48 6.96
N GLY A 57 16.07 6.20 7.25
CA GLY A 57 16.36 5.71 8.59
C GLY A 57 17.87 5.64 8.84
N MET A 58 18.41 6.76 9.31
CA MET A 58 19.83 6.84 9.59
C MET A 58 20.27 5.68 10.49
N PRO B 1 -1.50 -2.09 -16.15
CA PRO B 1 -1.66 -3.54 -16.07
C PRO B 1 -0.82 -4.12 -14.92
N THR B 2 -0.98 -5.42 -14.72
CA THR B 2 -0.26 -6.12 -13.68
C THR B 2 1.25 -6.03 -13.92
N THR B 3 1.99 -6.85 -13.20
CA THR B 3 3.43 -6.88 -13.33
C THR B 3 4.02 -8.10 -12.62
N VAL B 4 3.87 -9.24 -13.27
CA VAL B 4 4.37 -10.49 -12.72
C VAL B 4 4.12 -11.62 -13.71
N GLU B 5 3.05 -11.47 -14.48
CA GLU B 5 2.67 -12.47 -15.47
C GLU B 5 3.92 -13.18 -15.98
N GLY B 6 4.10 -14.41 -15.52
CA GLY B 6 5.25 -15.21 -15.94
C GLY B 6 5.93 -15.85 -14.73
N ARG B 7 5.83 -15.17 -13.59
CA ARG B 7 6.43 -15.67 -12.37
C ARG B 7 5.37 -16.33 -11.48
N ASN B 8 4.51 -15.50 -10.92
CA ASN B 8 3.45 -16.00 -10.06
C ASN B 8 4.06 -16.76 -8.88
N ASP B 9 3.64 -16.37 -7.68
CA ASP B 9 4.15 -17.01 -6.48
C ASP B 9 4.08 -16.01 -5.32
N GLU B 10 4.21 -16.54 -4.11
CA GLU B 10 4.17 -15.72 -2.92
C GLU B 10 4.84 -14.36 -3.18
N LYS B 11 6.10 -14.44 -3.59
CA LYS B 11 6.87 -13.24 -3.87
C LYS B 11 6.21 -12.49 -5.04
N ALA B 12 5.70 -13.27 -5.99
CA ALA B 12 5.04 -12.69 -7.15
C ALA B 12 3.76 -11.98 -6.72
N LEU B 13 3.13 -12.55 -5.69
CA LEU B 13 1.90 -11.98 -5.17
C LEU B 13 2.18 -10.59 -4.60
N LEU B 14 3.03 -10.56 -3.59
CA LEU B 14 3.40 -9.30 -2.94
C LEU B 14 4.03 -8.38 -3.98
N GLU B 15 4.61 -8.99 -5.00
CA GLU B 15 5.26 -8.23 -6.05
C GLU B 15 4.22 -7.57 -6.95
N GLN B 16 3.06 -8.22 -7.03
CA GLN B 16 1.97 -7.71 -7.85
C GLN B 16 1.31 -6.51 -7.17
N LEU B 17 1.04 -6.67 -5.89
CA LEU B 17 0.41 -5.61 -5.11
C LEU B 17 1.40 -4.46 -4.95
N VAL B 18 2.62 -4.82 -4.56
CA VAL B 18 3.66 -3.83 -4.37
C VAL B 18 3.94 -3.10 -5.69
N SER B 19 4.01 -3.89 -6.75
CA SER B 19 4.27 -3.35 -8.07
C SER B 19 3.15 -2.38 -8.46
N PHE B 20 1.92 -2.81 -8.20
CA PHE B 20 0.76 -2.00 -8.51
C PHE B 20 0.71 -0.74 -7.63
N LEU B 21 1.23 -0.88 -6.43
CA LEU B 21 1.26 0.22 -5.49
C LEU B 21 2.13 1.35 -6.04
N SER B 22 3.33 0.97 -6.46
CA SER B 22 4.26 1.94 -7.00
C SER B 22 3.60 2.73 -8.14
N GLY B 23 3.06 1.99 -9.09
CA GLY B 23 2.38 2.61 -10.23
C GLY B 23 0.89 2.77 -9.95
N LYS B 24 0.59 3.32 -8.77
CA LYS B 24 -0.78 3.54 -8.39
C LYS B 24 -1.58 4.05 -9.59
N ASP B 25 -2.62 3.30 -9.94
CA ASP B 25 -3.46 3.66 -11.06
C ASP B 25 -4.41 4.80 -10.64
N GLU B 26 -4.86 4.72 -9.40
CA GLU B 26 -5.76 5.72 -8.86
C GLU B 26 -5.26 7.12 -9.22
N THR B 27 -3.96 7.22 -9.41
CA THR B 27 -3.34 8.50 -9.75
C THR B 27 -4.05 9.12 -10.96
N GLU B 28 -4.49 8.25 -11.85
CA GLU B 28 -5.19 8.70 -13.05
C GLU B 28 -6.36 9.59 -12.68
N LEU B 29 -7.11 9.15 -11.68
CA LEU B 29 -8.27 9.90 -11.21
C LEU B 29 -7.80 11.04 -10.31
N ALA B 30 -6.95 10.68 -9.37
CA ALA B 30 -6.42 11.66 -8.42
C ALA B 30 -5.28 12.44 -9.09
N GLU B 31 -5.58 12.94 -10.28
CA GLU B 31 -4.59 13.71 -11.03
C GLU B 31 -3.98 14.79 -10.14
N LEU B 32 -4.71 15.14 -9.09
CA LEU B 32 -4.25 16.17 -8.17
C LEU B 32 -3.27 15.55 -7.18
N ASP B 33 -3.58 14.31 -6.78
CA ASP B 33 -2.73 13.59 -5.84
C ASP B 33 -1.52 13.02 -6.58
N ARG B 34 -1.65 12.94 -7.89
CA ARG B 34 -0.58 12.42 -8.72
C ARG B 34 0.78 12.90 -8.21
N ALA B 35 0.76 14.10 -7.63
CA ALA B 35 1.98 14.68 -7.09
C ALA B 35 2.78 13.60 -6.36
N LEU B 36 2.13 12.99 -5.37
CA LEU B 36 2.77 11.93 -4.60
C LEU B 36 2.40 10.58 -5.19
N GLY B 37 1.34 10.59 -5.99
CA GLY B 37 0.87 9.36 -6.62
C GLY B 37 0.14 8.47 -5.62
N ILE B 38 0.80 8.23 -4.49
CA ILE B 38 0.22 7.40 -3.46
C ILE B 38 -0.10 8.26 -2.23
N ASP B 39 -0.11 9.57 -2.46
CA ASP B 39 -0.39 10.51 -1.40
C ASP B 39 -1.67 10.08 -0.67
N LYS B 40 -2.52 9.37 -1.39
CA LYS B 40 -3.77 8.89 -0.82
C LYS B 40 -3.47 7.80 0.21
N LEU B 41 -2.36 7.11 -0.01
CA LEU B 41 -1.95 6.05 0.89
C LEU B 41 -1.37 6.67 2.17
N VAL B 42 -0.85 7.87 2.02
CA VAL B 42 -0.26 8.58 3.15
C VAL B 42 -1.34 9.40 3.85
N GLN B 43 -2.49 9.50 3.19
CA GLN B 43 -3.61 10.25 3.72
C GLN B 43 -3.61 10.15 5.25
N GLY B 44 -3.30 8.97 5.74
CA GLY B 44 -3.26 8.73 7.18
C GLY B 44 -3.30 7.23 7.48
N GLY B 45 -4.49 6.67 7.42
CA GLY B 45 -4.68 5.26 7.69
C GLY B 45 -4.63 4.97 9.19
N GLY B 46 -3.48 5.26 9.78
CA GLY B 46 -3.29 5.04 11.20
C GLY B 46 -2.23 6.00 11.77
N LEU B 47 -2.29 7.23 11.27
CA LEU B 47 -1.34 8.25 11.72
C LEU B 47 0.07 7.84 11.34
N ASP B 48 0.33 7.85 10.04
CA ASP B 48 1.64 7.48 9.53
C ASP B 48 2.12 8.55 8.55
N VAL B 49 1.44 9.69 8.58
CA VAL B 49 1.79 10.80 7.71
C VAL B 49 3.01 11.53 8.28
N LEU B 50 3.82 12.06 7.38
CA LEU B 50 5.02 12.78 7.77
C LEU B 50 4.75 14.28 7.67
N SER B 51 3.50 14.61 7.44
CA SER B 51 3.11 16.01 7.32
C SER B 51 3.39 16.52 5.89
N LYS B 52 4.66 16.43 5.51
CA LYS B 52 5.08 16.86 4.19
C LYS B 52 4.01 16.46 3.17
N LEU B 53 3.64 17.42 2.34
CA LEU B 53 2.63 17.19 1.32
C LEU B 53 1.40 16.56 1.95
N VAL B 54 0.72 17.36 2.77
CA VAL B 54 -0.48 16.89 3.44
C VAL B 54 -1.27 15.98 2.50
N PRO B 55 -1.15 14.65 2.77
CA PRO B 55 -1.86 13.66 1.95
C PRO B 55 -3.35 13.63 2.29
N ARG B 56 -3.72 14.45 3.27
CA ARG B 56 -5.10 14.53 3.69
C ARG B 56 -5.65 15.94 3.45
N GLY B 57 -4.84 16.92 3.81
CA GLY B 57 -5.23 18.31 3.63
C GLY B 57 -5.23 19.04 4.98
N SER B 58 -4.09 19.63 5.30
CA SER B 58 -3.96 20.38 6.54
C SER B 58 -3.74 19.40 7.71
N LEU B 59 -2.61 18.72 7.67
CA LEU B 59 -2.27 17.76 8.70
C LEU B 59 -1.26 18.39 9.67
N PRO A 1 3.87 -17.81 12.30
CA PRO A 1 2.61 -18.31 12.82
C PRO A 1 1.90 -19.17 11.77
N ASN A 2 1.77 -18.60 10.58
CA ASN A 2 1.11 -19.30 9.49
C ASN A 2 2.13 -19.59 8.38
N ARG A 3 1.81 -20.58 7.57
CA ARG A 3 2.68 -20.97 6.48
C ARG A 3 2.94 -19.77 5.55
N SER A 4 4.06 -19.10 5.80
CA SER A 4 4.43 -17.94 5.01
C SER A 4 3.28 -16.92 5.01
N ILE A 5 2.39 -17.10 4.04
CA ILE A 5 1.25 -16.22 3.91
C ILE A 5 0.19 -16.87 3.02
N SER A 6 -1.07 -16.56 3.32
CA SER A 6 -2.17 -17.12 2.55
C SER A 6 -2.39 -16.29 1.28
N PRO A 7 -2.79 -17.01 0.20
CA PRO A 7 -3.04 -16.35 -1.08
C PRO A 7 -4.37 -15.60 -1.06
N SER A 8 -4.92 -15.48 0.14
CA SER A 8 -6.19 -14.78 0.31
C SER A 8 -5.93 -13.37 0.86
N ALA A 9 -4.69 -13.13 1.26
CA ALA A 9 -4.31 -11.84 1.79
C ALA A 9 -3.94 -10.91 0.63
N LEU A 10 -2.88 -11.29 -0.08
CA LEU A 10 -2.42 -10.49 -1.21
C LEU A 10 -3.62 -10.06 -2.05
N GLN A 11 -4.65 -10.90 -2.03
CA GLN A 11 -5.85 -10.62 -2.79
C GLN A 11 -6.65 -9.49 -2.11
N ASP A 12 -6.69 -9.55 -0.80
CA ASP A 12 -7.42 -8.55 -0.02
C ASP A 12 -6.62 -7.24 -0.02
N LEU A 13 -5.31 -7.39 -0.12
CA LEU A 13 -4.42 -6.24 -0.12
C LEU A 13 -4.67 -5.43 -1.40
N LEU A 14 -4.27 -6.02 -2.52
CA LEU A 14 -4.44 -5.36 -3.81
C LEU A 14 -5.91 -4.98 -3.99
N ARG A 15 -6.78 -5.77 -3.38
CA ARG A 15 -8.20 -5.53 -3.48
C ARG A 15 -8.60 -4.33 -2.60
N THR A 16 -7.80 -4.12 -1.57
CA THR A 16 -8.05 -3.02 -0.64
C THR A 16 -7.71 -1.69 -1.30
N LEU A 17 -6.55 -1.65 -1.93
CA LEU A 17 -6.09 -0.44 -2.60
C LEU A 17 -7.12 -0.05 -3.67
N LYS A 18 -7.81 -1.05 -4.18
CA LYS A 18 -8.82 -0.81 -5.20
C LYS A 18 -9.81 0.24 -4.70
N SER A 19 -10.06 0.20 -3.40
CA SER A 19 -10.97 1.14 -2.78
C SER A 19 -10.59 2.57 -3.15
N PRO A 20 -11.30 3.55 -2.52
CA PRO A 20 -11.04 4.95 -2.78
C PRO A 20 -9.74 5.40 -2.10
N SER A 21 -9.49 4.84 -0.93
CA SER A 21 -8.30 5.18 -0.18
C SER A 21 -8.56 6.39 0.71
N SER A 22 -9.10 6.11 1.89
CA SER A 22 -9.41 7.17 2.84
C SER A 22 -10.44 6.67 3.87
N PRO A 23 -11.64 6.32 3.35
CA PRO A 23 -12.71 5.83 4.20
C PRO A 23 -12.44 4.38 4.64
N GLN A 24 -13.03 3.45 3.91
CA GLN A 24 -12.86 2.04 4.21
C GLN A 24 -11.38 1.65 4.11
N GLN A 25 -10.79 1.99 2.98
CA GLN A 25 -9.39 1.69 2.74
C GLN A 25 -8.62 1.65 4.06
N GLN A 26 -8.63 2.79 4.74
CA GLN A 26 -7.94 2.91 6.01
C GLN A 26 -8.16 1.65 6.85
N GLN A 27 -9.43 1.29 6.98
CA GLN A 27 -9.80 0.12 7.75
C GLN A 27 -9.42 -1.16 6.99
N GLN A 28 -9.40 -1.04 5.68
CA GLN A 28 -9.05 -2.17 4.84
C GLN A 28 -7.57 -2.54 5.02
N VAL A 29 -6.72 -1.53 4.86
CA VAL A 29 -5.29 -1.73 5.01
C VAL A 29 -4.99 -2.26 6.40
N LEU A 30 -5.50 -1.54 7.40
CA LEU A 30 -5.30 -1.94 8.78
C LEU A 30 -5.95 -3.30 9.03
N ASN A 31 -7.04 -3.53 8.31
CA ASN A 31 -7.76 -4.80 8.44
C ASN A 31 -6.84 -5.95 8.07
N ILE A 32 -6.36 -5.90 6.83
CA ILE A 32 -5.46 -6.94 6.34
C ILE A 32 -4.13 -6.86 7.08
N LEU A 33 -3.48 -5.72 6.95
CA LEU A 33 -2.19 -5.50 7.61
C LEU A 33 -2.22 -6.16 8.99
N LYS A 34 -3.39 -6.12 9.60
CA LYS A 34 -3.56 -6.70 10.92
C LYS A 34 -3.30 -8.21 10.84
N SER A 35 -4.00 -8.85 9.91
CA SER A 35 -3.84 -10.29 9.72
C SER A 35 -2.93 -10.57 8.53
N ASN A 36 -2.16 -9.55 8.18
CA ASN A 36 -1.23 -9.68 7.06
C ASN A 36 0.19 -9.36 7.55
N PRO A 37 0.89 -10.45 7.99
CA PRO A 37 2.25 -10.30 8.49
C PRO A 37 3.24 -10.10 7.33
N GLN A 38 3.24 -11.07 6.42
CA GLN A 38 4.13 -11.00 5.27
C GLN A 38 3.58 -10.01 4.25
N LEU A 39 2.32 -9.66 4.41
CA LEU A 39 1.67 -8.73 3.51
C LEU A 39 1.94 -7.30 3.99
N MET A 40 1.59 -7.05 5.24
CA MET A 40 1.79 -5.74 5.82
C MET A 40 3.20 -5.24 5.59
N ALA A 41 4.16 -6.11 5.91
CA ALA A 41 5.56 -5.76 5.73
C ALA A 41 5.81 -5.35 4.28
N ALA A 42 5.21 -6.11 3.37
CA ALA A 42 5.36 -5.83 1.96
C ALA A 42 4.69 -4.50 1.63
N PHE A 43 3.40 -4.43 1.92
CA PHE A 43 2.64 -3.22 1.67
C PHE A 43 3.26 -2.02 2.38
N ILE A 44 3.41 -2.16 3.69
CA ILE A 44 3.98 -1.10 4.50
C ILE A 44 5.28 -0.62 3.85
N LYS A 45 5.99 -1.57 3.25
CA LYS A 45 7.25 -1.26 2.60
C LYS A 45 6.98 -0.41 1.36
N GLN A 46 6.01 -0.86 0.57
CA GLN A 46 5.64 -0.16 -0.64
C GLN A 46 4.88 1.13 -0.31
N ARG A 47 4.39 1.18 0.92
CA ARG A 47 3.64 2.33 1.38
C ARG A 47 4.57 3.35 2.04
N THR A 48 5.64 2.83 2.64
CA THR A 48 6.62 3.68 3.30
C THR A 48 7.69 4.10 2.31
N ALA A 49 7.74 3.40 1.18
CA ALA A 49 8.72 3.71 0.16
C ALA A 49 8.51 5.14 -0.33
N LYS A 50 7.40 5.72 0.08
CA LYS A 50 7.07 7.08 -0.32
C LYS A 50 7.65 8.05 0.71
N TYR A 51 7.85 7.54 1.91
CA TYR A 51 8.40 8.36 2.99
C TYR A 51 9.85 7.95 3.29
N VAL A 52 10.06 6.65 3.38
CA VAL A 52 11.39 6.12 3.67
C VAL A 52 12.39 6.70 2.66
N ALA A 53 11.86 7.13 1.53
CA ALA A 53 12.69 7.70 0.49
C ALA A 53 12.85 9.21 0.74
N ASN A 54 12.53 9.61 1.96
CA ASN A 54 12.65 11.01 2.35
C ASN A 54 13.12 11.09 3.79
N GLN A 55 12.47 10.30 4.64
CA GLN A 55 12.82 10.28 6.06
C GLN A 55 13.92 9.26 6.33
N PRO A 56 15.11 9.79 6.74
CA PRO A 56 16.24 8.93 7.03
C PRO A 56 16.06 8.20 8.36
N GLY A 57 15.92 6.89 8.27
CA GLY A 57 15.74 6.07 9.45
C GLY A 57 17.07 5.50 9.94
N MET A 58 17.74 6.26 10.79
CA MET A 58 19.02 5.85 11.33
C MET A 58 18.86 4.60 12.20
N PRO B 1 -3.89 -4.28 -12.90
CA PRO B 1 -3.97 -4.43 -11.45
C PRO B 1 -3.13 -5.61 -10.97
N THR B 2 -3.42 -6.78 -11.54
CA THR B 2 -2.70 -7.99 -11.18
C THR B 2 -2.31 -8.76 -12.44
N THR B 3 -1.04 -9.14 -12.50
CA THR B 3 -0.55 -9.89 -13.64
C THR B 3 0.74 -10.63 -13.26
N VAL B 4 0.66 -11.34 -12.14
CA VAL B 4 1.79 -12.10 -11.66
C VAL B 4 1.45 -12.73 -10.30
N GLU B 5 0.55 -12.05 -9.59
CA GLU B 5 0.13 -12.53 -8.28
C GLU B 5 -0.13 -14.03 -8.32
N GLY B 6 -1.33 -14.39 -8.74
CA GLY B 6 -1.71 -15.78 -8.82
C GLY B 6 -1.13 -16.44 -10.07
N ARG B 7 0.15 -16.15 -10.31
CA ARG B 7 0.85 -16.70 -11.46
C ARG B 7 2.24 -17.19 -11.06
N ASN B 8 2.89 -16.39 -10.23
CA ASN B 8 4.23 -16.73 -9.77
C ASN B 8 4.17 -17.10 -8.29
N ASP B 9 5.33 -17.08 -7.66
CA ASP B 9 5.43 -17.40 -6.25
C ASP B 9 4.89 -16.23 -5.42
N GLU B 10 4.76 -16.49 -4.12
CA GLU B 10 4.26 -15.46 -3.21
C GLU B 10 4.94 -14.12 -3.49
N LYS B 11 6.24 -14.20 -3.78
CA LYS B 11 7.01 -13.00 -4.07
C LYS B 11 6.30 -12.19 -5.15
N ALA B 12 5.58 -12.90 -6.00
CA ALA B 12 4.85 -12.27 -7.09
C ALA B 12 3.59 -11.61 -6.53
N LEU B 13 3.09 -12.19 -5.45
CA LEU B 13 1.89 -11.68 -4.81
C LEU B 13 2.17 -10.28 -4.26
N LEU B 14 3.14 -10.21 -3.37
CA LEU B 14 3.52 -8.95 -2.76
C LEU B 14 4.07 -8.01 -3.84
N GLU B 15 4.76 -8.60 -4.80
CA GLU B 15 5.33 -7.83 -5.89
C GLU B 15 4.23 -7.27 -6.79
N GLN B 16 3.14 -8.02 -6.88
CA GLN B 16 2.02 -7.60 -7.68
C GLN B 16 1.34 -6.38 -7.08
N LEU B 17 1.11 -6.45 -5.77
CA LEU B 17 0.48 -5.35 -5.06
C LEU B 17 1.49 -4.21 -4.88
N VAL B 18 2.75 -4.60 -4.72
CA VAL B 18 3.81 -3.62 -4.54
C VAL B 18 3.97 -2.82 -5.83
N SER B 19 4.17 -3.54 -6.93
CA SER B 19 4.34 -2.90 -8.22
C SER B 19 3.10 -2.06 -8.56
N PHE B 20 1.95 -2.62 -8.25
CA PHE B 20 0.69 -1.93 -8.51
C PHE B 20 0.59 -0.63 -7.70
N LEU B 21 1.17 -0.68 -6.51
CA LEU B 21 1.15 0.48 -5.63
C LEU B 21 1.99 1.61 -6.27
N SER B 22 3.20 1.24 -6.66
CA SER B 22 4.10 2.20 -7.28
C SER B 22 3.41 2.89 -8.45
N GLY B 23 2.84 2.07 -9.33
CA GLY B 23 2.14 2.59 -10.50
C GLY B 23 0.66 2.80 -10.20
N LYS B 24 0.39 3.39 -9.04
CA LYS B 24 -0.97 3.65 -8.63
C LYS B 24 -1.78 4.15 -9.82
N ASP B 25 -2.88 3.45 -10.08
CA ASP B 25 -3.75 3.81 -11.20
C ASP B 25 -4.63 4.99 -10.79
N GLU B 26 -5.12 4.93 -9.56
CA GLU B 26 -5.98 5.98 -9.05
C GLU B 26 -5.40 7.35 -9.39
N THR B 27 -4.08 7.39 -9.53
CA THR B 27 -3.39 8.63 -9.85
C THR B 27 -4.05 9.31 -11.06
N GLU B 28 -4.56 8.48 -11.96
CA GLU B 28 -5.22 8.99 -13.15
C GLU B 28 -6.39 9.89 -12.76
N LEU B 29 -7.27 9.35 -11.92
CA LEU B 29 -8.43 10.08 -11.48
C LEU B 29 -8.01 11.09 -10.40
N ALA B 30 -7.28 10.57 -9.42
CA ALA B 30 -6.81 11.41 -8.33
C ALA B 30 -5.56 12.18 -8.78
N GLU B 31 -5.70 12.83 -9.93
CA GLU B 31 -4.59 13.60 -10.48
C GLU B 31 -4.03 14.54 -9.42
N LEU B 32 -4.84 14.83 -8.43
CA LEU B 32 -4.43 15.71 -7.34
C LEU B 32 -3.39 15.00 -6.48
N ASP B 33 -3.65 13.73 -6.22
CA ASP B 33 -2.75 12.94 -5.41
C ASP B 33 -1.54 12.53 -6.25
N ARG B 34 -1.69 12.68 -7.56
CA ARG B 34 -0.62 12.34 -8.47
C ARG B 34 0.71 12.88 -7.96
N ALA B 35 0.63 13.94 -7.18
CA ALA B 35 1.82 14.55 -6.61
C ALA B 35 2.77 13.45 -6.11
N LEU B 36 2.27 12.67 -5.17
CA LEU B 36 3.05 11.59 -4.61
C LEU B 36 2.70 10.28 -5.33
N GLY B 37 1.55 10.29 -5.98
CA GLY B 37 1.09 9.12 -6.72
C GLY B 37 0.49 8.09 -5.77
N ILE B 38 0.61 8.37 -4.48
CA ILE B 38 0.08 7.47 -3.47
C ILE B 38 -0.25 8.27 -2.21
N ASP B 39 -0.45 9.57 -2.41
CA ASP B 39 -0.78 10.45 -1.31
C ASP B 39 -1.99 9.89 -0.55
N LYS B 40 -2.82 9.16 -1.28
CA LYS B 40 -4.00 8.57 -0.70
C LYS B 40 -3.59 7.45 0.25
N LEU B 41 -2.39 6.93 0.03
CA LEU B 41 -1.87 5.86 0.86
C LEU B 41 -1.31 6.44 2.15
N VAL B 42 -0.80 7.66 2.05
CA VAL B 42 -0.24 8.34 3.20
C VAL B 42 -1.36 9.02 3.99
N GLN B 43 -2.55 9.01 3.40
CA GLN B 43 -3.71 9.61 4.03
C GLN B 43 -3.63 9.45 5.56
N GLY B 44 -3.11 8.30 5.96
CA GLY B 44 -2.97 8.00 7.38
C GLY B 44 -3.21 6.51 7.66
N GLY B 45 -2.11 5.82 7.89
CA GLY B 45 -2.18 4.39 8.17
C GLY B 45 -1.04 3.96 9.11
N GLY B 46 0.18 4.28 8.70
CA GLY B 46 1.35 3.93 9.48
C GLY B 46 1.66 5.02 10.51
N LEU B 47 1.12 4.82 11.72
CA LEU B 47 1.33 5.78 12.79
C LEU B 47 0.66 7.10 12.43
N ASP B 48 1.32 7.85 11.56
CA ASP B 48 0.79 9.13 11.13
C ASP B 48 1.64 9.66 9.96
N VAL B 49 0.99 10.44 9.11
CA VAL B 49 1.66 11.00 7.95
C VAL B 49 3.03 11.56 8.39
N LEU B 50 3.84 11.90 7.38
CA LEU B 50 5.15 12.44 7.65
C LEU B 50 5.08 13.96 7.71
N SER B 51 3.89 14.45 8.04
CA SER B 51 3.66 15.88 8.14
C SER B 51 3.65 16.51 6.75
N LYS B 52 4.81 16.46 6.10
CA LYS B 52 4.94 17.02 4.76
C LYS B 52 3.69 16.69 3.95
N LEU B 53 3.09 17.73 3.39
CA LEU B 53 1.89 17.55 2.59
C LEU B 53 0.80 16.90 3.44
N VAL B 54 -0.44 17.15 3.05
CA VAL B 54 -1.57 16.60 3.77
C VAL B 54 -2.29 15.59 2.87
N PRO B 55 -1.92 14.28 3.06
CA PRO B 55 -2.52 13.22 2.28
C PRO B 55 -3.94 12.91 2.76
N ARG B 56 -4.39 13.72 3.71
CA ARG B 56 -5.73 13.55 4.26
C ARG B 56 -6.47 14.90 4.28
N GLY B 57 -5.74 15.93 4.67
CA GLY B 57 -6.31 17.26 4.74
C GLY B 57 -6.26 17.81 6.18
N SER B 58 -5.06 18.19 6.59
CA SER B 58 -4.86 18.72 7.92
C SER B 58 -4.62 17.58 8.91
N LEU B 59 -3.37 17.16 8.99
CA LEU B 59 -3.00 16.09 9.89
C LEU B 59 -2.00 16.62 10.92
N PRO A 1 2.28 -24.12 12.62
CA PRO A 1 3.24 -23.86 11.56
C PRO A 1 3.13 -22.41 11.06
N ASN A 2 3.96 -22.09 10.09
CA ASN A 2 3.96 -20.75 9.52
C ASN A 2 4.38 -20.83 8.05
N ARG A 3 3.39 -20.84 7.18
CA ARG A 3 3.65 -20.92 5.76
C ARG A 3 3.99 -19.53 5.20
N SER A 4 4.46 -19.52 3.96
CA SER A 4 4.83 -18.27 3.32
C SER A 4 3.75 -17.22 3.56
N ILE A 5 2.56 -17.50 3.02
CA ILE A 5 1.45 -16.58 3.16
C ILE A 5 0.27 -17.09 2.33
N SER A 6 -0.93 -16.90 2.86
CA SER A 6 -2.13 -17.33 2.18
C SER A 6 -2.36 -16.47 0.93
N PRO A 7 -2.74 -17.16 -0.18
CA PRO A 7 -2.98 -16.47 -1.44
C PRO A 7 -4.33 -15.74 -1.39
N SER A 8 -4.88 -15.65 -0.19
CA SER A 8 -6.16 -14.97 -0.01
C SER A 8 -5.94 -13.57 0.56
N ALA A 9 -4.70 -13.31 0.96
CA ALA A 9 -4.34 -12.02 1.51
C ALA A 9 -3.99 -11.06 0.37
N LEU A 10 -2.94 -11.41 -0.34
CA LEU A 10 -2.48 -10.60 -1.46
C LEU A 10 -3.69 -10.18 -2.29
N GLN A 11 -4.71 -11.02 -2.28
CA GLN A 11 -5.92 -10.73 -3.03
C GLN A 11 -6.73 -9.63 -2.34
N ASP A 12 -6.77 -9.72 -1.01
CA ASP A 12 -7.50 -8.74 -0.23
C ASP A 12 -6.73 -7.42 -0.23
N LEU A 13 -5.42 -7.53 -0.28
CA LEU A 13 -4.56 -6.36 -0.29
C LEU A 13 -4.77 -5.58 -1.58
N LEU A 14 -4.37 -6.21 -2.69
CA LEU A 14 -4.51 -5.59 -4.00
C LEU A 14 -5.95 -5.11 -4.17
N ARG A 15 -6.88 -5.86 -3.59
CA ARG A 15 -8.28 -5.52 -3.68
C ARG A 15 -8.60 -4.33 -2.77
N THR A 16 -7.80 -4.21 -1.70
CA THR A 16 -7.99 -3.13 -0.75
C THR A 16 -7.60 -1.80 -1.38
N LEU A 17 -6.48 -1.82 -2.08
CA LEU A 17 -5.99 -0.61 -2.74
C LEU A 17 -7.01 -0.14 -3.76
N LYS A 18 -7.77 -1.09 -4.28
CA LYS A 18 -8.79 -0.79 -5.27
C LYS A 18 -9.69 0.32 -4.73
N SER A 19 -9.93 0.28 -3.42
CA SER A 19 -10.77 1.26 -2.78
C SER A 19 -10.30 2.67 -3.14
N PRO A 20 -10.99 3.68 -2.54
CA PRO A 20 -10.65 5.07 -2.80
C PRO A 20 -9.37 5.47 -2.06
N SER A 21 -9.18 4.88 -0.89
CA SER A 21 -8.01 5.15 -0.08
C SER A 21 -8.27 6.34 0.84
N SER A 22 -8.90 6.05 1.97
CA SER A 22 -9.21 7.09 2.94
C SER A 22 -10.28 6.58 3.91
N PRO A 23 -11.46 6.23 3.35
CA PRO A 23 -12.56 5.74 4.16
C PRO A 23 -12.31 4.29 4.60
N GLN A 24 -12.94 3.37 3.89
CA GLN A 24 -12.80 1.96 4.20
C GLN A 24 -11.34 1.52 4.03
N GLN A 25 -10.79 1.87 2.87
CA GLN A 25 -9.41 1.53 2.57
C GLN A 25 -8.57 1.51 3.86
N GLN A 26 -8.56 2.67 4.52
CA GLN A 26 -7.81 2.81 5.75
C GLN A 26 -7.99 1.56 6.63
N GLN A 27 -9.25 1.20 6.81
CA GLN A 27 -9.58 0.03 7.63
C GLN A 27 -9.22 -1.26 6.88
N GLN A 28 -9.22 -1.15 5.55
CA GLN A 28 -8.90 -2.29 4.72
C GLN A 28 -7.43 -2.69 4.89
N VAL A 29 -6.57 -1.68 4.83
CA VAL A 29 -5.14 -1.91 4.98
C VAL A 29 -4.86 -2.45 6.37
N LEU A 30 -5.38 -1.74 7.36
CA LEU A 30 -5.19 -2.15 8.75
C LEU A 30 -5.85 -3.50 8.98
N ASN A 31 -6.99 -3.69 8.31
CA ASN A 31 -7.72 -4.93 8.43
C ASN A 31 -6.82 -6.11 8.05
N ILE A 32 -6.32 -6.05 6.82
CA ILE A 32 -5.44 -7.09 6.32
C ILE A 32 -4.11 -7.04 7.08
N LEU A 33 -3.45 -5.91 6.97
CA LEU A 33 -2.17 -5.72 7.64
C LEU A 33 -2.21 -6.41 9.00
N LYS A 34 -3.38 -6.40 9.61
CA LYS A 34 -3.57 -7.02 10.91
C LYS A 34 -3.32 -8.52 10.78
N SER A 35 -4.02 -9.13 9.84
CA SER A 35 -3.90 -10.56 9.62
C SER A 35 -2.93 -10.81 8.46
N ASN A 36 -2.16 -9.79 8.13
CA ASN A 36 -1.20 -9.89 7.04
C ASN A 36 0.20 -9.56 7.58
N PRO A 37 0.90 -10.63 8.03
CA PRO A 37 2.25 -10.46 8.57
C PRO A 37 3.27 -10.22 7.44
N GLN A 38 3.40 -11.21 6.58
CA GLN A 38 4.33 -11.12 5.47
C GLN A 38 3.77 -10.18 4.40
N LEU A 39 2.49 -9.91 4.51
CA LEU A 39 1.82 -9.02 3.56
C LEU A 39 2.06 -7.57 3.97
N MET A 40 1.72 -7.27 5.21
CA MET A 40 1.90 -5.92 5.73
C MET A 40 3.33 -5.42 5.49
N ALA A 41 4.27 -6.30 5.75
CA ALA A 41 5.67 -5.96 5.58
C ALA A 41 5.89 -5.40 4.17
N ALA A 42 5.24 -6.05 3.21
CA ALA A 42 5.34 -5.62 1.82
C ALA A 42 4.66 -4.26 1.66
N PHE A 43 3.37 -4.23 1.98
CA PHE A 43 2.61 -3.01 1.87
C PHE A 43 3.22 -1.90 2.71
N ILE A 44 3.35 -2.17 4.00
CA ILE A 44 3.93 -1.20 4.92
C ILE A 44 5.15 -0.55 4.28
N LYS A 45 6.03 -1.39 3.77
CA LYS A 45 7.24 -0.91 3.12
C LYS A 45 6.86 -0.11 1.88
N GLN A 46 5.81 -0.57 1.20
CA GLN A 46 5.34 0.09 0.00
C GLN A 46 4.90 1.52 0.32
N ARG A 47 4.31 1.67 1.49
CA ARG A 47 3.84 2.98 1.93
C ARG A 47 5.01 3.82 2.43
N THR A 48 5.83 3.21 3.28
CA THR A 48 6.99 3.88 3.84
C THR A 48 7.95 4.30 2.72
N ALA A 49 7.87 3.58 1.61
CA ALA A 49 8.72 3.86 0.47
C ALA A 49 8.44 5.27 -0.03
N LYS A 50 7.34 5.83 0.45
CA LYS A 50 6.95 7.17 0.05
C LYS A 50 7.53 8.19 1.03
N TYR A 51 7.72 7.72 2.26
CA TYR A 51 8.27 8.58 3.30
C TYR A 51 9.77 8.31 3.49
N VAL A 52 10.11 7.02 3.48
CA VAL A 52 11.51 6.63 3.65
C VAL A 52 12.35 7.28 2.56
N ALA A 53 11.79 7.38 1.37
CA ALA A 53 12.47 7.98 0.24
C ALA A 53 12.79 9.45 0.58
N ASN A 54 12.04 9.98 1.53
CA ASN A 54 12.24 11.35 1.95
C ASN A 54 13.02 11.37 3.26
N GLN A 55 12.66 10.47 4.16
CA GLN A 55 13.31 10.37 5.45
C GLN A 55 13.90 8.97 5.65
N PRO A 56 15.21 8.84 5.34
CA PRO A 56 15.89 7.55 5.48
C PRO A 56 16.17 7.25 6.95
N GLY A 57 16.31 5.96 7.24
CA GLY A 57 16.59 5.53 8.59
C GLY A 57 15.50 4.57 9.09
N MET A 58 15.51 3.38 8.53
CA MET A 58 14.54 2.36 8.91
C MET A 58 14.35 2.31 10.42
N PRO B 1 0.73 -3.43 -13.83
CA PRO B 1 -0.05 -4.05 -12.78
C PRO B 1 0.76 -5.18 -12.11
N THR B 2 1.39 -5.98 -12.95
CA THR B 2 2.19 -7.09 -12.45
C THR B 2 3.33 -7.40 -13.42
N THR B 3 4.40 -7.93 -12.86
CA THR B 3 5.57 -8.28 -13.66
C THR B 3 6.16 -9.62 -13.20
N VAL B 4 5.32 -10.40 -12.55
CA VAL B 4 5.74 -11.71 -12.05
C VAL B 4 4.71 -12.75 -12.45
N GLU B 5 3.75 -12.32 -13.26
CA GLU B 5 2.70 -13.22 -13.72
C GLU B 5 3.31 -14.43 -14.44
N GLY B 6 4.43 -14.18 -15.10
CA GLY B 6 5.12 -15.23 -15.82
C GLY B 6 5.93 -16.11 -14.87
N ARG B 7 5.79 -15.83 -13.59
CA ARG B 7 6.50 -16.59 -12.57
C ARG B 7 5.54 -17.02 -11.46
N ASN B 8 4.91 -16.04 -10.84
CA ASN B 8 3.97 -16.31 -9.77
C ASN B 8 4.71 -16.96 -8.60
N ASP B 9 4.25 -16.62 -7.40
CA ASP B 9 4.86 -17.15 -6.20
C ASP B 9 4.69 -16.17 -5.05
N GLU B 10 4.94 -16.65 -3.84
CA GLU B 10 4.81 -15.81 -2.66
C GLU B 10 5.30 -14.40 -2.95
N LYS B 11 6.57 -14.30 -3.32
CA LYS B 11 7.18 -13.02 -3.62
C LYS B 11 6.44 -12.39 -4.80
N ALA B 12 5.96 -13.25 -5.70
CA ALA B 12 5.24 -12.78 -6.87
C ALA B 12 3.90 -12.19 -6.44
N LEU B 13 3.35 -12.75 -5.38
CA LEU B 13 2.08 -12.29 -4.85
C LEU B 13 2.24 -10.86 -4.32
N LEU B 14 3.12 -10.72 -3.33
CA LEU B 14 3.37 -9.42 -2.74
C LEU B 14 3.91 -8.47 -3.81
N GLU B 15 4.63 -9.05 -4.76
CA GLU B 15 5.21 -8.27 -5.85
C GLU B 15 4.11 -7.74 -6.76
N GLN B 16 3.04 -8.54 -6.87
CA GLN B 16 1.92 -8.17 -7.71
C GLN B 16 1.22 -6.93 -7.14
N LEU B 17 0.97 -6.98 -5.85
CA LEU B 17 0.31 -5.88 -5.16
C LEU B 17 1.29 -4.72 -4.98
N VAL B 18 2.54 -5.09 -4.75
CA VAL B 18 3.59 -4.11 -4.54
C VAL B 18 3.77 -3.30 -5.83
N SER B 19 4.02 -4.01 -6.91
CA SER B 19 4.21 -3.37 -8.21
C SER B 19 2.98 -2.54 -8.56
N PHE B 20 1.81 -3.12 -8.33
CA PHE B 20 0.56 -2.43 -8.63
C PHE B 20 0.44 -1.16 -7.79
N LEU B 21 1.00 -1.21 -6.60
CA LEU B 21 0.96 -0.07 -5.70
C LEU B 21 1.82 1.07 -6.27
N SER B 22 3.00 0.69 -6.74
CA SER B 22 3.92 1.65 -7.32
C SER B 22 3.21 2.48 -8.39
N GLY B 23 2.60 1.76 -9.33
CA GLY B 23 1.89 2.40 -10.42
C GLY B 23 0.41 2.59 -10.07
N LYS B 24 0.17 3.29 -8.97
CA LYS B 24 -1.18 3.55 -8.52
C LYS B 24 -2.03 4.01 -9.72
N ASP B 25 -3.10 3.27 -9.97
CA ASP B 25 -3.99 3.59 -11.06
C ASP B 25 -4.89 4.76 -10.66
N GLU B 26 -5.29 4.75 -9.40
CA GLU B 26 -6.14 5.80 -8.87
C GLU B 26 -5.49 7.17 -9.08
N THR B 27 -4.18 7.14 -9.24
CA THR B 27 -3.43 8.37 -9.45
C THR B 27 -4.05 9.19 -10.59
N GLU B 28 -4.75 8.49 -11.46
CA GLU B 28 -5.40 9.14 -12.59
C GLU B 28 -6.49 10.08 -12.10
N LEU B 29 -7.34 9.56 -11.23
CA LEU B 29 -8.43 10.35 -10.67
C LEU B 29 -7.86 11.54 -9.90
N ALA B 30 -6.95 11.22 -8.98
CA ALA B 30 -6.33 12.25 -8.17
C ALA B 30 -5.20 12.91 -8.96
N GLU B 31 -5.55 13.35 -10.17
CA GLU B 31 -4.58 14.00 -11.03
C GLU B 31 -3.83 15.09 -10.27
N LEU B 32 -4.46 15.58 -9.21
CA LEU B 32 -3.87 16.62 -8.39
C LEU B 32 -2.88 15.98 -7.41
N ASP B 33 -3.37 14.99 -6.69
CA ASP B 33 -2.55 14.30 -5.72
C ASP B 33 -1.48 13.47 -6.44
N ARG B 34 -1.70 13.30 -7.74
CA ARG B 34 -0.78 12.54 -8.56
C ARG B 34 0.67 12.85 -8.16
N ALA B 35 0.86 14.05 -7.63
CA ALA B 35 2.19 14.48 -7.21
C ALA B 35 2.92 13.29 -6.59
N LEU B 36 2.23 12.62 -5.67
CA LEU B 36 2.81 11.48 -5.00
C LEU B 36 2.23 10.19 -5.59
N GLY B 37 1.05 10.33 -6.18
CA GLY B 37 0.38 9.19 -6.79
C GLY B 37 -0.17 8.24 -5.72
N ILE B 38 0.10 8.59 -4.47
CA ILE B 38 -0.35 7.78 -3.35
C ILE B 38 -0.33 8.61 -2.08
N ASP B 39 -0.43 9.92 -2.26
CA ASP B 39 -0.42 10.84 -1.13
C ASP B 39 -1.72 10.69 -0.34
N LYS B 40 -2.61 9.87 -0.89
CA LYS B 40 -3.89 9.64 -0.25
C LYS B 40 -3.74 8.52 0.78
N LEU B 41 -3.18 7.41 0.32
CA LEU B 41 -2.97 6.26 1.18
C LEU B 41 -2.07 6.65 2.35
N VAL B 42 -1.45 7.83 2.21
CA VAL B 42 -0.56 8.33 3.24
C VAL B 42 -1.30 9.39 4.06
N GLN B 43 -2.43 9.83 3.54
CA GLN B 43 -3.23 10.83 4.21
C GLN B 43 -3.06 10.71 5.73
N GLY B 44 -3.11 9.48 6.20
CA GLY B 44 -2.96 9.22 7.63
C GLY B 44 -3.46 7.82 7.98
N GLY B 45 -2.66 7.11 8.76
CA GLY B 45 -3.00 5.76 9.17
C GLY B 45 -2.25 5.37 10.44
N GLY B 46 -2.45 6.16 11.48
CA GLY B 46 -1.80 5.91 12.76
C GLY B 46 -0.50 6.72 12.88
N LEU B 47 -0.61 7.99 12.52
CA LEU B 47 0.55 8.88 12.59
C LEU B 47 1.75 8.19 11.96
N ASP B 48 1.69 8.03 10.65
CA ASP B 48 2.77 7.40 9.91
C ASP B 48 3.02 8.17 8.61
N VAL B 49 2.68 9.45 8.65
CA VAL B 49 2.87 10.30 7.49
C VAL B 49 4.13 11.15 7.68
N LEU B 50 4.93 11.20 6.62
CA LEU B 50 6.17 11.96 6.66
C LEU B 50 5.92 13.27 7.41
N SER B 51 4.69 13.74 7.33
CA SER B 51 4.31 14.98 8.00
C SER B 51 4.56 16.16 7.05
N LYS B 52 5.76 16.22 6.52
CA LYS B 52 6.13 17.29 5.61
C LYS B 52 5.06 17.43 4.53
N LEU B 53 5.10 16.52 3.57
CA LEU B 53 4.14 16.54 2.48
C LEU B 53 2.77 16.13 3.02
N VAL B 54 2.25 16.97 3.90
CA VAL B 54 0.94 16.71 4.50
C VAL B 54 0.04 16.02 3.47
N PRO B 55 -0.03 14.66 3.59
CA PRO B 55 -0.84 13.87 2.68
C PRO B 55 -2.33 14.02 3.02
N ARG B 56 -2.61 14.87 4.00
CA ARG B 56 -3.98 15.10 4.42
C ARG B 56 -4.30 16.60 4.36
N GLY B 57 -3.51 17.38 5.08
CA GLY B 57 -3.70 18.81 5.12
C GLY B 57 -3.55 19.35 6.54
N SER B 58 -2.31 19.41 6.99
CA SER B 58 -2.03 19.90 8.33
C SER B 58 -2.18 18.77 9.35
N LEU B 59 -1.15 17.95 9.43
CA LEU B 59 -1.15 16.82 10.35
C LEU B 59 -0.32 17.17 11.58
N PRO A 1 8.44 -14.78 15.20
CA PRO A 1 9.47 -14.69 14.19
C PRO A 1 8.87 -14.44 12.81
N ASN A 2 9.75 -14.26 11.83
CA ASN A 2 9.31 -14.01 10.48
C ASN A 2 8.88 -15.33 9.83
N ARG A 3 7.73 -15.28 9.18
CA ARG A 3 7.20 -16.47 8.52
C ARG A 3 6.59 -16.08 7.17
N SER A 4 5.96 -17.07 6.55
CA SER A 4 5.32 -16.85 5.26
C SER A 4 3.98 -16.14 5.44
N ILE A 5 3.18 -16.18 4.40
CA ILE A 5 1.87 -15.55 4.43
C ILE A 5 0.96 -16.19 3.38
N SER A 6 -0.33 -15.90 3.50
CA SER A 6 -1.30 -16.44 2.56
C SER A 6 -1.39 -15.55 1.33
N PRO A 7 -1.86 -16.17 0.20
CA PRO A 7 -1.99 -15.45 -1.05
C PRO A 7 -3.21 -14.52 -1.01
N SER A 8 -4.38 -15.14 -1.09
CA SER A 8 -5.63 -14.39 -1.07
C SER A 8 -5.38 -12.99 -0.50
N ALA A 9 -4.81 -12.96 0.70
CA ALA A 9 -4.52 -11.70 1.36
C ALA A 9 -4.01 -10.69 0.33
N LEU A 10 -3.03 -11.14 -0.45
CA LEU A 10 -2.44 -10.30 -1.48
C LEU A 10 -3.56 -9.69 -2.33
N GLN A 11 -4.49 -10.54 -2.73
CA GLN A 11 -5.60 -10.11 -3.55
C GLN A 11 -6.50 -9.15 -2.76
N ASP A 12 -6.54 -9.37 -1.45
CA ASP A 12 -7.36 -8.55 -0.57
C ASP A 12 -6.72 -7.16 -0.46
N LEU A 13 -5.40 -7.14 -0.48
CA LEU A 13 -4.66 -5.89 -0.38
C LEU A 13 -4.89 -5.07 -1.65
N LEU A 14 -4.41 -5.62 -2.76
CA LEU A 14 -4.55 -4.95 -4.04
C LEU A 14 -6.01 -4.54 -4.23
N ARG A 15 -6.90 -5.37 -3.72
CA ARG A 15 -8.33 -5.10 -3.83
C ARG A 15 -8.74 -4.01 -2.84
N THR A 16 -7.99 -3.93 -1.75
CA THR A 16 -8.26 -2.94 -0.72
C THR A 16 -7.85 -1.54 -1.21
N LEU A 17 -6.78 -1.52 -1.98
CA LEU A 17 -6.26 -0.26 -2.51
C LEU A 17 -7.27 0.32 -3.50
N LYS A 18 -8.05 -0.59 -4.10
CA LYS A 18 -9.05 -0.18 -5.07
C LYS A 18 -10.01 0.82 -4.43
N SER A 19 -10.21 0.65 -3.13
CA SER A 19 -11.09 1.53 -2.39
C SER A 19 -10.70 2.99 -2.63
N PRO A 20 -11.40 3.90 -1.89
CA PRO A 20 -11.14 5.32 -2.02
C PRO A 20 -9.83 5.70 -1.33
N SER A 21 -9.57 5.03 -0.21
CA SER A 21 -8.37 5.29 0.55
C SER A 21 -8.61 6.43 1.55
N SER A 22 -9.14 6.07 2.70
CA SER A 22 -9.43 7.04 3.74
C SER A 22 -10.44 6.47 4.74
N PRO A 23 -11.65 6.15 4.21
CA PRO A 23 -12.70 5.60 5.04
C PRO A 23 -12.43 4.13 5.37
N GLN A 24 -13.06 3.25 4.61
CA GLN A 24 -12.90 1.82 4.81
C GLN A 24 -11.43 1.43 4.61
N GLN A 25 -10.87 1.88 3.50
CA GLN A 25 -9.49 1.59 3.19
C GLN A 25 -8.66 1.47 4.47
N GLN A 26 -8.63 2.56 5.21
CA GLN A 26 -7.89 2.59 6.47
C GLN A 26 -8.08 1.28 7.23
N GLN A 27 -9.34 0.88 7.35
CA GLN A 27 -9.66 -0.34 8.06
C GLN A 27 -9.29 -1.56 7.21
N GLN A 28 -9.32 -1.36 5.90
CA GLN A 28 -8.97 -2.43 4.97
C GLN A 28 -7.48 -2.73 5.04
N VAL A 29 -6.68 -1.69 4.85
CA VAL A 29 -5.24 -1.82 4.87
C VAL A 29 -4.82 -2.45 6.21
N LEU A 30 -5.35 -1.88 7.28
CA LEU A 30 -5.05 -2.37 8.62
C LEU A 30 -5.62 -3.78 8.78
N ASN A 31 -6.73 -4.02 8.11
CA ASN A 31 -7.39 -5.31 8.17
C ASN A 31 -6.43 -6.39 7.66
N ILE A 32 -5.97 -6.19 6.44
CA ILE A 32 -5.04 -7.13 5.82
C ILE A 32 -3.68 -7.04 6.52
N LEU A 33 -3.23 -5.81 6.72
CA LEU A 33 -1.97 -5.56 7.37
C LEU A 33 -1.95 -6.27 8.73
N LYS A 34 -3.13 -6.37 9.32
CA LYS A 34 -3.27 -7.01 10.62
C LYS A 34 -3.62 -8.49 10.41
N SER A 35 -4.38 -8.75 9.36
CA SER A 35 -4.78 -10.11 9.05
C SER A 35 -3.65 -10.83 8.33
N ASN A 36 -2.59 -10.09 8.07
CA ASN A 36 -1.43 -10.66 7.38
C ASN A 36 -0.20 -9.79 7.68
N PRO A 37 0.71 -10.35 8.51
CA PRO A 37 1.92 -9.64 8.88
C PRO A 37 2.93 -9.65 7.72
N GLN A 38 3.48 -10.82 7.47
CA GLN A 38 4.45 -10.98 6.39
C GLN A 38 3.99 -10.21 5.14
N LEU A 39 2.68 -10.05 5.04
CA LEU A 39 2.11 -9.35 3.90
C LEU A 39 2.26 -7.84 4.12
N MET A 40 1.97 -7.42 5.34
CA MET A 40 2.07 -6.00 5.69
C MET A 40 3.48 -5.49 5.44
N ALA A 41 4.45 -6.39 5.55
CA ALA A 41 5.83 -6.03 5.34
C ALA A 41 6.01 -5.50 3.91
N ALA A 42 5.31 -6.13 2.98
CA ALA A 42 5.37 -5.72 1.59
C ALA A 42 4.74 -4.34 1.43
N PHE A 43 3.55 -4.20 1.99
CA PHE A 43 2.83 -2.94 1.91
C PHE A 43 3.51 -1.87 2.76
N ILE A 44 3.67 -2.18 4.04
CA ILE A 44 4.30 -1.26 4.96
C ILE A 44 5.52 -0.62 4.28
N LYS A 45 6.32 -1.47 3.66
CA LYS A 45 7.52 -1.00 2.97
C LYS A 45 7.11 -0.23 1.71
N GLN A 46 6.02 -0.71 1.10
CA GLN A 46 5.52 -0.08 -0.11
C GLN A 46 5.01 1.33 0.19
N ARG A 47 4.27 1.43 1.29
CA ARG A 47 3.71 2.71 1.71
C ARG A 47 4.81 3.61 2.24
N THR A 48 5.72 3.00 3.01
CA THR A 48 6.82 3.74 3.59
C THR A 48 7.84 4.12 2.52
N ALA A 49 7.77 3.41 1.41
CA ALA A 49 8.67 3.66 0.29
C ALA A 49 8.49 5.10 -0.19
N LYS A 50 7.42 5.71 0.26
CA LYS A 50 7.13 7.08 -0.11
C LYS A 50 7.75 8.04 0.91
N TYR A 51 7.81 7.57 2.15
CA TYR A 51 8.38 8.37 3.22
C TYR A 51 9.85 8.01 3.44
N VAL A 52 10.11 6.72 3.57
CA VAL A 52 11.46 6.23 3.78
C VAL A 52 12.41 6.93 2.80
N ALA A 53 11.84 7.33 1.66
CA ALA A 53 12.62 8.00 0.64
C ALA A 53 13.00 9.40 1.13
N ASN A 54 12.02 10.08 1.70
CA ASN A 54 12.23 11.42 2.21
C ASN A 54 12.34 11.36 3.73
N GLN A 55 12.62 10.18 4.24
CA GLN A 55 12.76 9.98 5.67
C GLN A 55 14.09 9.30 5.99
N PRO A 56 15.08 10.16 6.36
CA PRO A 56 16.41 9.67 6.69
C PRO A 56 16.41 9.00 8.07
N GLY A 57 16.73 7.71 8.08
CA GLY A 57 16.77 6.96 9.32
C GLY A 57 17.42 5.59 9.10
N MET A 58 16.60 4.64 8.67
CA MET A 58 17.08 3.29 8.42
C MET A 58 17.52 3.13 6.97
N PRO B 1 0.34 -4.64 -14.59
CA PRO B 1 0.57 -4.38 -13.19
C PRO B 1 0.85 -5.68 -12.42
N THR B 2 2.07 -6.16 -12.57
CA THR B 2 2.48 -7.39 -11.91
C THR B 2 3.96 -7.67 -12.18
N THR B 3 4.36 -7.44 -13.42
CA THR B 3 5.73 -7.67 -13.82
C THR B 3 6.25 -8.97 -13.21
N VAL B 4 5.38 -9.97 -13.20
CA VAL B 4 5.75 -11.27 -12.65
C VAL B 4 4.65 -12.28 -12.99
N GLU B 5 4.21 -12.23 -14.24
CA GLU B 5 3.18 -13.14 -14.71
C GLU B 5 3.80 -14.42 -15.25
N GLY B 6 5.09 -14.34 -15.55
CA GLY B 6 5.81 -15.48 -16.08
C GLY B 6 6.57 -16.20 -14.96
N ARG B 7 6.14 -15.96 -13.73
CA ARG B 7 6.77 -16.59 -12.59
C ARG B 7 5.70 -17.09 -11.61
N ASN B 8 4.95 -16.16 -11.05
CA ASN B 8 3.89 -16.50 -10.11
C ASN B 8 4.51 -17.20 -8.90
N ASP B 9 4.01 -16.84 -7.73
CA ASP B 9 4.49 -17.42 -6.49
C ASP B 9 4.25 -16.43 -5.34
N GLU B 10 4.40 -16.95 -4.13
CA GLU B 10 4.21 -16.13 -2.95
C GLU B 10 4.78 -14.73 -3.17
N LYS B 11 6.06 -14.69 -3.50
CA LYS B 11 6.73 -13.43 -3.75
C LYS B 11 6.06 -12.71 -4.91
N ALA B 12 5.63 -13.52 -5.88
CA ALA B 12 4.97 -12.97 -7.06
C ALA B 12 3.63 -12.36 -6.65
N LEU B 13 3.01 -12.99 -5.66
CA LEU B 13 1.73 -12.51 -5.17
C LEU B 13 1.89 -11.12 -4.56
N LEU B 14 2.73 -11.05 -3.53
CA LEU B 14 2.98 -9.78 -2.86
C LEU B 14 3.58 -8.80 -3.85
N GLU B 15 4.33 -9.34 -4.80
CA GLU B 15 4.98 -8.52 -5.81
C GLU B 15 3.92 -7.91 -6.75
N GLN B 16 2.83 -8.65 -6.90
CA GLN B 16 1.75 -8.20 -7.77
C GLN B 16 1.05 -6.98 -7.14
N LEU B 17 0.74 -7.12 -5.86
CA LEU B 17 0.08 -6.04 -5.14
C LEU B 17 1.06 -4.89 -4.93
N VAL B 18 2.23 -5.24 -4.42
CA VAL B 18 3.27 -4.24 -4.17
C VAL B 18 3.59 -3.51 -5.47
N SER B 19 3.62 -4.28 -6.54
CA SER B 19 3.93 -3.72 -7.85
C SER B 19 2.87 -2.69 -8.24
N PHE B 20 1.61 -3.12 -8.16
CA PHE B 20 0.50 -2.25 -8.50
C PHE B 20 0.50 -0.99 -7.62
N LEU B 21 1.01 -1.16 -6.40
CA LEU B 21 1.08 -0.06 -5.46
C LEU B 21 2.06 1.00 -5.98
N SER B 22 3.23 0.52 -6.37
CA SER B 22 4.27 1.41 -6.87
C SER B 22 3.70 2.28 -7.99
N GLY B 23 3.09 1.63 -8.97
CA GLY B 23 2.51 2.34 -10.09
C GLY B 23 1.04 2.69 -9.81
N LYS B 24 0.82 3.30 -8.66
CA LYS B 24 -0.51 3.69 -8.26
C LYS B 24 -1.26 4.27 -9.48
N ASP B 25 -2.36 3.62 -9.82
CA ASP B 25 -3.16 4.05 -10.94
C ASP B 25 -4.15 5.13 -10.48
N GLU B 26 -4.49 5.07 -9.21
CA GLU B 26 -5.42 6.02 -8.63
C GLU B 26 -5.05 7.45 -9.06
N THR B 27 -3.77 7.62 -9.39
CA THR B 27 -3.27 8.91 -9.82
C THR B 27 -3.99 9.36 -11.10
N GLU B 28 -4.37 8.38 -11.90
CA GLU B 28 -5.06 8.65 -13.15
C GLU B 28 -6.31 9.48 -12.89
N LEU B 29 -7.05 9.07 -11.87
CA LEU B 29 -8.28 9.76 -11.51
C LEU B 29 -7.95 10.93 -10.58
N ALA B 30 -7.17 10.62 -9.54
CA ALA B 30 -6.78 11.63 -8.58
C ALA B 30 -5.63 12.46 -9.16
N GLU B 31 -5.89 13.03 -10.34
CA GLU B 31 -4.89 13.84 -11.00
C GLU B 31 -4.28 14.85 -10.02
N LEU B 32 -5.02 15.12 -8.96
CA LEU B 32 -4.57 16.05 -7.94
C LEU B 32 -3.61 15.33 -6.99
N ASP B 33 -4.05 14.18 -6.52
CA ASP B 33 -3.25 13.38 -5.62
C ASP B 33 -1.94 12.99 -6.31
N ARG B 34 -1.94 13.14 -7.62
CA ARG B 34 -0.76 12.81 -8.41
C ARG B 34 0.49 13.45 -7.80
N ALA B 35 0.25 14.48 -7.00
CA ALA B 35 1.34 15.18 -6.35
C ALA B 35 2.43 14.18 -5.96
N LEU B 36 2.05 13.27 -5.09
CA LEU B 36 2.98 12.25 -4.62
C LEU B 36 2.79 10.98 -5.44
N GLY B 37 1.65 10.91 -6.11
CA GLY B 37 1.32 9.75 -6.93
C GLY B 37 0.64 8.66 -6.10
N ILE B 38 0.97 8.64 -4.82
CA ILE B 38 0.39 7.66 -3.91
C ILE B 38 -0.09 8.37 -2.64
N ASP B 39 -0.06 9.70 -2.69
CA ASP B 39 -0.48 10.49 -1.56
C ASP B 39 -1.85 10.02 -1.09
N LYS B 40 -2.53 9.30 -1.97
CA LYS B 40 -3.85 8.78 -1.66
C LYS B 40 -3.71 7.48 -0.86
N LEU B 41 -2.48 7.01 -0.77
CA LEU B 41 -2.19 5.78 -0.04
C LEU B 41 -1.62 6.14 1.33
N VAL B 42 -1.21 7.39 1.46
CA VAL B 42 -0.63 7.87 2.71
C VAL B 42 -1.58 8.90 3.33
N GLN B 43 -2.63 9.20 2.60
CA GLN B 43 -3.62 10.18 3.06
C GLN B 43 -3.66 10.18 4.59
N GLY B 44 -3.72 8.99 5.16
CA GLY B 44 -3.77 8.85 6.61
C GLY B 44 -5.02 8.08 7.03
N GLY B 45 -5.47 8.36 8.25
CA GLY B 45 -6.65 7.71 8.79
C GLY B 45 -6.69 7.83 10.32
N GLY B 46 -5.51 7.96 10.90
CA GLY B 46 -5.40 8.08 12.35
C GLY B 46 -3.96 8.37 12.76
N LEU B 47 -3.23 7.30 13.04
CA LEU B 47 -1.84 7.43 13.45
C LEU B 47 -0.95 6.74 12.42
N ASP B 48 -0.43 7.54 11.50
CA ASP B 48 0.44 7.03 10.45
C ASP B 48 0.98 8.20 9.63
N VAL B 49 1.38 7.87 8.41
CA VAL B 49 1.92 8.89 7.51
C VAL B 49 2.98 9.70 8.25
N LEU B 50 3.70 10.52 7.49
CA LEU B 50 4.74 11.35 8.06
C LEU B 50 4.12 12.64 8.59
N SER B 51 2.80 12.62 8.72
CA SER B 51 2.08 13.78 9.21
C SER B 51 2.25 14.96 8.25
N LYS B 52 3.47 15.52 8.27
CA LYS B 52 3.78 16.64 7.42
C LYS B 52 3.26 16.37 6.01
N LEU B 53 3.35 17.40 5.17
CA LEU B 53 2.89 17.27 3.79
C LEU B 53 1.56 16.52 3.76
N VAL B 54 0.59 17.08 4.46
CA VAL B 54 -0.73 16.47 4.53
C VAL B 54 -1.08 15.88 3.16
N PRO B 55 -0.86 14.54 3.05
CA PRO B 55 -1.15 13.84 1.81
C PRO B 55 -2.66 13.65 1.61
N ARG B 56 -3.41 14.16 2.59
CA ARG B 56 -4.86 14.05 2.54
C ARG B 56 -5.50 15.44 2.44
N GLY B 57 -4.98 16.35 3.27
CA GLY B 57 -5.49 17.71 3.28
C GLY B 57 -5.47 18.29 4.70
N SER B 58 -5.87 17.44 5.64
CA SER B 58 -5.90 17.86 7.04
C SER B 58 -5.91 16.63 7.94
N LEU B 59 -4.72 16.23 8.35
CA LEU B 59 -4.58 15.07 9.23
C LEU B 59 -4.15 15.53 10.62
N PRO A 1 5.69 -19.73 14.65
CA PRO A 1 5.78 -20.44 13.38
C PRO A 1 4.49 -20.31 12.58
N ASN A 2 4.65 -20.04 11.30
CA ASN A 2 3.51 -19.89 10.40
C ASN A 2 3.98 -19.95 8.95
N ARG A 3 3.18 -20.58 8.12
CA ARG A 3 3.49 -20.71 6.71
C ARG A 3 3.90 -19.35 6.13
N SER A 4 4.51 -19.40 4.95
CA SER A 4 4.95 -18.18 4.30
C SER A 4 3.82 -17.14 4.32
N ILE A 5 2.72 -17.48 3.66
CA ILE A 5 1.58 -16.58 3.61
C ILE A 5 0.51 -17.18 2.70
N SER A 6 -0.74 -16.90 3.05
CA SER A 6 -1.86 -17.40 2.27
C SER A 6 -2.07 -16.54 1.03
N PRO A 7 -2.34 -17.24 -0.11
CA PRO A 7 -2.56 -16.54 -1.38
C PRO A 7 -3.93 -15.88 -1.41
N SER A 8 -4.55 -15.82 -0.23
CA SER A 8 -5.87 -15.22 -0.12
C SER A 8 -5.75 -13.82 0.49
N ALA A 9 -4.56 -13.52 0.97
CA ALA A 9 -4.30 -12.21 1.57
C ALA A 9 -3.92 -11.22 0.47
N LEU A 10 -2.81 -11.50 -0.18
CA LEU A 10 -2.33 -10.65 -1.26
C LEU A 10 -3.50 -10.23 -2.15
N GLN A 11 -4.49 -11.12 -2.20
CA GLN A 11 -5.67 -10.87 -3.01
C GLN A 11 -6.57 -9.83 -2.34
N ASP A 12 -6.69 -9.96 -1.02
CA ASP A 12 -7.51 -9.04 -0.25
C ASP A 12 -6.81 -7.68 -0.19
N LEU A 13 -5.49 -7.73 -0.12
CA LEU A 13 -4.70 -6.51 -0.05
C LEU A 13 -4.85 -5.74 -1.35
N LEU A 14 -4.30 -6.31 -2.42
CA LEU A 14 -4.37 -5.68 -3.73
C LEU A 14 -5.82 -5.29 -4.02
N ARG A 15 -6.74 -6.07 -3.47
CA ARG A 15 -8.15 -5.82 -3.66
C ARG A 15 -8.61 -4.62 -2.82
N THR A 16 -7.92 -4.45 -1.70
CA THR A 16 -8.24 -3.35 -0.79
C THR A 16 -7.91 -2.01 -1.43
N LEU A 17 -6.73 -1.97 -2.06
CA LEU A 17 -6.28 -0.76 -2.72
C LEU A 17 -7.34 -0.30 -3.73
N LYS A 18 -8.13 -1.27 -4.18
CA LYS A 18 -9.18 -0.98 -5.15
C LYS A 18 -10.09 0.11 -4.59
N SER A 19 -10.32 0.05 -3.29
CA SER A 19 -11.17 1.03 -2.63
C SER A 19 -10.71 2.45 -2.99
N PRO A 20 -11.37 3.45 -2.36
CA PRO A 20 -11.04 4.84 -2.60
C PRO A 20 -9.73 5.23 -1.89
N SER A 21 -9.53 4.63 -0.73
CA SER A 21 -8.34 4.89 0.05
C SER A 21 -8.58 6.07 0.99
N SER A 22 -9.19 5.77 2.12
CA SER A 22 -9.49 6.79 3.11
C SER A 22 -10.54 6.29 4.10
N PRO A 23 -11.73 5.96 3.54
CA PRO A 23 -12.83 5.46 4.36
C PRO A 23 -12.58 4.01 4.78
N GLN A 24 -13.17 3.10 4.03
CA GLN A 24 -13.03 1.68 4.31
C GLN A 24 -11.56 1.26 4.17
N GLN A 25 -11.00 1.55 3.01
CA GLN A 25 -9.61 1.22 2.74
C GLN A 25 -8.80 1.22 4.05
N GLN A 26 -8.78 2.38 4.68
CA GLN A 26 -8.05 2.54 5.93
C GLN A 26 -8.25 1.30 6.82
N GLN A 27 -9.51 0.94 6.99
CA GLN A 27 -9.86 -0.22 7.81
C GLN A 27 -9.50 -1.52 7.07
N GLN A 28 -9.51 -1.42 5.75
CA GLN A 28 -9.19 -2.57 4.91
C GLN A 28 -7.72 -2.94 5.06
N VAL A 29 -6.87 -1.93 4.89
CA VAL A 29 -5.43 -2.14 5.00
C VAL A 29 -5.10 -2.65 6.41
N LEU A 30 -5.59 -1.92 7.40
CA LEU A 30 -5.34 -2.28 8.78
C LEU A 30 -6.00 -3.64 9.07
N ASN A 31 -7.11 -3.87 8.40
CA ASN A 31 -7.84 -5.12 8.57
C ASN A 31 -6.93 -6.30 8.20
N ILE A 32 -6.48 -6.28 6.95
CA ILE A 32 -5.59 -7.33 6.46
C ILE A 32 -4.25 -7.25 7.18
N LEU A 33 -3.61 -6.10 7.04
CA LEU A 33 -2.32 -5.88 7.66
C LEU A 33 -2.32 -6.53 9.05
N LYS A 34 -3.47 -6.49 9.69
CA LYS A 34 -3.62 -7.07 11.01
C LYS A 34 -3.39 -8.59 10.93
N SER A 35 -4.12 -9.21 10.02
CA SER A 35 -4.01 -10.65 9.82
C SER A 35 -3.06 -10.95 8.66
N ASN A 36 -2.28 -9.94 8.30
CA ASN A 36 -1.33 -10.09 7.21
C ASN A 36 0.06 -9.66 7.70
N PRO A 37 0.82 -10.65 8.22
CA PRO A 37 2.17 -10.38 8.73
C PRO A 37 3.14 -10.18 7.57
N GLN A 38 3.34 -11.26 6.82
CA GLN A 38 4.26 -11.21 5.68
C GLN A 38 3.72 -10.28 4.61
N LEU A 39 2.43 -9.99 4.70
CA LEU A 39 1.79 -9.10 3.74
C LEU A 39 1.99 -7.65 4.18
N MET A 40 1.57 -7.38 5.41
CA MET A 40 1.69 -6.04 5.97
C MET A 40 3.11 -5.49 5.76
N ALA A 41 4.08 -6.31 6.12
CA ALA A 41 5.48 -5.92 5.98
C ALA A 41 5.73 -5.46 4.54
N ALA A 42 5.20 -6.24 3.61
CA ALA A 42 5.37 -5.93 2.20
C ALA A 42 4.61 -4.64 1.87
N PHE A 43 3.30 -4.69 2.09
CA PHE A 43 2.46 -3.54 1.83
C PHE A 43 3.00 -2.29 2.53
N ILE A 44 3.15 -2.41 3.84
CA ILE A 44 3.65 -1.30 4.63
C ILE A 44 4.92 -0.74 3.97
N LYS A 45 5.76 -1.65 3.50
CA LYS A 45 6.99 -1.26 2.85
C LYS A 45 6.68 -0.45 1.60
N GLN A 46 5.60 -0.84 0.94
CA GLN A 46 5.17 -0.16 -0.27
C GLN A 46 4.49 1.17 0.07
N ARG A 47 3.93 1.21 1.27
CA ARG A 47 3.24 2.41 1.73
C ARG A 47 4.26 3.47 2.15
N THR A 48 5.30 3.02 2.82
CA THR A 48 6.35 3.92 3.28
C THR A 48 7.36 4.18 2.16
N ALA A 49 7.34 3.30 1.17
CA ALA A 49 8.24 3.43 0.04
C ALA A 49 7.99 4.77 -0.65
N LYS A 50 6.88 5.39 -0.29
CA LYS A 50 6.53 6.68 -0.86
C LYS A 50 7.21 7.79 -0.06
N TYR A 51 7.51 7.48 1.19
CA TYR A 51 8.17 8.45 2.06
C TYR A 51 9.63 8.05 2.31
N VAL A 52 9.80 6.82 2.76
CA VAL A 52 11.14 6.32 3.05
C VAL A 52 12.10 6.77 1.95
N ALA A 53 11.60 6.74 0.72
CA ALA A 53 12.40 7.14 -0.42
C ALA A 53 12.95 8.54 -0.18
N ASN A 54 12.08 9.41 0.29
CA ASN A 54 12.48 10.79 0.56
C ASN A 54 13.00 10.88 2.00
N GLN A 55 12.74 9.83 2.76
CA GLN A 55 13.18 9.79 4.15
C GLN A 55 14.27 8.72 4.32
N PRO A 56 15.55 9.20 4.27
CA PRO A 56 16.68 8.31 4.43
C PRO A 56 16.86 7.89 5.89
N GLY A 57 17.41 6.69 6.06
CA GLY A 57 17.64 6.17 7.40
C GLY A 57 16.88 4.85 7.60
N MET A 58 17.25 3.87 6.79
CA MET A 58 16.61 2.56 6.88
C MET A 58 16.98 1.86 8.19
N PRO B 1 1.10 -1.97 -14.71
CA PRO B 1 0.63 -3.31 -14.43
C PRO B 1 1.66 -4.08 -13.60
N THR B 2 1.44 -5.38 -13.49
CA THR B 2 2.33 -6.24 -12.74
C THR B 2 3.63 -6.47 -13.50
N THR B 3 4.39 -7.46 -13.05
CA THR B 3 5.65 -7.79 -13.68
C THR B 3 6.21 -9.09 -13.11
N VAL B 4 5.34 -10.09 -13.02
CA VAL B 4 5.73 -11.38 -12.49
C VAL B 4 4.55 -12.35 -12.62
N GLU B 5 3.92 -12.33 -13.79
CA GLU B 5 2.78 -13.19 -14.05
C GLU B 5 3.27 -14.58 -14.50
N GLY B 6 4.28 -14.56 -15.36
CA GLY B 6 4.83 -15.80 -15.88
C GLY B 6 5.79 -16.44 -14.86
N ARG B 7 5.73 -15.92 -13.65
CA ARG B 7 6.58 -16.43 -12.58
C ARG B 7 5.73 -16.77 -11.36
N ASN B 8 5.05 -15.77 -10.84
CA ASN B 8 4.21 -15.96 -9.68
C ASN B 8 5.06 -16.49 -8.52
N ASP B 9 4.50 -16.39 -7.32
CA ASP B 9 5.18 -16.86 -6.13
C ASP B 9 4.99 -15.83 -5.00
N GLU B 10 5.24 -16.30 -3.79
CA GLU B 10 5.08 -15.44 -2.62
C GLU B 10 5.57 -14.02 -2.93
N LYS B 11 6.84 -13.94 -3.32
CA LYS B 11 7.42 -12.65 -3.65
C LYS B 11 6.67 -12.04 -4.84
N ALA B 12 6.18 -12.93 -5.70
CA ALA B 12 5.45 -12.48 -6.88
C ALA B 12 4.12 -11.88 -6.44
N LEU B 13 3.57 -12.41 -5.35
CA LEU B 13 2.31 -11.93 -4.82
C LEU B 13 2.50 -10.50 -4.30
N LEU B 14 3.36 -10.37 -3.30
CA LEU B 14 3.62 -9.07 -2.70
C LEU B 14 4.16 -8.12 -3.79
N GLU B 15 4.76 -8.73 -4.81
CA GLU B 15 5.32 -7.95 -5.90
C GLU B 15 4.20 -7.39 -6.78
N GLN B 16 3.15 -8.19 -6.93
CA GLN B 16 2.01 -7.79 -7.73
C GLN B 16 1.28 -6.61 -7.09
N LEU B 17 1.25 -6.64 -5.76
CA LEU B 17 0.59 -5.58 -5.01
C LEU B 17 1.56 -4.42 -4.81
N VAL B 18 2.83 -4.77 -4.65
CA VAL B 18 3.86 -3.77 -4.45
C VAL B 18 3.98 -2.90 -5.72
N SER B 19 4.08 -3.58 -6.84
CA SER B 19 4.19 -2.89 -8.13
C SER B 19 2.90 -2.12 -8.42
N PHE B 20 1.78 -2.80 -8.22
CA PHE B 20 0.49 -2.20 -8.47
C PHE B 20 0.30 -0.94 -7.61
N LEU B 21 0.90 -0.98 -6.42
CA LEU B 21 0.80 0.14 -5.50
C LEU B 21 1.66 1.30 -6.03
N SER B 22 2.87 0.96 -6.43
CA SER B 22 3.79 1.95 -6.95
C SER B 22 3.13 2.74 -8.09
N GLY B 23 2.63 2.00 -9.06
CA GLY B 23 1.96 2.60 -10.20
C GLY B 23 0.48 2.85 -9.91
N LYS B 24 0.23 3.50 -8.79
CA LYS B 24 -1.14 3.80 -8.38
C LYS B 24 -1.94 4.27 -9.59
N ASP B 25 -3.05 3.59 -9.82
CA ASP B 25 -3.91 3.92 -10.95
C ASP B 25 -4.69 5.20 -10.62
N GLU B 26 -5.00 5.36 -9.34
CA GLU B 26 -5.74 6.52 -8.89
C GLU B 26 -5.03 7.80 -9.30
N THR B 27 -3.70 7.71 -9.35
CA THR B 27 -2.89 8.85 -9.73
C THR B 27 -3.40 9.46 -11.04
N GLU B 28 -4.03 8.62 -11.84
CA GLU B 28 -4.57 9.07 -13.12
C GLU B 28 -5.54 10.23 -12.91
N LEU B 29 -6.69 9.91 -12.35
CA LEU B 29 -7.72 10.90 -12.08
C LEU B 29 -7.22 11.85 -11.00
N ALA B 30 -6.40 11.31 -10.11
CA ALA B 30 -5.85 12.10 -9.02
C ALA B 30 -4.66 12.91 -9.52
N GLU B 31 -4.87 13.60 -10.63
CA GLU B 31 -3.83 14.41 -11.22
C GLU B 31 -3.25 15.38 -10.19
N LEU B 32 -4.04 15.65 -9.17
CA LEU B 32 -3.62 16.54 -8.11
C LEU B 32 -2.69 15.80 -7.15
N ASP B 33 -3.17 14.65 -6.69
CA ASP B 33 -2.39 13.83 -5.77
C ASP B 33 -1.15 13.30 -6.49
N ARG B 34 -1.19 13.39 -7.82
CA ARG B 34 -0.08 12.92 -8.63
C ARG B 34 1.24 13.21 -7.93
N ALA B 35 1.25 14.29 -7.17
CA ALA B 35 2.46 14.69 -6.44
C ALA B 35 3.14 13.44 -5.88
N LEU B 36 2.43 12.77 -4.99
CA LEU B 36 2.95 11.56 -4.36
C LEU B 36 2.29 10.34 -5.01
N GLY B 37 1.16 10.58 -5.66
CA GLY B 37 0.43 9.52 -6.32
C GLY B 37 -0.30 8.63 -5.29
N ILE B 38 -0.04 8.93 -4.03
CA ILE B 38 -0.67 8.17 -2.95
C ILE B 38 -0.71 9.04 -1.69
N ASP B 39 -0.63 10.34 -1.90
CA ASP B 39 -0.65 11.28 -0.79
C ASP B 39 -1.94 11.07 0.02
N LYS B 40 -2.95 10.53 -0.66
CA LYS B 40 -4.23 10.28 -0.01
C LYS B 40 -4.09 9.07 0.92
N LEU B 41 -3.03 8.30 0.68
CA LEU B 41 -2.78 7.11 1.49
C LEU B 41 -2.02 7.51 2.75
N VAL B 42 -1.05 8.40 2.56
CA VAL B 42 -0.24 8.87 3.67
C VAL B 42 -1.01 9.95 4.43
N GLN B 43 -2.16 10.31 3.89
CA GLN B 43 -3.00 11.31 4.52
C GLN B 43 -2.93 11.21 6.04
N GLY B 44 -3.07 9.98 6.52
CA GLY B 44 -3.02 9.72 7.95
C GLY B 44 -3.53 8.32 8.27
N GLY B 45 -2.59 7.41 8.48
CA GLY B 45 -2.93 6.04 8.80
C GLY B 45 -2.95 5.80 10.31
N GLY B 46 -2.33 4.71 10.71
CA GLY B 46 -2.27 4.37 12.12
C GLY B 46 -1.04 4.99 12.79
N LEU B 47 0.12 4.40 12.48
CA LEU B 47 1.38 4.89 13.04
C LEU B 47 1.76 6.19 12.34
N ASP B 48 0.98 7.23 12.60
CA ASP B 48 1.23 8.52 12.01
C ASP B 48 1.58 8.35 10.53
N VAL B 49 2.20 9.38 9.97
CA VAL B 49 2.60 9.35 8.57
C VAL B 49 3.91 10.12 8.40
N LEU B 50 3.80 11.28 7.78
CA LEU B 50 4.97 12.12 7.54
C LEU B 50 4.54 13.59 7.50
N SER B 51 4.89 14.31 8.55
CA SER B 51 4.54 15.72 8.64
C SER B 51 5.16 16.49 7.47
N LYS B 52 5.48 17.75 7.73
CA LYS B 52 6.08 18.59 6.72
C LYS B 52 5.16 18.62 5.49
N LEU B 53 5.38 17.66 4.61
CA LEU B 53 4.58 17.57 3.39
C LEU B 53 3.22 16.98 3.73
N VAL B 54 2.52 17.64 4.65
CA VAL B 54 1.20 17.19 5.05
C VAL B 54 0.45 16.66 3.85
N PRO B 55 0.40 15.31 3.74
CA PRO B 55 -0.29 14.67 2.63
C PRO B 55 -1.81 14.74 2.82
N ARG B 56 -2.21 15.36 3.92
CA ARG B 56 -3.63 15.50 4.23
C ARG B 56 -4.02 16.98 4.22
N GLY B 57 -3.16 17.79 4.81
CA GLY B 57 -3.40 19.23 4.89
C GLY B 57 -2.96 19.79 6.23
N SER B 58 -3.32 19.09 7.29
CA SER B 58 -2.96 19.51 8.63
C SER B 58 -2.93 18.31 9.57
N LEU B 59 -1.75 17.73 9.71
CA LEU B 59 -1.58 16.56 10.58
C LEU B 59 -0.77 16.97 11.81
N PRO A 1 -0.50 -21.86 12.07
CA PRO A 1 0.12 -22.84 11.19
C PRO A 1 1.51 -22.39 10.75
N ASN A 2 2.17 -23.24 9.98
CA ASN A 2 3.49 -22.93 9.48
C ASN A 2 3.41 -22.54 8.01
N ARG A 3 3.36 -21.23 7.79
CA ARG A 3 3.27 -20.72 6.43
C ARG A 3 3.74 -19.27 6.38
N SER A 4 4.29 -18.89 5.24
CA SER A 4 4.79 -17.54 5.05
C SER A 4 3.67 -16.52 5.33
N ILE A 5 2.75 -16.44 4.38
CA ILE A 5 1.63 -15.52 4.50
C ILE A 5 0.46 -16.05 3.69
N SER A 6 -0.75 -15.70 4.14
CA SER A 6 -1.96 -16.13 3.48
C SER A 6 -1.91 -15.73 2.00
N PRO A 7 -2.52 -16.60 1.14
CA PRO A 7 -2.56 -16.33 -0.28
C PRO A 7 -3.57 -15.23 -0.62
N SER A 8 -4.83 -15.64 -0.65
CA SER A 8 -5.91 -14.71 -0.95
C SER A 8 -5.60 -13.33 -0.35
N ALA A 9 -5.04 -13.36 0.85
CA ALA A 9 -4.68 -12.13 1.54
C ALA A 9 -4.07 -11.15 0.53
N LEU A 10 -3.40 -11.71 -0.46
CA LEU A 10 -2.76 -10.90 -1.48
C LEU A 10 -3.83 -10.19 -2.31
N GLN A 11 -4.81 -10.97 -2.76
CA GLN A 11 -5.90 -10.43 -3.55
C GLN A 11 -6.72 -9.44 -2.72
N ASP A 12 -6.75 -9.69 -1.42
CA ASP A 12 -7.49 -8.82 -0.51
C ASP A 12 -6.75 -7.49 -0.36
N LEU A 13 -5.42 -7.59 -0.38
CA LEU A 13 -4.59 -6.41 -0.25
C LEU A 13 -4.74 -5.53 -1.48
N LEU A 14 -4.31 -6.06 -2.61
CA LEU A 14 -4.40 -5.34 -3.87
C LEU A 14 -5.83 -4.83 -4.06
N ARG A 15 -6.78 -5.66 -3.64
CA ARG A 15 -8.18 -5.30 -3.76
C ARG A 15 -8.54 -4.22 -2.73
N THR A 16 -7.87 -4.27 -1.60
CA THR A 16 -8.10 -3.30 -0.53
C THR A 16 -7.71 -1.90 -0.99
N LEU A 17 -6.67 -1.86 -1.81
CA LEU A 17 -6.17 -0.59 -2.32
C LEU A 17 -7.11 -0.09 -3.42
N LYS A 18 -7.75 -1.05 -4.09
CA LYS A 18 -8.67 -0.73 -5.17
C LYS A 18 -9.73 0.24 -4.64
N SER A 19 -9.90 0.24 -3.33
CA SER A 19 -10.88 1.10 -2.70
C SER A 19 -10.54 2.56 -2.98
N PRO A 20 -11.34 3.47 -2.36
CA PRO A 20 -11.14 4.90 -2.54
C PRO A 20 -9.92 5.39 -1.75
N SER A 21 -9.71 4.76 -0.60
CA SER A 21 -8.59 5.11 0.25
C SER A 21 -8.98 6.26 1.18
N SER A 22 -9.50 5.89 2.34
CA SER A 22 -9.92 6.87 3.32
C SER A 22 -10.97 6.27 4.25
N PRO A 23 -12.11 5.87 3.64
CA PRO A 23 -13.21 5.27 4.39
C PRO A 23 -12.86 3.84 4.81
N GLN A 24 -13.44 2.89 4.08
CA GLN A 24 -13.21 1.49 4.36
C GLN A 24 -11.73 1.14 4.16
N GLN A 25 -11.22 1.51 3.01
CA GLN A 25 -9.83 1.26 2.68
C GLN A 25 -8.98 1.27 3.95
N GLN A 26 -8.99 2.40 4.62
CA GLN A 26 -8.22 2.56 5.85
C GLN A 26 -8.36 1.30 6.72
N GLN A 27 -9.59 0.89 6.91
CA GLN A 27 -9.87 -0.29 7.72
C GLN A 27 -9.47 -1.56 6.96
N GLN A 28 -9.52 -1.46 5.64
CA GLN A 28 -9.16 -2.57 4.78
C GLN A 28 -7.67 -2.86 4.88
N VAL A 29 -6.88 -1.83 4.67
CA VAL A 29 -5.43 -1.96 4.73
C VAL A 29 -5.03 -2.46 6.12
N LEU A 30 -5.50 -1.74 7.14
CA LEU A 30 -5.20 -2.09 8.51
C LEU A 30 -5.73 -3.51 8.80
N ASN A 31 -6.86 -3.81 8.19
CA ASN A 31 -7.48 -5.11 8.37
C ASN A 31 -6.49 -6.19 7.95
N ILE A 32 -6.22 -6.25 6.66
CA ILE A 32 -5.29 -7.24 6.12
C ILE A 32 -3.95 -7.10 6.83
N LEU A 33 -3.33 -5.95 6.65
CA LEU A 33 -2.04 -5.69 7.27
C LEU A 33 -2.01 -6.31 8.67
N LYS A 34 -3.18 -6.36 9.28
CA LYS A 34 -3.31 -6.93 10.61
C LYS A 34 -3.37 -8.46 10.51
N SER A 35 -4.26 -8.93 9.65
CA SER A 35 -4.43 -10.36 9.45
C SER A 35 -3.35 -10.88 8.50
N ASN A 36 -2.44 -9.99 8.14
CA ASN A 36 -1.36 -10.35 7.25
C ASN A 36 -0.14 -9.48 7.55
N PRO A 37 0.72 -9.99 8.48
CA PRO A 37 1.92 -9.26 8.87
C PRO A 37 3.00 -9.35 7.78
N GLN A 38 3.65 -10.50 7.73
CA GLN A 38 4.69 -10.72 6.75
C GLN A 38 4.24 -10.21 5.38
N LEU A 39 2.94 -10.12 5.21
CA LEU A 39 2.37 -9.65 3.95
C LEU A 39 2.43 -8.12 3.92
N MET A 40 1.99 -7.52 5.03
CA MET A 40 1.98 -6.07 5.15
C MET A 40 3.38 -5.50 4.93
N ALA A 41 4.37 -6.33 5.20
CA ALA A 41 5.76 -5.92 5.05
C ALA A 41 5.94 -5.28 3.67
N ALA A 42 5.39 -5.93 2.67
CA ALA A 42 5.48 -5.44 1.30
C ALA A 42 4.76 -4.10 1.19
N PHE A 43 3.46 -4.14 1.49
CA PHE A 43 2.64 -2.94 1.43
C PHE A 43 3.26 -1.82 2.28
N ILE A 44 3.46 -2.13 3.55
CA ILE A 44 4.02 -1.17 4.47
C ILE A 44 5.27 -0.53 3.84
N LYS A 45 5.98 -1.34 3.07
CA LYS A 45 7.18 -0.86 2.40
C LYS A 45 6.78 0.02 1.21
N GLN A 46 5.65 -0.32 0.62
CA GLN A 46 5.15 0.44 -0.51
C GLN A 46 4.63 1.80 -0.07
N ARG A 47 3.84 1.78 0.99
CA ARG A 47 3.27 3.01 1.53
C ARG A 47 4.36 3.86 2.18
N THR A 48 5.25 3.18 2.90
CA THR A 48 6.35 3.86 3.57
C THR A 48 7.42 4.26 2.55
N ALA A 49 7.39 3.58 1.41
CA ALA A 49 8.35 3.85 0.35
C ALA A 49 8.18 5.29 -0.14
N LYS A 50 7.10 5.91 0.32
CA LYS A 50 6.80 7.28 -0.06
C LYS A 50 7.45 8.24 0.93
N TYR A 51 7.67 7.72 2.13
CA TYR A 51 8.28 8.52 3.18
C TYR A 51 9.71 8.05 3.48
N VAL A 52 9.83 6.76 3.73
CA VAL A 52 11.13 6.17 4.02
C VAL A 52 12.17 6.79 3.09
N ALA A 53 11.74 7.08 1.87
CA ALA A 53 12.63 7.66 0.89
C ALA A 53 12.94 9.12 1.27
N ASN A 54 11.88 9.90 1.34
CA ASN A 54 12.01 11.31 1.71
C ASN A 54 12.77 11.42 3.03
N GLN A 55 12.39 10.56 3.96
CA GLN A 55 13.01 10.55 5.27
C GLN A 55 13.75 9.24 5.50
N PRO A 56 15.05 9.23 5.14
CA PRO A 56 15.88 8.04 5.30
C PRO A 56 16.25 7.83 6.77
N GLY A 57 16.73 6.62 7.06
CA GLY A 57 17.11 6.27 8.41
C GLY A 57 17.38 4.77 8.54
N MET A 58 16.34 3.99 8.31
CA MET A 58 16.44 2.55 8.39
C MET A 58 17.43 2.14 9.49
N PRO B 1 -7.18 -8.95 -12.93
CA PRO B 1 -6.50 -7.69 -12.75
C PRO B 1 -5.26 -7.85 -11.88
N THR B 2 -4.33 -8.65 -12.37
CA THR B 2 -3.09 -8.91 -11.65
C THR B 2 -2.17 -9.79 -12.47
N THR B 3 -0.88 -9.72 -12.15
CA THR B 3 0.11 -10.52 -12.85
C THR B 3 0.71 -11.57 -11.91
N VAL B 4 1.54 -12.43 -12.48
CA VAL B 4 2.18 -13.48 -11.73
C VAL B 4 1.18 -14.06 -10.71
N GLU B 5 1.68 -14.35 -9.53
CA GLU B 5 0.86 -14.90 -8.48
C GLU B 5 0.56 -16.38 -8.74
N GLY B 6 0.23 -17.09 -7.68
CA GLY B 6 -0.07 -18.50 -7.78
C GLY B 6 0.76 -19.16 -8.88
N ARG B 7 2.00 -18.70 -8.99
CA ARG B 7 2.91 -19.24 -10.00
C ARG B 7 4.35 -19.25 -9.46
N ASN B 8 4.76 -18.10 -8.94
CA ASN B 8 6.10 -17.97 -8.39
C ASN B 8 6.07 -18.33 -6.90
N ASP B 9 5.71 -17.35 -6.10
CA ASP B 9 5.64 -17.54 -4.67
C ASP B 9 5.05 -16.28 -4.00
N GLU B 10 5.41 -16.09 -2.75
CA GLU B 10 4.92 -14.94 -2.00
C GLU B 10 5.39 -13.65 -2.66
N LYS B 11 6.70 -13.56 -2.86
CA LYS B 11 7.28 -12.38 -3.48
C LYS B 11 6.47 -12.00 -4.72
N ALA B 12 5.95 -13.04 -5.38
CA ALA B 12 5.15 -12.83 -6.57
C ALA B 12 3.77 -12.28 -6.18
N LEU B 13 3.30 -12.74 -5.04
CA LEU B 13 1.99 -12.30 -4.55
C LEU B 13 2.04 -10.80 -4.27
N LEU B 14 3.11 -10.38 -3.61
CA LEU B 14 3.28 -8.97 -3.29
C LEU B 14 3.74 -8.22 -4.53
N GLU B 15 4.78 -8.76 -5.16
CA GLU B 15 5.33 -8.15 -6.36
C GLU B 15 4.21 -7.61 -7.24
N GLN B 16 3.21 -8.46 -7.46
CA GLN B 16 2.07 -8.09 -8.29
C GLN B 16 1.29 -6.95 -7.62
N LEU B 17 1.08 -7.10 -6.33
CA LEU B 17 0.36 -6.10 -5.57
C LEU B 17 1.16 -4.80 -5.55
N VAL B 18 2.39 -4.90 -5.06
CA VAL B 18 3.25 -3.74 -4.98
C VAL B 18 3.38 -3.10 -6.37
N SER B 19 3.41 -3.96 -7.37
CA SER B 19 3.53 -3.50 -8.74
C SER B 19 2.36 -2.55 -9.08
N PHE B 20 1.16 -3.04 -8.83
CA PHE B 20 -0.03 -2.25 -9.09
C PHE B 20 -0.02 -0.95 -8.28
N LEU B 21 0.56 -1.04 -7.10
CA LEU B 21 0.64 0.12 -6.22
C LEU B 21 1.51 1.20 -6.88
N SER B 22 2.63 0.75 -7.42
CA SER B 22 3.55 1.65 -8.07
C SER B 22 2.82 2.50 -9.12
N GLY B 23 2.01 1.81 -9.93
CA GLY B 23 1.25 2.49 -10.96
C GLY B 23 -0.17 2.78 -10.48
N LYS B 24 -0.26 3.32 -9.27
CA LYS B 24 -1.55 3.64 -8.70
C LYS B 24 -2.43 4.29 -9.76
N ASP B 25 -3.59 3.68 -9.98
CA ASP B 25 -4.53 4.18 -10.96
C ASP B 25 -5.14 5.48 -10.46
N GLU B 26 -5.36 5.53 -9.15
CA GLU B 26 -5.94 6.71 -8.52
C GLU B 26 -5.19 7.97 -8.97
N THR B 27 -3.92 7.77 -9.29
CA THR B 27 -3.09 8.89 -9.72
C THR B 27 -3.74 9.61 -10.90
N GLU B 28 -4.54 8.87 -11.65
CA GLU B 28 -5.23 9.43 -12.79
C GLU B 28 -6.23 10.50 -12.35
N LEU B 29 -7.13 10.08 -11.45
CA LEU B 29 -8.14 10.99 -10.93
C LEU B 29 -7.48 11.99 -9.99
N ALA B 30 -6.64 11.46 -9.11
CA ALA B 30 -5.95 12.31 -8.15
C ALA B 30 -4.74 12.97 -8.83
N GLU B 31 -5.04 13.65 -9.94
CA GLU B 31 -4.00 14.34 -10.68
C GLU B 31 -3.18 15.24 -9.77
N LEU B 32 -3.78 15.56 -8.63
CA LEU B 32 -3.11 16.42 -7.66
C LEU B 32 -2.17 15.57 -6.80
N ASP B 33 -2.58 14.32 -6.58
CA ASP B 33 -1.79 13.40 -5.79
C ASP B 33 -0.65 12.84 -6.64
N ARG B 34 -0.78 13.02 -7.94
CA ARG B 34 0.23 12.55 -8.87
C ARG B 34 1.62 12.71 -8.28
N ALA B 35 1.77 13.76 -7.47
CA ALA B 35 3.05 14.03 -6.82
C ALA B 35 3.58 12.74 -6.21
N LEU B 36 2.83 12.22 -5.25
CA LEU B 36 3.22 10.99 -4.57
C LEU B 36 2.55 9.80 -5.26
N GLY B 37 1.45 10.09 -5.95
CA GLY B 37 0.72 9.06 -6.65
C GLY B 37 0.10 8.05 -5.67
N ILE B 38 0.23 8.37 -4.38
CA ILE B 38 -0.30 7.52 -3.34
C ILE B 38 -0.55 8.35 -2.08
N ASP B 39 -0.71 9.65 -2.29
CA ASP B 39 -0.95 10.57 -1.19
C ASP B 39 -2.03 9.98 -0.27
N LYS B 40 -2.84 9.11 -0.86
CA LYS B 40 -3.92 8.48 -0.12
C LYS B 40 -3.33 7.48 0.87
N LEU B 41 -2.35 6.73 0.39
CA LEU B 41 -1.69 5.72 1.22
C LEU B 41 -0.91 6.43 2.34
N VAL B 42 -0.77 7.74 2.18
CA VAL B 42 -0.04 8.54 3.16
C VAL B 42 -1.05 9.24 4.07
N GLN B 43 -2.29 9.27 3.62
CA GLN B 43 -3.36 9.91 4.38
C GLN B 43 -3.15 9.68 5.88
N GLY B 44 -2.58 8.52 6.19
CA GLY B 44 -2.32 8.16 7.58
C GLY B 44 -2.11 6.66 7.72
N GLY B 45 -1.16 6.30 8.57
CA GLY B 45 -0.85 4.89 8.81
C GLY B 45 0.13 4.74 9.97
N GLY B 46 -0.31 4.00 10.98
CA GLY B 46 0.52 3.76 12.14
C GLY B 46 0.18 4.76 13.26
N LEU B 47 0.24 6.03 12.91
CA LEU B 47 -0.05 7.08 13.87
C LEU B 47 -0.19 8.41 13.12
N ASP B 48 0.83 8.74 12.36
CA ASP B 48 0.84 9.98 11.59
C ASP B 48 1.49 9.73 10.24
N VAL B 49 1.92 10.82 9.61
CA VAL B 49 2.56 10.73 8.32
C VAL B 49 3.43 11.97 8.09
N LEU B 50 4.70 11.73 7.82
CA LEU B 50 5.63 12.82 7.59
C LEU B 50 5.02 14.14 8.09
N SER B 51 4.55 14.94 7.14
CA SER B 51 3.95 16.21 7.47
C SER B 51 3.82 17.07 6.22
N LYS B 52 4.91 17.13 5.46
CA LYS B 52 4.94 17.90 4.24
C LYS B 52 3.85 17.39 3.28
N LEU B 53 3.16 18.33 2.66
CA LEU B 53 2.10 17.99 1.73
C LEU B 53 1.08 17.10 2.43
N VAL B 54 0.31 17.72 3.33
CA VAL B 54 -0.70 17.00 4.07
C VAL B 54 -1.43 16.03 3.13
N PRO B 55 -1.09 14.73 3.26
CA PRO B 55 -1.70 13.71 2.43
C PRO B 55 -3.12 13.40 2.89
N ARG B 56 -3.56 14.18 3.88
CA ARG B 56 -4.90 14.00 4.41
C ARG B 56 -5.70 15.30 4.28
N GLY B 57 -5.08 16.39 4.73
CA GLY B 57 -5.72 17.69 4.67
C GLY B 57 -5.27 18.58 5.82
N SER B 58 -5.13 17.96 6.99
CA SER B 58 -4.70 18.67 8.18
C SER B 58 -4.21 17.68 9.24
N LEU B 59 -2.93 17.36 9.14
CA LEU B 59 -2.32 16.43 10.08
C LEU B 59 -1.49 17.21 11.10
N PRO A 1 -0.54 -16.14 11.77
CA PRO A 1 0.39 -16.94 12.56
C PRO A 1 0.79 -18.20 11.79
N ASN A 2 1.54 -18.00 10.72
CA ASN A 2 1.99 -19.11 9.91
C ASN A 2 3.34 -18.76 9.28
N ARG A 3 4.10 -19.79 8.93
CA ARG A 3 5.40 -19.61 8.32
C ARG A 3 5.30 -18.59 7.17
N SER A 4 4.42 -18.89 6.22
CA SER A 4 4.22 -18.02 5.08
C SER A 4 3.03 -17.09 5.33
N ILE A 5 2.27 -16.85 4.27
CA ILE A 5 1.11 -15.99 4.36
C ILE A 5 0.01 -16.51 3.43
N SER A 6 -1.22 -16.44 3.92
CA SER A 6 -2.35 -16.90 3.14
C SER A 6 -2.32 -16.27 1.74
N PRO A 7 -2.44 -17.14 0.72
CA PRO A 7 -2.43 -16.68 -0.66
C PRO A 7 -3.77 -16.02 -1.03
N SER A 8 -4.63 -15.93 -0.04
CA SER A 8 -5.94 -15.32 -0.25
C SER A 8 -5.95 -13.89 0.32
N ALA A 9 -4.90 -13.58 1.06
CA ALA A 9 -4.78 -12.25 1.65
C ALA A 9 -4.28 -11.27 0.59
N LEU A 10 -3.11 -11.57 0.04
CA LEU A 10 -2.53 -10.72 -0.97
C LEU A 10 -3.61 -10.29 -1.96
N GLN A 11 -4.62 -11.13 -2.10
CA GLN A 11 -5.72 -10.84 -3.00
C GLN A 11 -6.57 -9.70 -2.44
N ASP A 12 -6.78 -9.75 -1.13
CA ASP A 12 -7.58 -8.73 -0.47
C ASP A 12 -6.79 -7.42 -0.41
N LEU A 13 -5.47 -7.57 -0.40
CA LEU A 13 -4.59 -6.41 -0.35
C LEU A 13 -4.73 -5.61 -1.65
N LEU A 14 -4.23 -6.20 -2.72
CA LEU A 14 -4.29 -5.56 -4.02
C LEU A 14 -5.73 -5.12 -4.30
N ARG A 15 -6.67 -5.90 -3.79
CA ARG A 15 -8.07 -5.60 -3.97
C ARG A 15 -8.50 -4.46 -3.05
N THR A 16 -7.79 -4.35 -1.94
CA THR A 16 -8.09 -3.30 -0.97
C THR A 16 -7.74 -1.93 -1.54
N LEU A 17 -6.56 -1.87 -2.16
CA LEU A 17 -6.10 -0.63 -2.76
C LEU A 17 -7.13 -0.13 -3.77
N LYS A 18 -7.85 -1.08 -4.34
CA LYS A 18 -8.87 -0.75 -5.33
C LYS A 18 -9.84 0.28 -4.74
N SER A 19 -9.98 0.22 -3.42
CA SER A 19 -10.86 1.14 -2.73
C SER A 19 -10.50 2.59 -3.09
N PRO A 20 -11.14 3.54 -2.37
CA PRO A 20 -10.89 4.95 -2.60
C PRO A 20 -9.55 5.38 -2.02
N SER A 21 -9.22 4.79 -0.89
CA SER A 21 -7.97 5.09 -0.21
C SER A 21 -8.15 6.28 0.73
N SER A 22 -8.86 6.02 1.82
CA SER A 22 -9.13 7.05 2.81
C SER A 22 -10.05 6.51 3.90
N PRO A 23 -11.29 6.15 3.47
CA PRO A 23 -12.28 5.62 4.39
C PRO A 23 -11.96 4.17 4.78
N GLN A 24 -12.63 3.25 4.10
CA GLN A 24 -12.42 1.84 4.36
C GLN A 24 -10.94 1.48 4.22
N GLN A 25 -10.37 1.87 3.09
CA GLN A 25 -8.97 1.60 2.82
C GLN A 25 -8.19 1.48 4.14
N GLN A 26 -8.18 2.57 4.88
CA GLN A 26 -7.49 2.60 6.16
C GLN A 26 -7.77 1.32 6.94
N GLN A 27 -9.05 1.00 7.04
CA GLN A 27 -9.46 -0.20 7.76
C GLN A 27 -9.11 -1.45 6.96
N GLN A 28 -9.14 -1.31 5.64
CA GLN A 28 -8.82 -2.41 4.76
C GLN A 28 -7.36 -2.81 4.90
N VAL A 29 -6.49 -1.82 4.74
CA VAL A 29 -5.06 -2.04 4.85
C VAL A 29 -4.74 -2.63 6.22
N LEU A 30 -5.18 -1.92 7.26
CA LEU A 30 -4.96 -2.36 8.62
C LEU A 30 -5.64 -3.71 8.84
N ASN A 31 -6.76 -3.89 8.15
CA ASN A 31 -7.52 -5.13 8.27
C ASN A 31 -6.63 -6.30 7.83
N ILE A 32 -6.33 -6.32 6.54
CA ILE A 32 -5.49 -7.37 5.98
C ILE A 32 -4.14 -7.38 6.70
N LEU A 33 -3.51 -6.22 6.73
CA LEU A 33 -2.22 -6.08 7.39
C LEU A 33 -2.27 -6.75 8.77
N LYS A 34 -3.47 -6.75 9.33
CA LYS A 34 -3.68 -7.34 10.64
C LYS A 34 -3.82 -8.87 10.49
N SER A 35 -4.69 -9.25 9.57
CA SER A 35 -4.94 -10.66 9.31
C SER A 35 -3.78 -11.26 8.52
N ASN A 36 -2.80 -10.41 8.23
CA ASN A 36 -1.63 -10.84 7.48
C ASN A 36 -0.46 -9.91 7.80
N PRO A 37 0.53 -10.47 8.54
CA PRO A 37 1.71 -9.72 8.93
C PRO A 37 2.66 -9.55 7.74
N GLN A 38 3.03 -10.68 7.15
CA GLN A 38 3.93 -10.67 6.01
C GLN A 38 3.50 -9.62 5.00
N LEU A 39 2.18 -9.54 4.80
CA LEU A 39 1.62 -8.59 3.85
C LEU A 39 2.01 -7.18 4.29
N MET A 40 1.67 -6.86 5.53
CA MET A 40 1.96 -5.55 6.08
C MET A 40 3.41 -5.15 5.80
N ALA A 41 4.31 -6.11 6.00
CA ALA A 41 5.72 -5.88 5.77
C ALA A 41 5.93 -5.41 4.33
N ALA A 42 5.24 -6.08 3.42
CA ALA A 42 5.34 -5.74 2.01
C ALA A 42 4.64 -4.40 1.76
N PHE A 43 3.37 -4.36 2.14
CA PHE A 43 2.58 -3.16 1.96
C PHE A 43 3.23 -1.96 2.66
N ILE A 44 3.46 -2.14 3.95
CA ILE A 44 4.08 -1.08 4.75
C ILE A 44 5.33 -0.58 4.04
N LYS A 45 6.07 -1.51 3.46
CA LYS A 45 7.29 -1.17 2.74
C LYS A 45 6.95 -0.27 1.56
N GLN A 46 5.94 -0.69 0.81
CA GLN A 46 5.51 0.07 -0.35
C GLN A 46 4.74 1.31 0.09
N ARG A 47 4.28 1.28 1.33
CA ARG A 47 3.54 2.40 1.88
C ARG A 47 4.50 3.44 2.47
N THR A 48 5.62 2.96 2.97
CA THR A 48 6.63 3.83 3.55
C THR A 48 7.62 4.30 2.48
N ALA A 49 7.61 3.60 1.36
CA ALA A 49 8.48 3.93 0.26
C ALA A 49 8.29 5.40 -0.13
N LYS A 50 7.21 5.97 0.39
CA LYS A 50 6.89 7.36 0.11
C LYS A 50 7.57 8.25 1.15
N TYR A 51 7.66 7.73 2.37
CA TYR A 51 8.28 8.46 3.46
C TYR A 51 9.73 8.03 3.66
N VAL A 52 9.92 6.72 3.74
CA VAL A 52 11.25 6.17 3.93
C VAL A 52 12.25 6.94 3.08
N ALA A 53 11.82 7.25 1.86
CA ALA A 53 12.66 7.99 0.93
C ALA A 53 13.07 9.32 1.57
N ASN A 54 12.07 10.16 1.80
CA ASN A 54 12.31 11.46 2.40
C ASN A 54 12.97 11.28 3.77
N GLN A 55 12.37 10.40 4.57
CA GLN A 55 12.88 10.13 5.90
C GLN A 55 13.39 8.68 5.97
N PRO A 56 14.71 8.52 5.71
CA PRO A 56 15.32 7.20 5.75
C PRO A 56 15.52 6.73 7.20
N GLY A 57 14.92 5.59 7.50
CA GLY A 57 15.02 5.03 8.83
C GLY A 57 16.39 4.38 9.06
N MET A 58 17.31 5.19 9.54
CA MET A 58 18.66 4.71 9.81
C MET A 58 19.14 5.18 11.18
N PRO B 1 -4.20 -7.40 -16.40
CA PRO B 1 -4.92 -8.02 -15.29
C PRO B 1 -3.95 -8.66 -14.29
N THR B 2 -3.26 -7.79 -13.56
CA THR B 2 -2.30 -8.25 -12.57
C THR B 2 -1.18 -9.04 -13.24
N THR B 3 0.05 -8.69 -12.86
CA THR B 3 1.21 -9.37 -13.42
C THR B 3 1.64 -10.53 -12.50
N VAL B 4 2.28 -11.50 -13.12
CA VAL B 4 2.75 -12.67 -12.38
C VAL B 4 1.73 -13.01 -11.29
N GLU B 5 2.26 -13.42 -10.14
CA GLU B 5 1.42 -13.79 -9.02
C GLU B 5 0.72 -15.12 -9.29
N GLY B 6 0.72 -15.97 -8.27
CA GLY B 6 0.09 -17.28 -8.38
C GLY B 6 0.85 -18.16 -9.36
N ARG B 7 2.07 -17.75 -9.67
CA ARG B 7 2.91 -18.50 -10.59
C ARG B 7 4.28 -18.77 -9.97
N ASN B 8 5.03 -17.69 -9.79
CA ASN B 8 6.36 -17.80 -9.21
C ASN B 8 6.24 -18.25 -7.76
N ASP B 9 5.84 -17.31 -6.91
CA ASP B 9 5.69 -17.61 -5.49
C ASP B 9 5.16 -16.36 -4.78
N GLU B 10 5.09 -16.46 -3.46
CA GLU B 10 4.61 -15.35 -2.65
C GLU B 10 5.22 -14.04 -3.13
N LYS B 11 6.54 -14.01 -3.16
CA LYS B 11 7.26 -12.83 -3.59
C LYS B 11 6.64 -12.30 -4.88
N ALA B 12 6.04 -13.21 -5.63
CA ALA B 12 5.40 -12.84 -6.88
C ALA B 12 4.04 -12.21 -6.58
N LEU B 13 3.40 -12.71 -5.55
CA LEU B 13 2.10 -12.20 -5.15
C LEU B 13 2.23 -10.72 -4.78
N LEU B 14 3.08 -10.46 -3.79
CA LEU B 14 3.29 -9.11 -3.34
C LEU B 14 3.82 -8.26 -4.49
N GLU B 15 4.80 -8.81 -5.19
CA GLU B 15 5.39 -8.11 -6.32
C GLU B 15 4.30 -7.54 -7.22
N GLN B 16 3.25 -8.33 -7.40
CA GLN B 16 2.13 -7.91 -8.22
C GLN B 16 1.40 -6.74 -7.59
N LEU B 17 1.18 -6.85 -6.29
CA LEU B 17 0.49 -5.81 -5.54
C LEU B 17 1.36 -4.55 -5.52
N VAL B 18 2.56 -4.70 -4.97
CA VAL B 18 3.49 -3.59 -4.88
C VAL B 18 3.68 -2.98 -6.26
N SER B 19 3.74 -3.86 -7.25
CA SER B 19 3.92 -3.42 -8.63
C SER B 19 2.78 -2.49 -9.04
N PHE B 20 1.57 -2.88 -8.64
CA PHE B 20 0.39 -2.10 -8.96
C PHE B 20 0.33 -0.83 -8.10
N LEU B 21 0.83 -0.95 -6.89
CA LEU B 21 0.84 0.18 -5.97
C LEU B 21 1.63 1.33 -6.59
N SER B 22 2.78 0.99 -7.14
CA SER B 22 3.64 1.98 -7.77
C SER B 22 2.84 2.80 -8.78
N GLY B 23 2.16 2.09 -9.66
CA GLY B 23 1.35 2.74 -10.68
C GLY B 23 -0.09 2.93 -10.20
N LYS B 24 -0.21 3.51 -9.01
CA LYS B 24 -1.52 3.77 -8.44
C LYS B 24 -2.46 4.30 -9.51
N ASP B 25 -3.55 3.58 -9.71
CA ASP B 25 -4.54 3.97 -10.70
C ASP B 25 -5.30 5.20 -10.20
N GLU B 26 -5.54 5.23 -8.90
CA GLU B 26 -6.25 6.33 -8.29
C GLU B 26 -5.66 7.67 -8.77
N THR B 27 -4.38 7.64 -9.08
CA THR B 27 -3.69 8.83 -9.54
C THR B 27 -4.46 9.47 -10.71
N GLU B 28 -5.22 8.63 -11.40
CA GLU B 28 -6.00 9.10 -12.53
C GLU B 28 -6.94 10.22 -12.10
N LEU B 29 -7.92 9.86 -11.28
CA LEU B 29 -8.88 10.82 -10.79
C LEU B 29 -8.14 11.95 -10.06
N ALA B 30 -7.27 11.54 -9.15
CA ALA B 30 -6.50 12.49 -8.37
C ALA B 30 -5.32 12.98 -9.21
N GLU B 31 -5.62 13.41 -10.42
CA GLU B 31 -4.60 13.91 -11.33
C GLU B 31 -3.69 14.91 -10.62
N LEU B 32 -4.24 15.50 -9.56
CA LEU B 32 -3.50 16.48 -8.78
C LEU B 32 -2.58 15.76 -7.80
N ASP B 33 -3.17 14.80 -7.08
CA ASP B 33 -2.43 14.03 -6.11
C ASP B 33 -1.30 13.27 -6.82
N ARG B 34 -1.41 13.21 -8.13
CA ARG B 34 -0.41 12.52 -8.94
C ARG B 34 0.99 12.81 -8.39
N ALA B 35 1.13 13.96 -7.78
CA ALA B 35 2.41 14.37 -7.21
C ALA B 35 3.07 13.16 -6.55
N LEU B 36 2.40 12.64 -5.53
CA LEU B 36 2.92 11.49 -4.81
C LEU B 36 2.41 10.21 -5.48
N GLY B 37 1.23 10.31 -6.08
CA GLY B 37 0.64 9.18 -6.76
C GLY B 37 -0.03 8.23 -5.75
N ILE B 38 0.29 8.45 -4.48
CA ILE B 38 -0.27 7.62 -3.42
C ILE B 38 -0.44 8.47 -2.16
N ASP B 39 -0.39 9.78 -2.35
CA ASP B 39 -0.55 10.70 -1.24
C ASP B 39 -1.79 10.34 -0.44
N LYS B 40 -2.72 9.69 -1.12
CA LYS B 40 -3.97 9.28 -0.49
C LYS B 40 -3.66 8.20 0.56
N LEU B 41 -2.65 7.40 0.25
CA LEU B 41 -2.26 6.32 1.16
C LEU B 41 -1.39 6.91 2.28
N VAL B 42 -0.82 8.08 2.00
CA VAL B 42 0.02 8.74 2.97
C VAL B 42 -0.84 9.59 3.90
N GLN B 43 -2.11 9.72 3.53
CA GLN B 43 -3.05 10.50 4.31
C GLN B 43 -2.80 10.29 5.81
N GLY B 44 -2.31 9.09 6.13
CA GLY B 44 -2.02 8.75 7.51
C GLY B 44 -1.33 7.38 7.59
N GLY B 45 -0.14 7.40 8.19
CA GLY B 45 0.63 6.18 8.35
C GLY B 45 0.73 5.78 9.82
N GLY B 46 1.77 6.30 10.46
CA GLY B 46 2.00 6.01 11.87
C GLY B 46 2.61 7.22 12.59
N LEU B 47 3.58 7.83 11.94
CA LEU B 47 4.25 8.99 12.50
C LEU B 47 3.53 10.27 12.01
N ASP B 48 2.22 10.17 11.93
CA ASP B 48 1.41 11.29 11.49
C ASP B 48 1.95 11.82 10.16
N VAL B 49 1.98 10.93 9.18
CA VAL B 49 2.47 11.29 7.85
C VAL B 49 3.75 12.11 8.00
N LEU B 50 4.18 12.68 6.89
CA LEU B 50 5.38 13.50 6.87
C LEU B 50 4.99 14.98 6.90
N SER B 51 3.71 15.23 6.64
CA SER B 51 3.20 16.59 6.63
C SER B 51 3.36 17.20 5.23
N LYS B 52 4.57 17.08 4.71
CA LYS B 52 4.86 17.61 3.38
C LYS B 52 3.69 17.31 2.46
N LEU B 53 2.89 18.35 2.22
CA LEU B 53 1.73 18.21 1.34
C LEU B 53 0.71 17.29 2.01
N VAL B 54 -0.17 17.90 2.80
CA VAL B 54 -1.20 17.15 3.49
C VAL B 54 -1.72 16.03 2.58
N PRO B 55 -1.24 14.79 2.86
CA PRO B 55 -1.65 13.63 2.08
C PRO B 55 -3.08 13.21 2.43
N ARG B 56 -3.69 13.98 3.30
CA ARG B 56 -5.05 13.70 3.73
C ARG B 56 -5.95 14.90 3.43
N GLY B 57 -5.45 16.07 3.76
CA GLY B 57 -6.21 17.30 3.54
C GLY B 57 -5.98 18.29 4.68
N SER B 58 -6.01 17.77 5.89
CA SER B 58 -5.81 18.60 7.07
C SER B 58 -5.28 17.74 8.23
N LEU B 59 -3.97 17.67 8.32
CA LEU B 59 -3.33 16.90 9.37
C LEU B 59 -2.69 17.85 10.38
N PRO A 1 10.09 -19.06 14.90
CA PRO A 1 10.39 -17.64 14.81
C PRO A 1 9.83 -17.04 13.52
N ASN A 2 10.04 -17.77 12.43
CA ASN A 2 9.55 -17.32 11.13
C ASN A 2 8.12 -17.80 10.93
N ARG A 3 7.47 -17.23 9.93
CA ARG A 3 6.10 -17.60 9.61
C ARG A 3 5.72 -17.10 8.22
N SER A 4 4.96 -17.92 7.51
CA SER A 4 4.52 -17.59 6.17
C SER A 4 3.31 -16.66 6.23
N ILE A 5 2.53 -16.68 5.16
CA ILE A 5 1.34 -15.85 5.08
C ILE A 5 0.41 -16.40 4.00
N SER A 6 -0.85 -16.00 4.08
CA SER A 6 -1.84 -16.44 3.11
C SER A 6 -1.62 -15.72 1.77
N PRO A 7 -1.84 -16.47 0.67
CA PRO A 7 -1.67 -15.92 -0.67
C PRO A 7 -2.84 -15.00 -1.02
N SER A 8 -4.04 -15.57 -1.03
CA SER A 8 -5.24 -14.82 -1.35
C SER A 8 -5.14 -13.41 -0.76
N ALA A 9 -4.56 -13.34 0.44
CA ALA A 9 -4.40 -12.07 1.12
C ALA A 9 -3.93 -11.01 0.12
N LEU A 10 -3.17 -11.47 -0.86
CA LEU A 10 -2.64 -10.58 -1.88
C LEU A 10 -3.80 -9.99 -2.68
N GLN A 11 -4.72 -10.86 -3.06
CA GLN A 11 -5.88 -10.45 -3.83
C GLN A 11 -6.74 -9.48 -3.00
N ASP A 12 -6.72 -9.69 -1.70
CA ASP A 12 -7.49 -8.85 -0.80
C ASP A 12 -6.80 -7.50 -0.65
N LEU A 13 -5.47 -7.56 -0.60
CA LEU A 13 -4.67 -6.34 -0.46
C LEU A 13 -4.93 -5.43 -1.67
N LEU A 14 -4.48 -5.88 -2.82
CA LEU A 14 -4.66 -5.11 -4.05
C LEU A 14 -6.14 -4.77 -4.21
N ARG A 15 -6.99 -5.72 -3.85
CA ARG A 15 -8.42 -5.52 -3.95
C ARG A 15 -8.86 -4.35 -3.07
N THR A 16 -8.16 -4.17 -1.97
CA THR A 16 -8.46 -3.10 -1.05
C THR A 16 -8.11 -1.74 -1.67
N LEU A 17 -6.88 -1.66 -2.16
CA LEU A 17 -6.42 -0.43 -2.79
C LEU A 17 -7.47 0.06 -3.79
N LYS A 18 -8.18 -0.89 -4.36
CA LYS A 18 -9.22 -0.56 -5.32
C LYS A 18 -10.18 0.47 -4.72
N SER A 19 -10.34 0.38 -3.41
CA SER A 19 -11.21 1.29 -2.70
C SER A 19 -10.85 2.74 -3.04
N PRO A 20 -11.50 3.69 -2.31
CA PRO A 20 -11.25 5.10 -2.53
C PRO A 20 -9.91 5.51 -1.92
N SER A 21 -9.60 4.91 -0.78
CA SER A 21 -8.36 5.21 -0.09
C SER A 21 -8.56 6.39 0.86
N SER A 22 -9.15 6.09 2.00
CA SER A 22 -9.41 7.12 3.01
C SER A 22 -10.37 6.58 4.07
N PRO A 23 -11.60 6.25 3.61
CA PRO A 23 -12.62 5.73 4.51
C PRO A 23 -12.34 4.27 4.88
N GLN A 24 -12.98 3.37 4.15
CA GLN A 24 -12.79 1.95 4.40
C GLN A 24 -11.33 1.57 4.26
N GLN A 25 -10.75 1.94 3.12
CA GLN A 25 -9.35 1.65 2.85
C GLN A 25 -8.57 1.56 4.15
N GLN A 26 -8.53 2.67 4.87
CA GLN A 26 -7.82 2.73 6.12
C GLN A 26 -8.07 1.46 6.93
N GLN A 27 -9.34 1.11 7.06
CA GLN A 27 -9.74 -0.07 7.81
C GLN A 27 -9.41 -1.33 6.99
N GLN A 28 -9.42 -1.17 5.68
CA GLN A 28 -9.13 -2.28 4.79
C GLN A 28 -7.65 -2.65 4.87
N VAL A 29 -6.80 -1.66 4.67
CA VAL A 29 -5.37 -1.86 4.71
C VAL A 29 -4.98 -2.45 6.06
N LEU A 30 -5.45 -1.79 7.11
CA LEU A 30 -5.17 -2.23 8.46
C LEU A 30 -5.85 -3.58 8.71
N ASN A 31 -6.99 -3.76 8.05
CA ASN A 31 -7.74 -5.00 8.19
C ASN A 31 -6.87 -6.18 7.76
N ILE A 32 -6.32 -6.07 6.56
CA ILE A 32 -5.47 -7.12 6.03
C ILE A 32 -4.09 -7.02 6.68
N LEU A 33 -3.60 -5.80 6.82
CA LEU A 33 -2.31 -5.56 7.43
C LEU A 33 -2.30 -6.16 8.84
N LYS A 34 -3.48 -6.16 9.45
CA LYS A 34 -3.62 -6.70 10.80
C LYS A 34 -3.96 -8.18 10.72
N SER A 35 -4.67 -8.54 9.66
CA SER A 35 -5.07 -9.92 9.45
C SER A 35 -3.98 -10.67 8.67
N ASN A 36 -2.90 -9.95 8.39
CA ASN A 36 -1.79 -10.53 7.66
C ASN A 36 -0.54 -9.68 7.89
N PRO A 37 0.46 -10.31 8.57
CA PRO A 37 1.71 -9.62 8.86
C PRO A 37 2.59 -9.53 7.61
N GLN A 38 2.91 -10.69 7.06
CA GLN A 38 3.74 -10.75 5.88
C GLN A 38 3.23 -9.76 4.82
N LEU A 39 1.92 -9.68 4.72
CA LEU A 39 1.30 -8.79 3.76
C LEU A 39 1.69 -7.34 4.09
N MET A 40 1.51 -6.98 5.35
CA MET A 40 1.84 -5.64 5.80
C MET A 40 3.27 -5.27 5.38
N ALA A 41 4.18 -6.19 5.61
CA ALA A 41 5.58 -5.97 5.25
C ALA A 41 5.66 -5.46 3.81
N ALA A 42 4.83 -6.05 2.97
CA ALA A 42 4.79 -5.68 1.56
C ALA A 42 4.23 -4.26 1.43
N PHE A 43 2.99 -4.12 1.85
CA PHE A 43 2.32 -2.83 1.78
C PHE A 43 3.10 -1.77 2.55
N ILE A 44 3.33 -2.06 3.83
CA ILE A 44 4.06 -1.14 4.68
C ILE A 44 5.26 -0.58 3.91
N LYS A 45 6.01 -1.48 3.30
CA LYS A 45 7.17 -1.09 2.53
C LYS A 45 6.74 -0.15 1.40
N GLN A 46 5.63 -0.49 0.78
CA GLN A 46 5.10 0.31 -0.31
C GLN A 46 4.75 1.72 0.18
N ARG A 47 4.11 1.77 1.33
CA ARG A 47 3.72 3.04 1.92
C ARG A 47 4.96 3.86 2.27
N THR A 48 5.88 3.20 2.97
CA THR A 48 7.11 3.86 3.38
C THR A 48 7.97 4.20 2.15
N ALA A 49 7.76 3.43 1.10
CA ALA A 49 8.49 3.64 -0.14
C ALA A 49 8.16 5.01 -0.72
N LYS A 50 7.16 5.65 -0.09
CA LYS A 50 6.74 6.96 -0.53
C LYS A 50 7.47 8.03 0.29
N TYR A 51 7.92 7.63 1.46
CA TYR A 51 8.64 8.54 2.34
C TYR A 51 10.13 8.18 2.40
N VAL A 52 10.38 6.89 2.54
CA VAL A 52 11.76 6.41 2.62
C VAL A 52 12.55 6.95 1.42
N ALA A 53 11.81 7.26 0.36
CA ALA A 53 12.43 7.78 -0.85
C ALA A 53 12.48 9.31 -0.77
N ASN A 54 12.37 9.81 0.45
CA ASN A 54 12.40 11.24 0.67
C ASN A 54 12.11 11.53 2.15
N GLN A 55 12.82 10.83 3.02
CA GLN A 55 12.64 10.99 4.45
C GLN A 55 13.96 11.41 5.10
N PRO A 56 13.98 12.67 5.60
CA PRO A 56 15.17 13.20 6.24
C PRO A 56 15.34 12.61 7.65
N GLY A 57 16.19 11.60 7.73
CA GLY A 57 16.44 10.94 9.00
C GLY A 57 16.72 9.45 8.80
N MET A 58 17.89 9.18 8.23
CA MET A 58 18.29 7.80 7.97
C MET A 58 19.16 7.26 9.12
N PRO B 1 -2.62 -5.69 -16.28
CA PRO B 1 -2.76 -6.67 -15.21
C PRO B 1 -1.39 -7.00 -14.59
N THR B 2 -1.44 -7.78 -13.54
CA THR B 2 -0.22 -8.18 -12.84
C THR B 2 0.67 -9.02 -13.76
N THR B 3 1.48 -9.86 -13.13
CA THR B 3 2.38 -10.72 -13.88
C THR B 3 2.92 -11.83 -12.98
N VAL B 4 3.22 -12.96 -13.60
CA VAL B 4 3.73 -14.11 -12.88
C VAL B 4 2.88 -14.36 -11.63
N GLU B 5 3.11 -13.53 -10.62
CA GLU B 5 2.38 -13.65 -9.38
C GLU B 5 2.34 -15.10 -8.91
N GLY B 6 1.18 -15.51 -8.41
CA GLY B 6 1.01 -16.87 -7.93
C GLY B 6 1.94 -17.84 -8.68
N ARG B 7 2.07 -17.61 -9.97
CA ARG B 7 2.91 -18.45 -10.80
C ARG B 7 4.22 -18.77 -10.06
N ASN B 8 4.82 -17.73 -9.50
CA ASN B 8 6.07 -17.90 -8.77
C ASN B 8 5.76 -18.08 -7.28
N ASP B 9 6.80 -17.94 -6.48
CA ASP B 9 6.65 -18.09 -5.03
C ASP B 9 5.79 -16.96 -4.49
N GLU B 10 5.68 -16.92 -3.17
CA GLU B 10 4.88 -15.89 -2.52
C GLU B 10 5.40 -14.50 -2.89
N LYS B 11 6.72 -14.41 -2.99
CA LYS B 11 7.35 -13.14 -3.33
C LYS B 11 6.73 -12.60 -4.62
N ALA B 12 6.31 -13.51 -5.47
CA ALA B 12 5.70 -13.14 -6.72
C ALA B 12 4.29 -12.58 -6.46
N LEU B 13 3.64 -13.16 -5.46
CA LEU B 13 2.30 -12.73 -5.10
C LEU B 13 2.33 -11.25 -4.71
N LEU B 14 3.12 -10.97 -3.68
CA LEU B 14 3.26 -9.60 -3.20
C LEU B 14 3.74 -8.70 -4.34
N GLU B 15 4.64 -9.25 -5.14
CA GLU B 15 5.19 -8.51 -6.26
C GLU B 15 4.07 -7.97 -7.15
N GLN B 16 3.03 -8.78 -7.29
CA GLN B 16 1.88 -8.39 -8.11
C GLN B 16 1.18 -7.19 -7.47
N LEU B 17 0.98 -7.28 -6.17
CA LEU B 17 0.31 -6.21 -5.43
C LEU B 17 1.25 -5.00 -5.35
N VAL B 18 2.43 -5.25 -4.80
CA VAL B 18 3.42 -4.19 -4.65
C VAL B 18 3.65 -3.52 -6.01
N SER B 19 3.65 -4.34 -7.05
CA SER B 19 3.85 -3.84 -8.40
C SER B 19 2.75 -2.85 -8.76
N PHE B 20 1.51 -3.31 -8.60
CA PHE B 20 0.36 -2.48 -8.91
C PHE B 20 0.35 -1.21 -8.05
N LEU B 21 0.91 -1.35 -6.86
CA LEU B 21 0.96 -0.24 -5.92
C LEU B 21 1.89 0.84 -6.48
N SER B 22 3.03 0.38 -7.00
CA SER B 22 4.01 1.30 -7.57
C SER B 22 3.33 2.22 -8.60
N GLY B 23 2.56 1.61 -9.48
CA GLY B 23 1.86 2.36 -10.50
C GLY B 23 0.42 2.64 -10.09
N LYS B 24 0.28 3.17 -8.88
CA LYS B 24 -1.04 3.49 -8.35
C LYS B 24 -1.89 4.10 -9.46
N ASP B 25 -3.05 3.50 -9.67
CA ASP B 25 -3.97 3.97 -10.70
C ASP B 25 -4.64 5.26 -10.22
N GLU B 26 -4.73 5.39 -8.90
CA GLU B 26 -5.34 6.57 -8.30
C GLU B 26 -4.65 7.83 -8.80
N THR B 27 -3.36 7.71 -9.06
CA THR B 27 -2.57 8.83 -9.54
C THR B 27 -3.26 9.49 -10.74
N GLU B 28 -3.93 8.66 -11.52
CA GLU B 28 -4.64 9.14 -12.70
C GLU B 28 -5.79 10.06 -12.29
N LEU B 29 -6.86 9.43 -11.80
CA LEU B 29 -8.02 10.18 -11.37
C LEU B 29 -7.59 11.29 -10.41
N ALA B 30 -6.85 10.89 -9.39
CA ALA B 30 -6.36 11.83 -8.39
C ALA B 30 -5.14 12.56 -8.94
N GLU B 31 -5.29 13.09 -10.14
CA GLU B 31 -4.19 13.81 -10.78
C GLU B 31 -3.61 14.86 -9.82
N LEU B 32 -4.42 15.24 -8.86
CA LEU B 32 -3.99 16.23 -7.87
C LEU B 32 -3.11 15.56 -6.82
N ASP B 33 -3.40 14.29 -6.59
CA ASP B 33 -2.64 13.52 -5.62
C ASP B 33 -1.25 13.19 -6.20
N ARG B 34 -1.15 13.35 -7.51
CA ARG B 34 0.10 13.08 -8.20
C ARG B 34 1.29 13.50 -7.34
N ALA B 35 1.06 14.55 -6.56
CA ALA B 35 2.10 15.06 -5.68
C ALA B 35 2.83 13.89 -5.02
N LEU B 36 2.07 13.15 -4.22
CA LEU B 36 2.63 12.00 -3.53
C LEU B 36 2.12 10.72 -4.18
N GLY B 37 1.11 10.88 -5.02
CA GLY B 37 0.52 9.74 -5.71
C GLY B 37 -0.29 8.87 -4.76
N ILE B 38 0.37 8.46 -3.68
CA ILE B 38 -0.28 7.63 -2.68
C ILE B 38 -0.50 8.44 -1.41
N ASP B 39 -0.52 9.76 -1.58
CA ASP B 39 -0.72 10.66 -0.46
C ASP B 39 -1.99 10.25 0.29
N LYS B 40 -2.80 9.43 -0.37
CA LYS B 40 -4.04 8.96 0.22
C LYS B 40 -3.75 7.74 1.10
N LEU B 41 -2.72 7.00 0.71
CA LEU B 41 -2.34 5.82 1.46
C LEU B 41 -1.62 6.23 2.75
N VAL B 42 -0.96 7.38 2.67
CA VAL B 42 -0.23 7.90 3.82
C VAL B 42 -1.14 8.83 4.61
N GLN B 43 -2.33 9.06 4.06
CA GLN B 43 -3.30 9.93 4.70
C GLN B 43 -3.23 9.78 6.23
N GLY B 44 -2.89 8.56 6.65
CA GLY B 44 -2.78 8.27 8.07
C GLY B 44 -3.29 6.87 8.38
N GLY B 45 -3.64 6.66 9.64
CA GLY B 45 -4.15 5.38 10.08
C GLY B 45 -3.33 4.84 11.26
N GLY B 46 -3.45 3.54 11.48
CA GLY B 46 -2.73 2.90 12.57
C GLY B 46 -1.23 2.84 12.27
N LEU B 47 -0.62 4.02 12.29
CA LEU B 47 0.81 4.13 12.04
C LEU B 47 1.21 5.61 12.00
N ASP B 48 0.30 6.41 11.48
CA ASP B 48 0.54 7.84 11.38
C ASP B 48 1.34 8.14 10.11
N VAL B 49 1.71 9.40 9.96
CA VAL B 49 2.47 9.82 8.79
C VAL B 49 3.64 10.70 9.24
N LEU B 50 4.75 10.57 8.53
CA LEU B 50 5.94 11.34 8.84
C LEU B 50 5.53 12.74 9.31
N SER B 51 5.02 13.52 8.37
CA SER B 51 4.59 14.88 8.68
C SER B 51 4.54 15.71 7.39
N LYS B 52 5.70 15.85 6.77
CA LYS B 52 5.81 16.61 5.55
C LYS B 52 4.71 16.17 4.58
N LEU B 53 4.32 17.09 3.71
CA LEU B 53 3.29 16.80 2.73
C LEU B 53 2.09 16.17 3.43
N VAL B 54 1.56 16.90 4.41
CA VAL B 54 0.41 16.41 5.16
C VAL B 54 -0.56 15.71 4.20
N PRO B 55 -0.48 14.36 4.20
CA PRO B 55 -1.34 13.56 3.34
C PRO B 55 -2.76 13.50 3.90
N ARG B 56 -2.95 14.19 5.02
CA ARG B 56 -4.25 14.22 5.66
C ARG B 56 -4.74 15.67 5.79
N GLY B 57 -3.81 16.54 6.15
CA GLY B 57 -4.13 17.95 6.31
C GLY B 57 -3.83 18.41 7.73
N SER B 58 -2.63 18.95 7.91
CA SER B 58 -2.21 19.43 9.21
C SER B 58 -1.62 18.28 10.03
N LEU B 59 -2.51 17.42 10.50
CA LEU B 59 -2.10 16.28 11.30
C LEU B 59 -1.57 16.77 12.65
N PRO A 1 -2.62 -24.61 9.09
CA PRO A 1 -1.52 -24.25 8.22
C PRO A 1 -1.63 -22.79 7.77
N ASN A 2 -0.56 -22.32 7.13
CA ASN A 2 -0.52 -20.95 6.65
C ASN A 2 0.65 -20.79 5.68
N ARG A 3 1.81 -21.23 6.13
CA ARG A 3 3.02 -21.14 5.32
C ARG A 3 3.35 -19.68 5.03
N SER A 4 4.10 -19.09 5.94
CA SER A 4 4.50 -17.69 5.79
C SER A 4 3.29 -16.78 5.97
N ILE A 5 2.43 -16.78 4.98
CA ILE A 5 1.23 -15.96 5.03
C ILE A 5 0.18 -16.52 4.06
N SER A 6 -1.07 -16.34 4.41
CA SER A 6 -2.17 -16.83 3.59
C SER A 6 -2.17 -16.09 2.25
N PRO A 7 -2.31 -16.89 1.15
CA PRO A 7 -2.34 -16.31 -0.18
C PRO A 7 -3.68 -15.64 -0.47
N SER A 8 -4.44 -15.45 0.60
CA SER A 8 -5.76 -14.83 0.48
C SER A 8 -5.67 -13.36 0.93
N ALA A 9 -4.55 -13.02 1.55
CA ALA A 9 -4.34 -11.67 2.03
C ALA A 9 -3.86 -10.80 0.87
N LEU A 10 -2.69 -11.15 0.34
CA LEU A 10 -2.11 -10.40 -0.77
C LEU A 10 -3.20 -10.11 -1.79
N GLN A 11 -4.14 -11.04 -1.91
CA GLN A 11 -5.23 -10.89 -2.86
C GLN A 11 -6.19 -9.81 -2.38
N ASP A 12 -6.46 -9.83 -1.08
CA ASP A 12 -7.38 -8.87 -0.48
C ASP A 12 -6.71 -7.49 -0.49
N LEU A 13 -5.39 -7.50 -0.40
CA LEU A 13 -4.63 -6.25 -0.40
C LEU A 13 -4.81 -5.55 -1.74
N LEU A 14 -4.27 -6.17 -2.78
CA LEU A 14 -4.36 -5.62 -4.12
C LEU A 14 -5.82 -5.28 -4.42
N ARG A 15 -6.72 -6.06 -3.84
CA ARG A 15 -8.13 -5.87 -4.04
C ARG A 15 -8.64 -4.69 -3.19
N THR A 16 -7.86 -4.39 -2.15
CA THR A 16 -8.21 -3.30 -1.25
C THR A 16 -7.90 -1.95 -1.91
N LEU A 17 -6.67 -1.84 -2.40
CA LEU A 17 -6.24 -0.61 -3.04
C LEU A 17 -7.32 -0.15 -4.03
N LYS A 18 -8.10 -1.12 -4.49
CA LYS A 18 -9.16 -0.84 -5.45
C LYS A 18 -10.13 0.16 -4.83
N SER A 19 -10.30 0.04 -3.52
CA SER A 19 -11.20 0.93 -2.80
C SER A 19 -10.89 2.39 -3.13
N PRO A 20 -11.62 3.31 -2.46
CA PRO A 20 -11.42 4.73 -2.67
C PRO A 20 -10.14 5.22 -1.99
N SER A 21 -9.86 4.62 -0.83
CA SER A 21 -8.67 4.99 -0.08
C SER A 21 -8.98 6.14 0.87
N SER A 22 -9.52 5.77 2.03
CA SER A 22 -9.86 6.77 3.04
C SER A 22 -10.85 6.16 4.05
N PRO A 23 -12.04 5.76 3.52
CA PRO A 23 -13.06 5.17 4.37
C PRO A 23 -12.69 3.73 4.74
N GLN A 24 -13.30 2.80 4.03
CA GLN A 24 -13.04 1.38 4.27
C GLN A 24 -11.57 1.05 4.06
N GLN A 25 -11.06 1.49 2.92
CA GLN A 25 -9.67 1.26 2.58
C GLN A 25 -8.81 1.25 3.83
N GLN A 26 -8.84 2.37 4.54
CA GLN A 26 -8.06 2.52 5.76
C GLN A 26 -8.20 1.26 6.62
N GLN A 27 -9.46 0.85 6.82
CA GLN A 27 -9.74 -0.32 7.62
C GLN A 27 -9.32 -1.59 6.88
N GLN A 28 -9.25 -1.46 5.56
CA GLN A 28 -8.87 -2.58 4.72
C GLN A 28 -7.37 -2.85 4.85
N VAL A 29 -6.59 -1.81 4.64
CA VAL A 29 -5.14 -1.92 4.73
C VAL A 29 -4.77 -2.45 6.11
N LEU A 30 -5.34 -1.83 7.13
CA LEU A 30 -5.08 -2.22 8.50
C LEU A 30 -5.65 -3.62 8.75
N ASN A 31 -6.73 -3.91 8.03
CA ASN A 31 -7.38 -5.21 8.16
C ASN A 31 -6.39 -6.31 7.76
N ILE A 32 -5.89 -6.18 6.54
CA ILE A 32 -4.94 -7.15 6.02
C ILE A 32 -3.61 -7.00 6.74
N LEU A 33 -3.23 -5.74 6.97
CA LEU A 33 -1.98 -5.44 7.64
C LEU A 33 -2.01 -6.05 9.05
N LYS A 34 -3.22 -6.14 9.59
CA LYS A 34 -3.39 -6.69 10.92
C LYS A 34 -3.67 -8.20 10.81
N SER A 35 -4.59 -8.52 9.92
CA SER A 35 -4.96 -9.91 9.70
C SER A 35 -3.87 -10.62 8.91
N ASN A 36 -2.93 -9.83 8.42
CA ASN A 36 -1.83 -10.38 7.63
C ASN A 36 -0.55 -9.59 7.94
N PRO A 37 0.31 -10.20 8.79
CA PRO A 37 1.56 -9.57 9.17
C PRO A 37 2.58 -9.64 8.03
N GLN A 38 3.09 -10.83 7.81
CA GLN A 38 4.07 -11.05 6.75
C GLN A 38 3.64 -10.33 5.47
N LEU A 39 2.34 -10.14 5.35
CA LEU A 39 1.78 -9.47 4.18
C LEU A 39 1.98 -7.96 4.33
N MET A 40 1.59 -7.46 5.50
CA MET A 40 1.72 -6.04 5.78
C MET A 40 3.15 -5.55 5.53
N ALA A 41 4.08 -6.49 5.61
CA ALA A 41 5.48 -6.17 5.39
C ALA A 41 5.66 -5.58 3.99
N ALA A 42 4.92 -6.18 3.04
CA ALA A 42 4.99 -5.72 1.67
C ALA A 42 4.35 -4.34 1.56
N PHE A 43 3.09 -4.27 1.93
CA PHE A 43 2.35 -3.02 1.89
C PHE A 43 3.10 -1.91 2.63
N ILE A 44 3.40 -2.20 3.88
CA ILE A 44 4.11 -1.24 4.72
C ILE A 44 5.36 -0.75 3.98
N LYS A 45 6.04 -1.69 3.35
CA LYS A 45 7.24 -1.37 2.60
C LYS A 45 6.89 -0.40 1.46
N GLN A 46 5.74 -0.66 0.85
CA GLN A 46 5.27 0.17 -0.24
C GLN A 46 4.89 1.56 0.27
N ARG A 47 4.18 1.57 1.39
CA ARG A 47 3.74 2.81 1.99
C ARG A 47 4.95 3.68 2.37
N THR A 48 5.87 3.07 3.09
CA THR A 48 7.07 3.75 3.51
C THR A 48 7.99 4.03 2.32
N ALA A 49 7.80 3.22 1.28
CA ALA A 49 8.60 3.36 0.07
C ALA A 49 8.39 4.76 -0.52
N LYS A 50 7.39 5.45 0.01
CA LYS A 50 7.07 6.79 -0.45
C LYS A 50 7.76 7.81 0.45
N TYR A 51 7.92 7.43 1.71
CA TYR A 51 8.57 8.30 2.68
C TYR A 51 10.05 7.97 2.82
N VAL A 52 10.32 6.67 3.01
CA VAL A 52 11.69 6.22 3.16
C VAL A 52 12.57 6.93 2.13
N ALA A 53 11.95 7.30 1.03
CA ALA A 53 12.67 7.99 -0.04
C ALA A 53 13.01 9.42 0.42
N ASN A 54 11.97 10.15 0.80
CA ASN A 54 12.14 11.51 1.26
C ASN A 54 12.54 11.50 2.74
N GLN A 55 12.73 10.31 3.27
CA GLN A 55 13.11 10.15 4.66
C GLN A 55 14.51 9.55 4.76
N PRO A 56 15.52 10.45 4.91
CA PRO A 56 16.90 10.03 5.01
C PRO A 56 17.19 9.44 6.39
N GLY A 57 18.33 8.78 6.49
CA GLY A 57 18.73 8.17 7.74
C GLY A 57 19.27 6.76 7.52
N MET A 58 20.43 6.69 6.88
CA MET A 58 21.06 5.41 6.60
C MET A 58 22.04 5.03 7.70
N PRO B 1 1.02 -3.72 -14.71
CA PRO B 1 0.32 -4.98 -14.95
C PRO B 1 0.57 -5.98 -13.82
N THR B 2 -0.13 -7.10 -13.90
CA THR B 2 0.02 -8.15 -12.90
C THR B 2 1.46 -8.64 -12.85
N THR B 3 2.03 -8.82 -14.02
CA THR B 3 3.40 -9.29 -14.14
C THR B 3 3.61 -10.55 -13.27
N VAL B 4 4.85 -11.02 -13.26
CA VAL B 4 5.18 -12.20 -12.48
C VAL B 4 4.12 -13.28 -12.72
N GLU B 5 3.58 -13.28 -13.93
CA GLU B 5 2.56 -14.25 -14.29
C GLU B 5 3.20 -15.54 -14.79
N GLY B 6 4.52 -15.51 -14.86
CA GLY B 6 5.27 -16.67 -15.32
C GLY B 6 6.08 -17.29 -14.18
N ARG B 7 5.77 -16.85 -12.98
CA ARG B 7 6.45 -17.35 -11.79
C ARG B 7 5.45 -17.70 -10.70
N ASN B 8 4.72 -16.67 -10.25
CA ASN B 8 3.73 -16.86 -9.21
C ASN B 8 4.42 -17.35 -7.93
N ASP B 9 3.98 -16.79 -6.81
CA ASP B 9 4.54 -17.16 -5.53
C ASP B 9 4.48 -15.96 -4.58
N GLU B 10 4.67 -16.24 -3.30
CA GLU B 10 4.63 -15.20 -2.29
C GLU B 10 5.20 -13.89 -2.86
N LYS B 11 6.46 -13.95 -3.26
CA LYS B 11 7.11 -12.78 -3.82
C LYS B 11 6.30 -12.28 -5.01
N ALA B 12 5.90 -13.21 -5.85
CA ALA B 12 5.13 -12.87 -7.04
C ALA B 12 3.84 -12.16 -6.61
N LEU B 13 3.23 -12.68 -5.55
CA LEU B 13 2.00 -12.10 -5.04
C LEU B 13 2.20 -10.60 -4.80
N LEU B 14 3.35 -10.28 -4.22
CA LEU B 14 3.68 -8.89 -3.94
C LEU B 14 4.03 -8.18 -5.25
N GLU B 15 4.94 -8.79 -5.98
CA GLU B 15 5.38 -8.23 -7.26
C GLU B 15 4.19 -7.61 -8.00
N GLN B 16 3.06 -8.30 -7.90
CA GLN B 16 1.85 -7.84 -8.56
C GLN B 16 1.25 -6.66 -7.80
N LEU B 17 1.14 -6.84 -6.49
CA LEU B 17 0.58 -5.80 -5.64
C LEU B 17 1.56 -4.63 -5.56
N VAL B 18 2.77 -4.94 -5.11
CA VAL B 18 3.81 -3.93 -4.98
C VAL B 18 3.89 -3.13 -6.28
N SER B 19 3.99 -3.86 -7.38
CA SER B 19 4.08 -3.23 -8.69
C SER B 19 2.86 -2.32 -8.92
N PHE B 20 1.69 -2.89 -8.69
CA PHE B 20 0.45 -2.15 -8.87
C PHE B 20 0.39 -0.96 -7.93
N LEU B 21 1.02 -1.12 -6.77
CA LEU B 21 1.04 -0.06 -5.78
C LEU B 21 1.92 1.09 -6.28
N SER B 22 3.04 0.72 -6.88
CA SER B 22 3.96 1.70 -7.40
C SER B 22 3.27 2.56 -8.47
N GLY B 23 2.70 1.88 -9.45
CA GLY B 23 2.00 2.56 -10.53
C GLY B 23 0.54 2.78 -10.18
N LYS B 24 0.32 3.46 -9.06
CA LYS B 24 -1.03 3.75 -8.60
C LYS B 24 -1.86 4.25 -9.78
N ASP B 25 -3.08 3.73 -9.85
CA ASP B 25 -3.98 4.10 -10.92
C ASP B 25 -4.68 5.42 -10.56
N GLU B 26 -5.10 5.50 -9.30
CA GLU B 26 -5.78 6.69 -8.82
C GLU B 26 -5.02 7.95 -9.24
N THR B 27 -3.71 7.79 -9.41
CA THR B 27 -2.86 8.89 -9.81
C THR B 27 -3.44 9.58 -11.05
N GLU B 28 -4.08 8.76 -11.89
CA GLU B 28 -4.68 9.27 -13.11
C GLU B 28 -5.90 10.14 -12.78
N LEU B 29 -6.57 9.77 -11.71
CA LEU B 29 -7.75 10.50 -11.28
C LEU B 29 -7.33 11.63 -10.34
N ALA B 30 -6.56 11.26 -9.32
CA ALA B 30 -6.09 12.23 -8.34
C ALA B 30 -4.87 12.96 -8.91
N GLU B 31 -5.02 13.43 -10.14
CA GLU B 31 -3.95 14.15 -10.81
C GLU B 31 -3.47 15.31 -9.94
N LEU B 32 -4.35 15.75 -9.05
CA LEU B 32 -4.03 16.85 -8.16
C LEU B 32 -3.09 16.35 -7.06
N ASP B 33 -3.51 15.27 -6.42
CA ASP B 33 -2.71 14.70 -5.34
C ASP B 33 -1.53 13.94 -5.94
N ARG B 34 -1.61 13.72 -7.25
CA ARG B 34 -0.55 13.01 -7.95
C ARG B 34 0.81 13.40 -7.39
N ALA B 35 0.89 14.62 -6.89
CA ALA B 35 2.13 15.11 -6.32
C ALA B 35 2.83 13.98 -5.56
N LEU B 36 2.02 13.24 -4.81
CA LEU B 36 2.53 12.13 -4.02
C LEU B 36 2.06 10.82 -4.65
N GLY B 37 1.03 10.91 -5.46
CA GLY B 37 0.48 9.73 -6.12
C GLY B 37 -0.19 8.80 -5.11
N ILE B 38 0.58 8.42 -4.11
CA ILE B 38 0.08 7.52 -3.08
C ILE B 38 -0.19 8.32 -1.81
N ASP B 39 -0.23 9.64 -1.97
CA ASP B 39 -0.49 10.53 -0.84
C ASP B 39 -1.86 10.22 -0.25
N LYS B 40 -2.61 9.37 -0.97
CA LYS B 40 -3.93 9.00 -0.52
C LYS B 40 -3.82 7.77 0.39
N LEU B 41 -2.70 7.08 0.27
CA LEU B 41 -2.46 5.90 1.08
C LEU B 41 -1.80 6.30 2.40
N VAL B 42 -0.93 7.29 2.30
CA VAL B 42 -0.23 7.78 3.48
C VAL B 42 -1.16 8.71 4.26
N GLN B 43 -2.33 8.93 3.71
CA GLN B 43 -3.31 9.79 4.35
C GLN B 43 -3.25 9.65 5.86
N GLY B 44 -3.12 8.39 6.31
CA GLY B 44 -3.03 8.10 7.73
C GLY B 44 -3.56 6.70 8.03
N GLY B 45 -2.64 5.80 8.29
CA GLY B 45 -3.00 4.42 8.59
C GLY B 45 -2.83 4.13 10.08
N GLY B 46 -3.66 4.77 10.89
CA GLY B 46 -3.62 4.59 12.33
C GLY B 46 -2.62 5.56 12.97
N LEU B 47 -2.65 6.79 12.49
CA LEU B 47 -1.76 7.82 13.00
C LEU B 47 -0.33 7.29 13.02
N ASP B 48 0.23 7.13 11.83
CA ASP B 48 1.59 6.62 11.69
C ASP B 48 2.11 6.96 10.30
N VAL B 49 2.32 8.25 10.06
CA VAL B 49 2.82 8.70 8.78
C VAL B 49 3.74 9.90 9.00
N LEU B 50 4.17 10.49 7.89
CA LEU B 50 5.05 11.64 7.94
C LEU B 50 4.23 12.93 7.80
N SER B 51 4.03 13.59 8.94
CA SER B 51 3.27 14.82 8.96
C SER B 51 3.55 15.63 7.68
N LYS B 52 4.82 15.73 7.36
CA LYS B 52 5.23 16.47 6.17
C LYS B 52 4.24 16.20 5.05
N LEU B 53 4.07 17.20 4.19
CA LEU B 53 3.16 17.09 3.07
C LEU B 53 1.88 16.37 3.52
N VAL B 54 1.17 17.02 4.45
CA VAL B 54 -0.06 16.46 4.97
C VAL B 54 -0.80 15.74 3.84
N PRO B 55 -0.62 14.39 3.80
CA PRO B 55 -1.27 13.58 2.78
C PRO B 55 -2.76 13.40 3.09
N ARG B 56 -3.20 14.09 4.14
CA ARG B 56 -4.59 14.02 4.55
C ARG B 56 -5.17 15.42 4.70
N GLY B 57 -4.63 16.15 5.65
CA GLY B 57 -5.08 17.52 5.91
C GLY B 57 -4.95 17.86 7.39
N SER B 58 -3.71 17.95 7.84
CA SER B 58 -3.44 18.28 9.23
C SER B 58 -3.40 17.00 10.07
N LEU B 59 -2.30 16.28 9.94
CA LEU B 59 -2.12 15.04 10.68
C LEU B 59 -1.38 15.33 11.98
N PRO A 1 3.38 -23.83 12.31
CA PRO A 1 4.78 -23.70 12.69
C PRO A 1 5.33 -22.33 12.28
N ASN A 2 5.22 -22.05 10.99
CA ASN A 2 5.70 -20.80 10.45
C ASN A 2 5.46 -20.77 8.94
N ARG A 3 4.35 -20.18 8.56
CA ARG A 3 4.00 -20.07 7.15
C ARG A 3 4.51 -18.76 6.57
N SER A 4 4.34 -18.62 5.25
CA SER A 4 4.78 -17.42 4.57
C SER A 4 3.60 -16.47 4.37
N ILE A 5 2.61 -16.61 5.24
CA ILE A 5 1.43 -15.76 5.18
C ILE A 5 0.48 -16.31 4.11
N SER A 6 -0.78 -15.93 4.24
CA SER A 6 -1.79 -16.36 3.29
C SER A 6 -1.58 -15.67 1.94
N PRO A 7 -1.82 -16.45 0.85
CA PRO A 7 -1.67 -15.92 -0.49
C PRO A 7 -2.82 -14.99 -0.86
N SER A 8 -4.02 -15.57 -0.87
CA SER A 8 -5.21 -14.79 -1.21
C SER A 8 -5.11 -13.40 -0.59
N ALA A 9 -4.58 -13.36 0.62
CA ALA A 9 -4.42 -12.09 1.33
C ALA A 9 -3.93 -11.02 0.36
N LEU A 10 -3.16 -11.47 -0.62
CA LEU A 10 -2.61 -10.57 -1.61
C LEU A 10 -3.76 -9.94 -2.42
N GLN A 11 -4.65 -10.82 -2.87
CA GLN A 11 -5.80 -10.37 -3.65
C GLN A 11 -6.66 -9.41 -2.82
N ASP A 12 -6.69 -9.66 -1.52
CA ASP A 12 -7.46 -8.82 -0.62
C ASP A 12 -6.76 -7.47 -0.45
N LEU A 13 -5.44 -7.54 -0.35
CA LEU A 13 -4.64 -6.33 -0.19
C LEU A 13 -4.76 -5.47 -1.45
N LEU A 14 -4.28 -6.03 -2.56
CA LEU A 14 -4.32 -5.33 -3.82
C LEU A 14 -5.74 -4.83 -4.08
N ARG A 15 -6.70 -5.62 -3.61
CA ARG A 15 -8.10 -5.27 -3.79
C ARG A 15 -8.50 -4.15 -2.82
N THR A 16 -7.79 -4.11 -1.70
CA THR A 16 -8.06 -3.10 -0.69
C THR A 16 -7.63 -1.72 -1.19
N LEU A 17 -6.61 -1.72 -2.03
CA LEU A 17 -6.09 -0.48 -2.59
C LEU A 17 -7.09 0.07 -3.60
N LYS A 18 -7.82 -0.85 -4.23
CA LYS A 18 -8.81 -0.46 -5.22
C LYS A 18 -9.76 0.57 -4.62
N SER A 19 -9.99 0.42 -3.32
CA SER A 19 -10.87 1.34 -2.62
C SER A 19 -10.48 2.78 -2.91
N PRO A 20 -11.21 3.73 -2.26
CA PRO A 20 -10.95 5.14 -2.44
C PRO A 20 -9.69 5.56 -1.69
N SER A 21 -9.48 4.94 -0.54
CA SER A 21 -8.32 5.25 0.28
C SER A 21 -8.64 6.40 1.23
N SER A 22 -9.25 6.05 2.35
CA SER A 22 -9.61 7.04 3.35
C SER A 22 -10.66 6.47 4.31
N PRO A 23 -11.82 6.09 3.72
CA PRO A 23 -12.91 5.53 4.51
C PRO A 23 -12.61 4.08 4.90
N GLN A 24 -13.26 3.17 4.19
CA GLN A 24 -13.07 1.75 4.46
C GLN A 24 -11.61 1.36 4.22
N GLN A 25 -11.09 1.77 3.08
CA GLN A 25 -9.71 1.47 2.72
C GLN A 25 -8.84 1.43 3.98
N GLN A 26 -8.81 2.56 4.67
CA GLN A 26 -8.03 2.68 5.89
C GLN A 26 -8.19 1.43 6.75
N GLN A 27 -9.44 1.05 6.95
CA GLN A 27 -9.75 -0.13 7.75
C GLN A 27 -9.38 -1.41 6.98
N GLN A 28 -9.42 -1.29 5.66
CA GLN A 28 -9.09 -2.42 4.80
C GLN A 28 -7.59 -2.74 4.89
N VAL A 29 -6.79 -1.72 4.67
CA VAL A 29 -5.34 -1.87 4.72
C VAL A 29 -4.95 -2.38 6.11
N LEU A 30 -5.41 -1.68 7.13
CA LEU A 30 -5.11 -2.05 8.50
C LEU A 30 -5.71 -3.43 8.79
N ASN A 31 -6.83 -3.71 8.15
CA ASN A 31 -7.51 -4.98 8.33
C ASN A 31 -6.56 -6.11 7.90
N ILE A 32 -6.31 -6.17 6.60
CA ILE A 32 -5.43 -7.20 6.06
C ILE A 32 -4.07 -7.12 6.76
N LEU A 33 -3.54 -5.91 6.82
CA LEU A 33 -2.26 -5.69 7.47
C LEU A 33 -2.26 -6.32 8.86
N LYS A 34 -3.46 -6.37 9.44
CA LYS A 34 -3.61 -6.95 10.77
C LYS A 34 -3.81 -8.47 10.64
N SER A 35 -4.74 -8.83 9.78
CA SER A 35 -5.04 -10.24 9.55
C SER A 35 -3.89 -10.90 8.80
N ASN A 36 -2.91 -10.09 8.44
CA ASN A 36 -1.75 -10.58 7.71
C ASN A 36 -0.54 -9.68 8.01
N PRO A 37 0.38 -10.21 8.85
CA PRO A 37 1.57 -9.48 9.21
C PRO A 37 2.58 -9.44 8.06
N GLN A 38 3.15 -10.61 7.78
CA GLN A 38 4.12 -10.72 6.71
C GLN A 38 3.62 -10.01 5.46
N LEU A 39 2.30 -9.91 5.36
CA LEU A 39 1.68 -9.25 4.22
C LEU A 39 1.89 -7.75 4.33
N MET A 40 1.56 -7.21 5.50
CA MET A 40 1.70 -5.79 5.74
C MET A 40 3.12 -5.32 5.43
N ALA A 41 4.07 -6.22 5.66
CA ALA A 41 5.47 -5.91 5.41
C ALA A 41 5.63 -5.45 3.96
N ALA A 42 4.99 -6.18 3.06
CA ALA A 42 5.06 -5.85 1.65
C ALA A 42 4.35 -4.52 1.40
N PHE A 43 3.10 -4.46 1.83
CA PHE A 43 2.31 -3.25 1.66
C PHE A 43 2.97 -2.06 2.36
N ILE A 44 3.22 -2.23 3.64
CA ILE A 44 3.85 -1.18 4.43
C ILE A 44 5.09 -0.66 3.68
N LYS A 45 5.79 -1.59 3.05
CA LYS A 45 6.99 -1.24 2.29
C LYS A 45 6.60 -0.34 1.12
N GLN A 46 5.59 -0.78 0.38
CA GLN A 46 5.13 -0.02 -0.77
C GLN A 46 4.32 1.19 -0.31
N ARG A 47 3.99 1.18 0.98
CA ARG A 47 3.21 2.28 1.55
C ARG A 47 4.15 3.34 2.14
N THR A 48 5.31 2.87 2.57
CA THR A 48 6.31 3.77 3.16
C THR A 48 7.37 4.13 2.12
N ALA A 49 7.33 3.42 1.00
CA ALA A 49 8.28 3.66 -0.07
C ALA A 49 8.15 5.11 -0.54
N LYS A 50 7.07 5.75 -0.11
CA LYS A 50 6.82 7.13 -0.48
C LYS A 50 7.55 8.06 0.49
N TYR A 51 7.79 7.55 1.68
CA TYR A 51 8.48 8.32 2.71
C TYR A 51 9.91 7.81 2.91
N VAL A 52 10.02 6.50 3.08
CA VAL A 52 11.31 5.87 3.29
C VAL A 52 12.30 6.42 2.25
N ALA A 53 11.78 6.68 1.06
CA ALA A 53 12.59 7.20 -0.03
C ALA A 53 13.06 8.61 0.32
N ASN A 54 12.09 9.45 0.66
CA ASN A 54 12.39 10.83 1.02
C ASN A 54 13.29 10.84 2.25
N GLN A 55 12.89 10.07 3.25
CA GLN A 55 13.64 10.00 4.49
C GLN A 55 14.15 8.57 4.71
N PRO A 56 15.28 8.26 4.01
CA PRO A 56 15.87 6.93 4.12
C PRO A 56 16.62 6.78 5.44
N GLY A 57 16.07 5.93 6.30
CA GLY A 57 16.67 5.69 7.60
C GLY A 57 15.67 5.94 8.73
N MET A 58 14.51 6.45 8.34
CA MET A 58 13.46 6.75 9.30
C MET A 58 13.41 5.68 10.39
N PRO B 1 -4.92 -5.13 -13.50
CA PRO B 1 -4.39 -5.00 -12.14
C PRO B 1 -3.54 -6.22 -11.77
N THR B 2 -2.32 -6.23 -12.28
CA THR B 2 -1.41 -7.34 -12.00
C THR B 2 -1.89 -8.61 -12.69
N THR B 3 -0.93 -9.43 -13.09
CA THR B 3 -1.23 -10.68 -13.76
C THR B 3 -0.05 -11.64 -13.64
N VAL B 4 -0.09 -12.46 -12.61
CA VAL B 4 0.97 -13.43 -12.38
C VAL B 4 0.80 -14.05 -10.98
N GLU B 5 0.21 -13.26 -10.10
CA GLU B 5 -0.02 -13.71 -8.73
C GLU B 5 -0.58 -15.13 -8.73
N GLY B 6 -0.28 -15.85 -7.65
CA GLY B 6 -0.75 -17.22 -7.51
C GLY B 6 -0.06 -18.14 -8.52
N ARG B 7 0.87 -17.56 -9.26
CA ARG B 7 1.61 -18.31 -10.25
C ARG B 7 3.05 -18.55 -9.79
N ASN B 8 3.54 -17.62 -8.98
CA ASN B 8 4.89 -17.71 -8.45
C ASN B 8 4.83 -17.79 -6.93
N ASP B 9 5.98 -17.59 -6.31
CA ASP B 9 6.08 -17.63 -4.87
C ASP B 9 5.45 -16.37 -4.28
N GLU B 10 5.32 -16.36 -2.96
CA GLU B 10 4.74 -15.23 -2.27
C GLU B 10 5.30 -13.93 -2.83
N LYS B 11 6.60 -13.93 -3.08
CA LYS B 11 7.27 -12.76 -3.62
C LYS B 11 6.47 -12.22 -4.81
N ALA B 12 5.99 -13.14 -5.62
CA ALA B 12 5.21 -12.78 -6.79
C ALA B 12 3.92 -12.09 -6.34
N LEU B 13 3.36 -12.60 -5.26
CA LEU B 13 2.12 -12.05 -4.72
C LEU B 13 2.34 -10.56 -4.42
N LEU B 14 3.50 -10.26 -3.86
CA LEU B 14 3.83 -8.89 -3.51
C LEU B 14 4.23 -8.13 -4.78
N GLU B 15 4.96 -8.82 -5.64
CA GLU B 15 5.41 -8.23 -6.88
C GLU B 15 4.22 -7.69 -7.68
N GLN B 16 3.09 -8.36 -7.52
CA GLN B 16 1.87 -7.97 -8.20
C GLN B 16 1.28 -6.72 -7.56
N LEU B 17 1.09 -6.81 -6.25
CA LEU B 17 0.53 -5.70 -5.48
C LEU B 17 1.53 -4.55 -5.47
N VAL B 18 2.72 -4.85 -5.02
CA VAL B 18 3.78 -3.85 -4.94
C VAL B 18 3.90 -3.15 -6.29
N SER B 19 3.78 -3.95 -7.35
CA SER B 19 3.87 -3.41 -8.70
C SER B 19 2.73 -2.42 -8.95
N PHE B 20 1.52 -2.88 -8.67
CA PHE B 20 0.34 -2.05 -8.86
C PHE B 20 0.38 -0.81 -7.94
N LEU B 21 1.02 -0.99 -6.80
CA LEU B 21 1.13 0.09 -5.83
C LEU B 21 2.07 1.17 -6.39
N SER B 22 3.23 0.71 -6.86
CA SER B 22 4.21 1.61 -7.43
C SER B 22 3.58 2.48 -8.52
N GLY B 23 2.88 1.81 -9.43
CA GLY B 23 2.22 2.51 -10.52
C GLY B 23 0.76 2.79 -10.18
N LYS B 24 0.55 3.33 -8.98
CA LYS B 24 -0.79 3.65 -8.53
C LYS B 24 -1.57 4.30 -9.68
N ASP B 25 -2.61 3.59 -10.11
CA ASP B 25 -3.44 4.08 -11.20
C ASP B 25 -4.34 5.20 -10.67
N GLU B 26 -4.71 5.07 -9.40
CA GLU B 26 -5.57 6.06 -8.77
C GLU B 26 -5.07 7.47 -9.08
N THR B 27 -3.78 7.56 -9.38
CA THR B 27 -3.16 8.84 -9.69
C THR B 27 -3.85 9.47 -10.90
N GLU B 28 -4.47 8.62 -11.71
CA GLU B 28 -5.15 9.10 -12.90
C GLU B 28 -6.39 9.92 -12.51
N LEU B 29 -6.98 9.54 -11.39
CA LEU B 29 -8.15 10.23 -10.89
C LEU B 29 -7.72 11.42 -10.03
N ALA B 30 -6.90 11.11 -9.05
CA ALA B 30 -6.40 12.14 -8.15
C ALA B 30 -5.25 12.90 -8.82
N GLU B 31 -5.55 13.43 -10.00
CA GLU B 31 -4.56 14.17 -10.76
C GLU B 31 -3.82 15.15 -9.84
N LEU B 32 -4.48 15.52 -8.76
CA LEU B 32 -3.91 16.44 -7.79
C LEU B 32 -2.95 15.68 -6.87
N ASP B 33 -3.47 14.61 -6.29
CA ASP B 33 -2.69 13.80 -5.39
C ASP B 33 -1.49 13.23 -6.14
N ARG B 34 -1.56 13.30 -7.46
CA ARG B 34 -0.48 12.81 -8.30
C ARG B 34 0.87 13.20 -7.71
N ALA B 35 0.87 14.30 -6.98
CA ALA B 35 2.09 14.79 -6.35
C ALA B 35 2.87 13.62 -5.77
N LEU B 36 2.23 12.94 -4.82
CA LEU B 36 2.85 11.79 -4.18
C LEU B 36 2.28 10.50 -4.78
N GLY B 37 1.16 10.65 -5.46
CA GLY B 37 0.51 9.52 -6.09
C GLY B 37 -0.22 8.67 -5.04
N ILE B 38 0.53 8.28 -4.03
CA ILE B 38 -0.04 7.46 -2.95
C ILE B 38 -0.41 8.36 -1.77
N ASP B 39 -0.54 9.65 -2.07
CA ASP B 39 -0.90 10.61 -1.05
C ASP B 39 -2.18 10.17 -0.35
N LYS B 40 -2.91 9.28 -1.01
CA LYS B 40 -4.14 8.76 -0.46
C LYS B 40 -3.83 7.65 0.53
N LEU B 41 -2.66 7.06 0.38
CA LEU B 41 -2.23 5.98 1.25
C LEU B 41 -1.64 6.58 2.54
N VAL B 42 -0.83 7.61 2.35
CA VAL B 42 -0.19 8.27 3.48
C VAL B 42 -1.23 9.11 4.22
N GLN B 43 -2.43 9.13 3.67
CA GLN B 43 -3.51 9.89 4.26
C GLN B 43 -3.44 9.81 5.79
N GLY B 44 -3.21 8.61 6.28
CA GLY B 44 -3.11 8.39 7.71
C GLY B 44 -3.30 6.91 8.05
N GLY B 45 -3.15 6.60 9.33
CA GLY B 45 -3.30 5.24 9.81
C GLY B 45 -2.88 5.11 11.27
N GLY B 46 -1.89 5.92 11.64
CA GLY B 46 -1.38 5.91 13.00
C GLY B 46 0.14 5.98 13.01
N LEU B 47 0.64 7.16 13.41
CA LEU B 47 2.08 7.37 13.47
C LEU B 47 2.70 6.98 12.14
N ASP B 48 2.85 7.98 11.27
CA ASP B 48 3.43 7.75 9.96
C ASP B 48 3.44 9.07 9.19
N VAL B 49 3.35 8.94 7.86
CA VAL B 49 3.34 10.11 7.00
C VAL B 49 4.51 11.02 7.37
N LEU B 50 4.98 11.77 6.39
CA LEU B 50 6.09 12.68 6.60
C LEU B 50 5.55 14.03 7.06
N SER B 51 4.34 14.00 7.61
CA SER B 51 3.70 15.21 8.09
C SER B 51 3.47 16.18 6.93
N LYS B 52 4.55 16.82 6.52
CA LYS B 52 4.48 17.77 5.42
C LYS B 52 3.59 17.20 4.31
N LEU B 53 3.09 18.10 3.47
CA LEU B 53 2.23 17.70 2.37
C LEU B 53 1.05 16.90 2.92
N VAL B 54 0.30 17.54 3.81
CA VAL B 54 -0.85 16.91 4.42
C VAL B 54 -1.57 16.07 3.36
N PRO B 55 -1.29 14.73 3.38
CA PRO B 55 -1.90 13.82 2.45
C PRO B 55 -3.36 13.55 2.82
N ARG B 56 -3.80 14.20 3.88
CA ARG B 56 -5.16 14.04 4.35
C ARG B 56 -5.88 15.39 4.42
N GLY B 57 -5.15 16.38 4.93
CA GLY B 57 -5.69 17.72 5.05
C GLY B 57 -5.87 18.11 6.52
N SER B 58 -4.78 18.53 7.13
CA SER B 58 -4.80 18.93 8.53
C SER B 58 -4.64 17.72 9.42
N LEU B 59 -3.40 17.24 9.50
CA LEU B 59 -3.09 16.08 10.32
C LEU B 59 -2.45 16.54 11.62
N PRO A 1 14.29 -20.37 4.08
CA PRO A 1 12.88 -20.08 4.34
C PRO A 1 12.64 -19.84 5.83
N ASN A 2 11.47 -19.31 6.13
CA ASN A 2 11.10 -19.03 7.51
C ASN A 2 9.73 -18.36 7.54
N ARG A 3 8.75 -19.09 8.02
CA ARG A 3 7.39 -18.59 8.10
C ARG A 3 6.90 -18.13 6.73
N SER A 4 5.58 -18.03 6.60
CA SER A 4 4.98 -17.62 5.35
C SER A 4 3.77 -16.73 5.63
N ILE A 5 2.79 -16.81 4.73
CA ILE A 5 1.58 -16.03 4.86
C ILE A 5 0.52 -16.58 3.90
N SER A 6 -0.73 -16.36 4.29
CA SER A 6 -1.85 -16.83 3.48
C SER A 6 -1.90 -16.06 2.16
N PRO A 7 -2.03 -16.83 1.05
CA PRO A 7 -2.10 -16.24 -0.27
C PRO A 7 -3.46 -15.59 -0.52
N SER A 8 -4.23 -15.47 0.56
CA SER A 8 -5.55 -14.88 0.47
C SER A 8 -5.51 -13.43 0.96
N ALA A 9 -4.37 -13.07 1.55
CA ALA A 9 -4.20 -11.72 2.07
C ALA A 9 -3.75 -10.80 0.92
N LEU A 10 -2.58 -11.11 0.38
CA LEU A 10 -2.04 -10.32 -0.71
C LEU A 10 -3.14 -10.01 -1.72
N GLN A 11 -4.06 -10.96 -1.86
CA GLN A 11 -5.17 -10.80 -2.78
C GLN A 11 -6.13 -9.73 -2.27
N ASP A 12 -6.34 -9.73 -0.97
CA ASP A 12 -7.23 -8.76 -0.35
C ASP A 12 -6.56 -7.38 -0.37
N LEU A 13 -5.24 -7.40 -0.33
CA LEU A 13 -4.47 -6.16 -0.34
C LEU A 13 -4.71 -5.44 -1.66
N LEU A 14 -4.27 -6.07 -2.74
CA LEU A 14 -4.42 -5.49 -4.06
C LEU A 14 -5.90 -5.24 -4.33
N ARG A 15 -6.73 -6.09 -3.74
CA ARG A 15 -8.17 -5.96 -3.91
C ARG A 15 -8.71 -4.81 -3.06
N THR A 16 -7.93 -4.45 -2.06
CA THR A 16 -8.32 -3.37 -1.16
C THR A 16 -8.08 -2.02 -1.84
N LEU A 17 -6.87 -1.85 -2.36
CA LEU A 17 -6.51 -0.61 -3.03
C LEU A 17 -7.61 -0.25 -4.04
N LYS A 18 -8.27 -1.27 -4.54
CA LYS A 18 -9.34 -1.08 -5.51
C LYS A 18 -10.35 -0.07 -4.95
N SER A 19 -10.53 -0.14 -3.65
CA SER A 19 -11.47 0.75 -2.98
C SER A 19 -11.15 2.20 -3.35
N PRO A 20 -11.86 3.14 -2.66
CA PRO A 20 -11.67 4.55 -2.90
C PRO A 20 -10.35 5.05 -2.29
N SER A 21 -10.00 4.44 -1.16
CA SER A 21 -8.78 4.80 -0.46
C SER A 21 -9.03 5.99 0.46
N SER A 22 -9.70 5.70 1.57
CA SER A 22 -10.01 6.73 2.54
C SER A 22 -10.96 6.17 3.62
N PRO A 23 -12.16 5.74 3.16
CA PRO A 23 -13.15 5.19 4.06
C PRO A 23 -12.76 3.77 4.49
N GLN A 24 -13.31 2.80 3.77
CA GLN A 24 -13.05 1.41 4.07
C GLN A 24 -11.54 1.13 3.97
N GLN A 25 -10.98 1.50 2.83
CA GLN A 25 -9.56 1.30 2.59
C GLN A 25 -8.80 1.31 3.91
N GLN A 26 -8.86 2.45 4.59
CA GLN A 26 -8.18 2.61 5.87
C GLN A 26 -8.34 1.34 6.70
N GLN A 27 -9.57 0.87 6.81
CA GLN A 27 -9.86 -0.32 7.58
C GLN A 27 -9.41 -1.57 6.81
N GLN A 28 -9.46 -1.46 5.49
CA GLN A 28 -9.06 -2.57 4.64
C GLN A 28 -7.56 -2.84 4.79
N VAL A 29 -6.78 -1.77 4.61
CA VAL A 29 -5.34 -1.87 4.72
C VAL A 29 -4.97 -2.39 6.11
N LEU A 30 -5.47 -1.68 7.12
CA LEU A 30 -5.21 -2.05 8.50
C LEU A 30 -5.76 -3.45 8.76
N ASN A 31 -6.87 -3.75 8.11
CA ASN A 31 -7.51 -5.05 8.26
C ASN A 31 -6.53 -6.15 7.81
N ILE A 32 -6.28 -6.17 6.52
CA ILE A 32 -5.37 -7.16 5.95
C ILE A 32 -4.02 -7.08 6.67
N LEU A 33 -3.51 -5.86 6.75
CA LEU A 33 -2.23 -5.62 7.39
C LEU A 33 -2.24 -6.26 8.78
N LYS A 34 -3.44 -6.32 9.36
CA LYS A 34 -3.60 -6.91 10.68
C LYS A 34 -3.93 -8.40 10.54
N SER A 35 -4.57 -8.73 9.43
CA SER A 35 -4.95 -10.10 9.16
C SER A 35 -3.75 -10.87 8.62
N ASN A 36 -2.69 -10.13 8.31
CA ASN A 36 -1.48 -10.73 7.78
C ASN A 36 -0.31 -9.78 7.99
N PRO A 37 0.59 -10.16 8.94
CA PRO A 37 1.75 -9.35 9.25
C PRO A 37 2.80 -9.47 8.15
N GLN A 38 3.36 -10.66 8.02
CA GLN A 38 4.37 -10.91 7.01
C GLN A 38 3.94 -10.36 5.66
N LEU A 39 2.63 -10.20 5.52
CA LEU A 39 2.07 -9.68 4.28
C LEU A 39 2.21 -8.16 4.27
N MET A 40 1.78 -7.54 5.36
CA MET A 40 1.85 -6.10 5.49
C MET A 40 3.25 -5.59 5.14
N ALA A 41 4.23 -6.48 5.29
CA ALA A 41 5.61 -6.13 5.00
C ALA A 41 5.70 -5.59 3.58
N ALA A 42 4.88 -6.16 2.71
CA ALA A 42 4.87 -5.74 1.31
C ALA A 42 4.30 -4.31 1.22
N PHE A 43 3.05 -4.18 1.66
CA PHE A 43 2.39 -2.89 1.63
C PHE A 43 3.14 -1.86 2.48
N ILE A 44 3.35 -2.23 3.74
CA ILE A 44 4.06 -1.35 4.66
C ILE A 44 5.26 -0.73 3.95
N LYS A 45 6.03 -1.60 3.29
CA LYS A 45 7.22 -1.16 2.58
C LYS A 45 6.80 -0.18 1.48
N GLN A 46 5.69 -0.52 0.82
CA GLN A 46 5.18 0.33 -0.26
C GLN A 46 4.82 1.71 0.28
N ARG A 47 4.18 1.71 1.45
CA ARG A 47 3.78 2.96 2.07
C ARG A 47 5.01 3.76 2.51
N THR A 48 5.88 3.07 3.23
CA THR A 48 7.10 3.70 3.72
C THR A 48 8.00 4.12 2.55
N ALA A 49 7.86 3.39 1.45
CA ALA A 49 8.65 3.67 0.26
C ALA A 49 8.34 5.08 -0.23
N LYS A 50 7.33 5.68 0.39
CA LYS A 50 6.92 7.02 0.03
C LYS A 50 7.62 8.03 0.94
N TYR A 51 7.80 7.62 2.19
CA TYR A 51 8.45 8.48 3.17
C TYR A 51 9.94 8.14 3.27
N VAL A 52 10.24 6.86 3.25
CA VAL A 52 11.62 6.41 3.34
C VAL A 52 12.45 7.11 2.27
N ALA A 53 11.79 7.39 1.15
CA ALA A 53 12.46 8.05 0.04
C ALA A 53 12.85 9.47 0.46
N ASN A 54 12.19 9.95 1.51
CA ASN A 54 12.45 11.28 2.02
C ASN A 54 13.17 11.17 3.37
N GLN A 55 12.81 10.14 4.11
CA GLN A 55 13.41 9.92 5.42
C GLN A 55 14.21 8.62 5.42
N PRO A 56 15.54 8.77 5.12
CA PRO A 56 16.43 7.62 5.07
C PRO A 56 16.76 7.13 6.48
N GLY A 57 15.93 6.23 6.97
CA GLY A 57 16.13 5.68 8.30
C GLY A 57 16.30 4.15 8.25
N MET A 58 17.33 3.74 7.52
CA MET A 58 17.63 2.32 7.37
C MET A 58 19.09 2.10 7.01
N PRO B 1 -3.39 -5.35 -16.29
CA PRO B 1 -3.67 -6.56 -15.54
C PRO B 1 -2.58 -6.83 -14.50
N THR B 2 -2.82 -7.86 -13.69
CA THR B 2 -1.86 -8.23 -12.66
C THR B 2 -0.56 -8.72 -13.29
N THR B 3 0.27 -9.33 -12.45
CA THR B 3 1.54 -9.86 -12.90
C THR B 3 1.91 -11.12 -12.12
N VAL B 4 2.20 -12.18 -12.88
CA VAL B 4 2.56 -13.44 -12.27
C VAL B 4 1.68 -13.70 -11.04
N GLU B 5 2.33 -13.67 -9.89
CA GLU B 5 1.61 -13.89 -8.64
C GLU B 5 1.27 -15.36 -8.47
N GLY B 6 1.50 -15.86 -7.26
CA GLY B 6 1.22 -17.26 -6.96
C GLY B 6 2.20 -18.18 -7.70
N ARG B 7 2.22 -18.05 -9.01
CA ARG B 7 3.10 -18.86 -9.83
C ARG B 7 4.51 -18.91 -9.22
N ASN B 8 5.09 -17.72 -9.07
CA ASN B 8 6.43 -17.61 -8.51
C ASN B 8 6.37 -17.94 -7.02
N ASP B 9 5.76 -17.04 -6.27
CA ASP B 9 5.63 -17.23 -4.83
C ASP B 9 5.08 -15.95 -4.20
N GLU B 10 5.03 -15.95 -2.88
CA GLU B 10 4.52 -14.80 -2.15
C GLU B 10 5.02 -13.50 -2.79
N LYS B 11 6.33 -13.37 -2.85
CA LYS B 11 6.94 -12.19 -3.43
C LYS B 11 6.19 -11.81 -4.71
N ALA B 12 5.87 -12.83 -5.49
CA ALA B 12 5.15 -12.63 -6.74
C ALA B 12 3.84 -11.89 -6.45
N LEU B 13 3.19 -12.30 -5.37
CA LEU B 13 1.93 -11.69 -4.98
C LEU B 13 2.16 -10.21 -4.65
N LEU B 14 3.33 -9.95 -4.08
CA LEU B 14 3.68 -8.59 -3.72
C LEU B 14 4.18 -7.83 -4.96
N GLU B 15 4.73 -8.60 -5.89
CA GLU B 15 5.24 -8.04 -7.12
C GLU B 15 4.11 -7.40 -7.92
N GLN B 16 2.98 -8.09 -7.96
CA GLN B 16 1.82 -7.61 -8.69
C GLN B 16 1.15 -6.47 -7.91
N LEU B 17 0.97 -6.70 -6.62
CA LEU B 17 0.35 -5.70 -5.77
C LEU B 17 1.25 -4.46 -5.70
N VAL B 18 2.51 -4.71 -5.42
CA VAL B 18 3.48 -3.62 -5.32
C VAL B 18 3.51 -2.85 -6.64
N SER B 19 3.74 -3.60 -7.72
CA SER B 19 3.79 -3.00 -9.04
C SER B 19 2.53 -2.18 -9.30
N PHE B 20 1.40 -2.76 -8.92
CA PHE B 20 0.12 -2.10 -9.10
C PHE B 20 0.02 -0.84 -8.23
N LEU B 21 0.71 -0.89 -7.11
CA LEU B 21 0.70 0.23 -6.18
C LEU B 21 1.52 1.38 -6.79
N SER B 22 2.70 1.02 -7.28
CA SER B 22 3.58 2.01 -7.89
C SER B 22 2.83 2.79 -8.97
N GLY B 23 2.23 2.05 -9.88
CA GLY B 23 1.48 2.66 -10.97
C GLY B 23 0.03 2.92 -10.56
N LYS B 24 -0.12 3.45 -9.35
CA LYS B 24 -1.44 3.75 -8.83
C LYS B 24 -2.29 4.38 -9.93
N ASP B 25 -3.46 3.80 -10.14
CA ASP B 25 -4.37 4.29 -11.16
C ASP B 25 -5.18 5.46 -10.60
N GLU B 26 -5.56 5.31 -9.33
CA GLU B 26 -6.33 6.35 -8.66
C GLU B 26 -5.72 7.73 -8.93
N THR B 27 -4.44 7.72 -9.23
CA THR B 27 -3.72 8.96 -9.51
C THR B 27 -4.44 9.75 -10.62
N GLU B 28 -5.13 9.00 -11.48
CA GLU B 28 -5.86 9.61 -12.57
C GLU B 28 -6.83 10.67 -12.05
N LEU B 29 -7.30 10.43 -10.83
CA LEU B 29 -8.23 11.35 -10.20
C LEU B 29 -7.46 12.41 -9.42
N ALA B 30 -6.60 11.92 -8.53
CA ALA B 30 -5.80 12.81 -7.71
C ALA B 30 -4.60 13.30 -8.53
N GLU B 31 -4.91 13.84 -9.69
CA GLU B 31 -3.87 14.36 -10.58
C GLU B 31 -2.90 15.24 -9.79
N LEU B 32 -3.39 15.76 -8.67
CA LEU B 32 -2.58 16.63 -7.83
C LEU B 32 -1.68 15.76 -6.94
N ASP B 33 -2.31 14.82 -6.26
CA ASP B 33 -1.58 13.92 -5.38
C ASP B 33 -0.70 13.00 -6.21
N ARG B 34 -1.00 12.95 -7.50
CA ARG B 34 -0.25 12.10 -8.41
C ARG B 34 1.24 12.14 -8.06
N ALA B 35 1.66 13.26 -7.51
CA ALA B 35 3.05 13.43 -7.12
C ALA B 35 3.55 12.14 -6.46
N LEU B 36 2.92 11.80 -5.34
CA LEU B 36 3.29 10.60 -4.60
C LEU B 36 2.60 9.40 -5.23
N GLY B 37 1.44 9.66 -5.82
CA GLY B 37 0.67 8.60 -6.47
C GLY B 37 0.06 7.66 -5.42
N ILE B 38 0.30 7.98 -4.16
CA ILE B 38 -0.22 7.18 -3.07
C ILE B 38 -0.34 8.04 -1.82
N ASP B 39 -0.39 9.36 -2.05
CA ASP B 39 -0.50 10.30 -0.95
C ASP B 39 -1.79 10.03 -0.18
N LYS B 40 -2.66 9.24 -0.80
CA LYS B 40 -3.94 8.90 -0.20
C LYS B 40 -3.74 7.71 0.75
N LEU B 41 -2.70 6.94 0.48
CA LEU B 41 -2.39 5.78 1.29
C LEU B 41 -1.60 6.23 2.52
N VAL B 42 -0.92 7.35 2.38
CA VAL B 42 -0.13 7.89 3.47
C VAL B 42 -0.92 9.00 4.18
N GLN B 43 -2.08 9.29 3.62
CA GLN B 43 -2.95 10.33 4.18
C GLN B 43 -2.78 10.38 5.70
N GLY B 44 -2.67 9.21 6.31
CA GLY B 44 -2.51 9.11 7.75
C GLY B 44 -3.30 7.93 8.30
N GLY B 45 -3.64 8.04 9.58
CA GLY B 45 -4.39 7.00 10.25
C GLY B 45 -4.45 7.24 11.76
N GLY B 46 -4.66 8.49 12.11
CA GLY B 46 -4.75 8.88 13.51
C GLY B 46 -3.66 9.89 13.87
N LEU B 47 -3.29 10.70 12.88
CA LEU B 47 -2.26 11.71 13.08
C LEU B 47 -0.92 11.02 13.31
N ASP B 48 -0.29 10.61 12.22
CA ASP B 48 0.99 9.94 12.30
C ASP B 48 1.40 9.45 10.91
N VAL B 49 2.03 10.36 10.16
CA VAL B 49 2.47 10.03 8.81
C VAL B 49 3.99 10.08 8.76
N LEU B 50 4.50 11.06 8.02
CA LEU B 50 5.93 11.22 7.87
C LEU B 50 6.29 12.71 8.00
N SER B 51 5.40 13.44 8.66
CA SER B 51 5.60 14.86 8.86
C SER B 51 6.25 15.48 7.62
N LYS B 52 5.65 15.21 6.47
CA LYS B 52 6.16 15.72 5.21
C LYS B 52 5.04 15.71 4.17
N LEU B 53 5.01 16.76 3.37
CA LEU B 53 4.01 16.89 2.33
C LEU B 53 2.66 16.41 2.87
N VAL B 54 2.04 17.26 3.67
CA VAL B 54 0.76 16.94 4.27
C VAL B 54 -0.08 16.16 3.25
N PRO B 55 -0.07 14.82 3.41
CA PRO B 55 -0.82 13.95 2.52
C PRO B 55 -2.33 14.01 2.83
N ARG B 56 -2.61 14.34 4.08
CA ARG B 56 -4.00 14.43 4.52
C ARG B 56 -4.54 15.83 4.25
N GLY B 57 -3.65 16.80 4.31
CA GLY B 57 -4.03 18.19 4.09
C GLY B 57 -3.47 19.10 5.18
N SER B 58 -3.92 18.85 6.40
CA SER B 58 -3.47 19.65 7.53
C SER B 58 -3.25 18.74 8.75
N LEU B 59 -2.02 18.26 8.87
CA LEU B 59 -1.65 17.39 9.98
C LEU B 59 -0.77 18.16 10.97
N PRO A 1 1.84 -22.66 12.66
CA PRO A 1 3.09 -22.93 13.36
C PRO A 1 4.29 -22.52 12.51
N ASN A 2 4.35 -23.10 11.32
CA ASN A 2 5.45 -22.81 10.40
C ASN A 2 4.87 -22.52 9.01
N ARG A 3 4.68 -21.24 8.74
CA ARG A 3 4.14 -20.83 7.46
C ARG A 3 4.45 -19.36 7.20
N SER A 4 4.67 -19.04 5.94
CA SER A 4 4.98 -17.67 5.55
C SER A 4 3.77 -16.77 5.82
N ILE A 5 2.86 -16.77 4.86
CA ILE A 5 1.66 -15.96 4.97
C ILE A 5 0.58 -16.52 4.04
N SER A 6 -0.67 -16.31 4.43
CA SER A 6 -1.80 -16.78 3.65
C SER A 6 -1.85 -16.05 2.31
N PRO A 7 -1.96 -16.83 1.21
CA PRO A 7 -2.02 -16.26 -0.12
C PRO A 7 -3.40 -15.64 -0.38
N SER A 8 -4.14 -15.46 0.69
CA SER A 8 -5.48 -14.88 0.58
C SER A 8 -5.45 -13.42 1.02
N ALA A 9 -4.33 -13.03 1.61
CA ALA A 9 -4.15 -11.67 2.08
C ALA A 9 -3.71 -10.79 0.90
N LEU A 10 -2.54 -11.11 0.37
CA LEU A 10 -2.00 -10.36 -0.75
C LEU A 10 -3.11 -10.09 -1.77
N GLN A 11 -4.01 -11.05 -1.87
CA GLN A 11 -5.12 -10.94 -2.80
C GLN A 11 -6.13 -9.91 -2.30
N ASP A 12 -6.36 -9.94 -0.99
CA ASP A 12 -7.29 -9.01 -0.37
C ASP A 12 -6.67 -7.61 -0.35
N LEU A 13 -5.35 -7.58 -0.29
CA LEU A 13 -4.63 -6.33 -0.25
C LEU A 13 -4.82 -5.60 -1.59
N LEU A 14 -4.30 -6.21 -2.64
CA LEU A 14 -4.41 -5.64 -3.97
C LEU A 14 -5.87 -5.30 -4.25
N ARG A 15 -6.74 -6.23 -3.88
CA ARG A 15 -8.17 -6.03 -4.09
C ARG A 15 -8.69 -4.88 -3.24
N THR A 16 -8.03 -4.68 -2.11
CA THR A 16 -8.40 -3.61 -1.20
C THR A 16 -8.03 -2.25 -1.79
N LEU A 17 -6.83 -2.18 -2.32
CA LEU A 17 -6.34 -0.95 -2.92
C LEU A 17 -7.31 -0.50 -4.02
N LYS A 18 -7.96 -1.48 -4.62
CA LYS A 18 -8.91 -1.20 -5.69
C LYS A 18 -9.93 -0.18 -5.19
N SER A 19 -10.15 -0.19 -3.88
CA SER A 19 -11.09 0.73 -3.26
C SER A 19 -10.74 2.17 -3.64
N PRO A 20 -11.43 3.13 -2.97
CA PRO A 20 -11.20 4.54 -3.22
C PRO A 20 -9.88 5.00 -2.60
N SER A 21 -9.56 4.40 -1.46
CA SER A 21 -8.33 4.74 -0.76
C SER A 21 -8.55 6.00 0.09
N SER A 22 -9.03 5.77 1.30
CA SER A 22 -9.28 6.87 2.22
C SER A 22 -10.26 6.42 3.32
N PRO A 23 -11.49 6.05 2.88
CA PRO A 23 -12.52 5.61 3.81
C PRO A 23 -12.23 4.19 4.29
N GLN A 24 -12.88 3.23 3.63
CA GLN A 24 -12.71 1.83 3.99
C GLN A 24 -11.24 1.42 3.80
N GLN A 25 -10.73 1.72 2.62
CA GLN A 25 -9.34 1.38 2.30
C GLN A 25 -8.49 1.39 3.57
N GLN A 26 -8.42 2.56 4.18
CA GLN A 26 -7.64 2.73 5.41
C GLN A 26 -7.83 1.51 6.32
N GLN A 27 -9.09 1.17 6.54
CA GLN A 27 -9.42 0.03 7.39
C GLN A 27 -9.13 -1.28 6.66
N GLN A 28 -9.21 -1.22 5.34
CA GLN A 28 -8.96 -2.38 4.51
C GLN A 28 -7.49 -2.81 4.63
N VAL A 29 -6.61 -1.83 4.47
CA VAL A 29 -5.19 -2.09 4.57
C VAL A 29 -4.84 -2.57 5.98
N LEU A 30 -5.25 -1.76 6.96
CA LEU A 30 -4.99 -2.09 8.35
C LEU A 30 -5.63 -3.44 8.68
N ASN A 31 -6.83 -3.63 8.13
CA ASN A 31 -7.55 -4.87 8.37
C ASN A 31 -6.66 -6.06 7.99
N ILE A 32 -6.41 -6.19 6.70
CA ILE A 32 -5.57 -7.27 6.20
C ILE A 32 -4.21 -7.20 6.88
N LEU A 33 -3.58 -6.05 6.76
CA LEU A 33 -2.26 -5.85 7.36
C LEU A 33 -2.25 -6.45 8.77
N LYS A 34 -3.42 -6.46 9.38
CA LYS A 34 -3.56 -7.01 10.72
C LYS A 34 -3.79 -8.52 10.63
N SER A 35 -4.61 -8.91 9.67
CA SER A 35 -4.92 -10.32 9.47
C SER A 35 -3.74 -11.02 8.80
N ASN A 36 -2.72 -10.23 8.49
CA ASN A 36 -1.54 -10.76 7.85
C ASN A 36 -0.38 -9.77 8.03
N PRO A 37 0.58 -10.18 8.90
CA PRO A 37 1.75 -9.34 9.18
C PRO A 37 2.73 -9.39 8.01
N GLN A 38 3.18 -10.60 7.69
CA GLN A 38 4.12 -10.77 6.60
C GLN A 38 3.66 -10.01 5.36
N LEU A 39 2.35 -9.87 5.24
CA LEU A 39 1.76 -9.16 4.11
C LEU A 39 1.92 -7.66 4.33
N MET A 40 1.80 -7.26 5.58
CA MET A 40 1.92 -5.85 5.93
C MET A 40 3.34 -5.34 5.66
N ALA A 41 4.30 -6.22 5.84
CA ALA A 41 5.69 -5.87 5.62
C ALA A 41 5.86 -5.38 4.18
N ALA A 42 5.14 -6.03 3.28
CA ALA A 42 5.20 -5.66 1.86
C ALA A 42 4.55 -4.29 1.67
N PHE A 43 3.28 -4.23 2.00
CA PHE A 43 2.53 -2.98 1.87
C PHE A 43 3.23 -1.84 2.61
N ILE A 44 3.47 -2.08 3.90
CA ILE A 44 4.12 -1.08 4.73
C ILE A 44 5.38 -0.58 4.03
N LYS A 45 6.11 -1.52 3.44
CA LYS A 45 7.33 -1.19 2.73
C LYS A 45 6.99 -0.26 1.55
N GLN A 46 5.84 -0.51 0.96
CA GLN A 46 5.39 0.29 -0.17
C GLN A 46 4.99 1.69 0.29
N ARG A 47 4.31 1.72 1.44
CA ARG A 47 3.85 2.99 1.99
C ARG A 47 5.05 3.83 2.45
N THR A 48 5.91 3.18 3.23
CA THR A 48 7.10 3.85 3.74
C THR A 48 8.05 4.21 2.60
N ALA A 49 7.95 3.43 1.53
CA ALA A 49 8.80 3.65 0.37
C ALA A 49 8.49 5.03 -0.23
N LYS A 50 7.43 5.63 0.29
CA LYS A 50 7.02 6.94 -0.17
C LYS A 50 7.66 8.01 0.71
N TYR A 51 8.00 7.61 1.92
CA TYR A 51 8.62 8.52 2.87
C TYR A 51 10.10 8.19 3.06
N VAL A 52 10.37 6.89 3.21
CA VAL A 52 11.74 6.44 3.39
C VAL A 52 12.61 6.97 2.27
N ALA A 53 11.97 7.27 1.14
CA ALA A 53 12.68 7.78 -0.01
C ALA A 53 12.83 9.29 0.12
N ASN A 54 12.49 9.79 1.30
CA ASN A 54 12.58 11.22 1.58
C ASN A 54 13.19 11.43 2.96
N GLN A 55 12.67 10.68 3.92
CA GLN A 55 13.16 10.78 5.28
C GLN A 55 14.31 9.81 5.51
N PRO A 56 15.51 10.40 5.75
CA PRO A 56 16.71 9.60 5.98
C PRO A 56 16.70 8.98 7.38
N GLY A 57 17.06 7.71 7.43
CA GLY A 57 17.09 6.99 8.70
C GLY A 57 16.19 5.76 8.65
N MET A 58 16.69 4.72 8.01
CA MET A 58 15.94 3.48 7.88
C MET A 58 15.52 2.95 9.25
N PRO B 1 -4.33 -7.06 -15.53
CA PRO B 1 -4.26 -8.38 -14.92
C PRO B 1 -2.85 -8.69 -14.43
N THR B 2 -2.55 -8.20 -13.24
CA THR B 2 -1.24 -8.41 -12.65
C THR B 2 -0.14 -8.17 -13.68
N THR B 3 1.07 -8.57 -13.32
CA THR B 3 2.21 -8.40 -14.21
C THR B 3 3.31 -9.41 -13.86
N VAL B 4 2.95 -10.68 -13.98
CA VAL B 4 3.90 -11.74 -13.69
C VAL B 4 3.28 -13.09 -14.08
N GLU B 5 2.46 -13.05 -15.11
CA GLU B 5 1.80 -14.25 -15.60
C GLU B 5 2.80 -15.39 -15.72
N GLY B 6 2.45 -16.52 -15.11
CA GLY B 6 3.32 -17.69 -15.13
C GLY B 6 4.35 -17.64 -14.00
N ARG B 7 4.65 -16.42 -13.57
CA ARG B 7 5.61 -16.22 -12.50
C ARG B 7 4.89 -16.06 -11.16
N ASN B 8 3.57 -15.99 -11.24
CA ASN B 8 2.75 -15.84 -10.04
C ASN B 8 3.39 -16.64 -8.90
N ASP B 9 3.06 -16.23 -7.69
CA ASP B 9 3.58 -16.89 -6.50
C ASP B 9 3.55 -15.92 -5.32
N GLU B 10 3.67 -16.48 -4.13
CA GLU B 10 3.64 -15.68 -2.91
C GLU B 10 4.36 -14.36 -3.14
N LYS B 11 5.64 -14.47 -3.48
CA LYS B 11 6.45 -13.29 -3.72
C LYS B 11 5.90 -12.54 -4.94
N ALA B 12 5.30 -13.30 -5.83
CA ALA B 12 4.72 -12.72 -7.04
C ALA B 12 3.42 -11.99 -6.68
N LEU B 13 2.73 -12.54 -5.69
CA LEU B 13 1.48 -11.95 -5.25
C LEU B 13 1.72 -10.52 -4.78
N LEU B 14 2.56 -10.39 -3.76
CA LEU B 14 2.89 -9.10 -3.21
C LEU B 14 3.54 -8.24 -4.30
N GLU B 15 4.53 -8.82 -4.95
CA GLU B 15 5.25 -8.13 -6.02
C GLU B 15 4.25 -7.42 -6.94
N GLN B 16 3.17 -8.11 -7.24
CA GLN B 16 2.14 -7.57 -8.11
C GLN B 16 1.44 -6.39 -7.43
N LEU B 17 1.17 -6.56 -6.15
CA LEU B 17 0.50 -5.53 -5.37
C LEU B 17 1.42 -4.31 -5.27
N VAL B 18 2.61 -4.55 -4.73
CA VAL B 18 3.58 -3.48 -4.57
C VAL B 18 3.87 -2.85 -5.93
N SER B 19 3.96 -3.71 -6.93
CA SER B 19 4.24 -3.24 -8.28
C SER B 19 3.08 -2.38 -8.79
N PHE B 20 1.87 -2.83 -8.48
CA PHE B 20 0.68 -2.11 -8.89
C PHE B 20 0.51 -0.82 -8.09
N LEU B 21 1.00 -0.87 -6.85
CA LEU B 21 0.91 0.29 -5.97
C LEU B 21 1.79 1.41 -6.52
N SER B 22 2.99 1.02 -6.92
CA SER B 22 3.95 1.98 -7.46
C SER B 22 3.30 2.80 -8.58
N GLY B 23 2.76 2.08 -9.56
CA GLY B 23 2.11 2.73 -10.68
C GLY B 23 0.62 2.99 -10.39
N LYS B 24 0.38 3.58 -9.22
CA LYS B 24 -0.97 3.88 -8.81
C LYS B 24 -1.73 4.51 -9.99
N ASP B 25 -2.83 3.85 -10.36
CA ASP B 25 -3.64 4.33 -11.46
C ASP B 25 -4.56 5.44 -10.95
N GLU B 26 -4.94 5.34 -9.69
CA GLU B 26 -5.81 6.32 -9.08
C GLU B 26 -5.25 7.73 -9.30
N THR B 27 -3.95 7.79 -9.50
CA THR B 27 -3.28 9.06 -9.71
C THR B 27 -3.93 9.81 -10.87
N GLU B 28 -4.52 9.04 -11.78
CA GLU B 28 -5.18 9.62 -12.94
C GLU B 28 -6.38 10.46 -12.50
N LEU B 29 -7.15 9.90 -11.59
CA LEU B 29 -8.33 10.57 -11.08
C LEU B 29 -7.90 11.65 -10.08
N ALA B 30 -7.13 11.23 -9.09
CA ALA B 30 -6.65 12.14 -8.08
C ALA B 30 -5.45 12.94 -8.63
N GLU B 31 -5.68 13.55 -9.77
CA GLU B 31 -4.64 14.34 -10.41
C GLU B 31 -3.99 15.28 -9.39
N LEU B 32 -4.73 15.57 -8.35
CA LEU B 32 -4.25 16.46 -7.30
C LEU B 32 -3.27 15.69 -6.40
N ASP B 33 -3.73 14.54 -5.93
CA ASP B 33 -2.91 13.70 -5.07
C ASP B 33 -1.72 13.16 -5.86
N ARG B 34 -1.82 13.29 -7.18
CA ARG B 34 -0.76 12.82 -8.06
C ARG B 34 0.60 13.24 -7.51
N ALA B 35 0.59 14.30 -6.72
CA ALA B 35 1.82 14.80 -6.13
C ALA B 35 2.70 13.62 -5.71
N LEU B 36 2.17 12.83 -4.78
CA LEU B 36 2.90 11.67 -4.29
C LEU B 36 2.43 10.43 -5.04
N GLY B 37 1.25 10.54 -5.63
CA GLY B 37 0.67 9.43 -6.38
C GLY B 37 -0.09 8.48 -5.46
N ILE B 38 0.45 8.31 -4.26
CA ILE B 38 -0.16 7.44 -3.28
C ILE B 38 -0.41 8.21 -1.99
N ASP B 39 -0.47 9.53 -2.13
CA ASP B 39 -0.69 10.40 -0.99
C ASP B 39 -1.95 9.93 -0.25
N LYS B 40 -2.81 9.25 -0.98
CA LYS B 40 -4.05 8.75 -0.41
C LYS B 40 -3.74 7.58 0.52
N LEU B 41 -2.61 6.92 0.24
CA LEU B 41 -2.19 5.79 1.03
C LEU B 41 -1.42 6.28 2.26
N VAL B 42 -0.81 7.45 2.10
CA VAL B 42 -0.04 8.04 3.18
C VAL B 42 -0.99 8.76 4.14
N GLN B 43 -2.22 8.95 3.68
CA GLN B 43 -3.23 9.62 4.48
C GLN B 43 -3.00 9.34 5.97
N GLY B 44 -2.71 8.08 6.27
CA GLY B 44 -2.46 7.67 7.63
C GLY B 44 -2.19 6.17 7.72
N GLY B 45 -1.92 5.72 8.94
CA GLY B 45 -1.65 4.31 9.17
C GLY B 45 -1.57 4.01 10.66
N GLY B 46 -0.40 4.28 11.23
CA GLY B 46 -0.19 4.04 12.64
C GLY B 46 0.18 5.33 13.37
N LEU B 47 1.46 5.68 13.30
CA LEU B 47 1.95 6.89 13.95
C LEU B 47 2.01 8.02 12.92
N ASP B 48 0.90 8.76 12.83
CA ASP B 48 0.82 9.87 11.90
C ASP B 48 1.43 9.44 10.55
N VAL B 49 1.90 10.44 9.82
CA VAL B 49 2.50 10.18 8.51
C VAL B 49 3.42 11.35 8.15
N LEU B 50 4.71 11.11 8.30
CA LEU B 50 5.70 12.13 7.99
C LEU B 50 5.16 13.50 8.41
N SER B 51 4.74 14.27 7.41
CA SER B 51 4.20 15.59 7.67
C SER B 51 4.01 16.34 6.34
N LYS B 52 5.13 16.61 5.68
CA LYS B 52 5.10 17.31 4.41
C LYS B 52 3.96 16.75 3.55
N LEU B 53 3.47 17.60 2.66
CA LEU B 53 2.39 17.21 1.77
C LEU B 53 1.39 16.35 2.55
N VAL B 54 0.92 16.90 3.67
CA VAL B 54 -0.05 16.20 4.50
C VAL B 54 -1.03 15.44 3.61
N PRO B 55 -0.90 14.08 3.63
CA PRO B 55 -1.77 13.23 2.84
C PRO B 55 -3.16 13.15 3.46
N ARG B 56 -3.31 13.78 4.60
CA ARG B 56 -4.59 13.79 5.31
C ARG B 56 -5.11 15.22 5.45
N GLY B 57 -4.21 16.11 5.85
CA GLY B 57 -4.57 17.51 6.03
C GLY B 57 -4.26 17.98 7.45
N SER B 58 -3.04 18.46 7.62
CA SER B 58 -2.61 18.94 8.93
C SER B 58 -2.23 17.76 9.82
N LEU B 59 -1.15 17.08 9.45
CA LEU B 59 -0.68 15.93 10.20
C LEU B 59 0.51 16.35 11.06
N PRO A 1 7.13 -12.31 12.56
CA PRO A 1 7.28 -13.07 11.33
C PRO A 1 6.62 -14.44 11.46
N ASN A 2 6.11 -14.92 10.32
CA ASN A 2 5.45 -16.21 10.29
C ASN A 2 5.70 -16.87 8.93
N ARG A 3 5.75 -18.20 8.96
CA ARG A 3 5.99 -18.96 7.74
C ARG A 3 5.14 -18.41 6.60
N SER A 4 5.82 -17.85 5.62
CA SER A 4 5.14 -17.28 4.46
C SER A 4 3.93 -16.47 4.91
N ILE A 5 3.01 -16.29 3.98
CA ILE A 5 1.80 -15.54 4.27
C ILE A 5 0.67 -16.05 3.37
N SER A 6 -0.56 -15.85 3.86
CA SER A 6 -1.73 -16.28 3.12
C SER A 6 -1.70 -15.72 1.70
N PRO A 7 -2.14 -16.56 0.73
CA PRO A 7 -2.17 -16.16 -0.66
C PRO A 7 -3.31 -15.17 -0.94
N SER A 8 -4.53 -15.71 -0.95
CA SER A 8 -5.70 -14.90 -1.19
C SER A 8 -5.50 -13.50 -0.60
N ALA A 9 -4.95 -13.48 0.60
CA ALA A 9 -4.70 -12.22 1.28
C ALA A 9 -4.23 -11.18 0.26
N LEU A 10 -3.36 -11.63 -0.63
CA LEU A 10 -2.82 -10.76 -1.66
C LEU A 10 -3.97 -10.08 -2.41
N GLN A 11 -4.93 -10.90 -2.81
CA GLN A 11 -6.08 -10.41 -3.53
C GLN A 11 -6.82 -9.35 -2.70
N ASP A 12 -6.86 -9.59 -1.40
CA ASP A 12 -7.53 -8.68 -0.49
C ASP A 12 -6.70 -7.39 -0.38
N LEU A 13 -5.38 -7.56 -0.43
CA LEU A 13 -4.47 -6.44 -0.34
C LEU A 13 -4.63 -5.54 -1.57
N LEU A 14 -4.23 -6.09 -2.71
CA LEU A 14 -4.33 -5.36 -3.96
C LEU A 14 -5.75 -4.82 -4.12
N ARG A 15 -6.70 -5.58 -3.58
CA ARG A 15 -8.09 -5.19 -3.67
C ARG A 15 -8.39 -4.06 -2.67
N THR A 16 -7.65 -4.07 -1.58
CA THR A 16 -7.82 -3.06 -0.55
C THR A 16 -7.40 -1.69 -1.08
N LEU A 17 -6.34 -1.69 -1.87
CA LEU A 17 -5.82 -0.45 -2.44
C LEU A 17 -6.83 0.08 -3.46
N LYS A 18 -7.54 -0.84 -4.10
CA LYS A 18 -8.52 -0.49 -5.10
C LYS A 18 -9.49 0.54 -4.50
N SER A 19 -9.77 0.37 -3.22
CA SER A 19 -10.67 1.28 -2.52
C SER A 19 -10.26 2.73 -2.78
N PRO A 20 -11.03 3.66 -2.16
CA PRO A 20 -10.76 5.08 -2.32
C PRO A 20 -9.53 5.50 -1.50
N SER A 21 -9.38 4.85 -0.35
CA SER A 21 -8.26 5.14 0.53
C SER A 21 -8.63 6.28 1.48
N SER A 22 -9.28 5.89 2.57
CA SER A 22 -9.70 6.86 3.58
C SER A 22 -10.78 6.26 4.47
N PRO A 23 -11.91 5.88 3.84
CA PRO A 23 -13.02 5.29 4.56
C PRO A 23 -12.72 3.84 4.94
N GLN A 24 -13.37 2.93 4.23
CA GLN A 24 -13.17 1.51 4.48
C GLN A 24 -11.71 1.13 4.27
N GLN A 25 -11.16 1.60 3.15
CA GLN A 25 -9.77 1.32 2.83
C GLN A 25 -8.93 1.26 4.10
N GLN A 26 -8.92 2.37 4.83
CA GLN A 26 -8.16 2.45 6.06
C GLN A 26 -8.36 1.18 6.90
N GLN A 27 -9.62 0.76 6.98
CA GLN A 27 -9.95 -0.43 7.74
C GLN A 27 -9.51 -1.69 6.99
N GLN A 28 -9.46 -1.56 5.67
CA GLN A 28 -9.05 -2.67 4.83
C GLN A 28 -7.55 -2.94 4.99
N VAL A 29 -6.79 -1.85 4.99
CA VAL A 29 -5.34 -1.95 5.13
C VAL A 29 -5.01 -2.55 6.50
N LEU A 30 -5.54 -1.93 7.54
CA LEU A 30 -5.30 -2.39 8.89
C LEU A 30 -5.86 -3.81 9.04
N ASN A 31 -6.96 -4.07 8.34
CA ASN A 31 -7.59 -5.37 8.38
C ASN A 31 -6.58 -6.43 7.92
N ILE A 32 -6.29 -6.39 6.62
CA ILE A 32 -5.36 -7.33 6.04
C ILE A 32 -4.03 -7.28 6.79
N LEU A 33 -3.47 -6.07 6.85
CA LEU A 33 -2.21 -5.87 7.54
C LEU A 33 -2.23 -6.61 8.87
N LYS A 34 -3.43 -6.75 9.42
CA LYS A 34 -3.60 -7.44 10.69
C LYS A 34 -3.82 -8.92 10.42
N SER A 35 -4.62 -9.20 9.40
CA SER A 35 -4.91 -10.57 9.03
C SER A 35 -3.72 -11.20 8.30
N ASN A 36 -2.67 -10.39 8.16
CA ASN A 36 -1.47 -10.84 7.48
C ASN A 36 -0.32 -9.89 7.80
N PRO A 37 0.68 -10.42 8.54
CA PRO A 37 1.84 -9.63 8.93
C PRO A 37 2.78 -9.43 7.73
N GLN A 38 3.16 -10.55 7.12
CA GLN A 38 4.05 -10.50 5.98
C GLN A 38 3.52 -9.50 4.93
N LEU A 39 2.22 -9.57 4.71
CA LEU A 39 1.58 -8.68 3.75
C LEU A 39 1.82 -7.23 4.16
N MET A 40 1.46 -6.94 5.40
CA MET A 40 1.63 -5.59 5.92
C MET A 40 3.04 -5.07 5.66
N ALA A 41 4.01 -5.95 5.86
CA ALA A 41 5.40 -5.60 5.65
C ALA A 41 5.58 -5.12 4.20
N ALA A 42 4.90 -5.78 3.29
CA ALA A 42 4.97 -5.44 1.89
C ALA A 42 4.30 -4.09 1.66
N PHE A 43 3.03 -4.02 2.06
CA PHE A 43 2.27 -2.79 1.91
C PHE A 43 2.90 -1.64 2.70
N ILE A 44 3.09 -1.89 3.98
CA ILE A 44 3.68 -0.88 4.86
C ILE A 44 4.90 -0.27 4.17
N LYS A 45 5.76 -1.14 3.65
CA LYS A 45 6.95 -0.70 2.97
C LYS A 45 6.56 -0.03 1.65
N GLN A 46 5.44 -0.47 1.10
CA GLN A 46 4.94 0.09 -0.14
C GLN A 46 4.40 1.50 0.08
N ARG A 47 3.76 1.68 1.22
CA ARG A 47 3.19 2.98 1.56
C ARG A 47 4.28 3.90 2.12
N THR A 48 5.20 3.30 2.85
CA THR A 48 6.30 4.04 3.44
C THR A 48 7.40 4.29 2.41
N ALA A 49 7.34 3.52 1.33
CA ALA A 49 8.32 3.64 0.27
C ALA A 49 8.24 5.04 -0.35
N LYS A 50 7.22 5.77 0.06
CA LYS A 50 7.02 7.12 -0.43
C LYS A 50 7.73 8.12 0.49
N TYR A 51 7.92 7.69 1.73
CA TYR A 51 8.58 8.51 2.72
C TYR A 51 9.98 7.99 3.04
N VAL A 52 10.03 6.69 3.31
CA VAL A 52 11.29 6.05 3.64
C VAL A 52 12.37 6.51 2.65
N ALA A 53 11.91 6.87 1.46
CA ALA A 53 12.82 7.33 0.42
C ALA A 53 13.22 8.77 0.71
N ASN A 54 12.23 9.57 1.08
CA ASN A 54 12.47 10.97 1.40
C ASN A 54 13.21 11.08 2.73
N GLN A 55 12.75 10.29 3.69
CA GLN A 55 13.35 10.29 5.01
C GLN A 55 14.12 8.98 5.24
N PRO A 56 15.47 9.07 5.09
CA PRO A 56 16.32 7.91 5.28
C PRO A 56 16.47 7.57 6.76
N GLY A 57 17.01 6.39 7.01
CA GLY A 57 17.21 5.93 8.38
C GLY A 57 18.66 6.19 8.83
N MET A 58 19.03 7.46 8.83
CA MET A 58 20.37 7.85 9.24
C MET A 58 20.51 7.83 10.76
N PRO B 1 -3.15 -6.04 -15.65
CA PRO B 1 -3.78 -6.87 -14.65
C PRO B 1 -2.83 -7.96 -14.16
N THR B 2 -2.03 -7.60 -13.17
CA THR B 2 -1.07 -8.54 -12.61
C THR B 2 0.21 -8.56 -13.44
N THR B 3 1.31 -8.87 -12.77
CA THR B 3 2.60 -8.92 -13.44
C THR B 3 3.50 -9.96 -12.77
N VAL B 4 2.89 -11.09 -12.41
CA VAL B 4 3.62 -12.17 -11.78
C VAL B 4 3.19 -13.51 -12.38
N GLU B 5 2.46 -13.40 -13.49
CA GLU B 5 1.98 -14.59 -14.17
C GLU B 5 3.15 -15.39 -14.75
N GLY B 6 3.14 -16.68 -14.48
CA GLY B 6 4.19 -17.56 -14.96
C GLY B 6 5.20 -17.87 -13.84
N ARG B 7 5.12 -17.08 -12.79
CA ARG B 7 6.01 -17.26 -11.65
C ARG B 7 5.23 -17.75 -10.43
N ASN B 8 4.43 -16.85 -9.88
CA ASN B 8 3.63 -17.17 -8.71
C ASN B 8 4.54 -17.58 -7.57
N ASP B 9 4.30 -16.97 -6.41
CA ASP B 9 5.10 -17.26 -5.23
C ASP B 9 5.07 -16.05 -4.30
N GLU B 10 5.29 -16.33 -3.02
CA GLU B 10 5.30 -15.27 -2.01
C GLU B 10 5.79 -13.96 -2.63
N LYS B 11 6.90 -14.05 -3.34
CA LYS B 11 7.49 -12.89 -3.98
C LYS B 11 6.51 -12.35 -5.03
N ALA B 12 6.12 -13.23 -5.93
CA ALA B 12 5.19 -12.86 -6.98
C ALA B 12 3.91 -12.29 -6.36
N LEU B 13 3.56 -12.84 -5.20
CA LEU B 13 2.38 -12.41 -4.49
C LEU B 13 2.44 -10.89 -4.28
N LEU B 14 3.51 -10.47 -3.61
CA LEU B 14 3.71 -9.06 -3.34
C LEU B 14 4.02 -8.32 -4.63
N GLU B 15 5.04 -8.82 -5.33
CA GLU B 15 5.44 -8.21 -6.58
C GLU B 15 4.21 -7.77 -7.39
N GLN B 16 3.15 -8.55 -7.26
CA GLN B 16 1.92 -8.26 -7.96
C GLN B 16 1.23 -7.05 -7.34
N LEU B 17 1.13 -7.07 -6.01
CA LEU B 17 0.50 -5.99 -5.28
C LEU B 17 1.42 -4.77 -5.29
N VAL B 18 2.69 -5.02 -4.95
CA VAL B 18 3.67 -3.95 -4.91
C VAL B 18 3.76 -3.31 -6.29
N SER B 19 3.64 -4.14 -7.32
CA SER B 19 3.70 -3.66 -8.69
C SER B 19 2.55 -2.70 -8.96
N PHE B 20 1.34 -3.18 -8.69
CA PHE B 20 0.14 -2.38 -8.90
C PHE B 20 0.19 -1.10 -8.07
N LEU B 21 0.79 -1.22 -6.88
CA LEU B 21 0.90 -0.08 -5.98
C LEU B 21 1.88 0.93 -6.57
N SER B 22 2.98 0.41 -7.10
CA SER B 22 3.99 1.26 -7.70
C SER B 22 3.36 2.18 -8.74
N GLY B 23 2.55 1.58 -9.60
CA GLY B 23 1.88 2.33 -10.65
C GLY B 23 0.42 2.61 -10.27
N LYS B 24 0.26 3.24 -9.11
CA LYS B 24 -1.07 3.57 -8.63
C LYS B 24 -1.91 4.15 -9.78
N ASP B 25 -3.05 3.53 -9.99
CA ASP B 25 -3.95 3.96 -11.06
C ASP B 25 -4.71 5.20 -10.61
N GLU B 26 -5.03 5.22 -9.33
CA GLU B 26 -5.75 6.36 -8.75
C GLU B 26 -5.13 7.67 -9.22
N THR B 27 -3.86 7.61 -9.53
CA THR B 27 -3.14 8.79 -9.98
C THR B 27 -3.90 9.47 -11.12
N GLU B 28 -4.59 8.65 -11.91
CA GLU B 28 -5.36 9.15 -13.04
C GLU B 28 -6.56 9.96 -12.52
N LEU B 29 -7.06 9.56 -11.38
CA LEU B 29 -8.20 10.24 -10.77
C LEU B 29 -7.70 11.33 -9.83
N ALA B 30 -6.82 10.93 -8.92
CA ALA B 30 -6.26 11.87 -7.96
C ALA B 30 -5.12 12.65 -8.63
N GLU B 31 -5.44 13.20 -9.79
CA GLU B 31 -4.46 13.98 -10.53
C GLU B 31 -3.77 14.99 -9.61
N LEU B 32 -4.46 15.32 -8.53
CA LEU B 32 -3.92 16.27 -7.55
C LEU B 32 -2.83 15.59 -6.74
N ASP B 33 -3.14 14.39 -6.26
CA ASP B 33 -2.20 13.63 -5.47
C ASP B 33 -1.07 13.12 -6.37
N ARG B 34 -1.34 13.17 -7.67
CA ARG B 34 -0.35 12.72 -8.64
C ARG B 34 1.06 13.08 -8.19
N ALA B 35 1.15 14.20 -7.48
CA ALA B 35 2.44 14.66 -6.97
C ALA B 35 3.20 13.48 -6.37
N LEU B 36 2.56 12.82 -5.43
CA LEU B 36 3.16 11.69 -4.76
C LEU B 36 2.56 10.39 -5.33
N GLY B 37 1.43 10.55 -6.00
CA GLY B 37 0.75 9.40 -6.60
C GLY B 37 -0.03 8.61 -5.54
N ILE B 38 0.63 8.36 -4.42
CA ILE B 38 0.02 7.62 -3.33
C ILE B 38 -0.27 8.58 -2.17
N ASP B 39 -0.35 9.85 -2.51
CA ASP B 39 -0.61 10.87 -1.51
C ASP B 39 -1.96 10.58 -0.83
N LYS B 40 -2.72 9.70 -1.45
CA LYS B 40 -4.02 9.33 -0.93
C LYS B 40 -3.86 8.17 0.06
N LEU B 41 -2.63 7.69 0.15
CA LEU B 41 -2.32 6.59 1.05
C LEU B 41 -1.66 7.14 2.32
N VAL B 42 -0.68 8.00 2.10
CA VAL B 42 0.05 8.60 3.19
C VAL B 42 -0.92 9.41 4.05
N GLN B 43 -2.11 9.62 3.51
CA GLN B 43 -3.13 10.37 4.23
C GLN B 43 -2.94 10.22 5.73
N GLY B 44 -2.68 8.99 6.15
CA GLY B 44 -2.49 8.71 7.56
C GLY B 44 -2.78 7.24 7.87
N GLY B 45 -3.43 7.02 9.00
CA GLY B 45 -3.78 5.67 9.42
C GLY B 45 -4.44 5.69 10.79
N GLY B 46 -3.93 6.54 11.66
CA GLY B 46 -4.47 6.65 13.00
C GLY B 46 -3.50 7.41 13.92
N LEU B 47 -2.92 8.47 13.37
CA LEU B 47 -1.98 9.28 14.12
C LEU B 47 -1.53 10.46 13.25
N ASP B 48 -0.96 10.12 12.10
CA ASP B 48 -0.49 11.14 11.17
C ASP B 48 0.58 10.53 10.26
N VAL B 49 1.19 11.38 9.46
CA VAL B 49 2.21 10.94 8.53
C VAL B 49 3.33 11.98 8.49
N LEU B 50 4.34 11.69 7.67
CA LEU B 50 5.47 12.59 7.53
C LEU B 50 5.20 13.57 6.39
N SER B 51 3.96 13.54 5.92
CA SER B 51 3.56 14.42 4.83
C SER B 51 3.25 15.82 5.37
N LYS B 52 3.51 16.81 4.55
CA LYS B 52 3.26 18.19 4.93
C LYS B 52 2.14 18.77 4.06
N LEU B 53 1.90 18.09 2.94
CA LEU B 53 0.86 18.52 2.02
C LEU B 53 -0.47 17.86 2.40
N VAL B 54 -0.55 17.44 3.66
CA VAL B 54 -1.75 16.79 4.16
C VAL B 54 -2.30 15.86 3.08
N PRO B 55 -1.84 14.58 3.12
CA PRO B 55 -2.28 13.59 2.16
C PRO B 55 -3.70 13.12 2.47
N ARG B 56 -4.26 13.68 3.53
CA ARG B 56 -5.60 13.33 3.94
C ARG B 56 -6.50 14.58 3.96
N GLY B 57 -6.21 15.46 4.90
CA GLY B 57 -6.97 16.69 5.03
C GLY B 57 -6.90 17.23 6.46
N SER B 58 -5.68 17.53 6.88
CA SER B 58 -5.46 18.05 8.22
C SER B 58 -5.14 16.91 9.18
N LEU B 59 -3.91 16.44 9.11
CA LEU B 59 -3.46 15.35 9.96
C LEU B 59 -2.79 15.93 11.21
#